data_7YN0
#
_entry.id   7YN0
#
loop_
_entity.id
_entity.type
_entity.pdbx_description
1 polymer 'Spike glycoprotein'
2 branched 2-acetamido-2-deoxy-beta-D-glucopyranose-(1-4)-2-acetamido-2-deoxy-beta-D-glucopyranose
3 branched alpha-D-mannopyranose-(1-6)-beta-D-mannopyranose-(1-4)-2-acetamido-2-deoxy-beta-D-glucopyranose-(1-4)-2-acetamido-2-deoxy-beta-D-glucopyranose
4 branched 2-acetamido-2-deoxy-beta-D-glucopyranose-(1-4)-[alpha-L-fucopyranose-(1-6)]2-acetamido-2-deoxy-beta-D-glucopyranose
5 non-polymer 2-acetamido-2-deoxy-beta-D-glucopyranose
#
_entity_poly.entity_id   1
_entity_poly.type   'polypeptide(L)'
_entity_poly.pdbx_seq_one_letter_code
;MDSWFILVLLGSGLICVSASYVDVGPDSVKSACIEVDIQQTFFDKTWPRPIDVSKADGIIYPQGRTYSNITITYQGLFPY
QGDHGDMYVYSAGHATGTTPQKLFVANYSQDVKQFANGFVVRIGAAANSTGTVIISPSTSATIRKIYPAFMLGSSVGNFS
DGKMGRFFNHTLVLLPDGCGTLLRAFYCILEPRSGNHCPAGNSYTSFATYHTPATDCSDGNYNRNASLNSFKEYFNLRNC
TFMYTYNITEDEILEWFGITQTAQGVHLFSSRYVDLYGGNMFQFATLPVYDTIKYYSIIPHSIRSIQSDRKAWAAFYVYK
LQPLTFLLDFSVDGYIRRAIDCGFNDLSQLHCSYESFDVESGVYSVSSFEAKPSGSVVEQAEGVECDFSPLLSGTPPQVY
NFKRLVFTNCNYNLTKLLSLFSVNDFTCSQISPAAIASNCYSSLILDYFSYPLSMKSDLSVSSAGPISQFNYKQSFSNPT
CLILATVPHNLTTITKPLKYSYINKCSRLLSDDRTEVPQLVNANQYSPCVSIVPSTVWEDGDYYRKQLSPLEGGGWLVAS
GSTVAMTEQLQMGFGITVQYGTDTNSVCPKLEFANDTKIASQLGNCVEYSLYGVSGRGVFQNCTAVGVRQQRFVYDAYQN
LVGYYSDDGNYYCLRACVSVPVSVIYDKETKTHATLFGSVACEHISSTMSQYSRSTRSMLKRRDSTYGPLQTPVGCVLGL
VNSSLFVEDCKLPLGQSLCALPDTPSTLTPASVGSVPGEMRLASIAFNHPIQVDQLNSSYFKLSIPTNFSFGVTQEYIQT
TIQKVTVDCKQYVCNGFQKCEQLLREYGQFCSKINQALHGANLRQDDSVRNLFASVKSSQSSPIIPGFGGDFNLTLLEPV
SISTGSRSARSAIEDLLFDKVTIADPGYMQGYDDCMQQGPASARDLICAQYVAGYKVLPPLMDVNMEAAYTSSLLGSIAG
VGWTAGLSSFAAIPFAQSIFYRLNGVGITQQVLSENQKLIANKFNQALGAMQTGFTTTNEAFQKVQDAVNNNAQALSKLA
SELSNTFGAISASIGDIIQRLDPPEQDAQIDRLINGRLTTLNAFVAQQLVRSESAALSAQLAKDKVNECVKAQSKRSGFC
GQGTHIVSFVVNAPNGLYFMHVGYYPSNHIEVVSAYGLCDAANPTNCIAPVNGYFIKTNNTRIVDEWSYTGSSFYAPEPI
TSLNTKYVAPQVTYQNISTNLPPPLLGNSTGIDFQDELDEFFKNVSTSIPNFGSLTQINTTLLDLTYEMLSLQQVVKALN
ESYIDLKELGNYTYEFGSGGYIPEAPRDGQAYVRKDGEWVLLSTFLKGQDNSADIQHSGRPLESRGPFEQKLISEEDLNM
HTGHHHHHH
;
_entity_poly.pdbx_strand_id   A,B,C
#
loop_
_chem_comp.id
_chem_comp.type
_chem_comp.name
_chem_comp.formula
BMA D-saccharide, beta linking beta-D-mannopyranose 'C6 H12 O6'
FUC L-saccharide, alpha linking alpha-L-fucopyranose 'C6 H12 O5'
MAN D-saccharide, alpha linking alpha-D-mannopyranose 'C6 H12 O6'
NAG D-saccharide, beta linking 2-acetamido-2-deoxy-beta-D-glucopyranose 'C8 H15 N O6'
#
# COMPACT_ATOMS: atom_id res chain seq x y z
N VAL A 22 42.45 -7.96 -42.77
CA VAL A 22 43.04 -7.22 -43.88
C VAL A 22 44.37 -6.65 -43.39
N ASP A 23 45.41 -7.48 -43.40
CA ASP A 23 46.72 -7.08 -42.90
C ASP A 23 47.79 -7.84 -43.67
N VAL A 24 49.01 -7.85 -43.13
CA VAL A 24 50.17 -8.49 -43.75
C VAL A 24 50.86 -9.37 -42.71
N GLY A 25 52.02 -9.91 -43.08
CA GLY A 25 52.81 -10.74 -42.20
C GLY A 25 53.48 -11.88 -42.94
N PRO A 26 54.81 -11.95 -42.82
CA PRO A 26 55.57 -12.93 -43.63
C PRO A 26 55.75 -14.24 -42.89
N ASP A 27 55.66 -15.34 -43.63
CA ASP A 27 55.95 -16.65 -43.09
C ASP A 27 57.43 -16.77 -42.75
N SER A 28 57.74 -17.54 -41.70
CA SER A 28 59.10 -17.56 -41.18
C SER A 28 60.00 -18.50 -41.99
N VAL A 29 59.69 -19.80 -42.00
CA VAL A 29 60.55 -20.79 -42.63
C VAL A 29 59.70 -21.75 -43.46
N LYS A 30 60.34 -22.79 -43.99
CA LYS A 30 59.67 -23.80 -44.78
C LYS A 30 58.68 -24.59 -43.93
N SER A 31 57.68 -25.17 -44.60
CA SER A 31 56.62 -25.93 -43.93
C SER A 31 57.17 -27.28 -43.49
N ALA A 32 57.90 -27.26 -42.38
CA ALA A 32 58.38 -28.49 -41.74
C ALA A 32 58.44 -28.21 -40.24
N CYS A 33 57.35 -28.51 -39.54
CA CYS A 33 57.29 -28.26 -38.10
C CYS A 33 58.18 -29.23 -37.35
N ILE A 34 58.70 -28.76 -36.20
CA ILE A 34 59.51 -29.63 -35.37
C ILE A 34 58.61 -30.57 -34.57
N GLU A 35 59.19 -31.68 -34.12
CA GLU A 35 58.42 -32.77 -33.53
C GLU A 35 57.90 -32.38 -32.16
N VAL A 36 56.66 -32.80 -31.86
CA VAL A 36 55.97 -32.50 -30.62
C VAL A 36 55.60 -33.82 -29.95
N ASP A 37 55.89 -33.93 -28.66
CA ASP A 37 55.55 -35.10 -27.87
C ASP A 37 54.40 -34.78 -26.93
N ILE A 38 53.87 -35.83 -26.30
CA ILE A 38 52.85 -35.71 -25.27
C ILE A 38 53.34 -36.48 -24.05
N GLN A 39 53.61 -35.76 -22.97
CA GLN A 39 54.08 -36.35 -21.72
C GLN A 39 53.34 -35.73 -20.54
N GLN A 40 52.01 -35.70 -20.63
CA GLN A 40 51.18 -35.06 -19.62
C GLN A 40 51.23 -35.75 -18.27
N THR A 41 51.71 -36.99 -18.21
CA THR A 41 51.92 -37.66 -16.92
C THR A 41 52.98 -36.94 -16.10
N PHE A 42 54.04 -36.45 -16.77
CA PHE A 42 55.05 -35.65 -16.09
C PHE A 42 54.47 -34.35 -15.55
N PHE A 43 53.59 -33.72 -16.33
CA PHE A 43 53.01 -32.43 -15.95
C PHE A 43 51.97 -32.54 -14.84
N ASP A 44 51.53 -33.75 -14.50
CA ASP A 44 50.50 -33.94 -13.49
C ASP A 44 51.10 -33.75 -12.11
N LYS A 45 50.76 -32.64 -11.46
CA LYS A 45 51.19 -32.38 -10.09
C LYS A 45 50.17 -31.47 -9.43
N THR A 46 50.22 -31.42 -8.11
CA THR A 46 49.26 -30.66 -7.31
C THR A 46 49.96 -29.52 -6.61
N TRP A 47 49.59 -28.29 -6.96
CA TRP A 47 49.98 -27.08 -6.22
C TRP A 47 48.70 -26.31 -5.95
N PRO A 48 47.94 -26.69 -4.92
CA PRO A 48 46.63 -26.08 -4.69
C PRO A 48 46.75 -24.65 -4.20
N ARG A 49 46.23 -23.72 -5.00
CA ARG A 49 46.14 -22.31 -4.62
C ARG A 49 44.71 -21.84 -4.83
N PRO A 50 43.80 -22.19 -3.93
CA PRO A 50 42.44 -21.65 -4.03
C PRO A 50 42.43 -20.15 -3.75
N ILE A 51 41.55 -19.45 -4.44
CA ILE A 51 41.48 -18.00 -4.29
C ILE A 51 40.72 -17.65 -3.03
N ASP A 52 41.27 -16.73 -2.25
CA ASP A 52 40.64 -16.25 -1.03
C ASP A 52 40.11 -14.85 -1.31
N VAL A 53 38.79 -14.72 -1.34
CA VAL A 53 38.16 -13.44 -1.63
C VAL A 53 38.42 -12.46 -0.49
N SER A 54 38.53 -12.96 0.74
CA SER A 54 38.93 -12.13 1.87
C SER A 54 40.36 -11.62 1.73
N LYS A 55 41.20 -12.35 1.00
CA LYS A 55 42.56 -11.90 0.70
C LYS A 55 42.63 -11.07 -0.56
N ALA A 56 41.48 -10.78 -1.18
CA ALA A 56 41.34 -9.87 -2.33
C ALA A 56 42.17 -10.34 -3.53
N ASP A 57 41.82 -11.52 -4.04
CA ASP A 57 42.48 -12.10 -5.20
C ASP A 57 41.46 -12.30 -6.31
N GLY A 58 41.74 -11.74 -7.49
CA GLY A 58 40.92 -11.94 -8.66
C GLY A 58 39.53 -11.36 -8.65
N ILE A 59 39.39 -10.12 -8.21
CA ILE A 59 38.10 -9.41 -8.18
C ILE A 59 38.12 -8.34 -9.26
N ILE A 60 37.07 -8.33 -10.08
CA ILE A 60 36.94 -7.33 -11.14
C ILE A 60 36.47 -6.02 -10.52
N TYR A 61 37.23 -4.96 -10.75
CA TYR A 61 36.89 -3.64 -10.26
C TYR A 61 35.66 -3.10 -10.98
N PRO A 62 34.94 -2.17 -10.36
CA PRO A 62 33.92 -1.42 -11.12
C PRO A 62 34.57 -0.68 -12.28
N GLN A 63 33.88 -0.69 -13.43
CA GLN A 63 34.52 -0.35 -14.69
C GLN A 63 34.84 1.14 -14.82
N GLY A 64 34.02 2.02 -14.27
CA GLY A 64 34.28 3.44 -14.45
C GLY A 64 33.96 4.32 -13.26
N ARG A 65 33.47 3.74 -12.17
CA ARG A 65 33.00 4.50 -11.01
C ARG A 65 33.63 3.92 -9.74
N THR A 66 34.79 4.44 -9.36
CA THR A 66 35.44 3.97 -8.15
C THR A 66 34.79 4.63 -6.92
N TYR A 67 35.19 4.14 -5.74
CA TYR A 67 34.62 4.62 -4.48
C TYR A 67 35.76 4.81 -3.49
N SER A 68 35.42 5.12 -2.24
CA SER A 68 36.44 5.29 -1.21
C SER A 68 35.83 5.09 0.17
N ASN A 69 36.52 4.27 0.98
CA ASN A 69 36.27 4.09 2.41
C ASN A 69 34.84 3.66 2.73
N ILE A 70 34.21 2.88 1.86
CA ILE A 70 32.84 2.45 2.08
C ILE A 70 32.73 0.97 1.82
N THR A 71 31.73 0.34 2.44
CA THR A 71 31.37 -1.04 2.16
C THR A 71 30.13 -1.05 1.29
N ILE A 72 30.22 -1.66 0.11
CA ILE A 72 29.15 -1.58 -0.87
C ILE A 72 28.93 -2.95 -1.51
N THR A 73 27.69 -3.26 -1.83
CA THR A 73 27.33 -4.49 -2.52
C THR A 73 27.28 -4.24 -4.02
N TYR A 74 28.02 -5.05 -4.77
CA TYR A 74 28.12 -4.89 -6.21
C TYR A 74 27.75 -6.19 -6.90
N GLN A 75 26.87 -6.10 -7.89
CA GLN A 75 26.44 -7.26 -8.67
C GLN A 75 27.22 -7.30 -9.97
N GLY A 76 27.87 -8.43 -10.25
CA GLY A 76 28.65 -8.53 -11.46
C GLY A 76 29.23 -9.90 -11.75
N LEU A 77 30.32 -9.95 -12.52
CA LEU A 77 30.95 -11.20 -12.91
C LEU A 77 32.13 -11.46 -11.99
N PHE A 78 32.12 -12.59 -11.30
CA PHE A 78 33.02 -12.85 -10.18
C PHE A 78 33.26 -14.35 -10.06
N PRO A 79 34.35 -14.77 -9.41
CA PRO A 79 34.56 -16.21 -9.18
C PRO A 79 34.09 -16.67 -7.80
N TYR A 80 33.93 -17.98 -7.63
CA TYR A 80 33.59 -18.54 -6.33
C TYR A 80 34.81 -18.52 -5.41
N GLN A 81 34.54 -18.52 -4.10
CA GLN A 81 35.62 -18.57 -3.13
C GLN A 81 36.15 -19.99 -3.01
N GLY A 82 37.47 -20.13 -3.10
CA GLY A 82 38.09 -21.43 -2.94
C GLY A 82 37.82 -22.35 -4.11
N ASP A 83 38.26 -21.95 -5.30
CA ASP A 83 38.20 -22.79 -6.47
C ASP A 83 39.60 -23.29 -6.79
N HIS A 84 39.72 -24.60 -7.01
CA HIS A 84 41.01 -25.16 -7.40
C HIS A 84 41.41 -24.72 -8.81
N GLY A 85 40.44 -24.38 -9.65
CA GLY A 85 40.73 -23.82 -10.94
C GLY A 85 41.28 -24.84 -11.94
N ASP A 86 42.03 -24.31 -12.89
CA ASP A 86 42.57 -25.06 -14.02
C ASP A 86 44.08 -24.84 -14.12
N MET A 87 44.79 -25.10 -13.02
CA MET A 87 46.22 -24.86 -12.93
C MET A 87 46.98 -25.61 -14.01
N TYR A 88 47.82 -24.89 -14.74
CA TYR A 88 48.65 -25.44 -15.80
C TYR A 88 50.10 -25.02 -15.58
N VAL A 89 51.02 -25.82 -16.09
CA VAL A 89 52.45 -25.60 -15.90
C VAL A 89 53.15 -25.77 -17.25
N TYR A 90 54.15 -24.94 -17.50
CA TYR A 90 54.96 -25.04 -18.71
C TYR A 90 56.32 -25.64 -18.38
N SER A 91 56.92 -26.31 -19.36
CA SER A 91 58.20 -26.97 -19.15
C SER A 91 59.09 -26.77 -20.36
N ALA A 92 60.40 -26.92 -20.13
CA ALA A 92 61.39 -26.82 -21.19
C ALA A 92 61.47 -28.13 -21.96
N GLY A 93 61.99 -28.03 -23.19
CA GLY A 93 62.13 -29.18 -24.05
C GLY A 93 63.37 -30.00 -23.74
N HIS A 94 63.55 -31.07 -24.50
CA HIS A 94 64.73 -31.91 -24.34
C HIS A 94 65.97 -31.19 -24.84
N ALA A 95 67.11 -31.50 -24.21
CA ALA A 95 68.40 -30.95 -24.60
C ALA A 95 69.48 -31.88 -24.06
N THR A 96 70.53 -32.07 -24.88
CA THR A 96 71.69 -32.86 -24.48
C THR A 96 72.92 -31.97 -24.68
N GLY A 97 73.43 -31.41 -23.58
CA GLY A 97 74.55 -30.50 -23.66
C GLY A 97 74.14 -29.12 -24.13
N THR A 98 74.50 -28.78 -25.37
CA THR A 98 74.16 -27.48 -25.95
C THR A 98 73.30 -27.62 -27.21
N THR A 99 72.68 -28.78 -27.41
CA THR A 99 71.87 -29.01 -28.59
C THR A 99 70.39 -28.95 -28.21
N PRO A 100 69.64 -27.95 -28.67
CA PRO A 100 68.20 -27.93 -28.40
C PRO A 100 67.46 -29.03 -29.15
N GLN A 101 67.01 -30.03 -28.41
CA GLN A 101 66.43 -31.24 -28.98
C GLN A 101 64.91 -31.07 -29.11
N LYS A 102 64.20 -32.19 -29.30
CA LYS A 102 62.75 -32.21 -29.47
C LYS A 102 62.06 -31.64 -28.23
N LEU A 103 60.86 -31.08 -28.44
CA LEU A 103 60.14 -30.37 -27.40
C LEU A 103 59.67 -31.31 -26.30
N PHE A 104 59.11 -30.71 -25.24
CA PHE A 104 58.56 -31.44 -24.10
C PHE A 104 57.39 -30.60 -23.58
N VAL A 105 56.19 -30.93 -24.05
CA VAL A 105 54.98 -30.18 -23.73
C VAL A 105 53.94 -31.13 -23.17
N ALA A 106 52.86 -30.54 -22.65
CA ALA A 106 51.76 -31.28 -22.07
C ALA A 106 50.70 -31.55 -23.15
N ASN A 107 49.52 -32.00 -22.75
CA ASN A 107 48.46 -32.38 -23.68
C ASN A 107 47.39 -31.31 -23.82
N TYR A 108 47.67 -30.07 -23.39
CA TYR A 108 46.63 -29.05 -23.30
C TYR A 108 46.12 -28.57 -24.65
N SER A 109 46.79 -28.93 -25.75
CA SER A 109 46.31 -28.58 -27.07
C SER A 109 44.98 -29.27 -27.39
N GLN A 110 44.76 -30.45 -26.83
CA GLN A 110 43.54 -31.20 -27.04
C GLN A 110 42.46 -30.88 -26.01
N ASP A 111 42.72 -29.95 -25.09
CA ASP A 111 41.77 -29.58 -24.05
C ASP A 111 41.07 -28.29 -24.44
N VAL A 112 39.73 -28.29 -24.35
CA VAL A 112 38.94 -27.11 -24.66
C VAL A 112 37.84 -26.97 -23.61
N LYS A 113 37.61 -25.73 -23.18
CA LYS A 113 36.57 -25.41 -22.21
C LYS A 113 35.75 -24.22 -22.73
N GLN A 114 34.52 -24.12 -22.24
CA GLN A 114 33.65 -23.03 -22.63
C GLN A 114 34.15 -21.72 -22.04
N PHE A 115 34.09 -20.66 -22.84
CA PHE A 115 34.52 -19.34 -22.37
C PHE A 115 33.59 -18.81 -21.29
N ALA A 116 32.28 -19.02 -21.45
CA ALA A 116 31.22 -18.66 -20.49
C ALA A 116 31.28 -17.15 -20.26
N ASN A 117 31.43 -16.68 -19.02
CA ASN A 117 31.43 -15.25 -18.70
C ASN A 117 32.82 -14.73 -18.43
N GLY A 118 33.83 -15.21 -19.16
CA GLY A 118 35.18 -14.79 -18.94
C GLY A 118 35.81 -15.47 -17.74
N PHE A 119 37.09 -15.19 -17.53
CA PHE A 119 37.80 -15.84 -16.43
C PHE A 119 39.03 -15.02 -16.06
N VAL A 120 39.59 -15.34 -14.90
CA VAL A 120 40.75 -14.66 -14.35
C VAL A 120 41.92 -15.64 -14.27
N VAL A 121 43.12 -15.09 -14.36
CA VAL A 121 44.36 -15.87 -14.35
C VAL A 121 45.37 -15.15 -13.46
N ARG A 122 45.92 -15.88 -12.50
CA ARG A 122 46.99 -15.37 -11.63
C ARG A 122 48.34 -15.77 -12.20
N ILE A 123 49.24 -14.81 -12.34
CA ILE A 123 50.50 -15.01 -13.05
C ILE A 123 51.66 -14.82 -12.08
N GLY A 124 52.57 -15.79 -12.07
CA GLY A 124 53.77 -15.71 -11.25
C GLY A 124 53.53 -15.83 -9.76
N ALA A 125 52.60 -16.69 -9.35
CA ALA A 125 52.38 -16.94 -7.93
C ALA A 125 53.40 -17.89 -7.34
N ALA A 126 54.21 -18.55 -8.17
CA ALA A 126 55.22 -19.48 -7.69
C ALA A 126 56.64 -18.96 -7.85
N ALA A 127 56.82 -17.79 -8.49
CA ALA A 127 58.15 -17.26 -8.75
C ALA A 127 58.79 -16.77 -7.46
N ASN A 128 60.06 -16.34 -7.60
CA ASN A 128 60.92 -15.94 -6.48
C ASN A 128 61.04 -17.06 -5.45
N SER A 129 61.16 -18.30 -5.94
CA SER A 129 61.25 -19.46 -5.09
C SER A 129 61.99 -20.56 -5.83
N THR A 130 62.42 -21.57 -5.08
CA THR A 130 63.11 -22.72 -5.63
C THR A 130 62.13 -23.87 -5.78
N GLY A 131 62.05 -24.43 -6.99
CA GLY A 131 61.14 -25.53 -7.26
C GLY A 131 61.76 -26.49 -8.26
N THR A 132 61.12 -27.65 -8.38
CA THR A 132 61.64 -28.69 -9.25
C THR A 132 61.39 -28.36 -10.72
N VAL A 133 62.24 -28.92 -11.57
CA VAL A 133 62.05 -28.83 -13.01
C VAL A 133 61.12 -29.96 -13.44
N ILE A 134 60.20 -29.64 -14.35
CA ILE A 134 59.20 -30.63 -14.77
C ILE A 134 59.85 -31.73 -15.60
N ILE A 135 60.71 -31.36 -16.55
CA ILE A 135 61.36 -32.37 -17.39
C ILE A 135 62.41 -33.15 -16.59
N SER A 136 63.05 -32.51 -15.62
CA SER A 136 64.06 -33.15 -14.77
C SER A 136 63.61 -33.05 -13.33
N PRO A 137 62.88 -34.06 -12.83
CA PRO A 137 62.35 -33.98 -11.46
C PRO A 137 63.42 -33.92 -10.37
N SER A 138 64.60 -34.50 -10.62
CA SER A 138 65.68 -34.45 -9.65
C SER A 138 66.39 -33.11 -9.61
N THR A 139 66.12 -32.23 -10.57
CA THR A 139 66.76 -30.92 -10.64
C THR A 139 65.85 -29.87 -10.00
N SER A 140 66.44 -29.04 -9.14
CA SER A 140 65.71 -27.94 -8.50
C SER A 140 66.37 -26.62 -8.90
N ALA A 141 65.58 -25.69 -9.40
CA ALA A 141 66.08 -24.42 -9.88
C ALA A 141 65.14 -23.31 -9.43
N THR A 142 65.57 -22.07 -9.67
CA THR A 142 64.76 -20.91 -9.32
C THR A 142 63.54 -20.83 -10.22
N ILE A 143 62.37 -20.65 -9.61
CA ILE A 143 61.12 -20.56 -10.35
C ILE A 143 61.01 -19.16 -10.95
N ARG A 144 60.84 -19.09 -12.27
CA ARG A 144 60.72 -17.83 -12.98
C ARG A 144 59.33 -17.71 -13.58
N LYS A 145 58.75 -16.52 -13.47
CA LYS A 145 57.41 -16.27 -14.00
C LYS A 145 57.40 -16.35 -15.52
N ILE A 146 56.29 -16.84 -16.05
CA ILE A 146 56.07 -16.92 -17.49
C ILE A 146 54.68 -16.37 -17.76
N TYR A 147 54.46 -15.91 -18.98
CA TYR A 147 53.16 -15.40 -19.35
C TYR A 147 52.52 -16.32 -20.37
N PRO A 148 51.23 -16.60 -20.25
CA PRO A 148 50.62 -17.69 -21.03
C PRO A 148 50.13 -17.22 -22.40
N ALA A 149 49.77 -18.21 -23.22
CA ALA A 149 49.22 -17.97 -24.55
C ALA A 149 47.78 -18.45 -24.59
N PHE A 150 46.89 -17.64 -25.15
CA PHE A 150 45.45 -17.85 -25.09
C PHE A 150 44.89 -17.98 -26.50
N MET A 151 43.92 -18.88 -26.66
CA MET A 151 43.30 -19.15 -27.96
C MET A 151 41.80 -19.20 -27.73
N LEU A 152 41.06 -18.32 -28.38
CA LEU A 152 39.63 -18.17 -28.13
C LEU A 152 38.87 -18.17 -29.45
N GLY A 153 37.70 -18.81 -29.46
CA GLY A 153 36.93 -18.88 -30.67
C GLY A 153 35.52 -19.37 -30.38
N SER A 154 34.83 -19.77 -31.46
CA SER A 154 33.46 -20.23 -31.35
C SER A 154 33.17 -21.52 -32.10
N SER A 155 34.16 -22.13 -32.75
CA SER A 155 33.98 -23.38 -33.46
C SER A 155 35.03 -24.39 -32.99
N VAL A 156 34.59 -25.63 -32.78
CA VAL A 156 35.46 -26.70 -32.30
C VAL A 156 35.40 -27.86 -33.28
N GLY A 157 36.56 -28.37 -33.67
CA GLY A 157 36.64 -29.49 -34.59
C GLY A 157 37.94 -30.24 -34.41
N ASN A 158 38.07 -31.32 -35.18
CA ASN A 158 39.20 -32.22 -35.11
C ASN A 158 40.28 -31.84 -36.11
N PHE A 159 41.51 -32.27 -35.83
CA PHE A 159 42.65 -32.03 -36.70
C PHE A 159 42.64 -33.05 -37.84
N SER A 160 43.75 -33.12 -38.58
CA SER A 160 43.87 -34.09 -39.66
C SER A 160 43.95 -35.51 -39.13
N ASP A 161 44.48 -35.70 -37.93
CA ASP A 161 44.55 -37.01 -37.29
C ASP A 161 43.35 -37.27 -36.38
N GLY A 162 42.37 -36.38 -36.33
CA GLY A 162 41.19 -36.57 -35.53
C GLY A 162 41.27 -36.02 -34.12
N LYS A 163 42.42 -35.52 -33.70
CA LYS A 163 42.56 -34.97 -32.35
C LYS A 163 41.83 -33.64 -32.23
N MET A 164 41.28 -33.39 -31.04
CA MET A 164 40.55 -32.16 -30.78
C MET A 164 41.49 -30.97 -30.76
N GLY A 165 40.97 -29.81 -31.18
CA GLY A 165 41.73 -28.57 -31.07
C GLY A 165 41.59 -27.60 -32.22
N ARG A 166 41.07 -28.05 -33.36
CA ARG A 166 40.90 -27.16 -34.50
C ARG A 166 39.81 -26.14 -34.20
N PHE A 167 40.10 -24.87 -34.47
CA PHE A 167 39.12 -23.80 -34.33
C PHE A 167 38.95 -23.11 -35.67
N PHE A 168 37.74 -23.19 -36.21
CA PHE A 168 37.45 -22.63 -37.53
C PHE A 168 37.29 -21.11 -37.44
N ASN A 169 37.30 -20.48 -38.62
CA ASN A 169 37.04 -19.06 -38.82
C ASN A 169 38.01 -18.18 -38.03
N HIS A 170 37.59 -16.95 -37.74
CA HIS A 170 38.46 -16.01 -37.04
C HIS A 170 38.66 -16.45 -35.59
N THR A 171 39.90 -16.35 -35.13
CA THR A 171 40.31 -16.84 -33.83
C THR A 171 41.14 -15.77 -33.13
N LEU A 172 40.85 -15.54 -31.85
CA LEU A 172 41.61 -14.61 -31.04
C LEU A 172 42.81 -15.33 -30.42
N VAL A 173 43.99 -14.75 -30.59
CA VAL A 173 45.24 -15.31 -30.08
C VAL A 173 45.94 -14.24 -29.27
N LEU A 174 46.28 -14.58 -28.03
CA LEU A 174 47.14 -13.78 -27.17
C LEU A 174 48.46 -14.51 -27.00
N LEU A 175 49.56 -13.79 -27.26
CA LEU A 175 50.87 -14.44 -27.23
C LEU A 175 51.93 -13.45 -26.75
N PRO A 176 52.70 -13.82 -25.74
CA PRO A 176 53.80 -12.96 -25.28
C PRO A 176 55.07 -13.21 -26.08
N ASP A 177 55.89 -12.17 -26.17
CA ASP A 177 57.09 -12.22 -26.98
C ASP A 177 58.15 -11.31 -26.36
N GLY A 178 59.37 -11.47 -26.83
CA GLY A 178 60.50 -10.71 -26.31
C GLY A 178 60.76 -11.02 -24.85
N CYS A 179 60.77 -12.31 -24.52
CA CYS A 179 60.79 -12.80 -23.14
C CYS A 179 59.62 -12.23 -22.34
N GLY A 180 58.47 -12.10 -22.98
CA GLY A 180 57.27 -11.62 -22.33
C GLY A 180 57.12 -10.12 -22.24
N THR A 181 58.07 -9.35 -22.77
CA THR A 181 57.95 -7.89 -22.72
C THR A 181 56.78 -7.41 -23.59
N LEU A 182 56.60 -8.01 -24.75
CA LEU A 182 55.52 -7.65 -25.66
C LEU A 182 54.36 -8.63 -25.49
N LEU A 183 53.15 -8.12 -25.68
CA LEU A 183 51.93 -8.87 -25.38
C LEU A 183 51.01 -8.96 -26.57
N ARG A 184 51.51 -9.46 -27.70
CA ARG A 184 50.82 -9.34 -28.99
C ARG A 184 49.47 -10.06 -28.97
N ALA A 185 48.48 -9.41 -29.58
CA ALA A 185 47.12 -9.95 -29.63
C ALA A 185 46.54 -9.73 -31.02
N PHE A 186 45.79 -10.73 -31.50
CA PHE A 186 45.15 -10.61 -32.82
C PHE A 186 44.00 -11.59 -32.94
N TYR A 187 42.89 -11.10 -33.50
CA TYR A 187 41.70 -11.90 -33.82
C TYR A 187 41.70 -12.07 -35.34
N CYS A 188 42.38 -13.12 -35.81
CA CYS A 188 42.72 -13.23 -37.22
C CYS A 188 42.43 -14.64 -37.72
N ILE A 189 42.66 -14.88 -39.01
CA ILE A 189 42.42 -16.19 -39.61
C ILE A 189 43.71 -16.99 -39.54
N LEU A 190 43.61 -18.23 -39.05
CA LEU A 190 44.75 -19.12 -38.99
C LEU A 190 44.56 -20.29 -39.95
N GLU A 191 45.67 -20.74 -40.53
CA GLU A 191 45.68 -21.80 -41.53
C GLU A 191 46.70 -22.84 -41.13
N PRO A 192 46.35 -24.12 -41.15
CA PRO A 192 47.32 -25.17 -40.81
C PRO A 192 48.35 -25.37 -41.91
N ARG A 193 49.47 -25.97 -41.52
CA ARG A 193 50.53 -26.35 -42.45
C ARG A 193 50.49 -27.85 -42.68
N SER A 194 50.95 -28.28 -43.86
CA SER A 194 50.88 -29.67 -44.27
C SER A 194 52.24 -30.37 -44.27
N GLY A 195 53.21 -29.85 -43.51
CA GLY A 195 54.53 -30.41 -43.46
C GLY A 195 54.67 -31.50 -42.40
N ASN A 196 55.92 -31.86 -42.12
CA ASN A 196 56.20 -32.85 -41.10
C ASN A 196 55.89 -32.27 -39.72
N HIS A 197 55.20 -33.06 -38.89
CA HIS A 197 54.78 -32.70 -37.54
C HIS A 197 53.92 -31.43 -37.52
N CYS A 198 53.23 -31.16 -38.62
CA CYS A 198 52.37 -30.01 -38.81
C CYS A 198 50.90 -30.44 -38.76
N PRO A 199 49.99 -29.54 -38.36
CA PRO A 199 48.60 -29.96 -38.10
C PRO A 199 47.87 -30.58 -39.28
N ALA A 200 48.10 -30.09 -40.50
CA ALA A 200 47.50 -30.69 -41.68
C ALA A 200 48.42 -31.68 -42.38
N GLY A 201 49.59 -31.95 -41.80
CA GLY A 201 50.55 -32.86 -42.37
C GLY A 201 50.71 -34.14 -41.57
N ASN A 202 51.68 -34.95 -42.01
CA ASN A 202 51.93 -36.25 -41.40
C ASN A 202 52.71 -36.10 -40.10
N SER A 203 52.71 -37.18 -39.32
CA SER A 203 53.43 -37.29 -38.05
C SER A 203 53.03 -36.20 -37.07
N TYR A 204 51.74 -35.86 -37.05
CA TYR A 204 51.23 -34.78 -36.23
C TYR A 204 50.77 -35.31 -34.88
N THR A 205 51.25 -34.68 -33.81
CA THR A 205 50.79 -34.99 -32.46
C THR A 205 50.10 -33.80 -31.79
N SER A 206 50.76 -32.64 -31.75
CA SER A 206 50.20 -31.44 -31.16
C SER A 206 50.96 -30.24 -31.72
N PHE A 207 50.52 -29.04 -31.31
CA PHE A 207 51.17 -27.80 -31.70
C PHE A 207 51.61 -27.07 -30.44
N ALA A 208 52.73 -26.36 -30.54
CA ALA A 208 53.31 -25.66 -29.41
C ALA A 208 54.18 -24.53 -29.91
N THR A 209 54.62 -23.68 -28.98
CA THR A 209 55.49 -22.55 -29.28
C THR A 209 56.79 -22.68 -28.50
N TYR A 210 57.92 -22.59 -29.20
CA TYR A 210 59.21 -22.81 -28.57
C TYR A 210 59.93 -21.49 -28.32
N HIS A 211 60.67 -21.44 -27.22
CA HIS A 211 61.47 -20.29 -26.80
C HIS A 211 62.90 -20.75 -26.57
N THR A 212 63.87 -19.96 -27.05
CA THR A 212 65.28 -20.32 -26.97
C THR A 212 66.03 -19.17 -26.31
N PRO A 213 66.12 -19.14 -24.98
CA PRO A 213 66.66 -17.96 -24.29
C PRO A 213 68.16 -17.76 -24.43
N ALA A 214 68.86 -18.60 -25.19
CA ALA A 214 70.26 -18.31 -25.51
C ALA A 214 70.37 -17.04 -26.35
N THR A 215 69.41 -16.79 -27.23
CA THR A 215 69.37 -15.59 -28.04
C THR A 215 68.17 -14.70 -27.82
N ASP A 216 67.05 -15.24 -27.33
CA ASP A 216 65.87 -14.40 -27.09
C ASP A 216 66.06 -13.49 -25.88
N CYS A 217 66.56 -14.03 -24.77
CA CYS A 217 66.59 -13.28 -23.52
C CYS A 217 67.92 -12.58 -23.27
N SER A 218 68.62 -12.18 -24.33
CA SER A 218 69.85 -11.41 -24.17
C SER A 218 69.51 -9.94 -23.92
N ASP A 219 70.55 -9.13 -23.74
CA ASP A 219 70.36 -7.71 -23.47
C ASP A 219 69.88 -6.99 -24.72
N GLY A 220 68.75 -6.29 -24.60
CA GLY A 220 68.11 -5.73 -25.78
C GLY A 220 67.61 -6.86 -26.65
N ASN A 221 67.93 -6.78 -27.95
CA ASN A 221 67.77 -7.88 -28.89
C ASN A 221 66.35 -8.40 -29.01
N TYR A 222 66.04 -9.43 -28.22
CA TYR A 222 64.81 -10.20 -28.18
C TYR A 222 64.61 -11.03 -29.46
N ASN A 223 65.66 -11.17 -30.27
CA ASN A 223 65.72 -12.07 -31.43
C ASN A 223 64.61 -11.78 -32.44
N ARG A 224 64.17 -10.52 -32.48
CA ARG A 224 63.05 -10.00 -33.26
C ARG A 224 61.85 -10.97 -33.21
N ASN A 225 61.09 -10.86 -32.11
CA ASN A 225 59.76 -11.46 -31.89
C ASN A 225 59.68 -12.91 -32.35
N ALA A 226 60.56 -13.72 -31.77
CA ALA A 226 60.77 -15.09 -32.23
C ALA A 226 59.72 -16.04 -31.68
N SER A 227 58.92 -15.58 -30.70
CA SER A 227 57.77 -16.39 -30.31
C SER A 227 56.65 -16.27 -31.33
N LEU A 228 56.48 -15.09 -31.94
CA LEU A 228 55.59 -14.97 -33.09
C LEU A 228 56.12 -15.80 -34.25
N ASN A 229 57.45 -15.81 -34.44
CA ASN A 229 58.07 -16.73 -35.39
C ASN A 229 57.77 -18.18 -35.06
N SER A 230 57.81 -18.55 -33.78
CA SER A 230 57.60 -19.93 -33.39
C SER A 230 56.14 -20.33 -33.61
N PHE A 231 55.22 -19.41 -33.39
CA PHE A 231 53.81 -19.68 -33.68
C PHE A 231 53.56 -19.78 -35.17
N LYS A 232 54.17 -18.89 -35.97
CA LYS A 232 54.02 -18.94 -37.41
C LYS A 232 54.79 -20.07 -38.05
N GLU A 233 55.69 -20.72 -37.31
CA GLU A 233 56.32 -21.94 -37.79
C GLU A 233 55.31 -23.08 -37.92
N TYR A 234 54.22 -23.02 -37.18
CA TYR A 234 53.16 -24.03 -37.25
C TYR A 234 51.94 -23.56 -38.03
N PHE A 235 51.60 -22.29 -37.94
CA PHE A 235 50.37 -21.75 -38.52
C PHE A 235 50.68 -20.67 -39.54
N ASN A 236 49.65 -20.29 -40.30
CA ASN A 236 49.74 -19.22 -41.27
C ASN A 236 48.65 -18.20 -40.97
N LEU A 237 48.93 -16.92 -41.19
CA LEU A 237 48.01 -15.85 -40.86
C LEU A 237 47.37 -15.32 -42.15
N ARG A 238 46.04 -15.35 -42.19
CA ARG A 238 45.27 -14.88 -43.33
C ARG A 238 44.17 -13.95 -42.86
N ASN A 239 43.88 -12.93 -43.71
CA ASN A 239 42.91 -11.86 -43.50
C ASN A 239 42.91 -11.33 -42.08
N CYS A 240 44.09 -10.91 -41.62
CA CYS A 240 44.27 -10.58 -40.20
C CYS A 240 43.61 -9.24 -39.92
N THR A 241 42.87 -9.15 -38.82
CA THR A 241 42.11 -7.94 -38.55
C THR A 241 42.99 -6.83 -37.98
N PHE A 242 43.90 -7.19 -37.07
CA PHE A 242 44.72 -6.19 -36.38
C PHE A 242 45.95 -6.85 -35.75
N MET A 243 46.67 -6.04 -34.96
CA MET A 243 47.93 -6.42 -34.33
C MET A 243 48.10 -5.45 -33.15
N TYR A 244 47.63 -5.82 -31.96
CA TYR A 244 47.83 -4.96 -30.79
C TYR A 244 49.06 -5.40 -30.01
N THR A 245 49.91 -4.43 -29.69
CA THR A 245 51.14 -4.63 -28.94
C THR A 245 51.04 -3.92 -27.61
N TYR A 246 51.51 -4.57 -26.55
CA TYR A 246 51.50 -3.98 -25.21
C TYR A 246 52.82 -4.28 -24.52
N ASN A 247 53.30 -3.31 -23.74
CA ASN A 247 54.61 -3.37 -23.09
C ASN A 247 54.42 -3.65 -21.61
N ILE A 248 55.14 -4.64 -21.10
CA ILE A 248 55.23 -4.91 -19.67
C ILE A 248 56.69 -5.12 -19.31
N THR A 249 57.19 -4.34 -18.36
CA THR A 249 58.56 -4.48 -17.91
C THR A 249 58.75 -5.80 -17.17
N GLU A 250 59.89 -6.45 -17.42
CA GLU A 250 60.17 -7.74 -16.81
C GLU A 250 60.56 -7.57 -15.36
N ASP A 251 59.97 -8.40 -14.49
CA ASP A 251 60.22 -8.32 -13.06
C ASP A 251 59.96 -9.69 -12.45
N GLU A 252 59.90 -9.75 -11.12
CA GLU A 252 59.63 -10.97 -10.38
C GLU A 252 58.55 -10.72 -9.34
N ILE A 253 57.50 -9.99 -9.73
CA ILE A 253 56.39 -9.65 -8.86
C ILE A 253 55.13 -10.31 -9.40
N LEU A 254 54.39 -10.99 -8.52
CA LEU A 254 53.17 -11.67 -8.92
C LEU A 254 52.14 -10.66 -9.41
N GLU A 255 51.30 -11.10 -10.35
CA GLU A 255 50.32 -10.20 -10.93
C GLU A 255 49.06 -10.97 -11.28
N TRP A 256 48.08 -10.26 -11.80
CA TRP A 256 46.76 -10.78 -12.09
C TRP A 256 46.34 -10.35 -13.49
N PHE A 257 45.37 -11.08 -14.04
CA PHE A 257 44.83 -10.74 -15.35
C PHE A 257 43.41 -11.28 -15.43
N GLY A 258 42.56 -10.61 -16.19
CA GLY A 258 41.20 -11.06 -16.38
C GLY A 258 40.71 -10.74 -17.78
N ILE A 259 39.82 -11.60 -18.27
CA ILE A 259 39.25 -11.43 -19.60
C ILE A 259 37.75 -11.67 -19.53
N THR A 260 37.00 -10.83 -20.25
CA THR A 260 35.55 -10.97 -20.32
C THR A 260 35.08 -10.43 -21.65
N GLN A 261 33.78 -10.58 -21.92
CA GLN A 261 33.21 -10.05 -23.15
C GLN A 261 31.86 -9.39 -22.88
N THR A 262 31.62 -8.28 -23.58
CA THR A 262 30.34 -7.61 -23.60
C THR A 262 30.02 -7.28 -25.06
N ALA A 263 28.86 -6.65 -25.26
CA ALA A 263 28.46 -6.23 -26.60
C ALA A 263 29.40 -5.18 -27.17
N GLN A 264 30.09 -4.43 -26.32
CA GLN A 264 31.15 -3.55 -26.78
C GLN A 264 32.32 -4.32 -27.37
N GLY A 265 32.68 -5.44 -26.76
CA GLY A 265 33.82 -6.21 -27.21
C GLY A 265 34.43 -6.98 -26.06
N VAL A 266 35.65 -7.45 -26.28
CA VAL A 266 36.35 -8.25 -25.28
C VAL A 266 37.18 -7.31 -24.42
N HIS A 267 36.90 -7.30 -23.11
CA HIS A 267 37.57 -6.42 -22.17
C HIS A 267 38.65 -7.21 -21.45
N LEU A 268 39.87 -6.69 -21.48
CA LEU A 268 41.01 -7.25 -20.78
C LEU A 268 41.43 -6.31 -19.66
N PHE A 269 41.51 -6.87 -18.45
CA PHE A 269 41.73 -6.20 -17.19
C PHE A 269 43.07 -6.69 -16.64
N SER A 270 43.85 -5.80 -16.04
CA SER A 270 45.09 -6.24 -15.42
C SER A 270 45.46 -5.33 -14.26
N SER A 271 46.45 -5.78 -13.49
CA SER A 271 47.03 -5.02 -12.39
C SER A 271 48.38 -4.42 -12.72
N ARG A 272 48.96 -4.76 -13.88
CA ARG A 272 50.27 -4.23 -14.23
C ARG A 272 50.20 -2.73 -14.54
N TYR A 273 49.04 -2.25 -15.00
CA TYR A 273 48.92 -0.85 -15.37
C TYR A 273 48.82 0.07 -14.16
N VAL A 274 48.16 -0.40 -13.09
CA VAL A 274 47.88 0.48 -11.96
C VAL A 274 48.47 -0.08 -10.67
N ASP A 275 48.01 -1.25 -10.23
CA ASP A 275 48.31 -1.76 -8.90
C ASP A 275 49.45 -2.77 -8.99
N LEU A 276 50.68 -2.25 -9.08
CA LEU A 276 51.85 -3.10 -9.20
C LEU A 276 52.11 -3.87 -7.91
N TYR A 277 52.10 -3.17 -6.78
CA TYR A 277 52.36 -3.78 -5.48
C TYR A 277 51.11 -4.31 -4.81
N GLY A 278 49.95 -4.10 -5.40
CA GLY A 278 48.68 -4.55 -4.88
C GLY A 278 48.16 -5.75 -5.64
N GLY A 279 47.31 -5.48 -6.62
CA GLY A 279 46.68 -6.49 -7.45
C GLY A 279 45.17 -6.41 -7.44
N ASN A 280 44.64 -5.89 -8.56
CA ASN A 280 43.22 -5.72 -8.81
C ASN A 280 43.04 -5.58 -10.31
N MET A 281 41.83 -5.83 -10.79
CA MET A 281 41.54 -5.64 -12.20
C MET A 281 41.47 -4.14 -12.51
N PHE A 282 42.01 -3.77 -13.67
CA PHE A 282 41.91 -2.39 -14.14
C PHE A 282 41.96 -2.38 -15.66
N GLN A 283 41.10 -1.58 -16.27
CA GLN A 283 40.83 -1.63 -17.70
C GLN A 283 42.04 -1.15 -18.48
N PHE A 284 42.61 -2.03 -19.32
CA PHE A 284 43.64 -1.60 -20.25
C PHE A 284 43.31 -1.93 -21.70
N ALA A 285 42.54 -2.99 -21.98
CA ALA A 285 42.32 -3.34 -23.38
C ALA A 285 40.84 -3.53 -23.67
N THR A 286 40.39 -2.92 -24.77
CA THR A 286 39.02 -3.10 -25.27
C THR A 286 39.13 -3.59 -26.71
N LEU A 287 39.26 -4.90 -26.86
CA LEU A 287 39.35 -5.50 -28.19
C LEU A 287 38.00 -5.42 -28.89
N PRO A 288 37.94 -4.83 -30.09
CA PRO A 288 36.69 -4.72 -30.85
C PRO A 288 36.34 -6.01 -31.58
N VAL A 289 35.84 -6.98 -30.82
CA VAL A 289 35.50 -8.27 -31.41
C VAL A 289 34.17 -8.14 -32.17
N TYR A 290 34.00 -8.98 -33.18
CA TYR A 290 32.79 -8.98 -33.99
C TYR A 290 31.82 -10.09 -33.62
N ASP A 291 32.28 -11.16 -32.99
CA ASP A 291 31.46 -12.31 -32.69
C ASP A 291 31.62 -12.71 -31.23
N THR A 292 30.61 -13.40 -30.72
CA THR A 292 30.64 -13.88 -29.35
C THR A 292 31.58 -15.08 -29.23
N ILE A 293 32.45 -15.06 -28.23
CA ILE A 293 33.39 -16.15 -27.99
C ILE A 293 32.72 -17.19 -27.12
N LYS A 294 32.76 -18.45 -27.56
CA LYS A 294 32.14 -19.54 -26.82
C LYS A 294 33.13 -20.49 -26.17
N TYR A 295 34.31 -20.69 -26.76
CA TYR A 295 35.26 -21.67 -26.25
C TYR A 295 36.66 -21.08 -26.23
N TYR A 296 37.50 -21.64 -25.36
CA TYR A 296 38.86 -21.18 -25.17
C TYR A 296 39.78 -22.36 -24.87
N SER A 297 41.07 -22.12 -25.07
CA SER A 297 42.10 -23.15 -24.91
C SER A 297 43.45 -22.47 -24.72
N ILE A 298 44.43 -23.27 -24.28
CA ILE A 298 45.75 -22.80 -23.92
C ILE A 298 46.76 -23.40 -24.89
N ILE A 299 47.61 -22.55 -25.47
CA ILE A 299 48.66 -23.04 -26.36
C ILE A 299 49.78 -23.63 -25.51
N PRO A 300 50.23 -24.85 -25.81
CA PRO A 300 51.43 -25.38 -25.15
C PRO A 300 52.66 -24.57 -25.54
N HIS A 301 53.60 -24.47 -24.61
CA HIS A 301 54.82 -23.72 -24.81
C HIS A 301 56.00 -24.49 -24.23
N SER A 302 57.07 -24.57 -25.01
CA SER A 302 58.28 -25.26 -24.60
C SER A 302 59.46 -24.29 -24.66
N ILE A 303 60.50 -24.61 -23.90
CA ILE A 303 61.68 -23.76 -23.81
C ILE A 303 62.88 -24.57 -24.30
N ARG A 304 63.59 -24.02 -25.28
CA ARG A 304 64.77 -24.69 -25.84
C ARG A 304 66.04 -24.31 -25.07
N SER A 305 65.98 -24.44 -23.75
CA SER A 305 67.14 -24.17 -22.92
C SER A 305 68.08 -25.36 -22.92
N ILE A 306 69.36 -25.09 -22.69
CA ILE A 306 70.34 -26.18 -22.64
C ILE A 306 70.15 -26.96 -21.35
N GLN A 307 70.62 -28.22 -21.38
CA GLN A 307 70.43 -29.12 -20.25
C GLN A 307 71.18 -28.66 -19.01
N SER A 308 72.38 -28.10 -19.20
CA SER A 308 73.17 -27.64 -18.07
C SER A 308 72.63 -26.36 -17.45
N ASP A 309 71.72 -25.66 -18.11
CA ASP A 309 71.11 -24.45 -17.59
C ASP A 309 69.60 -24.50 -17.73
N ARG A 310 69.01 -25.63 -17.33
CA ARG A 310 67.57 -25.76 -17.31
C ARG A 310 67.00 -24.99 -16.13
N LYS A 311 66.20 -23.97 -16.42
CA LYS A 311 65.68 -23.07 -15.40
C LYS A 311 64.19 -23.32 -15.20
N ALA A 312 63.76 -23.32 -13.95
CA ALA A 312 62.37 -23.62 -13.61
C ALA A 312 61.44 -22.50 -14.05
N TRP A 313 60.27 -22.88 -14.55
CA TRP A 313 59.26 -21.95 -15.01
C TRP A 313 58.02 -22.05 -14.12
N ALA A 314 57.35 -20.93 -13.94
CA ALA A 314 56.21 -20.87 -13.04
C ALA A 314 54.99 -21.56 -13.65
N ALA A 315 54.02 -21.86 -12.78
CA ALA A 315 52.75 -22.43 -13.18
C ALA A 315 51.64 -21.44 -12.89
N PHE A 316 50.70 -21.32 -13.82
CA PHE A 316 49.61 -20.37 -13.68
C PHE A 316 48.30 -21.09 -13.41
N TYR A 317 47.26 -20.30 -13.14
CA TYR A 317 45.97 -20.80 -12.71
C TYR A 317 44.87 -20.14 -13.54
N VAL A 318 43.71 -20.79 -13.59
CA VAL A 318 42.54 -20.28 -14.30
C VAL A 318 41.33 -20.45 -13.39
N TYR A 319 40.56 -19.37 -13.20
CA TYR A 319 39.34 -19.40 -12.39
C TYR A 319 38.21 -18.76 -13.18
N LYS A 320 37.11 -19.50 -13.36
CA LYS A 320 36.01 -19.01 -14.17
C LYS A 320 35.18 -17.97 -13.43
N LEU A 321 34.47 -17.15 -14.20
CA LEU A 321 33.63 -16.09 -13.69
C LEU A 321 32.17 -16.37 -14.00
N GLN A 322 31.31 -16.09 -13.02
CA GLN A 322 29.86 -16.19 -13.17
C GLN A 322 29.23 -15.06 -12.39
N PRO A 323 27.98 -14.69 -12.69
CA PRO A 323 27.37 -13.54 -12.00
C PRO A 323 27.05 -13.84 -10.54
N LEU A 324 27.53 -12.97 -9.65
CA LEU A 324 27.19 -13.01 -8.24
C LEU A 324 26.94 -11.58 -7.75
N THR A 325 26.74 -11.46 -6.45
CA THR A 325 26.64 -10.18 -5.75
C THR A 325 27.66 -10.20 -4.62
N PHE A 326 28.75 -9.47 -4.78
CA PHE A 326 29.82 -9.43 -3.81
C PHE A 326 29.63 -8.25 -2.87
N LEU A 327 30.31 -8.29 -1.73
CA LEU A 327 30.40 -7.14 -0.84
C LEU A 327 31.86 -6.72 -0.78
N LEU A 328 32.12 -5.45 -1.08
CA LEU A 328 33.46 -4.94 -1.27
C LEU A 328 33.72 -3.83 -0.26
N ASP A 329 34.96 -3.77 0.24
CA ASP A 329 35.40 -2.71 1.14
C ASP A 329 36.38 -1.85 0.37
N PHE A 330 35.92 -0.70 -0.12
CA PHE A 330 36.78 0.27 -0.78
C PHE A 330 37.47 1.11 0.29
N SER A 331 38.80 1.07 0.29
CA SER A 331 39.60 1.74 1.32
C SER A 331 39.75 3.21 0.99
N VAL A 332 40.65 3.90 1.71
CA VAL A 332 40.86 5.32 1.48
C VAL A 332 41.46 5.59 0.10
N ASP A 333 42.32 4.70 -0.39
CA ASP A 333 42.85 4.84 -1.73
C ASP A 333 41.93 4.28 -2.80
N GLY A 334 40.83 3.62 -2.40
CA GLY A 334 39.92 3.03 -3.34
C GLY A 334 40.29 1.64 -3.80
N TYR A 335 41.45 1.13 -3.39
CA TYR A 335 41.84 -0.22 -3.77
C TYR A 335 41.03 -1.25 -3.00
N ILE A 336 40.79 -2.39 -3.65
CA ILE A 336 40.06 -3.48 -3.03
C ILE A 336 41.04 -4.32 -2.22
N ARG A 337 40.83 -4.38 -0.90
CA ARG A 337 41.63 -5.20 -0.02
C ARG A 337 40.82 -6.19 0.79
N ARG A 338 39.52 -5.95 0.96
CA ARG A 338 38.66 -6.85 1.72
C ARG A 338 37.37 -7.05 0.94
N ALA A 339 36.99 -8.32 0.76
CA ALA A 339 35.81 -8.65 -0.01
C ALA A 339 35.23 -9.96 0.50
N ILE A 340 33.90 -10.03 0.54
CA ILE A 340 33.22 -11.21 1.04
C ILE A 340 32.08 -11.53 0.06
N ASP A 341 31.65 -12.78 0.07
CA ASP A 341 30.73 -13.29 -0.93
C ASP A 341 29.31 -13.24 -0.39
N CYS A 342 28.38 -13.76 -1.19
CA CYS A 342 27.03 -14.04 -0.71
C CYS A 342 26.66 -15.51 -0.82
N GLY A 343 27.45 -16.32 -1.52
CA GLY A 343 27.07 -17.70 -1.77
C GLY A 343 28.19 -18.71 -1.70
N PHE A 344 29.31 -18.35 -1.07
CA PHE A 344 30.32 -19.37 -0.82
C PHE A 344 29.86 -20.31 0.29
N ASN A 345 29.29 -19.77 1.36
CA ASN A 345 28.86 -20.56 2.50
C ASN A 345 27.73 -19.82 3.19
N ASP A 346 27.41 -20.25 4.41
CA ASP A 346 26.39 -19.60 5.20
C ASP A 346 26.80 -18.18 5.59
N LEU A 347 28.03 -18.03 6.08
CA LEU A 347 28.47 -16.75 6.63
C LEU A 347 28.57 -15.68 5.57
N SER A 348 28.82 -16.07 4.32
CA SER A 348 28.84 -15.10 3.24
C SER A 348 27.45 -14.50 3.01
N GLN A 349 26.42 -15.35 3.02
CA GLN A 349 25.05 -14.86 2.91
C GLN A 349 24.67 -14.02 4.12
N LEU A 350 25.16 -14.41 5.31
CA LEU A 350 24.90 -13.62 6.51
C LEU A 350 25.56 -12.23 6.43
N HIS A 351 26.77 -12.17 5.88
CA HIS A 351 27.46 -10.88 5.75
C HIS A 351 26.79 -9.99 4.73
N CYS A 352 26.38 -10.55 3.58
CA CYS A 352 25.64 -9.73 2.63
C CYS A 352 24.21 -9.44 3.06
N SER A 353 23.71 -10.11 4.08
CA SER A 353 22.41 -9.73 4.64
C SER A 353 22.47 -8.44 5.44
N TYR A 354 23.67 -7.95 5.76
CA TYR A 354 23.83 -6.73 6.54
C TYR A 354 24.63 -5.65 5.83
N GLU A 355 25.23 -5.96 4.67
CA GLU A 355 26.09 -5.04 3.91
C GLU A 355 27.24 -4.52 4.75
N SER A 356 27.80 -5.39 5.59
CA SER A 356 28.89 -5.01 6.48
C SER A 356 29.73 -6.23 6.80
N PHE A 357 31.00 -6.01 7.10
CA PHE A 357 31.88 -7.09 7.50
C PHE A 357 31.81 -7.40 8.99
N ASP A 358 31.14 -6.55 9.77
CA ASP A 358 30.97 -6.76 11.20
C ASP A 358 29.49 -6.97 11.47
N VAL A 359 29.16 -8.09 12.11
CA VAL A 359 27.79 -8.40 12.47
C VAL A 359 27.68 -8.50 13.98
N GLU A 360 26.50 -8.81 14.49
CA GLU A 360 26.29 -8.97 15.91
C GLU A 360 26.14 -10.45 16.25
N SER A 361 26.52 -10.81 17.46
CA SER A 361 26.37 -12.18 17.92
C SER A 361 24.89 -12.48 18.17
N GLY A 362 24.39 -13.55 17.55
CA GLY A 362 22.99 -13.90 17.70
C GLY A 362 22.54 -15.00 16.76
N VAL A 363 21.52 -15.75 17.16
CA VAL A 363 20.97 -16.79 16.31
C VAL A 363 20.24 -16.13 15.15
N TYR A 364 20.62 -16.53 13.93
CA TYR A 364 20.14 -15.88 12.72
C TYR A 364 19.46 -16.90 11.82
N SER A 365 18.23 -16.62 11.42
CA SER A 365 17.56 -17.45 10.42
C SER A 365 18.20 -17.22 9.06
N VAL A 366 18.37 -18.30 8.30
CA VAL A 366 19.07 -18.26 7.02
C VAL A 366 18.30 -19.17 6.07
N SER A 367 18.61 -19.06 4.78
CA SER A 367 17.89 -19.79 3.73
C SER A 367 18.05 -21.30 3.90
N SER A 368 16.92 -21.99 3.94
CA SER A 368 16.90 -23.43 4.12
C SER A 368 17.26 -24.14 2.82
N PHE A 369 17.42 -25.45 2.93
CA PHE A 369 17.84 -26.27 1.80
C PHE A 369 16.74 -27.28 1.46
N GLU A 370 16.80 -27.79 0.24
CA GLU A 370 15.76 -28.64 -0.34
C GLU A 370 16.29 -30.04 -0.58
N ALA A 371 15.46 -31.04 -0.28
CA ALA A 371 15.81 -32.42 -0.57
C ALA A 371 15.64 -32.72 -2.05
N LYS A 372 16.59 -33.46 -2.60
CA LYS A 372 16.56 -33.78 -4.02
C LYS A 372 15.49 -34.84 -4.31
N PRO A 373 14.87 -34.77 -5.50
CA PRO A 373 13.89 -35.80 -5.87
C PRO A 373 14.55 -37.16 -6.07
N SER A 374 13.80 -38.20 -5.73
CA SER A 374 14.28 -39.57 -5.84
C SER A 374 13.88 -40.24 -7.16
N GLY A 375 13.13 -39.55 -8.01
CA GLY A 375 12.67 -40.14 -9.25
C GLY A 375 11.41 -39.45 -9.73
N SER A 376 10.79 -40.06 -10.73
CA SER A 376 9.57 -39.53 -11.32
C SER A 376 8.56 -40.64 -11.53
N VAL A 377 7.29 -40.34 -11.30
CA VAL A 377 6.19 -41.25 -11.55
C VAL A 377 5.20 -40.57 -12.50
N VAL A 378 4.82 -41.30 -13.54
CA VAL A 378 3.82 -40.85 -14.50
C VAL A 378 2.90 -42.05 -14.73
N GLU A 379 1.72 -42.04 -14.12
CA GLU A 379 0.83 -43.19 -14.22
C GLU A 379 -0.60 -42.75 -13.94
N GLN A 380 -1.46 -42.92 -14.95
CA GLN A 380 -2.91 -42.80 -14.82
C GLN A 380 -3.50 -43.56 -16.01
N ALA A 381 -4.82 -43.53 -16.14
CA ALA A 381 -5.49 -44.30 -17.18
C ALA A 381 -5.17 -43.74 -18.57
N GLU A 382 -4.93 -44.66 -19.51
CA GLU A 382 -4.63 -44.31 -20.90
C GLU A 382 -5.52 -45.13 -21.82
N GLY A 383 -5.69 -44.62 -23.05
CA GLY A 383 -6.49 -45.31 -24.03
C GLY A 383 -5.91 -45.26 -25.44
N VAL A 384 -6.79 -45.18 -26.43
CA VAL A 384 -6.37 -45.13 -27.83
C VAL A 384 -5.82 -43.75 -28.13
N GLU A 385 -5.00 -43.65 -29.19
CA GLU A 385 -4.44 -42.38 -29.62
C GLU A 385 -5.54 -41.46 -30.14
N CYS A 386 -5.28 -40.16 -30.07
CA CYS A 386 -6.22 -39.17 -30.59
C CYS A 386 -6.27 -39.27 -32.12
N ASP A 387 -7.48 -39.16 -32.67
CA ASP A 387 -7.71 -39.35 -34.10
C ASP A 387 -7.77 -38.00 -34.80
N PHE A 388 -6.86 -37.78 -35.75
CA PHE A 388 -6.82 -36.55 -36.52
C PHE A 388 -7.14 -36.79 -38.00
N SER A 389 -7.74 -37.94 -38.32
CA SER A 389 -8.05 -38.26 -39.72
C SER A 389 -9.06 -37.32 -40.37
N PRO A 390 -10.23 -37.01 -39.79
CA PRO A 390 -11.15 -36.09 -40.49
C PRO A 390 -10.61 -34.67 -40.62
N LEU A 391 -9.63 -34.28 -39.80
CA LEU A 391 -8.94 -33.03 -40.04
C LEU A 391 -8.15 -33.07 -41.34
N LEU A 392 -7.53 -34.22 -41.63
CA LEU A 392 -6.68 -34.36 -42.82
C LEU A 392 -7.45 -34.84 -44.04
N SER A 393 -8.74 -35.13 -43.90
CA SER A 393 -9.55 -35.65 -45.00
C SER A 393 -10.69 -34.69 -45.30
N GLY A 394 -11.04 -34.59 -46.58
CA GLY A 394 -12.15 -33.76 -47.00
C GLY A 394 -11.75 -32.30 -47.17
N THR A 395 -12.70 -31.53 -47.69
CA THR A 395 -12.47 -30.12 -47.92
C THR A 395 -12.52 -29.35 -46.60
N PRO A 396 -11.50 -28.57 -46.26
CA PRO A 396 -11.58 -27.70 -45.10
C PRO A 396 -12.65 -26.64 -45.30
N PRO A 397 -13.46 -26.36 -44.29
CA PRO A 397 -14.55 -25.40 -44.44
C PRO A 397 -14.04 -23.98 -44.25
N GLN A 398 -14.94 -23.01 -44.39
CA GLN A 398 -14.57 -21.61 -44.33
C GLN A 398 -14.30 -21.17 -42.90
N VAL A 399 -13.83 -19.92 -42.78
CA VAL A 399 -13.45 -19.38 -41.47
C VAL A 399 -14.67 -19.19 -40.57
N TYR A 400 -15.81 -18.82 -41.14
CA TYR A 400 -17.02 -18.67 -40.34
C TYR A 400 -17.74 -19.99 -40.10
N ASN A 401 -17.24 -21.09 -40.67
CA ASN A 401 -17.82 -22.42 -40.51
C ASN A 401 -16.75 -23.41 -40.07
N PHE A 402 -15.91 -23.00 -39.12
CA PHE A 402 -14.78 -23.83 -38.71
C PHE A 402 -15.24 -25.12 -38.05
N LYS A 403 -14.55 -26.22 -38.36
CA LYS A 403 -14.93 -27.52 -37.82
C LYS A 403 -14.13 -27.83 -36.56
N ARG A 404 -14.83 -28.26 -35.52
CA ARG A 404 -14.27 -28.42 -34.19
C ARG A 404 -14.06 -29.91 -33.88
N LEU A 405 -12.88 -30.23 -33.35
CA LEU A 405 -12.56 -31.57 -32.88
C LEU A 405 -12.15 -31.49 -31.42
N VAL A 406 -12.76 -32.32 -30.59
CA VAL A 406 -12.49 -32.38 -29.16
C VAL A 406 -11.69 -33.65 -28.89
N PHE A 407 -10.77 -33.57 -27.94
CA PHE A 407 -9.92 -34.70 -27.57
C PHE A 407 -9.86 -34.79 -26.05
N THR A 408 -10.34 -35.92 -25.52
CA THR A 408 -10.27 -36.22 -24.11
C THR A 408 -9.93 -37.70 -23.96
N ASN A 409 -9.03 -38.00 -23.03
CA ASN A 409 -8.57 -39.37 -22.71
C ASN A 409 -7.94 -40.04 -23.93
N CYS A 410 -6.87 -39.41 -24.45
CA CYS A 410 -6.17 -39.99 -25.59
C CYS A 410 -4.72 -39.53 -25.62
N ASN A 411 -3.99 -40.10 -26.58
CA ASN A 411 -2.56 -39.88 -26.76
C ASN A 411 -2.34 -39.14 -28.06
N TYR A 412 -1.68 -37.99 -27.98
CA TYR A 412 -1.44 -37.14 -29.15
C TYR A 412 0.05 -36.86 -29.28
N ASN A 413 0.58 -37.03 -30.47
CA ASN A 413 1.98 -36.75 -30.77
C ASN A 413 2.04 -35.74 -31.89
N LEU A 414 2.69 -34.60 -31.64
CA LEU A 414 2.77 -33.54 -32.64
C LEU A 414 3.68 -33.91 -33.80
N THR A 415 4.60 -34.86 -33.59
CA THR A 415 5.48 -35.30 -34.67
C THR A 415 4.76 -36.12 -35.73
N LYS A 416 3.51 -36.53 -35.47
CA LYS A 416 2.76 -37.32 -36.44
C LYS A 416 1.96 -36.45 -37.40
N LEU A 417 1.56 -35.25 -37.00
CA LEU A 417 0.75 -34.39 -37.86
C LEU A 417 1.39 -33.05 -38.19
N LEU A 418 2.17 -32.46 -37.27
CA LEU A 418 2.83 -31.20 -37.57
C LEU A 418 3.99 -31.37 -38.53
N SER A 419 4.54 -32.58 -38.63
CA SER A 419 5.61 -32.85 -39.60
C SER A 419 5.10 -32.72 -41.02
N LEU A 420 3.88 -33.17 -41.28
CA LEU A 420 3.26 -33.03 -42.59
C LEU A 420 2.62 -31.66 -42.79
N PHE A 421 2.63 -30.80 -41.77
CA PHE A 421 2.04 -29.48 -41.87
C PHE A 421 3.09 -28.49 -42.35
N SER A 422 2.89 -27.93 -43.54
CA SER A 422 3.77 -26.89 -44.07
C SER A 422 3.38 -25.57 -43.42
N VAL A 423 3.85 -25.39 -42.18
CA VAL A 423 3.40 -24.31 -41.31
C VAL A 423 3.99 -23.00 -41.81
N ASN A 424 3.16 -22.13 -42.38
CA ASN A 424 3.61 -20.79 -42.75
C ASN A 424 3.78 -19.91 -41.52
N ASP A 425 2.83 -19.97 -40.60
CA ASP A 425 2.83 -19.10 -39.43
C ASP A 425 2.47 -19.91 -38.19
N PHE A 426 3.18 -19.64 -37.09
CA PHE A 426 2.93 -20.33 -35.83
C PHE A 426 3.00 -19.31 -34.70
N THR A 427 1.85 -18.99 -34.11
CA THR A 427 1.79 -18.09 -32.97
C THR A 427 1.07 -18.78 -31.82
N CYS A 428 1.40 -18.39 -30.60
CA CYS A 428 0.74 -18.94 -29.42
C CYS A 428 0.59 -17.84 -28.39
N SER A 429 -0.66 -17.55 -28.02
CA SER A 429 -1.00 -16.48 -27.09
C SER A 429 -1.35 -17.05 -25.73
N GLN A 430 -0.74 -16.47 -24.68
CA GLN A 430 -0.84 -16.89 -23.29
C GLN A 430 -0.45 -18.35 -23.08
N ILE A 431 0.47 -18.84 -23.91
CA ILE A 431 1.00 -20.20 -23.81
C ILE A 431 2.25 -20.24 -24.68
N SER A 432 3.20 -21.07 -24.29
CA SER A 432 4.38 -21.17 -25.15
C SER A 432 4.10 -22.11 -26.32
N PRO A 433 4.74 -21.88 -27.46
CA PRO A 433 4.56 -22.80 -28.61
C PRO A 433 5.01 -24.22 -28.33
N ALA A 434 6.00 -24.42 -27.47
CA ALA A 434 6.49 -25.76 -27.16
C ALA A 434 5.68 -26.45 -26.06
N ALA A 435 4.74 -25.74 -25.42
CA ALA A 435 3.96 -26.35 -24.36
C ALA A 435 2.97 -27.37 -24.90
N ILE A 436 2.46 -27.16 -26.12
CA ILE A 436 1.47 -28.06 -26.69
C ILE A 436 2.06 -29.41 -27.06
N ALA A 437 3.39 -29.50 -27.19
CA ALA A 437 4.02 -30.76 -27.58
C ALA A 437 4.24 -31.70 -26.39
N SER A 438 4.34 -31.17 -25.18
CA SER A 438 4.70 -31.97 -24.01
C SER A 438 3.65 -31.94 -22.92
N ASN A 439 3.05 -30.78 -22.66
CA ASN A 439 2.18 -30.65 -21.49
C ASN A 439 0.83 -31.30 -21.74
N CYS A 440 0.23 -31.80 -20.66
CA CYS A 440 -1.03 -32.52 -20.70
C CYS A 440 -2.16 -31.65 -20.15
N TYR A 441 -3.37 -31.91 -20.65
CA TYR A 441 -4.53 -31.08 -20.38
C TYR A 441 -5.73 -31.95 -20.06
N SER A 442 -6.79 -31.33 -19.55
CA SER A 442 -8.05 -32.04 -19.38
C SER A 442 -8.73 -32.29 -20.71
N SER A 443 -8.72 -31.29 -21.60
CA SER A 443 -9.27 -31.51 -22.93
C SER A 443 -8.54 -30.60 -23.92
N LEU A 444 -8.53 -31.04 -25.17
CA LEU A 444 -7.92 -30.28 -26.26
C LEU A 444 -8.98 -30.05 -27.33
N ILE A 445 -9.29 -28.79 -27.60
CA ILE A 445 -10.24 -28.44 -28.64
C ILE A 445 -9.48 -27.76 -29.78
N LEU A 446 -9.85 -28.11 -31.01
CA LEU A 446 -9.07 -27.70 -32.17
C LEU A 446 -10.02 -27.48 -33.34
N ASP A 447 -10.03 -26.27 -33.88
CA ASP A 447 -10.88 -25.95 -35.02
C ASP A 447 -10.02 -25.75 -36.26
N TYR A 448 -10.41 -26.39 -37.36
CA TYR A 448 -9.75 -26.16 -38.63
C TYR A 448 -10.70 -25.47 -39.60
N PHE A 449 -10.12 -24.58 -40.41
CA PHE A 449 -10.88 -23.77 -41.35
C PHE A 449 -9.98 -23.40 -42.52
N SER A 450 -10.60 -22.95 -43.61
CA SER A 450 -9.86 -22.47 -44.76
C SER A 450 -9.45 -21.02 -44.50
N TYR A 451 -8.14 -20.78 -44.43
CA TYR A 451 -7.61 -19.47 -44.07
C TYR A 451 -6.36 -19.18 -44.90
N PRO A 452 -6.48 -18.40 -45.96
CA PRO A 452 -5.31 -18.01 -46.73
C PRO A 452 -4.51 -16.94 -46.00
N LEU A 453 -3.35 -16.63 -46.57
CA LEU A 453 -2.37 -15.77 -45.91
C LEU A 453 -2.78 -14.29 -45.93
N SER A 454 -3.72 -13.90 -46.80
CA SER A 454 -3.97 -12.49 -47.07
C SER A 454 -4.50 -11.75 -45.85
N MET A 455 -5.40 -12.37 -45.08
CA MET A 455 -5.89 -11.80 -43.83
C MET A 455 -5.18 -12.40 -42.60
N LYS A 456 -3.91 -12.80 -42.77
CA LYS A 456 -3.11 -13.28 -41.64
C LYS A 456 -3.00 -12.24 -40.54
N SER A 457 -2.81 -10.96 -40.92
CA SER A 457 -2.73 -9.89 -39.93
C SER A 457 -4.06 -9.67 -39.21
N ASP A 458 -5.16 -10.20 -39.74
CA ASP A 458 -6.44 -10.15 -39.04
C ASP A 458 -6.57 -11.24 -37.98
N LEU A 459 -5.58 -12.13 -37.84
CA LEU A 459 -5.62 -13.20 -36.84
C LEU A 459 -5.41 -12.69 -35.43
N SER A 460 -4.98 -11.45 -35.24
CA SER A 460 -4.78 -10.91 -33.91
C SER A 460 -6.11 -10.76 -33.18
N VAL A 461 -6.06 -10.89 -31.85
CA VAL A 461 -7.26 -10.81 -31.04
C VAL A 461 -7.83 -9.38 -31.05
N SER A 462 -6.94 -8.38 -30.95
CA SER A 462 -7.38 -6.99 -30.89
C SER A 462 -7.75 -6.42 -32.25
N SER A 463 -7.57 -7.18 -33.33
CA SER A 463 -7.92 -6.70 -34.66
C SER A 463 -9.43 -6.55 -34.79
N ALA A 464 -9.85 -5.52 -35.52
CA ALA A 464 -11.26 -5.21 -35.71
C ALA A 464 -11.78 -5.61 -37.07
N GLY A 465 -11.10 -6.54 -37.74
CA GLY A 465 -11.49 -6.98 -39.06
C GLY A 465 -12.74 -7.84 -39.03
N PRO A 466 -13.30 -8.11 -40.21
CA PRO A 466 -14.53 -8.93 -40.28
C PRO A 466 -14.36 -10.35 -39.78
N ILE A 467 -13.14 -10.89 -39.84
CA ILE A 467 -12.87 -12.22 -39.29
C ILE A 467 -13.09 -12.23 -37.78
N SER A 468 -12.59 -11.20 -37.09
CA SER A 468 -12.82 -11.06 -35.66
C SER A 468 -14.18 -10.45 -35.35
N GLN A 469 -14.87 -9.89 -36.34
CA GLN A 469 -16.17 -9.26 -36.13
C GLN A 469 -17.31 -10.27 -36.18
N PHE A 470 -17.40 -11.06 -37.26
CA PHE A 470 -18.55 -11.92 -37.47
C PHE A 470 -18.21 -13.36 -37.83
N ASN A 471 -16.93 -13.71 -37.95
CA ASN A 471 -16.54 -15.05 -38.38
C ASN A 471 -16.13 -15.94 -37.21
N TYR A 472 -15.15 -15.52 -36.42
CA TYR A 472 -14.61 -16.34 -35.35
C TYR A 472 -13.91 -15.45 -34.33
N LYS A 473 -14.07 -15.78 -33.05
CA LYS A 473 -13.37 -15.10 -31.98
C LYS A 473 -12.75 -16.12 -31.03
N GLN A 474 -11.57 -15.80 -30.55
CA GLN A 474 -10.80 -16.69 -29.69
C GLN A 474 -11.34 -16.63 -28.25
N SER A 475 -10.80 -17.48 -27.39
CA SER A 475 -11.16 -17.47 -25.97
C SER A 475 -10.19 -16.57 -25.22
N PHE A 476 -10.72 -15.54 -24.57
CA PHE A 476 -9.89 -14.61 -23.81
C PHE A 476 -9.29 -15.28 -22.57
N SER A 477 -10.04 -16.19 -21.95
CA SER A 477 -9.64 -16.79 -20.69
C SER A 477 -8.94 -18.14 -20.85
N ASN A 478 -8.69 -18.58 -22.08
CA ASN A 478 -8.03 -19.86 -22.30
C ASN A 478 -6.82 -19.68 -23.20
N PRO A 479 -5.76 -20.46 -22.97
CA PRO A 479 -4.56 -20.34 -23.83
C PRO A 479 -4.85 -20.78 -25.25
N THR A 480 -4.27 -20.05 -26.21
CA THR A 480 -4.60 -20.24 -27.61
C THR A 480 -3.33 -20.39 -28.46
N CYS A 481 -3.47 -21.07 -29.59
CA CYS A 481 -2.42 -21.15 -30.59
C CYS A 481 -3.03 -21.09 -31.98
N LEU A 482 -2.39 -20.34 -32.88
CA LEU A 482 -2.80 -20.21 -34.26
C LEU A 482 -1.73 -20.79 -35.18
N ILE A 483 -2.14 -21.66 -36.10
CA ILE A 483 -1.26 -22.24 -37.10
C ILE A 483 -1.83 -21.92 -38.47
N LEU A 484 -1.01 -21.33 -39.33
CA LEU A 484 -1.34 -21.11 -40.73
C LEU A 484 -0.45 -22.00 -41.58
N ALA A 485 -1.06 -22.94 -42.31
CA ALA A 485 -0.33 -23.96 -43.05
C ALA A 485 -0.80 -23.99 -44.49
N THR A 486 -0.07 -24.75 -45.31
CA THR A 486 -0.34 -24.88 -46.74
C THR A 486 -0.31 -26.36 -47.11
N VAL A 487 -1.10 -26.73 -48.12
CA VAL A 487 -1.15 -28.10 -48.63
C VAL A 487 0.20 -28.48 -49.21
N PRO A 488 0.84 -29.55 -48.74
CA PRO A 488 2.08 -30.02 -49.38
C PRO A 488 1.79 -30.61 -50.75
N HIS A 489 2.81 -30.52 -51.63
CA HIS A 489 2.66 -31.04 -52.98
C HIS A 489 2.57 -32.56 -52.98
N ASN A 490 3.30 -33.22 -52.08
CA ASN A 490 3.23 -34.67 -51.94
C ASN A 490 2.24 -35.06 -50.85
N LEU A 491 1.01 -34.58 -51.01
CA LEU A 491 -0.08 -34.89 -50.08
C LEU A 491 -1.39 -34.75 -50.85
N THR A 492 -1.97 -35.87 -51.24
CA THR A 492 -3.21 -35.89 -52.01
C THR A 492 -4.41 -36.34 -51.18
N THR A 493 -4.26 -36.44 -49.86
CA THR A 493 -5.35 -36.90 -49.01
C THR A 493 -6.33 -35.81 -48.65
N ILE A 494 -6.08 -34.56 -49.03
CA ILE A 494 -6.96 -33.45 -48.73
C ILE A 494 -7.33 -32.77 -50.05
N THR A 495 -8.50 -32.13 -50.05
CA THR A 495 -8.98 -31.36 -51.18
C THR A 495 -9.02 -29.88 -50.83
N LYS A 496 -9.44 -29.07 -51.78
CA LYS A 496 -9.53 -27.64 -51.60
C LYS A 496 -10.93 -27.16 -51.92
N PRO A 497 -11.39 -26.08 -51.28
CA PRO A 497 -12.70 -25.51 -51.62
C PRO A 497 -12.64 -24.80 -52.96
N LEU A 498 -13.84 -24.41 -53.42
CA LEU A 498 -13.95 -23.67 -54.68
C LEU A 498 -13.27 -22.30 -54.57
N LYS A 499 -13.52 -21.60 -53.47
CA LYS A 499 -12.91 -20.30 -53.21
C LYS A 499 -13.05 -20.01 -51.73
N TYR A 500 -12.19 -19.13 -51.23
CA TYR A 500 -12.34 -18.69 -49.85
C TYR A 500 -13.52 -17.74 -49.74
N SER A 501 -14.18 -17.75 -48.58
CA SER A 501 -15.31 -16.87 -48.38
C SER A 501 -15.43 -16.52 -46.91
N TYR A 502 -15.80 -15.28 -46.63
CA TYR A 502 -16.02 -14.85 -45.26
C TYR A 502 -17.13 -13.81 -45.23
N ILE A 503 -17.52 -13.42 -44.02
CA ILE A 503 -18.66 -12.55 -43.79
C ILE A 503 -18.14 -11.18 -43.36
N ASN A 504 -18.58 -10.13 -44.05
CA ASN A 504 -18.15 -8.78 -43.73
C ASN A 504 -19.23 -7.94 -43.06
N LYS A 505 -20.46 -8.43 -42.97
CA LYS A 505 -21.55 -7.65 -42.39
C LYS A 505 -22.54 -8.61 -41.74
N CYS A 506 -22.91 -8.32 -40.50
CA CYS A 506 -23.92 -9.09 -39.79
C CYS A 506 -24.58 -8.21 -38.75
N SER A 507 -25.88 -7.97 -38.90
CA SER A 507 -26.65 -7.16 -37.96
C SER A 507 -28.10 -7.57 -38.03
N ARG A 508 -28.85 -7.22 -36.99
CA ARG A 508 -30.26 -7.55 -36.89
C ARG A 508 -31.12 -6.32 -37.17
N LEU A 509 -32.05 -6.46 -38.10
CA LEU A 509 -33.05 -5.42 -38.34
C LEU A 509 -34.30 -5.76 -37.56
N LEU A 510 -34.74 -4.82 -36.72
CA LEU A 510 -35.94 -5.00 -35.93
C LEU A 510 -37.18 -4.77 -36.78
N SER A 511 -38.35 -5.01 -36.19
CA SER A 511 -39.61 -4.85 -36.90
C SER A 511 -40.00 -3.38 -37.08
N ASP A 512 -39.32 -2.44 -36.42
CA ASP A 512 -39.65 -1.03 -36.52
C ASP A 512 -39.09 -0.38 -37.77
N ASP A 513 -38.23 -1.07 -38.52
CA ASP A 513 -37.62 -0.61 -39.77
C ASP A 513 -36.76 0.65 -39.58
N ARG A 514 -36.36 0.94 -38.34
CA ARG A 514 -35.53 2.10 -38.04
C ARG A 514 -34.35 1.81 -37.14
N THR A 515 -34.35 0.69 -36.41
CA THR A 515 -33.31 0.37 -35.44
C THR A 515 -32.58 -0.89 -35.88
N GLU A 516 -31.25 -0.82 -35.92
CA GLU A 516 -30.40 -1.95 -36.29
C GLU A 516 -29.52 -2.31 -35.11
N VAL A 517 -29.55 -3.57 -34.71
CA VAL A 517 -28.79 -4.08 -33.57
C VAL A 517 -27.51 -4.71 -34.09
N PRO A 518 -26.34 -4.21 -33.69
CA PRO A 518 -25.09 -4.89 -34.06
C PRO A 518 -24.95 -6.23 -33.36
N GLN A 519 -24.24 -7.14 -34.01
CA GLN A 519 -23.97 -8.47 -33.48
C GLN A 519 -22.48 -8.65 -33.23
N LEU A 520 -22.15 -9.38 -32.17
CA LEU A 520 -20.78 -9.65 -31.80
C LEU A 520 -20.58 -11.14 -31.61
N VAL A 521 -19.53 -11.68 -32.21
CA VAL A 521 -19.21 -13.09 -32.07
C VAL A 521 -18.57 -13.32 -30.70
N ASN A 522 -18.96 -14.39 -30.04
CA ASN A 522 -18.46 -14.72 -28.72
C ASN A 522 -17.35 -15.75 -28.82
N ALA A 523 -16.89 -16.22 -27.66
CA ALA A 523 -15.80 -17.19 -27.62
C ALA A 523 -16.32 -18.56 -28.02
N ASN A 524 -15.81 -19.07 -29.16
CA ASN A 524 -16.17 -20.37 -29.72
C ASN A 524 -17.69 -20.47 -29.96
N GLN A 525 -18.28 -19.38 -30.41
CA GLN A 525 -19.71 -19.31 -30.67
C GLN A 525 -19.95 -18.92 -32.12
N TYR A 526 -21.22 -19.00 -32.54
CA TYR A 526 -21.60 -18.76 -33.92
C TYR A 526 -22.69 -17.69 -33.97
N SER A 527 -22.50 -16.73 -34.86
CA SER A 527 -23.50 -15.68 -35.07
C SER A 527 -24.76 -16.26 -35.71
N PRO A 528 -25.92 -15.65 -35.47
CA PRO A 528 -27.13 -16.07 -36.19
C PRO A 528 -27.05 -15.90 -37.69
N CYS A 529 -26.23 -14.96 -38.18
CA CYS A 529 -26.05 -14.75 -39.61
C CYS A 529 -25.42 -15.96 -40.29
N VAL A 530 -24.74 -16.82 -39.55
CA VAL A 530 -24.23 -18.07 -40.08
C VAL A 530 -25.38 -18.97 -40.55
N SER A 531 -26.53 -18.90 -39.86
CA SER A 531 -27.67 -19.73 -40.23
C SER A 531 -28.28 -19.34 -41.57
N ILE A 532 -28.00 -18.13 -42.07
CA ILE A 532 -28.51 -17.68 -43.36
C ILE A 532 -27.43 -17.56 -44.42
N VAL A 533 -26.16 -17.63 -44.06
CA VAL A 533 -25.05 -17.53 -45.00
C VAL A 533 -24.61 -18.95 -45.38
N PRO A 534 -24.60 -19.30 -46.66
CA PRO A 534 -24.13 -20.62 -47.07
C PRO A 534 -22.63 -20.77 -46.88
N SER A 535 -22.19 -22.03 -46.86
CA SER A 535 -20.77 -22.33 -46.67
C SER A 535 -19.93 -21.79 -47.82
N THR A 536 -20.41 -21.95 -49.05
CA THR A 536 -19.72 -21.44 -50.24
C THR A 536 -20.49 -20.26 -50.78
N VAL A 537 -19.87 -19.08 -50.77
CA VAL A 537 -20.47 -17.87 -51.29
C VAL A 537 -20.15 -17.78 -52.78
N TRP A 538 -21.18 -17.57 -53.61
CA TRP A 538 -21.01 -17.62 -55.05
C TRP A 538 -20.14 -16.49 -55.57
N GLU A 539 -20.32 -15.28 -55.04
CA GLU A 539 -19.59 -14.13 -55.54
C GLU A 539 -19.52 -13.07 -54.44
N ASP A 540 -18.61 -12.12 -54.64
CA ASP A 540 -18.47 -11.01 -53.70
C ASP A 540 -19.71 -10.13 -53.73
N GLY A 541 -20.05 -9.57 -52.57
CA GLY A 541 -21.23 -8.74 -52.46
C GLY A 541 -22.54 -9.50 -52.40
N ASP A 542 -22.51 -10.80 -52.12
CA ASP A 542 -23.74 -11.57 -51.97
C ASP A 542 -24.47 -11.15 -50.70
N TYR A 543 -25.77 -10.90 -50.84
CA TYR A 543 -26.60 -10.43 -49.74
C TYR A 543 -27.64 -11.48 -49.41
N TYR A 544 -27.70 -11.87 -48.13
CA TYR A 544 -28.63 -12.89 -47.68
C TYR A 544 -29.55 -12.30 -46.61
N ARG A 545 -30.83 -12.67 -46.69
CA ARG A 545 -31.85 -12.16 -45.78
C ARG A 545 -32.78 -13.27 -45.36
N LYS A 546 -33.35 -13.13 -44.16
CA LYS A 546 -34.34 -14.08 -43.66
C LYS A 546 -35.23 -13.38 -42.65
N GLN A 547 -36.39 -13.97 -42.42
CA GLN A 547 -37.40 -13.42 -41.52
C GLN A 547 -37.15 -13.90 -40.09
N LEU A 548 -37.26 -12.98 -39.13
CA LEU A 548 -37.08 -13.29 -37.73
C LEU A 548 -38.42 -13.29 -37.02
N SER A 549 -38.68 -14.34 -36.26
CA SER A 549 -39.93 -14.46 -35.53
C SER A 549 -39.96 -13.46 -34.36
N PRO A 550 -41.15 -13.00 -33.97
CA PRO A 550 -41.25 -12.08 -32.81
C PRO A 550 -40.79 -12.71 -31.50
N LEU A 551 -40.83 -14.04 -31.36
CA LEU A 551 -40.28 -14.67 -30.17
C LEU A 551 -38.76 -14.58 -30.13
N GLU A 552 -38.12 -14.40 -31.29
CA GLU A 552 -36.69 -14.21 -31.38
C GLU A 552 -36.31 -12.75 -31.63
N GLY A 553 -37.21 -11.82 -31.29
CA GLY A 553 -36.95 -10.39 -31.43
C GLY A 553 -37.64 -9.74 -32.60
N GLY A 554 -38.12 -10.51 -33.58
CA GLY A 554 -38.84 -9.96 -34.70
C GLY A 554 -37.92 -9.33 -35.74
N GLY A 555 -38.56 -8.77 -36.77
CA GLY A 555 -37.84 -8.12 -37.85
C GLY A 555 -37.18 -9.10 -38.80
N TRP A 556 -36.00 -8.75 -39.31
CA TRP A 556 -35.30 -9.56 -40.28
C TRP A 556 -33.83 -9.64 -39.93
N LEU A 557 -33.19 -10.71 -40.39
CA LEU A 557 -31.75 -10.92 -40.21
C LEU A 557 -31.09 -10.94 -41.58
N VAL A 558 -30.08 -10.09 -41.77
CA VAL A 558 -29.39 -9.99 -43.05
C VAL A 558 -27.90 -10.17 -42.81
N ALA A 559 -27.18 -10.48 -43.89
CA ALA A 559 -25.74 -10.59 -43.85
C ALA A 559 -25.18 -10.38 -45.26
N SER A 560 -23.89 -10.04 -45.30
CA SER A 560 -23.18 -9.84 -46.55
C SER A 560 -21.81 -10.49 -46.45
N GLY A 561 -21.37 -11.09 -47.56
CA GLY A 561 -20.12 -11.83 -47.58
C GLY A 561 -19.23 -11.39 -48.73
N SER A 562 -17.98 -11.83 -48.65
CA SER A 562 -16.97 -11.56 -49.66
C SER A 562 -16.21 -12.84 -49.97
N THR A 563 -15.70 -12.91 -51.20
CA THR A 563 -15.02 -14.09 -51.70
C THR A 563 -13.59 -13.76 -52.11
N VAL A 564 -12.69 -14.72 -51.91
CA VAL A 564 -11.30 -14.64 -52.30
C VAL A 564 -11.02 -15.79 -53.27
N ALA A 565 -10.39 -15.47 -54.40
CA ALA A 565 -10.15 -16.45 -55.44
C ALA A 565 -9.16 -17.52 -54.98
N MET A 566 -9.30 -18.70 -55.57
CA MET A 566 -8.46 -19.84 -55.22
C MET A 566 -7.07 -19.63 -55.82
N THR A 567 -6.05 -19.60 -54.97
CA THR A 567 -4.67 -19.42 -55.42
C THR A 567 -4.14 -20.75 -55.96
N GLU A 568 -2.82 -20.81 -56.16
CA GLU A 568 -2.19 -22.03 -56.68
C GLU A 568 -2.28 -23.18 -55.67
N GLN A 569 -2.08 -22.88 -54.39
CA GLN A 569 -2.11 -23.90 -53.34
C GLN A 569 -3.01 -23.43 -52.20
N LEU A 570 -3.69 -24.38 -51.58
CA LEU A 570 -4.64 -24.08 -50.51
C LEU A 570 -3.91 -23.84 -49.20
N GLN A 571 -4.26 -22.74 -48.53
CA GLN A 571 -3.76 -22.42 -47.20
C GLN A 571 -4.91 -22.50 -46.20
N MET A 572 -4.66 -23.12 -45.06
CA MET A 572 -5.68 -23.32 -44.04
C MET A 572 -5.16 -22.86 -42.68
N GLY A 573 -6.07 -22.79 -41.73
CA GLY A 573 -5.75 -22.37 -40.38
C GLY A 573 -6.29 -23.31 -39.33
N PHE A 574 -5.47 -23.56 -38.32
CA PHE A 574 -5.82 -24.38 -37.17
C PHE A 574 -5.78 -23.52 -35.92
N GLY A 575 -6.81 -23.62 -35.09
CA GLY A 575 -6.84 -22.98 -33.80
C GLY A 575 -6.84 -24.02 -32.70
N ILE A 576 -5.86 -23.95 -31.81
CA ILE A 576 -5.66 -24.92 -30.73
C ILE A 576 -5.96 -24.22 -29.42
N THR A 577 -6.86 -24.80 -28.62
CA THR A 577 -7.18 -24.27 -27.31
C THR A 577 -7.21 -25.44 -26.33
N VAL A 578 -6.72 -25.22 -25.12
CA VAL A 578 -6.57 -26.27 -24.14
C VAL A 578 -7.42 -25.96 -22.92
N GLN A 579 -7.79 -27.01 -22.19
CA GLN A 579 -8.52 -26.88 -20.94
C GLN A 579 -7.86 -27.77 -19.90
N TYR A 580 -7.58 -27.19 -18.74
CA TYR A 580 -6.76 -27.83 -17.71
C TYR A 580 -7.56 -28.51 -16.62
N GLY A 581 -8.79 -28.10 -16.37
CA GLY A 581 -9.54 -28.66 -15.27
C GLY A 581 -11.00 -28.94 -15.54
N THR A 582 -11.39 -28.89 -16.81
CA THR A 582 -12.80 -29.13 -17.16
C THR A 582 -13.16 -30.61 -17.09
N ASP A 583 -12.18 -31.50 -17.06
CA ASP A 583 -12.42 -32.94 -17.04
C ASP A 583 -11.17 -33.55 -16.41
N THR A 584 -11.04 -34.88 -16.50
CA THR A 584 -9.82 -35.53 -16.06
C THR A 584 -8.68 -35.17 -17.00
N ASN A 585 -7.54 -34.77 -16.43
CA ASN A 585 -6.37 -34.42 -17.22
C ASN A 585 -5.81 -35.69 -17.84
N SER A 586 -6.15 -35.94 -19.10
CA SER A 586 -5.92 -37.26 -19.67
C SER A 586 -5.47 -37.29 -21.13
N VAL A 587 -5.25 -36.15 -21.78
CA VAL A 587 -4.63 -36.14 -23.11
C VAL A 587 -3.14 -35.93 -22.95
N CYS A 588 -2.34 -36.84 -23.49
CA CYS A 588 -0.92 -36.82 -23.20
C CYS A 588 -0.12 -37.27 -24.40
N PRO A 589 1.15 -36.88 -24.48
CA PRO A 589 2.05 -37.46 -25.49
C PRO A 589 2.48 -38.87 -25.11
N LYS A 590 2.91 -39.60 -26.14
CA LYS A 590 3.41 -40.95 -25.94
C LYS A 590 4.76 -40.93 -25.23
N LEU A 591 4.94 -41.87 -24.32
CA LEU A 591 6.16 -41.94 -23.52
C LEU A 591 6.46 -43.40 -23.21
N GLU A 592 7.75 -43.76 -23.24
CA GLU A 592 8.18 -45.09 -22.85
C GLU A 592 8.01 -45.24 -21.34
N PHE A 593 7.04 -46.06 -20.92
CA PHE A 593 6.71 -46.22 -19.51
C PHE A 593 7.58 -47.33 -18.94
N ALA A 594 8.62 -46.96 -18.20
CA ALA A 594 9.48 -47.93 -17.55
C ALA A 594 8.79 -48.53 -16.33
N ASN A 595 9.38 -49.60 -15.80
CA ASN A 595 8.80 -50.28 -14.65
C ASN A 595 8.93 -49.46 -13.37
N ASP A 596 9.86 -48.52 -13.31
CA ASP A 596 10.02 -47.67 -12.13
C ASP A 596 9.22 -46.38 -12.26
N THR A 597 7.94 -46.52 -12.58
CA THR A 597 7.02 -45.40 -12.62
C THR A 597 5.76 -45.63 -11.80
N LYS A 598 5.53 -46.84 -11.31
CA LYS A 598 4.37 -47.10 -10.47
C LYS A 598 4.57 -46.49 -9.09
N ILE A 599 3.45 -46.26 -8.41
CA ILE A 599 3.49 -45.63 -7.09
C ILE A 599 4.07 -46.60 -6.06
N ALA A 600 3.71 -47.88 -6.16
CA ALA A 600 4.18 -48.89 -5.22
C ALA A 600 5.68 -49.14 -5.31
N SER A 601 6.30 -48.82 -6.44
CA SER A 601 7.75 -48.96 -6.55
C SER A 601 8.48 -47.90 -5.73
N GLN A 602 7.93 -46.69 -5.68
CA GLN A 602 8.62 -45.58 -5.02
C GLN A 602 7.79 -44.99 -3.90
N LEU A 603 7.22 -45.85 -3.05
CA LEU A 603 6.45 -45.36 -1.91
C LEU A 603 7.36 -44.71 -0.87
N GLY A 604 6.86 -43.63 -0.26
CA GLY A 604 7.58 -42.98 0.81
C GLY A 604 8.82 -42.23 0.38
N ASN A 605 8.93 -41.87 -0.90
CA ASN A 605 10.10 -41.18 -1.41
C ASN A 605 9.66 -39.90 -2.12
N CYS A 606 10.44 -38.84 -1.94
CA CYS A 606 10.16 -37.57 -2.60
C CYS A 606 10.40 -37.73 -4.10
N VAL A 607 9.33 -37.70 -4.88
CA VAL A 607 9.41 -37.88 -6.32
C VAL A 607 8.72 -36.72 -7.00
N GLU A 608 9.21 -36.39 -8.19
CA GLU A 608 8.61 -35.35 -9.03
C GLU A 608 7.49 -36.02 -9.83
N TYR A 609 6.26 -35.82 -9.37
CA TYR A 609 5.10 -36.46 -9.98
C TYR A 609 4.55 -35.60 -11.10
N SER A 610 4.19 -36.26 -12.21
CA SER A 610 3.47 -35.65 -13.31
C SER A 610 2.25 -36.53 -13.57
N LEU A 611 1.18 -36.30 -12.81
CA LEU A 611 -0.07 -37.03 -12.94
C LEU A 611 -0.84 -36.49 -14.14
N TYR A 612 -0.32 -36.83 -15.32
CA TYR A 612 -0.98 -36.64 -16.63
C TYR A 612 -1.45 -35.19 -16.81
N GLY A 613 -0.61 -34.26 -16.39
CA GLY A 613 -0.93 -32.84 -16.40
C GLY A 613 -0.86 -32.18 -15.03
N VAL A 614 -0.96 -32.95 -13.95
CA VAL A 614 -0.85 -32.40 -12.60
C VAL A 614 0.61 -32.55 -12.18
N SER A 615 1.36 -31.45 -12.23
CA SER A 615 2.80 -31.49 -12.00
C SER A 615 3.14 -31.02 -10.60
N GLY A 616 4.20 -31.60 -10.04
CA GLY A 616 4.71 -31.13 -8.77
C GLY A 616 5.77 -32.09 -8.24
N ARG A 617 6.16 -31.86 -6.99
CA ARG A 617 7.04 -32.77 -6.26
C ARG A 617 6.40 -33.09 -4.92
N GLY A 618 6.46 -34.36 -4.53
CA GLY A 618 5.79 -34.74 -3.30
C GLY A 618 6.13 -36.14 -2.87
N VAL A 619 5.57 -36.51 -1.72
CA VAL A 619 5.77 -37.82 -1.10
C VAL A 619 4.43 -38.56 -1.11
N PHE A 620 4.44 -39.79 -1.61
CA PHE A 620 3.29 -40.67 -1.59
C PHE A 620 3.29 -41.51 -0.31
N GLN A 621 2.09 -41.91 0.10
CA GLN A 621 1.91 -42.71 1.31
C GLN A 621 0.62 -43.51 1.15
N ASN A 622 0.48 -44.55 1.96
CA ASN A 622 -0.69 -45.42 1.89
C ASN A 622 -1.74 -44.97 2.90
N CYS A 623 -2.97 -44.77 2.44
CA CYS A 623 -4.07 -44.34 3.29
C CYS A 623 -5.32 -45.16 3.03
N THR A 624 -6.45 -44.74 3.62
CA THR A 624 -7.74 -45.36 3.40
C THR A 624 -8.54 -44.56 2.39
N ALA A 625 -9.50 -45.24 1.74
CA ALA A 625 -10.25 -44.67 0.62
C ALA A 625 -11.14 -43.53 1.10
N VAL A 626 -10.87 -42.33 0.58
CA VAL A 626 -11.57 -41.12 0.99
C VAL A 626 -11.92 -40.32 -0.28
N GLY A 627 -13.17 -39.95 -0.42
CA GLY A 627 -13.65 -39.22 -1.58
C GLY A 627 -14.44 -40.11 -2.52
N VAL A 628 -14.46 -39.70 -3.79
CA VAL A 628 -15.16 -40.45 -4.83
C VAL A 628 -14.13 -40.96 -5.83
N ARG A 629 -14.39 -42.15 -6.38
CA ARG A 629 -13.41 -42.80 -7.24
C ARG A 629 -13.37 -42.17 -8.63
N GLN A 630 -14.50 -41.64 -9.09
CA GLN A 630 -14.60 -41.20 -10.48
C GLN A 630 -13.78 -39.95 -10.74
N GLN A 631 -13.68 -39.05 -9.77
CA GLN A 631 -12.98 -37.79 -9.98
C GLN A 631 -11.47 -37.95 -9.97
N ARG A 632 -10.95 -38.83 -9.11
CA ARG A 632 -9.55 -39.24 -8.99
C ARG A 632 -8.62 -38.13 -8.52
N PHE A 633 -9.13 -36.98 -8.08
CA PHE A 633 -8.29 -35.89 -7.59
C PHE A 633 -9.00 -35.21 -6.43
N VAL A 634 -8.29 -35.01 -5.33
CA VAL A 634 -8.85 -34.36 -4.16
C VAL A 634 -7.95 -33.20 -3.74
N TYR A 635 -8.56 -32.14 -3.22
CA TYR A 635 -7.87 -30.94 -2.83
C TYR A 635 -8.33 -30.51 -1.44
N ASP A 636 -7.50 -29.71 -0.78
CA ASP A 636 -7.85 -29.12 0.50
C ASP A 636 -8.58 -27.81 0.27
N ALA A 637 -8.72 -27.01 1.32
CA ALA A 637 -9.31 -25.68 1.17
C ALA A 637 -8.37 -24.69 0.49
N TYR A 638 -7.08 -25.02 0.38
CA TYR A 638 -6.09 -24.11 -0.20
C TYR A 638 -5.61 -24.57 -1.57
N GLN A 639 -6.40 -25.40 -2.26
CA GLN A 639 -6.14 -25.87 -3.61
C GLN A 639 -4.80 -26.60 -3.72
N ASN A 640 -4.49 -27.43 -2.72
CA ASN A 640 -3.32 -28.29 -2.72
C ASN A 640 -3.78 -29.73 -2.86
N LEU A 641 -3.13 -30.47 -3.76
CA LEU A 641 -3.51 -31.86 -3.99
C LEU A 641 -3.24 -32.70 -2.75
N VAL A 642 -4.19 -33.57 -2.41
CA VAL A 642 -4.14 -34.33 -1.17
C VAL A 642 -3.89 -35.81 -1.42
N GLY A 643 -4.56 -36.39 -2.43
CA GLY A 643 -4.43 -37.81 -2.68
C GLY A 643 -4.80 -38.15 -4.10
N TYR A 644 -4.51 -39.39 -4.47
CA TYR A 644 -4.72 -39.86 -5.83
C TYR A 644 -5.12 -41.32 -5.82
N TYR A 645 -6.15 -41.65 -6.59
CA TYR A 645 -6.64 -43.01 -6.74
C TYR A 645 -5.88 -43.68 -7.88
N SER A 646 -4.95 -44.57 -7.53
CA SER A 646 -4.16 -45.23 -8.55
C SER A 646 -4.99 -46.25 -9.33
N ASP A 647 -4.49 -46.62 -10.50
CA ASP A 647 -5.23 -47.50 -11.40
C ASP A 647 -5.39 -48.92 -10.86
N ASP A 648 -4.54 -49.33 -9.92
CA ASP A 648 -4.65 -50.67 -9.36
C ASP A 648 -5.80 -50.81 -8.37
N GLY A 649 -6.45 -49.71 -7.99
CA GLY A 649 -7.46 -49.71 -6.97
C GLY A 649 -6.99 -49.27 -5.60
N ASN A 650 -5.76 -48.77 -5.49
CA ASN A 650 -5.20 -48.33 -4.22
C ASN A 650 -5.19 -46.80 -4.16
N TYR A 651 -5.48 -46.28 -2.99
CA TYR A 651 -5.47 -44.85 -2.74
C TYR A 651 -4.13 -44.46 -2.12
N TYR A 652 -3.50 -43.42 -2.66
CA TYR A 652 -2.21 -42.97 -2.16
C TYR A 652 -2.28 -41.48 -1.84
N CYS A 653 -1.97 -41.12 -0.61
CA CYS A 653 -1.91 -39.73 -0.20
C CYS A 653 -0.63 -39.09 -0.72
N LEU A 654 -0.77 -37.98 -1.43
CA LEU A 654 0.35 -37.17 -1.90
C LEU A 654 0.40 -35.95 -1.00
N ARG A 655 1.46 -35.81 -0.21
CA ARG A 655 1.45 -34.77 0.82
C ARG A 655 2.39 -33.62 0.52
N ALA A 656 3.70 -33.88 0.47
CA ALA A 656 4.72 -32.84 0.28
C ALA A 656 6.11 -33.45 0.20
N CYS A 657 7.02 -32.80 -0.52
CA CYS A 657 8.44 -33.10 -0.42
C CYS A 657 9.01 -32.13 0.63
N VAL A 658 8.86 -32.53 1.89
CA VAL A 658 9.17 -31.64 3.00
C VAL A 658 10.67 -31.43 3.13
N SER A 659 11.06 -30.18 3.35
CA SER A 659 12.46 -29.79 3.51
C SER A 659 12.77 -29.59 4.98
N VAL A 660 14.04 -29.34 5.26
CA VAL A 660 14.55 -29.16 6.62
C VAL A 660 15.04 -27.72 6.75
N PRO A 661 14.55 -26.94 7.69
CA PRO A 661 15.09 -25.60 7.91
C PRO A 661 16.46 -25.65 8.54
N VAL A 662 17.26 -24.62 8.28
CA VAL A 662 18.61 -24.52 8.82
C VAL A 662 18.78 -23.14 9.45
N SER A 663 19.41 -23.10 10.61
CA SER A 663 19.75 -21.87 11.30
C SER A 663 21.23 -21.90 11.65
N VAL A 664 21.77 -20.73 11.95
CA VAL A 664 23.20 -20.60 12.25
C VAL A 664 23.37 -19.83 13.55
N ILE A 665 24.30 -20.29 14.37
CA ILE A 665 24.74 -19.55 15.55
C ILE A 665 26.16 -19.06 15.29
N TYR A 666 26.34 -17.74 15.37
CA TYR A 666 27.62 -17.09 15.08
C TYR A 666 27.94 -16.12 16.20
N ASP A 667 29.21 -16.05 16.57
CA ASP A 667 29.65 -15.13 17.61
C ASP A 667 30.64 -14.12 17.03
N LYS A 668 30.47 -12.87 17.41
CA LYS A 668 31.46 -11.85 17.11
C LYS A 668 32.61 -11.95 18.11
N GLU A 669 33.77 -11.42 17.71
CA GLU A 669 35.06 -11.31 18.40
C GLU A 669 35.64 -12.66 18.84
N THR A 670 34.93 -13.75 18.53
CA THR A 670 35.45 -15.11 18.57
C THR A 670 34.86 -15.80 17.35
N LYS A 671 35.69 -16.10 16.36
CA LYS A 671 35.19 -16.56 15.05
C LYS A 671 34.67 -17.99 15.20
N THR A 672 33.48 -18.10 15.81
CA THR A 672 32.90 -19.38 16.18
C THR A 672 31.48 -19.43 15.66
N HIS A 673 31.17 -20.47 14.88
CA HIS A 673 29.83 -20.65 14.31
C HIS A 673 29.50 -22.13 14.25
N ALA A 674 28.21 -22.41 14.24
CA ALA A 674 27.69 -23.78 14.11
C ALA A 674 26.33 -23.72 13.45
N THR A 675 25.91 -24.86 12.92
CA THR A 675 24.67 -24.94 12.14
C THR A 675 23.66 -25.86 12.84
N LEU A 676 22.39 -25.62 12.56
CA LEU A 676 21.30 -26.34 13.19
C LEU A 676 20.24 -26.68 12.15
N PHE A 677 19.66 -27.87 12.28
CA PHE A 677 18.50 -28.29 11.50
C PHE A 677 17.35 -28.44 12.48
N GLY A 678 16.28 -27.68 12.25
CA GLY A 678 15.27 -27.48 13.27
C GLY A 678 14.25 -28.60 13.32
N SER A 679 14.05 -29.13 14.53
CA SER A 679 12.95 -30.06 14.85
C SER A 679 12.99 -31.31 13.98
N VAL A 680 14.18 -31.87 13.80
CA VAL A 680 14.37 -33.07 13.01
C VAL A 680 15.33 -33.99 13.75
N ALA A 681 15.07 -35.29 13.68
CA ALA A 681 16.01 -36.26 14.23
C ALA A 681 17.31 -36.26 13.42
N CYS A 682 18.39 -36.66 14.08
CA CYS A 682 19.71 -36.67 13.44
C CYS A 682 19.75 -37.85 12.47
N GLU A 683 19.29 -37.58 11.25
CA GLU A 683 19.21 -38.60 10.21
C GLU A 683 19.85 -38.11 8.93
N HIS A 684 19.86 -36.80 8.72
CA HIS A 684 20.29 -36.22 7.45
C HIS A 684 21.78 -35.93 7.50
N ILE A 685 22.49 -36.37 6.45
CA ILE A 685 23.93 -36.21 6.34
C ILE A 685 24.14 -35.35 5.09
N SER A 686 25.40 -35.08 4.72
CA SER A 686 25.78 -34.13 3.67
C SER A 686 25.47 -34.62 2.23
N SER A 687 24.68 -35.67 1.99
CA SER A 687 24.54 -36.20 0.64
C SER A 687 23.61 -35.36 -0.23
N THR A 688 22.33 -35.28 0.13
CA THR A 688 21.32 -34.66 -0.73
C THR A 688 21.28 -33.16 -0.45
N MET A 689 22.03 -32.40 -1.24
CA MET A 689 22.23 -30.98 -1.04
C MET A 689 21.47 -30.14 -2.07
N SER A 690 21.22 -28.89 -1.69
CA SER A 690 20.67 -27.88 -2.58
C SER A 690 21.37 -26.57 -2.26
N GLN A 691 20.78 -25.45 -2.69
CA GLN A 691 21.34 -24.09 -2.70
C GLN A 691 22.81 -24.07 -3.11
N TYR A 692 23.63 -23.21 -2.49
CA TYR A 692 24.97 -22.99 -3.00
C TYR A 692 26.00 -23.97 -2.43
N SER A 693 26.23 -23.92 -1.11
CA SER A 693 27.24 -24.75 -0.47
C SER A 693 27.08 -24.63 1.05
N ARG A 694 27.98 -25.29 1.77
CA ARG A 694 28.09 -25.18 3.22
C ARG A 694 29.51 -25.56 3.61
N SER A 695 29.89 -25.19 4.84
CA SER A 695 31.24 -25.48 5.30
C SER A 695 31.25 -25.70 6.80
N THR A 696 32.21 -26.50 7.24
CA THR A 696 32.45 -26.78 8.66
C THR A 696 33.95 -26.72 8.92
N ARG A 697 34.36 -27.20 10.08
CA ARG A 697 35.75 -27.25 10.47
C ARG A 697 36.26 -28.70 10.41
N SER A 698 37.49 -28.89 10.85
CA SER A 698 38.07 -30.24 10.90
C SER A 698 37.35 -31.08 11.95
N MET A 699 37.36 -32.40 11.74
CA MET A 699 36.60 -33.31 12.59
C MET A 699 37.37 -33.57 13.88
N TYR A 707 32.38 -37.10 15.34
CA TYR A 707 31.00 -37.47 15.12
C TYR A 707 30.32 -36.41 14.25
N GLY A 708 29.88 -35.31 14.88
CA GLY A 708 29.46 -34.14 14.15
C GLY A 708 28.01 -33.70 14.34
N PRO A 709 27.04 -34.61 14.26
CA PRO A 709 25.67 -34.26 14.65
C PRO A 709 25.53 -34.20 16.17
N LEU A 710 24.32 -33.84 16.61
CA LEU A 710 23.98 -33.86 18.02
C LEU A 710 22.46 -33.74 18.12
N GLN A 711 21.86 -34.59 18.94
CA GLN A 711 20.41 -34.61 19.08
C GLN A 711 19.99 -33.66 20.21
N THR A 712 19.07 -32.78 19.90
CA THR A 712 18.57 -31.74 20.79
C THR A 712 17.07 -31.66 20.66
N PRO A 713 16.37 -31.13 21.67
CA PRO A 713 14.93 -30.87 21.51
C PRO A 713 14.61 -29.90 20.39
N VAL A 714 15.55 -29.05 19.99
CA VAL A 714 15.35 -28.20 18.82
C VAL A 714 15.71 -28.90 17.52
N GLY A 715 16.38 -30.05 17.55
CA GLY A 715 16.66 -30.77 16.32
C GLY A 715 18.00 -31.46 16.24
N CYS A 716 18.70 -31.28 15.12
CA CYS A 716 20.00 -31.89 14.90
C CYS A 716 21.03 -30.81 14.66
N VAL A 717 22.12 -30.85 15.43
CA VAL A 717 23.07 -29.74 15.49
C VAL A 717 24.42 -30.21 14.97
N LEU A 718 24.99 -29.45 14.05
CA LEU A 718 26.34 -29.67 13.56
C LEU A 718 27.26 -28.57 14.08
N GLY A 719 28.41 -28.96 14.60
CA GLY A 719 29.41 -28.02 15.04
C GLY A 719 29.45 -27.73 16.52
N LEU A 720 28.72 -28.47 17.34
CA LEU A 720 28.71 -28.26 18.78
C LEU A 720 29.05 -29.55 19.51
N VAL A 721 29.76 -29.39 20.62
CA VAL A 721 30.01 -30.49 21.56
C VAL A 721 29.14 -30.29 22.78
N ASN A 722 28.50 -31.37 23.22
CA ASN A 722 27.60 -31.30 24.37
C ASN A 722 28.34 -31.56 25.66
N SER A 723 27.89 -30.89 26.71
CA SER A 723 28.51 -31.03 28.02
C SER A 723 27.47 -30.72 29.10
N SER A 724 27.70 -31.26 30.29
CA SER A 724 26.78 -31.06 31.41
C SER A 724 27.14 -29.76 32.13
N LEU A 725 26.89 -28.65 31.45
CA LEU A 725 27.16 -27.33 31.98
C LEU A 725 25.84 -26.58 32.15
N PHE A 726 25.81 -25.69 33.13
CA PHE A 726 24.62 -24.90 33.44
C PHE A 726 25.02 -23.43 33.49
N VAL A 727 24.33 -22.61 32.71
CA VAL A 727 24.63 -21.19 32.57
C VAL A 727 23.37 -20.40 32.85
N GLU A 728 23.46 -19.46 33.80
CA GLU A 728 22.34 -18.60 34.13
C GLU A 728 22.31 -17.30 33.35
N ASP A 729 23.36 -16.98 32.61
CA ASP A 729 23.48 -15.70 31.93
C ASP A 729 23.87 -15.90 30.48
N CYS A 730 23.14 -16.80 29.82
CA CYS A 730 23.43 -17.12 28.42
C CYS A 730 23.09 -15.95 27.52
N LYS A 731 24.03 -15.60 26.65
CA LYS A 731 23.85 -14.50 25.71
C LYS A 731 23.59 -14.98 24.29
N LEU A 732 23.63 -16.28 24.04
CA LEU A 732 23.36 -16.86 22.73
C LEU A 732 22.27 -17.92 22.92
N PRO A 733 21.02 -17.50 23.09
CA PRO A 733 19.95 -18.45 23.40
C PRO A 733 19.50 -19.19 22.16
N LEU A 734 19.77 -20.49 22.13
CA LEU A 734 19.51 -21.29 20.94
C LEU A 734 18.03 -21.59 20.73
N GLY A 735 17.27 -21.74 21.81
CA GLY A 735 15.91 -22.22 21.76
C GLY A 735 15.69 -23.35 22.75
N GLN A 736 14.40 -23.54 23.08
CA GLN A 736 13.98 -24.40 24.20
C GLN A 736 14.69 -23.99 25.47
N SER A 737 15.77 -24.67 25.84
CA SER A 737 16.64 -24.16 26.89
C SER A 737 18.10 -24.44 26.61
N LEU A 738 18.47 -24.50 25.34
CA LEU A 738 19.83 -24.81 24.94
C LEU A 738 20.60 -23.53 24.66
N CYS A 739 21.91 -23.58 24.88
CA CYS A 739 22.76 -22.40 24.73
C CYS A 739 24.14 -22.82 24.27
N ALA A 740 24.80 -21.91 23.55
CA ALA A 740 26.14 -22.14 23.03
C ALA A 740 27.13 -21.29 23.81
N LEU A 741 28.25 -21.88 24.20
CA LEU A 741 29.30 -21.19 24.95
C LEU A 741 30.56 -21.13 24.10
N PRO A 742 30.89 -19.98 23.52
CA PRO A 742 32.16 -19.86 22.78
C PRO A 742 33.36 -19.96 23.72
N ASP A 743 34.46 -20.44 23.16
CA ASP A 743 35.67 -20.69 23.93
C ASP A 743 36.58 -19.46 23.88
N THR A 744 37.06 -19.05 25.04
CA THR A 744 37.95 -17.90 25.15
C THR A 744 39.19 -18.23 25.98
N PRO A 757 40.60 -22.13 21.39
CA PRO A 757 39.28 -21.68 20.92
C PRO A 757 38.61 -22.69 19.99
N GLY A 758 38.06 -23.75 20.57
CA GLY A 758 37.39 -24.78 19.81
C GLY A 758 35.94 -24.45 19.56
N GLU A 759 35.17 -25.48 19.20
CA GLU A 759 33.75 -25.30 18.97
C GLU A 759 33.02 -25.05 20.28
N MET A 760 31.85 -24.42 20.17
CA MET A 760 31.15 -23.94 21.35
C MET A 760 30.56 -25.09 22.16
N ARG A 761 30.66 -24.97 23.49
CA ARG A 761 30.09 -25.98 24.36
C ARG A 761 28.57 -25.83 24.43
N LEU A 762 27.87 -26.95 24.33
CA LEU A 762 26.40 -26.92 24.42
C LEU A 762 26.00 -27.07 25.88
N ALA A 763 25.26 -26.09 26.39
CA ALA A 763 24.82 -26.10 27.77
C ALA A 763 23.30 -25.93 27.83
N SER A 764 22.74 -26.28 28.98
CA SER A 764 21.31 -26.11 29.22
C SER A 764 21.09 -24.86 30.06
N ILE A 765 20.11 -24.06 29.68
CA ILE A 765 19.76 -22.85 30.43
C ILE A 765 19.14 -23.29 31.75
N ALA A 766 19.87 -23.11 32.84
CA ALA A 766 19.45 -23.62 34.13
C ALA A 766 18.40 -22.71 34.76
N PHE A 767 17.83 -23.18 35.86
CA PHE A 767 16.84 -22.45 36.63
C PHE A 767 17.50 -22.01 37.92
N ASN A 768 17.54 -20.70 38.17
CA ASN A 768 18.06 -20.22 39.44
C ASN A 768 17.04 -20.57 40.51
N HIS A 769 17.29 -21.64 41.24
CA HIS A 769 16.43 -22.02 42.34
C HIS A 769 16.54 -20.96 43.44
N PRO A 770 15.44 -20.34 43.84
CA PRO A 770 15.50 -19.40 44.96
C PRO A 770 15.84 -20.12 46.26
N ILE A 771 16.38 -19.36 47.20
CA ILE A 771 16.86 -19.93 48.46
C ILE A 771 15.68 -20.51 49.22
N GLN A 772 15.68 -21.83 49.33
CA GLN A 772 14.54 -22.54 49.89
C GLN A 772 14.46 -22.32 51.40
N VAL A 773 13.23 -22.12 51.90
CA VAL A 773 12.97 -22.00 53.32
C VAL A 773 11.90 -23.04 53.69
N ASP A 774 12.12 -23.75 54.79
CA ASP A 774 11.21 -24.81 55.19
C ASP A 774 9.98 -24.25 55.87
N GLN A 775 8.86 -24.96 55.72
CA GLN A 775 7.61 -24.61 56.37
C GLN A 775 7.44 -25.52 57.58
N LEU A 776 7.32 -24.91 58.76
CA LEU A 776 7.07 -25.65 59.99
C LEU A 776 5.56 -25.64 60.27
N ASN A 777 5.00 -26.82 60.48
CA ASN A 777 3.58 -26.87 60.82
C ASN A 777 3.41 -26.86 62.34
N SER A 778 3.89 -25.80 62.96
CA SER A 778 3.72 -25.55 64.39
C SER A 778 3.48 -24.06 64.58
N SER A 779 3.48 -23.61 65.83
CA SER A 779 3.27 -22.20 66.10
C SER A 779 4.49 -21.35 65.74
N TYR A 780 5.68 -21.93 65.72
CA TYR A 780 6.88 -21.19 65.39
C TYR A 780 6.96 -20.96 63.88
N PHE A 781 8.05 -20.34 63.44
CA PHE A 781 8.24 -20.11 62.02
C PHE A 781 9.73 -20.04 61.70
N LYS A 782 10.09 -20.47 60.49
CA LYS A 782 11.44 -20.33 59.96
C LYS A 782 11.46 -19.15 58.99
N LEU A 783 12.16 -18.09 59.38
CA LEU A 783 12.23 -16.85 58.60
C LEU A 783 13.58 -16.75 57.91
N SER A 784 13.57 -16.09 56.75
CA SER A 784 14.79 -15.80 56.00
C SER A 784 15.04 -14.29 56.03
N ILE A 785 16.23 -13.89 56.44
CA ILE A 785 16.55 -12.46 56.47
C ILE A 785 17.93 -12.20 55.88
N PRO A 786 18.09 -11.16 55.07
CA PRO A 786 19.42 -10.80 54.60
C PRO A 786 20.29 -10.25 55.72
N THR A 787 21.61 -10.45 55.56
CA THR A 787 22.59 -9.91 56.50
C THR A 787 23.50 -8.87 55.89
N ASN A 788 23.64 -8.84 54.56
CA ASN A 788 24.54 -7.90 53.92
C ASN A 788 23.81 -7.28 52.75
N PHE A 789 24.24 -6.10 52.33
CA PHE A 789 23.50 -5.39 51.31
C PHE A 789 24.45 -4.54 50.47
N SER A 790 23.92 -4.12 49.32
CA SER A 790 24.65 -3.26 48.40
C SER A 790 23.65 -2.32 47.74
N PHE A 791 24.18 -1.22 47.21
CA PHE A 791 23.40 -0.30 46.40
C PHE A 791 23.67 -0.63 44.94
N GLY A 792 22.61 -0.97 44.20
CA GLY A 792 22.72 -1.29 42.80
C GLY A 792 22.11 -0.17 41.96
N VAL A 793 22.84 0.23 40.93
CA VAL A 793 22.34 1.20 39.98
C VAL A 793 21.65 0.47 38.84
N THR A 794 20.42 0.87 38.55
CA THR A 794 19.68 0.35 37.42
C THR A 794 19.44 1.50 36.46
N GLN A 795 19.87 1.33 35.22
CA GLN A 795 19.82 2.39 34.23
C GLN A 795 18.65 2.14 33.29
N GLU A 796 17.80 3.14 33.14
CA GLU A 796 16.60 3.05 32.33
C GLU A 796 16.58 4.20 31.33
N TYR A 797 15.97 3.97 30.19
CA TYR A 797 15.82 5.00 29.17
C TYR A 797 14.37 5.06 28.75
N ILE A 798 13.86 6.27 28.52
CA ILE A 798 12.51 6.45 28.00
C ILE A 798 12.58 7.39 26.80
N GLN A 799 12.14 6.90 25.64
CA GLN A 799 12.09 7.69 24.42
C GLN A 799 10.91 8.65 24.54
N THR A 800 11.16 9.83 25.09
CA THR A 800 10.05 10.73 25.41
C THR A 800 9.51 11.45 24.18
N THR A 801 10.33 11.66 23.15
CA THR A 801 9.87 12.26 21.91
C THR A 801 10.87 11.93 20.81
N ILE A 802 10.37 11.75 19.60
CA ILE A 802 11.25 11.53 18.44
C ILE A 802 11.70 12.87 17.93
N GLN A 803 12.71 12.88 17.06
CA GLN A 803 13.21 14.13 16.50
C GLN A 803 12.18 14.76 15.57
N LYS A 804 11.94 16.05 15.77
CA LYS A 804 10.95 16.76 14.95
C LYS A 804 11.52 17.00 13.57
N VAL A 805 10.86 16.45 12.55
CA VAL A 805 11.32 16.53 11.17
C VAL A 805 10.14 16.92 10.30
N THR A 806 10.41 17.73 9.28
CA THR A 806 9.40 18.04 8.26
C THR A 806 10.05 17.93 6.89
N VAL A 807 9.20 17.78 5.88
CA VAL A 807 9.67 17.63 4.51
C VAL A 807 8.95 18.66 3.63
N ASP A 808 9.71 19.29 2.74
CA ASP A 808 9.15 20.17 1.72
C ASP A 808 8.70 19.29 0.56
N CYS A 809 7.39 19.23 0.33
CA CYS A 809 6.84 18.24 -0.60
C CYS A 809 7.30 18.50 -2.03
N LYS A 810 7.14 19.73 -2.52
CA LYS A 810 7.50 20.01 -3.90
C LYS A 810 9.01 19.97 -4.11
N GLN A 811 9.77 20.40 -3.10
CA GLN A 811 11.23 20.35 -3.22
C GLN A 811 11.75 18.92 -3.22
N TYR A 812 11.22 18.07 -2.33
CA TYR A 812 11.69 16.69 -2.24
C TYR A 812 11.27 15.88 -3.45
N VAL A 813 9.98 15.95 -3.81
CA VAL A 813 9.48 15.10 -4.89
C VAL A 813 9.83 15.65 -6.27
N CYS A 814 10.00 16.97 -6.39
CA CYS A 814 10.12 17.61 -7.69
C CYS A 814 11.51 18.14 -8.00
N ASN A 815 12.25 18.61 -6.99
CA ASN A 815 13.62 19.15 -7.14
C ASN A 815 13.67 20.33 -8.10
N GLY A 816 12.64 21.18 -8.05
CA GLY A 816 12.65 22.46 -8.74
C GLY A 816 12.71 22.43 -10.25
N PHE A 817 11.90 21.60 -10.89
CA PHE A 817 11.80 21.56 -12.34
C PHE A 817 10.38 21.92 -12.77
N GLN A 818 10.28 22.71 -13.84
CA GLN A 818 9.00 23.31 -14.21
C GLN A 818 8.03 22.26 -14.75
N LYS A 819 8.50 21.40 -15.66
CA LYS A 819 7.62 20.38 -16.22
C LYS A 819 7.24 19.36 -15.16
N CYS A 820 8.17 19.07 -14.25
CA CYS A 820 7.88 18.32 -13.03
C CYS A 820 6.78 18.98 -12.21
N GLU A 821 6.85 20.30 -12.05
CA GLU A 821 5.83 21.01 -11.28
C GLU A 821 4.46 20.92 -11.95
N GLN A 822 4.42 21.06 -13.27
CA GLN A 822 3.16 20.94 -13.99
C GLN A 822 2.59 19.54 -13.90
N LEU A 823 3.44 18.51 -13.93
CA LEU A 823 2.95 17.15 -13.73
C LEU A 823 2.61 16.85 -12.28
N LEU A 824 3.09 17.66 -11.34
CA LEU A 824 2.74 17.47 -9.94
C LEU A 824 1.45 18.18 -9.54
N ARG A 825 1.09 19.27 -10.23
CA ARG A 825 -0.06 20.06 -9.80
C ARG A 825 -1.40 19.34 -9.96
N GLU A 826 -1.48 18.26 -10.75
CA GLU A 826 -2.75 17.55 -10.86
C GLU A 826 -3.07 16.81 -9.57
N TYR A 827 -2.04 16.35 -8.84
CA TYR A 827 -2.26 15.67 -7.58
C TYR A 827 -2.72 16.65 -6.50
N GLY A 828 -2.08 17.81 -6.43
CA GLY A 828 -2.59 18.90 -5.60
C GLY A 828 -2.43 18.71 -4.10
N GLN A 829 -3.54 18.41 -3.43
CA GLN A 829 -3.65 18.41 -1.98
C GLN A 829 -2.85 17.30 -1.29
N PHE A 830 -2.18 16.42 -2.04
CA PHE A 830 -1.35 15.39 -1.42
C PHE A 830 -0.21 16.01 -0.63
N CYS A 831 0.44 17.03 -1.20
CA CYS A 831 1.45 17.78 -0.46
C CYS A 831 0.85 18.47 0.75
N SER A 832 -0.36 19.03 0.59
CA SER A 832 -1.04 19.66 1.71
C SER A 832 -1.41 18.61 2.77
N LYS A 833 -1.80 17.42 2.33
CA LYS A 833 -2.15 16.36 3.28
C LYS A 833 -0.95 15.92 4.10
N ILE A 834 0.18 15.68 3.44
CA ILE A 834 1.36 15.23 4.18
C ILE A 834 1.92 16.35 5.06
N ASN A 835 1.84 17.61 4.60
CA ASN A 835 2.28 18.72 5.43
C ASN A 835 1.40 18.87 6.66
N GLN A 836 0.08 18.70 6.50
CA GLN A 836 -0.82 18.78 7.64
C GLN A 836 -0.58 17.65 8.62
N ALA A 837 -0.35 16.44 8.12
CA ALA A 837 -0.09 15.31 9.00
C ALA A 837 1.21 15.49 9.78
N LEU A 838 2.27 15.92 9.10
CA LEU A 838 3.55 16.13 9.79
C LEU A 838 3.47 17.28 10.79
N HIS A 839 2.75 18.34 10.43
CA HIS A 839 2.62 19.46 11.37
C HIS A 839 1.77 19.08 12.57
N GLY A 840 0.73 18.27 12.36
CA GLY A 840 -0.04 17.79 13.49
C GLY A 840 0.77 16.90 14.42
N ALA A 841 1.60 16.02 13.84
CA ALA A 841 2.46 15.18 14.67
C ALA A 841 3.49 16.01 15.43
N ASN A 842 4.07 17.02 14.77
CA ASN A 842 5.03 17.90 15.43
C ASN A 842 4.38 18.70 16.56
N LEU A 843 3.16 19.19 16.33
CA LEU A 843 2.46 19.94 17.38
C LEU A 843 2.07 19.03 18.53
N ARG A 844 1.72 17.77 18.24
CA ARG A 844 1.42 16.82 19.30
C ARG A 844 2.65 16.54 20.16
N GLN A 845 3.80 16.34 19.51
CA GLN A 845 5.04 16.13 20.26
C GLN A 845 5.43 17.36 21.05
N ASP A 846 5.20 18.54 20.48
CA ASP A 846 5.51 19.79 21.18
C ASP A 846 4.63 19.96 22.40
N ASP A 847 3.34 19.64 22.28
CA ASP A 847 2.42 19.71 23.41
C ASP A 847 2.81 18.70 24.48
N SER A 848 3.23 17.49 24.06
CA SER A 848 3.66 16.49 25.04
C SER A 848 4.91 16.96 25.79
N VAL A 849 5.87 17.56 25.07
CA VAL A 849 7.09 18.06 25.69
C VAL A 849 6.77 19.18 26.67
N ARG A 850 5.89 20.11 26.28
CA ARG A 850 5.51 21.20 27.16
C ARG A 850 4.76 20.69 28.40
N ASN A 851 3.90 19.68 28.21
CA ASN A 851 3.15 19.13 29.33
C ASN A 851 4.07 18.42 30.32
N LEU A 852 5.01 17.61 29.81
CA LEU A 852 5.92 16.92 30.72
C LEU A 852 6.88 17.88 31.40
N PHE A 853 7.28 18.96 30.72
CA PHE A 853 8.15 19.91 31.37
C PHE A 853 7.41 20.78 32.38
N ALA A 854 6.11 20.99 32.17
CA ALA A 854 5.31 21.61 33.23
C ALA A 854 5.12 20.65 34.40
N SER A 855 5.06 19.35 34.13
CA SER A 855 4.92 18.37 35.20
C SER A 855 6.20 18.26 36.03
N VAL A 856 7.36 18.27 35.38
CA VAL A 856 8.63 18.17 36.09
C VAL A 856 9.12 19.51 36.60
N LYS A 857 8.42 20.60 36.30
CA LYS A 857 8.77 21.92 36.84
C LYS A 857 8.50 21.91 38.33
N SER A 858 9.56 21.85 39.12
CA SER A 858 9.42 21.82 40.57
C SER A 858 8.91 23.17 41.07
N SER A 859 8.01 23.12 42.05
CA SER A 859 7.50 24.35 42.64
C SER A 859 8.60 25.11 43.37
N GLN A 860 9.44 24.40 44.11
CA GLN A 860 10.51 25.02 44.87
C GLN A 860 11.73 24.11 44.87
N SER A 861 12.91 24.71 44.64
CA SER A 861 14.15 23.95 44.57
C SER A 861 15.21 24.51 45.51
N SER A 862 16.43 23.99 45.42
CA SER A 862 17.56 24.37 46.25
C SER A 862 18.74 24.68 45.36
N PRO A 863 19.63 25.59 45.77
CA PRO A 863 20.83 25.86 44.98
C PRO A 863 21.77 24.67 44.95
N ILE A 864 22.53 24.58 43.87
CA ILE A 864 23.53 23.54 43.69
C ILE A 864 24.90 24.17 43.92
N ILE A 865 25.64 23.63 44.88
CA ILE A 865 26.95 24.15 45.25
C ILE A 865 27.94 23.01 45.17
N PRO A 866 29.23 23.32 44.98
CA PRO A 866 30.26 22.28 45.10
C PRO A 866 30.26 21.68 46.51
N GLY A 867 30.51 20.38 46.58
CA GLY A 867 30.34 19.67 47.83
C GLY A 867 28.91 19.37 48.18
N PHE A 868 28.03 19.28 47.19
CA PHE A 868 26.64 18.94 47.44
C PHE A 868 26.52 17.50 47.91
N GLY A 869 25.70 17.29 48.93
CA GLY A 869 25.53 15.99 49.53
C GLY A 869 26.56 15.64 50.58
N GLY A 870 27.52 16.51 50.84
CA GLY A 870 28.52 16.27 51.87
C GLY A 870 29.44 15.11 51.59
N ASP A 871 29.37 14.08 52.44
CA ASP A 871 30.19 12.90 52.23
C ASP A 871 29.70 12.08 51.04
N PHE A 872 28.42 12.17 50.72
CA PHE A 872 27.87 11.48 49.56
C PHE A 872 28.37 12.15 48.29
N ASN A 873 29.24 11.47 47.56
CA ASN A 873 29.82 12.04 46.34
C ASN A 873 28.82 11.92 45.21
N LEU A 874 28.23 13.05 44.84
CA LEU A 874 27.26 13.11 43.74
C LEU A 874 27.67 14.12 42.67
N THR A 875 28.96 14.47 42.63
CA THR A 875 29.46 15.51 41.72
C THR A 875 29.39 15.10 40.25
N LEU A 876 29.11 13.83 39.96
CA LEU A 876 28.80 13.44 38.58
C LEU A 876 27.54 14.16 38.11
N LEU A 877 26.54 14.27 38.98
CA LEU A 877 25.30 14.96 38.67
C LEU A 877 25.40 16.46 38.83
N GLU A 878 26.53 16.98 39.33
CA GLU A 878 26.67 18.42 39.52
C GLU A 878 26.81 19.12 38.18
N PRO A 879 26.01 20.15 37.91
CA PRO A 879 26.11 20.88 36.63
C PRO A 879 27.29 21.82 36.62
N VAL A 880 28.29 21.51 35.80
CA VAL A 880 29.45 22.38 35.64
C VAL A 880 30.05 22.17 34.26
N ALA A 889 25.16 25.34 32.38
CA ALA A 889 25.46 24.31 31.40
C ALA A 889 25.09 22.92 31.92
N ARG A 890 25.56 21.89 31.21
CA ARG A 890 25.23 20.52 31.54
C ARG A 890 26.03 20.04 32.75
N SER A 891 25.80 18.78 33.12
CA SER A 891 26.55 18.13 34.18
C SER A 891 27.59 17.18 33.57
N ALA A 892 28.43 16.62 34.46
CA ALA A 892 29.49 15.73 34.01
C ALA A 892 28.93 14.43 33.44
N ILE A 893 27.92 13.86 34.10
CA ILE A 893 27.36 12.60 33.62
C ILE A 893 26.61 12.80 32.31
N GLU A 894 25.95 13.95 32.14
CA GLU A 894 25.26 14.23 30.89
C GLU A 894 26.25 14.45 29.75
N ASP A 895 27.36 15.14 30.03
CA ASP A 895 28.38 15.33 29.00
C ASP A 895 29.05 14.01 28.64
N LEU A 896 29.25 13.13 29.63
CA LEU A 896 29.80 11.81 29.36
C LEU A 896 28.85 10.98 28.52
N LEU A 897 27.54 11.07 28.80
CA LEU A 897 26.56 10.32 28.02
C LEU A 897 26.48 10.85 26.60
N PHE A 898 26.51 12.18 26.42
CA PHE A 898 26.47 12.74 25.08
C PHE A 898 27.76 12.48 24.31
N ASP A 899 28.89 12.37 25.01
CA ASP A 899 30.15 12.08 24.33
C ASP A 899 30.22 10.63 23.88
N LYS A 900 29.78 9.69 24.72
CA LYS A 900 29.91 8.27 24.42
C LYS A 900 28.88 7.77 23.42
N VAL A 901 27.86 8.56 23.09
CA VAL A 901 26.86 8.20 22.11
C VAL A 901 27.18 8.92 20.80
N THR A 902 27.14 8.20 19.69
CA THR A 902 27.43 8.77 18.37
C THR A 902 26.34 9.77 18.03
N ILE A 903 26.66 11.06 18.14
CA ILE A 903 25.70 12.14 17.95
C ILE A 903 26.30 13.14 16.97
N ALA A 904 25.51 13.52 15.97
CA ALA A 904 25.91 14.53 15.00
C ALA A 904 25.08 15.79 15.24
N ASP A 905 25.76 16.92 15.41
CA ASP A 905 25.08 18.20 15.58
C ASP A 905 24.45 18.60 14.25
N PRO A 906 23.14 18.88 14.20
CA PRO A 906 22.50 19.14 12.91
C PRO A 906 22.66 20.56 12.40
N GLY A 907 23.84 21.14 12.58
CA GLY A 907 24.20 22.40 11.93
C GLY A 907 23.28 23.58 12.22
N TYR A 908 22.89 23.75 13.47
CA TYR A 908 21.95 24.82 13.81
C TYR A 908 22.54 26.22 13.73
N MET A 909 23.86 26.36 13.67
CA MET A 909 24.49 27.67 13.53
C MET A 909 24.96 27.93 12.11
N GLN A 910 25.77 27.05 11.56
CA GLN A 910 26.34 27.23 10.23
C GLN A 910 26.23 25.95 9.42
N GLY A 911 25.06 25.29 9.48
CA GLY A 911 24.85 24.09 8.67
C GLY A 911 24.85 24.37 7.18
N TYR A 912 24.31 25.52 6.78
CA TYR A 912 24.46 25.97 5.39
C TYR A 912 25.92 26.18 5.06
N ASP A 913 26.68 26.80 5.96
CA ASP A 913 28.12 26.92 5.76
C ASP A 913 28.82 25.58 5.88
N ASP A 914 28.29 24.67 6.71
CA ASP A 914 28.85 23.33 6.81
C ASP A 914 28.73 22.58 5.49
N CYS A 915 27.62 22.78 4.77
CA CYS A 915 27.52 22.23 3.43
C CYS A 915 28.26 23.08 2.40
N MET A 916 28.58 24.33 2.73
CA MET A 916 29.25 25.21 1.77
C MET A 916 30.74 24.95 1.70
N GLN A 917 31.48 25.15 2.79
CA GLN A 917 32.94 25.09 2.72
C GLN A 917 33.51 23.75 3.19
N GLN A 918 33.12 23.25 4.36
CA GLN A 918 33.63 21.96 4.84
C GLN A 918 32.55 21.14 5.52
N LEU A 926 27.41 13.24 6.52
CA LEU A 926 26.09 12.62 6.41
C LEU A 926 25.01 13.65 6.74
N ILE A 927 25.35 14.57 7.65
CA ILE A 927 24.40 15.62 8.05
C ILE A 927 24.32 16.74 7.01
N CYS A 928 25.20 16.76 6.02
CA CYS A 928 25.03 17.67 4.90
C CYS A 928 23.88 17.25 4.00
N ALA A 929 23.47 15.99 4.04
CA ALA A 929 22.40 15.49 3.20
C ALA A 929 21.01 15.93 3.67
N GLN A 930 20.89 16.50 4.88
CA GLN A 930 19.57 16.88 5.36
C GLN A 930 19.09 18.19 4.74
N TYR A 931 19.95 18.90 4.02
CA TYR A 931 19.58 20.09 3.27
C TYR A 931 19.38 19.82 1.78
N VAL A 932 20.26 19.03 1.18
CA VAL A 932 20.22 18.86 -0.28
C VAL A 932 19.09 17.92 -0.69
N ALA A 933 18.66 17.04 0.20
CA ALA A 933 17.66 16.04 -0.15
C ALA A 933 16.23 16.58 -0.06
N GLY A 934 16.05 17.81 0.43
CA GLY A 934 14.74 18.44 0.40
C GLY A 934 13.85 18.17 1.60
N TYR A 935 14.39 18.35 2.79
CA TYR A 935 13.60 18.33 4.02
C TYR A 935 14.37 19.16 5.06
N LYS A 936 13.91 19.13 6.30
CA LYS A 936 14.65 19.77 7.38
C LYS A 936 14.27 19.15 8.72
N VAL A 937 15.14 19.36 9.69
CA VAL A 937 14.92 18.91 11.07
C VAL A 937 14.67 20.14 11.91
N LEU A 938 13.50 20.18 12.55
CA LEU A 938 13.14 21.33 13.36
C LEU A 938 14.02 21.40 14.61
N PRO A 939 14.34 22.60 15.07
CA PRO A 939 15.02 22.73 16.36
C PRO A 939 14.13 22.29 17.49
N PRO A 940 14.68 21.77 18.59
CA PRO A 940 13.85 21.38 19.72
C PRO A 940 13.24 22.59 20.42
N LEU A 941 12.18 22.31 21.19
CA LEU A 941 11.41 23.36 21.85
C LEU A 941 12.22 24.08 22.93
N MET A 942 13.24 23.43 23.47
CA MET A 942 14.04 24.00 24.55
C MET A 942 15.49 24.14 24.11
N ASP A 943 16.26 25.04 24.66
CA ASP A 943 17.64 25.03 24.25
C ASP A 943 18.25 24.04 25.09
N VAL A 944 19.42 23.61 24.74
CA VAL A 944 20.09 22.74 25.63
C VAL A 944 20.22 23.42 26.95
N ASN A 945 20.64 24.66 26.95
CA ASN A 945 20.83 25.31 28.20
C ASN A 945 19.66 25.27 29.10
N MET A 946 18.45 25.25 28.60
CA MET A 946 17.37 25.28 29.54
C MET A 946 16.97 23.94 29.99
N GLU A 947 17.30 22.94 29.24
CA GLU A 947 16.84 21.65 29.59
C GLU A 947 17.55 21.54 30.81
N ALA A 948 18.77 21.92 30.77
CA ALA A 948 19.52 21.70 31.92
C ALA A 948 19.01 22.28 33.15
N ALA A 949 18.48 23.46 33.08
CA ALA A 949 18.12 24.02 34.35
C ALA A 949 17.16 23.10 34.95
N TYR A 950 16.27 22.72 34.13
CA TYR A 950 15.20 21.86 34.62
C TYR A 950 15.74 20.68 35.42
N THR A 951 16.80 20.03 34.92
CA THR A 951 17.41 18.93 35.65
C THR A 951 18.12 19.41 36.90
N SER A 952 18.68 20.63 36.88
CA SER A 952 19.26 21.20 38.09
C SER A 952 18.20 21.42 39.16
N SER A 953 17.03 21.93 38.75
CA SER A 953 15.93 22.10 39.69
C SER A 953 15.43 20.77 40.23
N LEU A 954 15.37 19.75 39.37
CA LEU A 954 14.94 18.42 39.83
C LEU A 954 15.94 17.83 40.82
N LEU A 955 17.24 18.00 40.54
CA LEU A 955 18.26 17.52 41.47
C LEU A 955 18.24 18.30 42.78
N GLY A 956 17.89 19.58 42.74
CA GLY A 956 17.73 20.32 43.97
C GLY A 956 16.48 19.97 44.75
N SER A 957 15.45 19.47 44.07
CA SER A 957 14.17 19.19 44.72
C SER A 957 13.99 17.75 45.16
N ILE A 958 14.77 16.81 44.61
CA ILE A 958 14.59 15.40 45.02
C ILE A 958 14.98 15.20 46.48
N ALA A 959 15.97 15.94 46.97
CA ALA A 959 16.36 15.80 48.37
C ALA A 959 15.32 16.36 49.31
N GLY A 960 14.41 17.20 48.83
CA GLY A 960 13.47 17.87 49.70
C GLY A 960 12.03 17.39 49.64
N VAL A 961 11.54 17.08 48.43
CA VAL A 961 10.14 16.69 48.28
C VAL A 961 9.90 15.34 48.94
N GLY A 962 10.83 14.40 48.80
CA GLY A 962 10.65 13.08 49.36
C GLY A 962 10.89 12.96 50.85
N TRP A 963 10.16 13.76 51.63
CA TRP A 963 10.21 13.65 53.09
C TRP A 963 8.84 13.51 53.72
N THR A 964 7.83 14.19 53.17
CA THR A 964 6.47 14.08 53.66
C THR A 964 5.53 14.20 52.46
N ALA A 965 4.41 13.49 52.52
CA ALA A 965 3.43 13.52 51.44
C ALA A 965 2.81 14.90 51.31
N GLY A 966 2.50 15.29 50.07
CA GLY A 966 2.00 16.61 49.79
C GLY A 966 3.03 17.48 49.11
N LEU A 967 2.71 17.98 47.93
CA LEU A 967 3.65 18.79 47.14
C LEU A 967 3.64 20.25 47.55
N SER A 968 2.81 20.64 48.52
CA SER A 968 2.64 22.06 48.84
C SER A 968 3.88 22.64 49.49
N SER A 969 4.45 21.94 50.48
CA SER A 969 5.59 22.44 51.20
C SER A 969 6.88 21.99 50.52
N PHE A 970 7.99 22.60 50.95
CA PHE A 970 9.31 22.18 50.52
C PHE A 970 10.24 22.07 51.71
N ALA A 971 11.02 20.99 51.74
CA ALA A 971 11.81 20.58 52.89
C ALA A 971 13.21 20.17 52.45
N ALA A 972 13.92 21.07 51.75
CA ALA A 972 15.19 20.72 51.12
C ALA A 972 16.30 20.44 52.13
N ILE A 973 16.21 19.30 52.81
CA ILE A 973 17.22 18.78 53.73
C ILE A 973 18.47 18.46 52.92
N PRO A 974 19.67 18.56 53.50
CA PRO A 974 20.86 18.01 52.84
C PRO A 974 20.70 16.54 52.52
N PHE A 975 21.42 16.11 51.48
CA PHE A 975 21.15 14.83 50.82
C PHE A 975 21.39 13.64 51.74
N ALA A 976 22.38 13.74 52.63
CA ALA A 976 22.75 12.61 53.48
C ALA A 976 21.62 12.23 54.43
N GLN A 977 20.98 13.21 55.05
CA GLN A 977 19.86 12.90 55.93
C GLN A 977 18.62 12.47 55.15
N SER A 978 18.48 12.91 53.91
CA SER A 978 17.41 12.38 53.06
C SER A 978 17.60 10.89 52.78
N ILE A 979 18.84 10.50 52.50
CA ILE A 979 19.16 9.07 52.31
C ILE A 979 18.90 8.31 53.61
N PHE A 980 19.28 8.89 54.75
CA PHE A 980 19.05 8.23 56.03
C PHE A 980 17.56 8.03 56.31
N TYR A 981 16.75 9.05 56.03
CA TYR A 981 15.31 8.94 56.24
C TYR A 981 14.68 7.92 55.28
N ARG A 982 15.13 7.89 54.03
CA ARG A 982 14.59 6.91 53.09
C ARG A 982 14.99 5.49 53.49
N LEU A 983 16.22 5.30 53.95
CA LEU A 983 16.64 3.99 54.41
C LEU A 983 15.90 3.56 55.66
N ASN A 984 15.56 4.50 56.54
CA ASN A 984 14.67 4.20 57.65
C ASN A 984 13.29 3.80 57.15
N GLY A 985 12.80 4.47 56.10
CA GLY A 985 11.48 4.21 55.59
C GLY A 985 11.33 2.90 54.84
N VAL A 986 12.42 2.36 54.29
CA VAL A 986 12.30 1.15 53.49
C VAL A 986 12.49 -0.09 54.37
N GLY A 987 12.48 0.08 55.68
CA GLY A 987 12.46 -1.06 56.57
C GLY A 987 13.79 -1.45 57.16
N ILE A 988 14.62 -0.46 57.49
CA ILE A 988 15.88 -0.67 58.19
C ILE A 988 15.83 0.13 59.48
N THR A 989 16.29 -0.48 60.57
CA THR A 989 16.20 0.17 61.87
C THR A 989 17.17 1.34 61.97
N GLN A 990 16.86 2.27 62.88
CA GLN A 990 17.65 3.47 63.03
C GLN A 990 18.98 3.22 63.73
N GLN A 991 19.12 2.09 64.42
CA GLN A 991 20.35 1.81 65.14
C GLN A 991 21.52 1.59 64.19
N VAL A 992 21.33 0.73 63.18
CA VAL A 992 22.41 0.43 62.25
C VAL A 992 22.70 1.64 61.37
N LEU A 993 21.70 2.45 61.05
CA LEU A 993 21.94 3.71 60.35
C LEU A 993 22.74 4.67 61.22
N SER A 994 22.46 4.69 62.52
CA SER A 994 23.16 5.58 63.43
C SER A 994 24.59 5.15 63.70
N GLU A 995 24.90 3.86 63.57
CA GLU A 995 26.24 3.41 63.88
C GLU A 995 27.11 3.13 62.66
N ASN A 996 26.53 3.06 61.46
CA ASN A 996 27.27 2.57 60.30
C ASN A 996 27.11 3.54 59.11
N GLN A 997 27.31 4.83 59.36
CA GLN A 997 27.22 5.81 58.29
C GLN A 997 28.38 5.70 57.30
N LYS A 998 29.57 5.39 57.79
CA LYS A 998 30.76 5.42 56.95
C LYS A 998 30.74 4.32 55.89
N LEU A 999 30.36 3.10 56.29
CA LEU A 999 30.38 1.99 55.34
C LEU A 999 29.28 2.14 54.30
N ILE A 1000 28.10 2.61 54.70
CA ILE A 1000 27.04 2.81 53.71
C ILE A 1000 27.38 3.99 52.81
N ALA A 1001 28.09 5.00 53.33
CA ALA A 1001 28.56 6.10 52.48
C ALA A 1001 29.56 5.61 51.45
N ASN A 1002 30.49 4.74 51.87
CA ASN A 1002 31.46 4.17 50.95
C ASN A 1002 30.78 3.29 49.91
N LYS A 1003 29.76 2.52 50.33
CA LYS A 1003 29.02 1.67 49.40
C LYS A 1003 28.26 2.50 48.37
N PHE A 1004 27.62 3.59 48.82
CA PHE A 1004 26.91 4.47 47.90
C PHE A 1004 27.88 5.15 46.92
N ASN A 1005 29.04 5.59 47.42
CA ASN A 1005 30.03 6.23 46.56
C ASN A 1005 30.57 5.24 45.53
N GLN A 1006 30.85 4.01 45.96
CA GLN A 1006 31.33 2.99 45.03
C GLN A 1006 30.27 2.62 44.00
N ALA A 1007 29.00 2.56 44.42
CA ALA A 1007 27.91 2.28 43.49
C ALA A 1007 27.76 3.37 42.45
N LEU A 1008 27.89 4.64 42.86
CA LEU A 1008 27.81 5.73 41.90
C LEU A 1008 29.01 5.74 40.97
N GLY A 1009 30.21 5.46 41.50
CA GLY A 1009 31.40 5.48 40.66
C GLY A 1009 31.54 4.28 39.75
N ALA A 1010 30.85 3.18 40.04
CA ALA A 1010 30.96 1.99 39.21
C ALA A 1010 30.37 2.21 37.83
N MET A 1011 29.23 2.89 37.74
CA MET A 1011 28.57 3.06 36.46
C MET A 1011 29.19 4.16 35.60
N GLN A 1012 30.14 4.93 36.14
CA GLN A 1012 30.80 5.95 35.34
C GLN A 1012 31.63 5.34 34.22
N THR A 1013 32.36 4.27 34.51
CA THR A 1013 33.12 3.57 33.49
C THR A 1013 32.32 2.46 32.82
N GLY A 1014 31.10 2.21 33.28
CA GLY A 1014 30.27 1.18 32.70
C GLY A 1014 29.53 1.57 31.45
N PHE A 1015 29.68 2.80 30.98
CA PHE A 1015 28.98 3.25 29.80
C PHE A 1015 29.56 2.61 28.55
N THR A 1016 29.07 1.43 28.21
CA THR A 1016 29.57 0.68 27.06
C THR A 1016 28.41 -0.15 26.51
N THR A 1017 28.73 -1.16 25.70
CA THR A 1017 27.70 -2.01 25.11
C THR A 1017 26.98 -2.85 26.16
N THR A 1018 27.64 -3.14 27.29
CA THR A 1018 27.07 -4.00 28.31
C THR A 1018 25.88 -3.36 29.02
N ASN A 1019 25.75 -2.03 28.98
CA ASN A 1019 24.62 -1.36 29.61
C ASN A 1019 23.40 -1.41 28.71
N GLU A 1020 22.27 -1.86 29.25
CA GLU A 1020 21.06 -2.01 28.44
C GLU A 1020 20.46 -0.66 28.09
N ALA A 1021 20.50 0.30 29.02
CA ALA A 1021 19.96 1.62 28.72
C ALA A 1021 20.81 2.35 27.69
N PHE A 1022 22.12 2.17 27.74
CA PHE A 1022 23.00 2.72 26.70
C PHE A 1022 22.69 2.10 25.35
N GLN A 1023 22.43 0.79 25.32
CA GLN A 1023 22.05 0.13 24.08
C GLN A 1023 20.71 0.66 23.57
N LYS A 1024 19.77 0.94 24.47
CA LYS A 1024 18.48 1.47 24.05
C LYS A 1024 18.62 2.90 23.51
N VAL A 1025 19.50 3.70 24.12
CA VAL A 1025 19.76 5.04 23.63
C VAL A 1025 20.37 5.00 22.24
N GLN A 1026 21.34 4.10 22.05
CA GLN A 1026 21.96 3.92 20.74
C GLN A 1026 20.96 3.41 19.72
N ASP A 1027 20.05 2.54 20.14
CA ASP A 1027 19.01 2.03 19.23
C ASP A 1027 18.04 3.12 18.83
N ALA A 1028 17.67 4.00 19.76
CA ALA A 1028 16.78 5.11 19.43
C ALA A 1028 17.47 6.10 18.48
N VAL A 1029 18.74 6.38 18.73
CA VAL A 1029 19.50 7.29 17.85
C VAL A 1029 19.64 6.67 16.47
N ASN A 1030 19.90 5.36 16.40
CA ASN A 1030 19.97 4.67 15.12
C ASN A 1030 18.61 4.61 14.43
N ASN A 1031 17.52 4.55 15.21
CA ASN A 1031 16.19 4.60 14.63
C ASN A 1031 15.93 5.94 13.96
N ASN A 1032 16.28 7.02 14.64
CA ASN A 1032 16.16 8.36 14.03
C ASN A 1032 17.07 8.49 12.82
N ALA A 1033 18.29 7.96 12.90
CA ALA A 1033 19.21 8.01 11.79
C ALA A 1033 18.68 7.25 10.59
N GLN A 1034 18.07 6.09 10.82
CA GLN A 1034 17.49 5.31 9.73
C GLN A 1034 16.26 6.00 9.15
N ALA A 1035 15.46 6.64 10.00
CA ALA A 1035 14.28 7.36 9.52
C ALA A 1035 14.68 8.53 8.62
N LEU A 1036 15.73 9.25 8.98
CA LEU A 1036 16.22 10.31 8.11
C LEU A 1036 16.95 9.75 6.90
N SER A 1037 17.63 8.62 7.06
CA SER A 1037 18.38 8.01 5.96
C SER A 1037 17.47 7.44 4.90
N LYS A 1038 16.21 7.11 5.24
CA LYS A 1038 15.23 6.80 4.21
C LYS A 1038 15.08 7.96 3.24
N LEU A 1039 14.69 9.13 3.75
CA LEU A 1039 14.47 10.31 2.91
C LEU A 1039 15.75 10.74 2.21
N ALA A 1040 16.90 10.48 2.83
CA ALA A 1040 18.16 10.78 2.16
C ALA A 1040 18.58 9.70 1.16
N SER A 1041 17.97 8.51 1.21
CA SER A 1041 18.43 7.38 0.42
C SER A 1041 17.59 7.07 -0.79
N GLU A 1042 16.27 6.86 -0.64
CA GLU A 1042 15.51 6.40 -1.80
C GLU A 1042 15.06 7.52 -2.73
N LEU A 1043 15.74 8.67 -2.69
CA LEU A 1043 15.72 9.55 -3.87
C LEU A 1043 16.38 8.87 -5.06
N SER A 1044 17.46 8.12 -4.82
CA SER A 1044 18.15 7.42 -5.90
C SER A 1044 17.34 6.24 -6.44
N ASN A 1045 16.32 5.79 -5.72
CA ASN A 1045 15.45 4.73 -6.23
C ASN A 1045 14.63 5.26 -7.41
N THR A 1046 14.50 4.42 -8.44
CA THR A 1046 13.85 4.85 -9.67
C THR A 1046 12.39 4.39 -9.78
N PHE A 1047 12.02 3.31 -9.07
CA PHE A 1047 10.67 2.75 -9.08
C PHE A 1047 10.21 2.39 -10.49
N GLY A 1048 11.13 1.84 -11.27
CA GLY A 1048 10.85 1.44 -12.64
C GLY A 1048 11.27 2.44 -13.69
N ALA A 1049 11.61 3.66 -13.31
CA ALA A 1049 12.09 4.64 -14.27
C ALA A 1049 13.50 4.29 -14.73
N ILE A 1050 13.88 4.84 -15.89
CA ILE A 1050 15.20 4.57 -16.43
C ILE A 1050 16.27 5.49 -15.87
N SER A 1051 15.90 6.47 -15.05
CA SER A 1051 16.87 7.36 -14.42
C SER A 1051 16.29 7.87 -13.11
N ALA A 1052 17.18 8.31 -12.23
CA ALA A 1052 16.79 8.86 -10.93
C ALA A 1052 16.88 10.38 -10.90
N SER A 1053 17.11 11.02 -12.04
CA SER A 1053 17.21 12.48 -12.14
C SER A 1053 16.09 13.00 -13.02
N ILE A 1054 15.36 13.99 -12.52
CA ILE A 1054 14.28 14.59 -13.29
C ILE A 1054 14.83 15.35 -14.49
N GLY A 1055 15.93 16.09 -14.27
CA GLY A 1055 16.54 16.85 -15.35
C GLY A 1055 17.07 15.97 -16.47
N ASP A 1056 17.69 14.84 -16.10
CA ASP A 1056 18.17 13.91 -17.12
C ASP A 1056 17.01 13.27 -17.87
N ILE A 1057 15.89 13.01 -17.17
CA ILE A 1057 14.72 12.44 -17.81
C ILE A 1057 14.12 13.41 -18.83
N ILE A 1058 13.96 14.68 -18.44
CA ILE A 1058 13.41 15.64 -19.38
C ILE A 1058 14.43 16.04 -20.44
N GLN A 1059 15.72 15.78 -20.22
CA GLN A 1059 16.72 16.07 -21.23
C GLN A 1059 16.87 14.94 -22.23
N ARG A 1060 16.53 13.71 -21.84
CA ARG A 1060 16.79 12.55 -22.68
C ARG A 1060 15.56 11.94 -23.34
N LEU A 1061 14.35 12.32 -22.94
CA LEU A 1061 13.17 11.57 -23.33
C LEU A 1061 12.17 12.44 -24.09
N ASP A 1062 11.38 11.79 -24.94
CA ASP A 1062 10.28 12.45 -25.62
C ASP A 1062 9.17 12.76 -24.61
N PRO A 1063 8.40 13.82 -24.85
CA PRO A 1063 7.38 14.24 -23.86
C PRO A 1063 6.29 13.20 -23.63
N PRO A 1064 5.84 12.43 -24.65
CA PRO A 1064 4.92 11.31 -24.33
C PRO A 1064 5.49 10.29 -23.35
N GLU A 1065 6.79 9.99 -23.43
CA GLU A 1065 7.40 8.99 -22.58
C GLU A 1065 8.03 9.61 -21.33
N GLN A 1066 8.50 10.85 -21.41
CA GLN A 1066 8.97 11.51 -20.19
C GLN A 1066 7.80 11.81 -19.26
N ASP A 1067 6.59 11.99 -19.80
CA ASP A 1067 5.42 12.13 -18.94
C ASP A 1067 5.20 10.87 -18.11
N ALA A 1068 5.28 9.71 -18.76
CA ALA A 1068 5.10 8.44 -18.05
C ALA A 1068 6.22 8.20 -17.03
N GLN A 1069 7.47 8.52 -17.42
CA GLN A 1069 8.58 8.34 -16.50
C GLN A 1069 8.44 9.23 -15.27
N ILE A 1070 8.07 10.49 -15.46
CA ILE A 1070 7.90 11.41 -14.34
C ILE A 1070 6.70 10.98 -13.49
N ASP A 1071 5.63 10.48 -14.12
CA ASP A 1071 4.49 9.98 -13.34
C ASP A 1071 4.88 8.80 -12.46
N ARG A 1072 5.69 7.88 -12.99
CA ARG A 1072 6.19 6.77 -12.18
C ARG A 1072 7.04 7.27 -11.02
N LEU A 1073 7.92 8.25 -11.29
CA LEU A 1073 8.76 8.81 -10.22
C LEU A 1073 7.94 9.49 -9.14
N ILE A 1074 6.94 10.29 -9.55
CA ILE A 1074 6.06 10.99 -8.60
C ILE A 1074 5.28 9.98 -7.77
N ASN A 1075 4.75 8.94 -8.42
CA ASN A 1075 3.97 7.94 -7.69
C ASN A 1075 4.82 7.20 -6.67
N GLY A 1076 6.05 6.81 -7.06
CA GLY A 1076 6.93 6.14 -6.12
C GLY A 1076 7.33 7.01 -4.95
N ARG A 1077 7.70 8.26 -5.23
CA ARG A 1077 8.09 9.17 -4.16
C ARG A 1077 6.93 9.49 -3.23
N LEU A 1078 5.72 9.64 -3.79
CA LEU A 1078 4.56 9.95 -2.96
C LEU A 1078 4.16 8.75 -2.11
N THR A 1079 4.27 7.53 -2.65
CA THR A 1079 4.01 6.34 -1.85
C THR A 1079 5.01 6.21 -0.71
N THR A 1080 6.29 6.48 -1.00
CA THR A 1080 7.31 6.46 0.04
C THR A 1080 7.05 7.52 1.10
N LEU A 1081 6.64 8.71 0.68
CA LEU A 1081 6.36 9.79 1.63
C LEU A 1081 5.15 9.45 2.50
N ASN A 1082 4.13 8.82 1.92
CA ASN A 1082 2.96 8.42 2.71
C ASN A 1082 3.33 7.34 3.72
N ALA A 1083 4.19 6.39 3.32
CA ALA A 1083 4.67 5.40 4.27
C ALA A 1083 5.47 6.03 5.39
N PHE A 1084 6.31 7.03 5.05
CA PHE A 1084 7.08 7.73 6.06
C PHE A 1084 6.18 8.52 7.00
N VAL A 1085 5.10 9.11 6.47
CA VAL A 1085 4.15 9.84 7.29
C VAL A 1085 3.45 8.89 8.27
N ALA A 1086 3.04 7.71 7.79
CA ALA A 1086 2.42 6.72 8.67
C ALA A 1086 3.38 6.26 9.75
N GLN A 1087 4.64 6.01 9.39
CA GLN A 1087 5.64 5.60 10.36
C GLN A 1087 5.89 6.71 11.38
N GLN A 1088 5.92 7.96 10.93
CA GLN A 1088 6.10 9.09 11.83
C GLN A 1088 4.94 9.24 12.79
N LEU A 1089 3.72 9.01 12.31
CA LEU A 1089 2.54 9.06 13.19
C LEU A 1089 2.59 7.96 14.23
N VAL A 1090 2.99 6.74 13.83
CA VAL A 1090 3.10 5.63 14.78
C VAL A 1090 4.17 5.92 15.83
N ARG A 1091 5.33 6.42 15.39
CA ARG A 1091 6.40 6.75 16.32
C ARG A 1091 6.02 7.92 17.22
N SER A 1092 5.24 8.87 16.72
CA SER A 1092 4.80 9.99 17.55
C SER A 1092 3.80 9.52 18.62
N GLU A 1093 2.90 8.61 18.26
CA GLU A 1093 1.99 8.05 19.27
C GLU A 1093 2.75 7.26 20.31
N SER A 1094 3.74 6.47 19.88
CA SER A 1094 4.59 5.74 20.84
C SER A 1094 5.36 6.69 21.72
N ALA A 1095 5.85 7.80 21.16
CA ALA A 1095 6.57 8.80 21.93
C ALA A 1095 5.66 9.48 22.95
N ALA A 1096 4.41 9.75 22.57
CA ALA A 1096 3.46 10.35 23.50
C ALA A 1096 3.15 9.40 24.66
N LEU A 1097 2.94 8.11 24.35
CA LEU A 1097 2.69 7.14 25.41
C LEU A 1097 3.89 6.99 26.33
N SER A 1098 5.09 6.95 25.74
CA SER A 1098 6.30 6.87 26.56
C SER A 1098 6.53 8.13 27.37
N ALA A 1099 6.15 9.29 26.84
CA ALA A 1099 6.27 10.54 27.61
C ALA A 1099 5.31 10.55 28.78
N GLN A 1100 4.10 10.02 28.59
CA GLN A 1100 3.17 9.88 29.71
C GLN A 1100 3.72 8.92 30.76
N LEU A 1101 4.34 7.82 30.31
CA LEU A 1101 4.97 6.89 31.24
C LEU A 1101 6.12 7.54 31.99
N ALA A 1102 6.92 8.36 31.30
CA ALA A 1102 8.02 9.07 31.94
C ALA A 1102 7.53 10.07 32.95
N LYS A 1103 6.45 10.77 32.63
CA LYS A 1103 5.85 11.71 33.58
C LYS A 1103 5.33 10.97 34.81
N ASP A 1104 4.72 9.80 34.61
CA ASP A 1104 4.27 8.99 35.73
C ASP A 1104 5.44 8.54 36.60
N LYS A 1105 6.53 8.11 35.98
CA LYS A 1105 7.69 7.63 36.73
C LYS A 1105 8.35 8.75 37.51
N VAL A 1106 8.51 9.92 36.88
CA VAL A 1106 9.17 11.04 37.56
C VAL A 1106 8.25 11.67 38.60
N ASN A 1107 6.93 11.47 38.48
CA ASN A 1107 6.02 11.94 39.51
C ASN A 1107 5.88 10.96 40.66
N GLU A 1108 6.13 9.67 40.42
CA GLU A 1108 5.96 8.68 41.48
C GLU A 1108 7.27 8.38 42.21
N CYS A 1109 8.30 7.91 41.49
CA CYS A 1109 9.49 7.39 42.14
C CYS A 1109 10.73 8.24 41.87
N VAL A 1110 10.55 9.55 41.69
CA VAL A 1110 11.65 10.50 41.62
C VAL A 1110 11.50 11.60 42.68
N LYS A 1111 10.35 12.26 42.69
CA LYS A 1111 10.05 13.21 43.74
C LYS A 1111 9.66 12.54 45.05
N ALA A 1112 9.39 11.23 45.02
CA ALA A 1112 9.04 10.48 46.22
C ALA A 1112 9.65 9.09 46.11
N GLN A 1113 9.52 8.31 47.19
CA GLN A 1113 10.04 6.96 47.24
C GLN A 1113 8.86 6.00 47.07
N SER A 1114 8.71 5.45 45.87
CA SER A 1114 7.60 4.56 45.59
C SER A 1114 7.78 3.21 46.27
N LYS A 1115 6.71 2.71 46.85
CA LYS A 1115 6.71 1.40 47.49
C LYS A 1115 6.28 0.28 46.55
N ARG A 1116 6.03 0.59 45.28
CA ARG A 1116 5.68 -0.44 44.31
C ARG A 1116 6.89 -1.33 44.05
N SER A 1117 6.66 -2.64 44.05
CA SER A 1117 7.74 -3.61 43.94
C SER A 1117 8.30 -3.60 42.53
N GLY A 1118 9.44 -2.96 42.35
CA GLY A 1118 10.12 -2.94 41.07
C GLY A 1118 9.39 -2.20 39.97
N PHE A 1119 8.68 -1.12 40.31
CA PHE A 1119 8.08 -0.29 39.26
C PHE A 1119 9.14 0.42 38.45
N CYS A 1120 10.17 0.96 39.10
CA CYS A 1120 11.24 1.63 38.40
C CYS A 1120 12.62 1.28 38.93
N GLY A 1121 12.71 0.43 39.95
CA GLY A 1121 14.00 -0.02 40.44
C GLY A 1121 13.94 -1.44 40.96
N GLN A 1122 14.81 -2.31 40.47
CA GLN A 1122 14.80 -3.70 40.89
C GLN A 1122 15.22 -3.82 42.35
N GLY A 1123 14.53 -4.68 43.08
CA GLY A 1123 14.66 -4.69 44.53
C GLY A 1123 13.90 -3.52 45.13
N THR A 1124 14.21 -3.23 46.39
CA THR A 1124 13.60 -2.09 47.08
C THR A 1124 14.22 -0.81 46.54
N HIS A 1125 13.39 0.02 45.90
CA HIS A 1125 13.88 1.26 45.32
C HIS A 1125 14.20 2.28 46.40
N ILE A 1126 15.37 2.91 46.30
CA ILE A 1126 15.75 3.90 47.30
C ILE A 1126 15.60 5.30 46.73
N VAL A 1127 16.40 5.65 45.72
CA VAL A 1127 16.36 7.00 45.13
C VAL A 1127 16.50 6.89 43.62
N SER A 1128 16.26 8.02 42.96
CA SER A 1128 16.35 8.10 41.51
C SER A 1128 16.96 9.44 41.10
N PHE A 1129 17.59 9.45 39.93
CA PHE A 1129 18.14 10.66 39.34
C PHE A 1129 17.74 10.70 37.87
N VAL A 1130 17.45 11.90 37.39
CA VAL A 1130 16.92 12.11 36.05
C VAL A 1130 17.87 13.04 35.30
N VAL A 1131 18.33 12.61 34.12
CA VAL A 1131 19.14 13.43 33.25
C VAL A 1131 18.58 13.33 31.84
N ASN A 1132 19.08 14.19 30.96
CA ASN A 1132 18.62 14.25 29.59
C ASN A 1132 19.41 13.29 28.72
N ALA A 1133 18.80 12.89 27.60
CA ALA A 1133 19.41 12.01 26.61
C ALA A 1133 19.10 12.58 25.24
N PRO A 1134 19.98 12.39 24.25
CA PRO A 1134 19.88 13.17 22.99
C PRO A 1134 18.58 12.99 22.24
N ASN A 1135 17.83 11.93 22.52
CA ASN A 1135 16.47 11.81 22.03
C ASN A 1135 15.43 11.77 23.14
N GLY A 1136 15.78 11.36 24.34
CA GLY A 1136 14.80 11.10 25.38
C GLY A 1136 15.26 11.47 26.77
N LEU A 1137 14.80 10.69 27.75
CA LEU A 1137 15.03 11.00 29.16
C LEU A 1137 15.66 9.78 29.82
N TYR A 1138 16.78 9.98 30.49
CA TYR A 1138 17.59 8.93 31.07
C TYR A 1138 17.40 8.91 32.57
N PHE A 1139 17.08 7.74 33.11
CA PHE A 1139 16.85 7.54 34.53
C PHE A 1139 17.96 6.65 35.08
N MET A 1140 18.45 6.98 36.26
CA MET A 1140 19.29 6.05 36.99
C MET A 1140 18.73 5.89 38.40
N HIS A 1141 18.46 4.65 38.79
CA HIS A 1141 17.81 4.37 40.06
C HIS A 1141 18.79 3.64 40.96
N VAL A 1142 19.04 4.20 42.14
CA VAL A 1142 19.80 3.51 43.17
C VAL A 1142 18.82 2.73 44.01
N GLY A 1143 18.99 1.40 44.04
CA GLY A 1143 18.08 0.52 44.72
C GLY A 1143 18.82 -0.42 45.64
N TYR A 1144 18.06 -1.00 46.57
CA TYR A 1144 18.61 -1.88 47.59
C TYR A 1144 18.77 -3.28 47.02
N TYR A 1145 19.89 -3.93 47.35
CA TYR A 1145 20.15 -5.29 46.87
C TYR A 1145 20.67 -6.15 48.02
N PRO A 1146 19.93 -7.17 48.43
CA PRO A 1146 20.35 -7.99 49.57
C PRO A 1146 21.34 -9.08 49.15
N SER A 1147 22.01 -9.64 50.16
CA SER A 1147 22.97 -10.71 49.98
C SER A 1147 23.24 -11.36 51.33
N ASN A 1148 23.68 -12.62 51.26
CA ASN A 1148 24.04 -13.45 52.41
C ASN A 1148 22.87 -13.59 53.38
N HIS A 1149 21.81 -14.24 52.89
CA HIS A 1149 20.64 -14.51 53.70
C HIS A 1149 20.94 -15.58 54.75
N ILE A 1150 20.27 -15.47 55.90
CA ILE A 1150 20.35 -16.47 56.95
C ILE A 1150 18.95 -16.89 57.36
N GLU A 1151 18.88 -18.07 57.97
CA GLU A 1151 17.64 -18.71 58.38
C GLU A 1151 17.55 -18.64 59.90
N VAL A 1152 16.43 -18.12 60.40
CA VAL A 1152 16.25 -17.86 61.82
C VAL A 1152 14.87 -18.36 62.24
N VAL A 1153 14.60 -18.28 63.54
CA VAL A 1153 13.34 -18.71 64.13
C VAL A 1153 12.57 -17.46 64.54
N SER A 1154 11.34 -17.33 64.05
CA SER A 1154 10.54 -16.14 64.26
C SER A 1154 9.12 -16.52 64.67
N ALA A 1155 8.43 -15.52 65.22
CA ALA A 1155 7.07 -15.66 65.73
C ALA A 1155 6.14 -14.63 65.11
N TYR A 1156 4.93 -14.51 65.65
CA TYR A 1156 3.98 -13.49 65.22
C TYR A 1156 3.79 -12.38 66.22
N GLY A 1157 4.23 -12.55 67.45
CA GLY A 1157 4.12 -11.52 68.47
C GLY A 1157 4.08 -12.13 69.84
N LEU A 1158 4.29 -11.28 70.85
CA LEU A 1158 4.42 -11.69 72.23
C LEU A 1158 3.17 -11.32 73.02
N CYS A 1159 2.71 -12.27 73.84
CA CYS A 1159 1.57 -12.06 74.73
C CYS A 1159 1.95 -12.52 76.12
N ASP A 1160 1.23 -11.99 77.11
CA ASP A 1160 1.49 -12.37 78.49
C ASP A 1160 0.75 -13.65 78.84
N ALA A 1161 1.44 -14.55 79.55
CA ALA A 1161 0.78 -15.76 80.03
C ALA A 1161 -0.27 -15.43 81.08
N ALA A 1162 0.03 -14.49 81.98
CA ALA A 1162 -0.93 -14.10 83.00
C ALA A 1162 -2.05 -13.22 82.42
N ASN A 1163 -1.74 -12.45 81.38
CA ASN A 1163 -2.71 -11.57 80.73
C ASN A 1163 -2.72 -11.88 79.24
N PRO A 1164 -3.45 -12.91 78.82
CA PRO A 1164 -3.50 -13.26 77.40
C PRO A 1164 -4.20 -12.23 76.53
N THR A 1165 -4.98 -11.33 77.13
CA THR A 1165 -5.65 -10.29 76.34
C THR A 1165 -4.65 -9.33 75.71
N ASN A 1166 -3.63 -8.92 76.47
CA ASN A 1166 -2.65 -7.97 75.97
C ASN A 1166 -1.68 -8.69 75.04
N CYS A 1167 -1.58 -8.21 73.80
CA CYS A 1167 -0.71 -8.81 72.81
C CYS A 1167 -0.10 -7.74 71.94
N ILE A 1168 1.19 -7.90 71.60
CA ILE A 1168 1.90 -6.95 70.76
C ILE A 1168 2.35 -7.66 69.49
N ALA A 1169 2.61 -6.85 68.47
CA ALA A 1169 2.95 -7.31 67.13
C ALA A 1169 4.03 -6.40 66.57
N PRO A 1170 4.92 -6.92 65.72
CA PRO A 1170 6.02 -6.10 65.23
C PRO A 1170 5.55 -5.11 64.18
N VAL A 1171 6.22 -3.96 64.14
CA VAL A 1171 5.91 -2.89 63.20
C VAL A 1171 7.10 -2.73 62.26
N ASN A 1172 6.85 -2.94 60.96
CA ASN A 1172 7.88 -2.85 59.91
C ASN A 1172 9.08 -3.74 60.20
N GLY A 1173 8.81 -4.96 60.68
CA GLY A 1173 9.88 -5.87 61.03
C GLY A 1173 9.33 -7.19 61.48
N TYR A 1174 10.14 -7.95 62.20
CA TYR A 1174 9.76 -9.26 62.69
C TYR A 1174 10.30 -9.49 64.09
N PHE A 1175 9.68 -10.42 64.79
CA PHE A 1175 10.15 -10.85 66.10
C PHE A 1175 11.06 -12.05 65.93
N ILE A 1176 12.33 -11.90 66.29
CA ILE A 1176 13.34 -12.91 66.04
C ILE A 1176 13.90 -13.41 67.37
N LYS A 1177 14.08 -14.73 67.47
CA LYS A 1177 14.64 -15.35 68.65
C LYS A 1177 16.17 -15.32 68.53
N THR A 1178 16.82 -14.49 69.33
CA THR A 1178 18.27 -14.38 69.31
C THR A 1178 18.77 -14.20 70.73
N ASN A 1179 19.81 -14.96 71.08
CA ASN A 1179 20.37 -14.99 72.42
C ASN A 1179 21.49 -13.96 72.55
N ASN A 1180 22.25 -14.08 73.63
CA ASN A 1180 23.45 -13.28 73.80
C ASN A 1180 24.64 -13.96 73.13
N GLU A 1186 15.35 -15.92 74.65
CA GLU A 1186 14.84 -14.55 74.63
C GLU A 1186 14.39 -14.16 73.24
N TRP A 1187 13.65 -13.06 73.14
CA TRP A 1187 13.11 -12.58 71.88
C TRP A 1187 13.70 -11.22 71.55
N SER A 1188 13.76 -10.92 70.25
CA SER A 1188 14.37 -9.69 69.78
C SER A 1188 13.64 -9.23 68.52
N TYR A 1189 13.89 -7.98 68.15
CA TYR A 1189 13.31 -7.36 66.96
C TYR A 1189 14.41 -7.12 65.93
N THR A 1190 14.04 -7.20 64.66
CA THR A 1190 14.95 -6.91 63.57
C THR A 1190 14.21 -6.15 62.48
N GLY A 1191 14.97 -5.51 61.62
CA GLY A 1191 14.40 -4.79 60.50
C GLY A 1191 13.94 -5.72 59.40
N SER A 1192 13.18 -5.14 58.47
CA SER A 1192 12.64 -5.92 57.36
C SER A 1192 13.63 -6.08 56.21
N SER A 1193 14.82 -5.47 56.30
CA SER A 1193 15.78 -5.57 55.21
C SER A 1193 17.21 -5.76 55.68
N PHE A 1194 17.43 -5.99 56.97
CA PHE A 1194 18.77 -6.17 57.50
C PHE A 1194 18.69 -6.98 58.78
N TYR A 1195 19.63 -7.90 58.96
CA TYR A 1195 19.70 -8.70 60.18
C TYR A 1195 20.34 -7.84 61.27
N ALA A 1196 19.50 -7.14 62.02
CA ALA A 1196 19.95 -6.25 63.09
C ALA A 1196 19.19 -6.58 64.36
N PRO A 1197 19.66 -7.56 65.12
CA PRO A 1197 19.02 -7.86 66.41
C PRO A 1197 19.22 -6.72 67.40
N GLU A 1198 18.15 -6.38 68.12
CA GLU A 1198 18.18 -5.28 69.06
C GLU A 1198 17.03 -5.46 70.04
N PRO A 1199 17.19 -5.03 71.30
CA PRO A 1199 16.17 -5.34 72.32
C PRO A 1199 14.83 -4.67 72.04
N ILE A 1200 13.75 -5.39 72.35
CA ILE A 1200 12.41 -4.97 71.95
C ILE A 1200 11.93 -3.85 72.86
N THR A 1201 11.43 -2.78 72.25
CA THR A 1201 10.90 -1.63 73.00
C THR A 1201 9.51 -1.25 72.51
N SER A 1202 8.99 -0.12 72.99
CA SER A 1202 7.64 0.32 72.64
C SER A 1202 7.58 1.16 71.38
N LEU A 1203 8.73 1.57 70.84
CA LEU A 1203 8.75 2.45 69.68
C LEU A 1203 8.71 1.69 68.36
N ASN A 1204 8.60 0.37 68.41
CA ASN A 1204 8.63 -0.45 67.19
C ASN A 1204 7.61 -1.58 67.19
N THR A 1205 6.59 -1.51 68.05
CA THR A 1205 5.57 -2.54 68.12
C THR A 1205 4.20 -1.89 68.31
N LYS A 1206 3.15 -2.63 67.96
CA LYS A 1206 1.79 -2.14 68.11
C LYS A 1206 0.94 -3.19 68.81
N TYR A 1207 -0.05 -2.72 69.57
CA TYR A 1207 -0.95 -3.64 70.25
C TYR A 1207 -1.95 -4.23 69.27
N VAL A 1208 -2.39 -5.46 69.56
CA VAL A 1208 -3.21 -6.23 68.64
C VAL A 1208 -4.03 -7.24 69.45
N ALA A 1209 -5.17 -7.63 68.88
CA ALA A 1209 -6.04 -8.59 69.53
C ALA A 1209 -5.37 -9.96 69.60
N PRO A 1210 -5.57 -10.70 70.70
CA PRO A 1210 -4.94 -12.01 70.84
C PRO A 1210 -5.50 -13.03 69.86
N GLN A 1211 -4.62 -13.94 69.44
CA GLN A 1211 -5.03 -15.09 68.63
C GLN A 1211 -4.42 -16.34 69.25
N VAL A 1212 -4.70 -17.48 68.62
CA VAL A 1212 -4.19 -18.75 69.14
C VAL A 1212 -2.72 -18.94 68.77
N THR A 1213 -2.27 -18.35 67.66
CA THR A 1213 -0.96 -18.68 67.11
C THR A 1213 0.18 -17.87 67.71
N TYR A 1214 -0.08 -16.94 68.62
CA TYR A 1214 0.98 -16.11 69.14
C TYR A 1214 1.82 -16.86 70.18
N GLN A 1215 2.98 -16.31 70.50
CA GLN A 1215 3.94 -16.95 71.40
C GLN A 1215 4.01 -16.23 72.74
N ASN A 1216 3.28 -16.76 73.69
CA ASN A 1216 3.19 -16.38 75.10
C ASN A 1216 4.56 -16.49 75.76
N ILE A 1217 4.78 -15.83 76.89
CA ILE A 1217 6.08 -15.94 77.58
C ILE A 1217 5.88 -15.64 79.07
N SER A 1218 6.66 -16.31 79.94
CA SER A 1218 6.47 -16.17 81.38
C SER A 1218 7.76 -16.01 82.18
N THR A 1219 8.91 -15.79 81.54
CA THR A 1219 10.15 -15.65 82.29
C THR A 1219 10.88 -14.34 82.04
N ASN A 1220 10.69 -13.71 80.89
CA ASN A 1220 11.29 -12.40 80.60
C ASN A 1220 10.27 -11.61 79.78
N LEU A 1221 9.45 -10.84 80.47
CA LEU A 1221 8.42 -10.07 79.81
C LEU A 1221 9.03 -8.84 79.15
N PRO A 1222 8.78 -8.61 77.86
CA PRO A 1222 9.24 -7.38 77.23
C PRO A 1222 8.56 -6.17 77.84
N PRO A 1223 9.22 -5.01 77.84
CA PRO A 1223 8.64 -3.80 78.45
C PRO A 1223 7.33 -3.35 77.81
N PRO A 1224 7.07 -3.59 76.51
CA PRO A 1224 5.68 -3.42 76.05
C PRO A 1224 4.67 -4.30 76.79
N LEU A 1225 5.04 -5.54 77.14
CA LEU A 1225 4.12 -6.38 77.87
C LEU A 1225 3.99 -5.98 79.32
N LEU A 1226 5.06 -5.45 79.91
CA LEU A 1226 5.04 -5.05 81.31
C LEU A 1226 4.24 -3.76 81.50
N VAL B 22 -25.04 -37.29 -41.05
CA VAL B 22 -24.61 -38.28 -42.03
C VAL B 22 -24.82 -39.67 -41.41
N ASP B 23 -26.06 -40.14 -41.46
CA ASP B 23 -26.40 -41.42 -40.84
C ASP B 23 -27.54 -42.06 -41.63
N VAL B 24 -28.20 -43.05 -41.04
CA VAL B 24 -29.29 -43.79 -41.65
C VAL B 24 -30.47 -43.85 -40.69
N GLY B 25 -31.49 -44.63 -41.06
CA GLY B 25 -32.66 -44.81 -40.24
C GLY B 25 -33.93 -44.90 -41.06
N PRO B 26 -34.67 -45.99 -40.88
CA PRO B 26 -35.82 -46.26 -41.75
C PRO B 26 -37.11 -45.69 -41.16
N ASP B 27 -37.96 -45.15 -42.03
CA ASP B 27 -39.28 -44.69 -41.62
C ASP B 27 -40.14 -45.89 -41.22
N SER B 28 -41.02 -45.66 -40.25
CA SER B 28 -41.78 -46.78 -39.66
C SER B 28 -42.97 -47.18 -40.53
N VAL B 29 -43.93 -46.27 -40.69
CA VAL B 29 -45.17 -46.58 -41.39
C VAL B 29 -45.51 -45.47 -42.38
N LYS B 30 -46.70 -45.57 -42.98
CA LYS B 30 -47.18 -44.57 -43.92
C LYS B 30 -47.42 -43.23 -43.21
N SER B 31 -47.38 -42.16 -44.00
CA SER B 31 -47.54 -40.80 -43.49
C SER B 31 -49.02 -40.56 -43.18
N ALA B 32 -49.45 -41.09 -42.03
CA ALA B 32 -50.79 -40.83 -41.51
C ALA B 32 -50.69 -40.87 -39.98
N CYS B 33 -50.46 -39.71 -39.38
CA CYS B 33 -50.31 -39.63 -37.94
C CYS B 33 -51.65 -39.83 -37.24
N ILE B 34 -51.59 -40.39 -36.04
CA ILE B 34 -52.81 -40.57 -35.26
C ILE B 34 -53.23 -39.25 -34.63
N GLU B 35 -54.51 -39.17 -34.28
CA GLU B 35 -55.10 -37.91 -33.86
C GLU B 35 -54.59 -37.50 -32.47
N VAL B 36 -54.36 -36.19 -32.31
CA VAL B 36 -53.85 -35.62 -31.07
C VAL B 36 -54.84 -34.57 -30.58
N ASP B 37 -55.18 -34.63 -29.30
CA ASP B 37 -56.08 -33.68 -28.66
C ASP B 37 -55.30 -32.73 -27.75
N ILE B 38 -55.98 -31.70 -27.28
CA ILE B 38 -55.44 -30.77 -26.30
C ILE B 38 -56.45 -30.69 -25.15
N GLN B 39 -56.03 -31.16 -23.97
CA GLN B 39 -56.87 -31.16 -22.79
C GLN B 39 -56.05 -30.69 -21.58
N GLN B 40 -55.35 -29.56 -21.75
CA GLN B 40 -54.44 -29.06 -20.73
C GLN B 40 -55.17 -28.64 -19.45
N THR B 41 -56.49 -28.43 -19.50
CA THR B 41 -57.26 -28.14 -18.30
C THR B 41 -57.22 -29.33 -17.35
N PHE B 42 -57.29 -30.55 -17.88
CA PHE B 42 -57.16 -31.75 -17.06
C PHE B 42 -55.79 -31.82 -16.41
N PHE B 43 -54.74 -31.46 -17.15
CA PHE B 43 -53.37 -31.56 -16.67
C PHE B 43 -53.02 -30.49 -15.64
N ASP B 44 -53.87 -29.47 -15.47
CA ASP B 44 -53.58 -28.39 -14.54
C ASP B 44 -53.83 -28.86 -13.12
N LYS B 45 -52.74 -29.03 -12.37
CA LYS B 45 -52.83 -29.40 -10.97
C LYS B 45 -51.59 -28.90 -10.26
N THR B 46 -51.66 -28.82 -8.93
CA THR B 46 -50.59 -28.28 -8.11
C THR B 46 -50.00 -29.38 -7.24
N TRP B 47 -48.73 -29.70 -7.47
CA TRP B 47 -47.93 -30.55 -6.58
C TRP B 47 -46.65 -29.81 -6.29
N PRO B 48 -46.68 -28.86 -5.35
CA PRO B 48 -45.51 -27.99 -5.13
C PRO B 48 -44.37 -28.76 -4.47
N ARG B 49 -43.24 -28.84 -5.18
CA ARG B 49 -42.01 -29.43 -4.66
C ARG B 49 -40.88 -28.44 -4.89
N PRO B 50 -40.78 -27.39 -4.08
CA PRO B 50 -39.63 -26.49 -4.19
C PRO B 50 -38.36 -27.19 -3.74
N ILE B 51 -37.26 -26.84 -4.39
CA ILE B 51 -35.98 -27.48 -4.09
C ILE B 51 -35.39 -26.86 -2.83
N ASP B 52 -34.93 -27.72 -1.94
CA ASP B 52 -34.29 -27.29 -0.70
C ASP B 52 -32.79 -27.55 -0.84
N VAL B 53 -32.02 -26.47 -0.93
CA VAL B 53 -30.58 -26.59 -1.11
C VAL B 53 -29.95 -27.17 0.15
N SER B 54 -30.53 -26.89 1.32
CA SER B 54 -30.08 -27.53 2.56
C SER B 54 -30.36 -29.03 2.55
N LYS B 55 -31.36 -29.48 1.80
CA LYS B 55 -31.62 -30.90 1.63
C LYS B 55 -30.85 -31.50 0.46
N ALA B 56 -29.97 -30.71 -0.18
CA ALA B 56 -29.05 -31.16 -1.22
C ALA B 56 -29.79 -31.77 -2.42
N ASP B 57 -30.59 -30.94 -3.08
CA ASP B 57 -31.34 -31.34 -4.26
C ASP B 57 -30.91 -30.49 -5.44
N GLY B 58 -30.49 -31.13 -6.52
CA GLY B 58 -30.18 -30.44 -7.76
C GLY B 58 -28.97 -29.52 -7.75
N ILE B 59 -27.85 -29.96 -7.18
CA ILE B 59 -26.61 -29.21 -7.15
C ILE B 59 -25.61 -29.85 -8.11
N ILE B 60 -25.02 -29.04 -8.97
CA ILE B 60 -24.01 -29.52 -9.90
C ILE B 60 -22.69 -29.70 -9.17
N TYR B 61 -22.14 -30.91 -9.23
CA TYR B 61 -20.87 -31.21 -8.61
C TYR B 61 -19.74 -30.49 -9.33
N PRO B 62 -18.62 -30.26 -8.66
CA PRO B 62 -17.41 -29.84 -9.38
C PRO B 62 -17.01 -30.87 -10.41
N GLN B 63 -16.59 -30.39 -11.58
CA GLN B 63 -16.53 -31.25 -12.76
C GLN B 63 -15.40 -32.27 -12.70
N GLY B 64 -14.26 -31.94 -12.10
CA GLY B 64 -13.16 -32.88 -12.10
C GLY B 64 -12.32 -32.91 -10.83
N ARG B 65 -12.66 -32.09 -9.84
CA ARG B 65 -11.84 -31.95 -8.63
C ARG B 65 -12.76 -32.07 -7.42
N THR B 66 -12.92 -33.29 -6.91
CA THR B 66 -13.73 -33.49 -5.73
C THR B 66 -12.93 -33.12 -4.47
N TYR B 67 -13.62 -33.11 -3.33
CA TYR B 67 -13.02 -32.73 -2.06
C TYR B 67 -13.50 -33.70 -0.99
N SER B 68 -13.15 -33.42 0.27
CA SER B 68 -13.59 -34.27 1.37
C SER B 68 -13.56 -33.51 2.68
N ASN B 69 -14.66 -33.61 3.42
CA ASN B 69 -14.81 -33.16 4.80
C ASN B 69 -14.47 -31.68 4.99
N ILE B 70 -14.78 -30.84 4.01
CA ILE B 70 -14.47 -29.43 4.10
C ILE B 70 -15.69 -28.62 3.66
N THR B 71 -15.77 -27.39 4.15
CA THR B 71 -16.76 -26.42 3.71
C THR B 71 -16.07 -25.44 2.77
N ILE B 72 -16.57 -25.34 1.54
CA ILE B 72 -15.90 -24.56 0.51
C ILE B 72 -16.93 -23.77 -0.29
N THR B 73 -16.54 -22.56 -0.71
CA THR B 73 -17.38 -21.73 -1.55
C THR B 73 -17.03 -21.96 -3.02
N TYR B 74 -18.03 -22.28 -3.81
CA TYR B 74 -17.84 -22.60 -5.22
C TYR B 74 -18.74 -21.70 -6.07
N GLN B 75 -18.15 -21.09 -7.10
CA GLN B 75 -18.87 -20.24 -8.02
C GLN B 75 -19.20 -21.02 -9.28
N GLY B 76 -20.48 -21.06 -9.64
CA GLY B 76 -20.88 -21.82 -10.81
C GLY B 76 -22.33 -21.66 -11.22
N LEU B 77 -22.86 -22.66 -11.94
CA LEU B 77 -24.23 -22.63 -12.43
C LEU B 77 -25.11 -23.43 -11.48
N PHE B 78 -26.13 -22.78 -10.93
CA PHE B 78 -26.88 -23.33 -9.81
C PHE B 78 -28.30 -22.78 -9.85
N PRO B 79 -29.26 -23.45 -9.19
CA PRO B 79 -30.62 -22.90 -9.11
C PRO B 79 -30.89 -22.12 -7.83
N TYR B 80 -31.95 -21.31 -7.81
CA TYR B 80 -32.36 -20.61 -6.60
C TYR B 80 -33.01 -21.58 -5.62
N GLN B 81 -32.98 -21.21 -4.34
CA GLN B 81 -33.63 -22.02 -3.31
C GLN B 81 -35.13 -21.76 -3.33
N GLY B 82 -35.91 -22.84 -3.37
CA GLY B 82 -37.34 -22.72 -3.33
C GLY B 82 -37.92 -22.16 -4.60
N ASP B 83 -37.71 -22.86 -5.71
CA ASP B 83 -38.32 -22.52 -6.99
C ASP B 83 -39.43 -23.52 -7.27
N HIS B 84 -40.61 -23.00 -7.64
CA HIS B 84 -41.70 -23.88 -8.02
C HIS B 84 -41.43 -24.58 -9.34
N GLY B 85 -40.58 -24.00 -10.19
CA GLY B 85 -40.15 -24.67 -11.40
C GLY B 85 -41.23 -24.74 -12.46
N ASP B 86 -41.08 -25.75 -13.32
CA ASP B 86 -41.92 -25.97 -14.48
C ASP B 86 -42.48 -27.38 -14.47
N MET B 87 -43.14 -27.76 -13.37
CA MET B 87 -43.65 -29.11 -13.18
C MET B 87 -44.60 -29.51 -14.30
N TYR B 88 -44.34 -30.66 -14.90
CA TYR B 88 -45.17 -31.22 -15.96
C TYR B 88 -45.54 -32.65 -15.60
N VAL B 89 -46.66 -33.11 -16.17
CA VAL B 89 -47.19 -34.42 -15.88
C VAL B 89 -47.60 -35.09 -17.19
N TYR B 90 -47.36 -36.39 -17.29
CA TYR B 90 -47.77 -37.16 -18.46
C TYR B 90 -48.99 -38.01 -18.13
N SER B 91 -49.80 -38.30 -19.14
CA SER B 91 -51.02 -39.06 -18.95
C SER B 91 -51.21 -40.07 -20.07
N ALA B 92 -52.01 -41.09 -19.79
CA ALA B 92 -52.34 -42.11 -20.77
C ALA B 92 -53.46 -41.62 -21.68
N GLY B 93 -53.54 -42.23 -22.86
CA GLY B 93 -54.55 -41.88 -23.84
C GLY B 93 -55.90 -42.52 -23.55
N HIS B 94 -56.85 -42.23 -24.43
CA HIS B 94 -58.18 -42.81 -24.30
C HIS B 94 -58.15 -44.30 -24.64
N ALA B 95 -59.03 -45.05 -23.99
CA ALA B 95 -59.17 -46.48 -24.25
C ALA B 95 -60.55 -46.91 -23.76
N THR B 96 -61.18 -47.80 -24.53
CA THR B 96 -62.48 -48.38 -24.16
C THR B 96 -62.31 -49.89 -24.19
N GLY B 97 -62.15 -50.49 -23.01
CA GLY B 97 -61.92 -51.92 -22.93
C GLY B 97 -60.49 -52.30 -23.25
N THR B 98 -60.29 -52.91 -24.42
CA THR B 98 -58.96 -53.31 -24.87
C THR B 98 -58.56 -52.63 -26.17
N THR B 99 -59.23 -51.54 -26.55
CA THR B 99 -58.94 -50.85 -27.79
C THR B 99 -58.18 -49.56 -27.49
N PRO B 100 -56.91 -49.46 -27.88
CA PRO B 100 -56.19 -48.19 -27.67
C PRO B 100 -56.72 -47.10 -28.59
N GLN B 101 -57.41 -46.13 -27.99
CA GLN B 101 -58.11 -45.10 -28.73
C GLN B 101 -57.20 -43.88 -28.91
N LYS B 102 -57.80 -42.75 -29.28
CA LYS B 102 -57.08 -41.50 -29.53
C LYS B 102 -56.33 -41.04 -28.27
N LEU B 103 -55.23 -40.32 -28.48
CA LEU B 103 -54.33 -39.93 -27.41
C LEU B 103 -54.99 -38.93 -26.44
N PHE B 104 -54.27 -38.65 -25.36
CA PHE B 104 -54.71 -37.69 -24.34
C PHE B 104 -53.43 -37.03 -23.79
N VAL B 105 -53.08 -35.88 -24.36
CA VAL B 105 -51.85 -35.18 -24.03
C VAL B 105 -52.19 -33.75 -23.63
N ALA B 106 -51.17 -33.06 -23.11
CA ALA B 106 -51.31 -31.68 -22.68
C ALA B 106 -50.94 -30.75 -23.84
N ASN B 107 -50.76 -29.47 -23.56
CA ASN B 107 -50.49 -28.46 -24.57
C ASN B 107 -49.02 -28.07 -24.65
N TYR B 108 -48.12 -28.87 -24.08
CA TYR B 108 -46.72 -28.48 -23.93
C TYR B 108 -45.96 -28.42 -25.24
N SER B 109 -46.53 -28.93 -26.33
CA SER B 109 -45.88 -28.83 -27.64
C SER B 109 -45.79 -27.37 -28.10
N GLN B 110 -46.74 -26.53 -27.69
CA GLN B 110 -46.76 -25.13 -28.05
C GLN B 110 -46.02 -24.26 -27.06
N ASP B 111 -45.42 -24.84 -26.03
CA ASP B 111 -44.69 -24.09 -25.00
C ASP B 111 -43.21 -24.16 -25.28
N VAL B 112 -42.54 -23.01 -25.26
CA VAL B 112 -41.10 -22.93 -25.47
C VAL B 112 -40.51 -21.95 -24.48
N LYS B 113 -39.35 -22.31 -23.91
CA LYS B 113 -38.63 -21.46 -22.98
C LYS B 113 -37.16 -21.39 -23.40
N GLN B 114 -36.49 -20.33 -22.98
CA GLN B 114 -35.09 -20.15 -23.28
C GLN B 114 -34.24 -21.17 -22.51
N PHE B 115 -33.24 -21.73 -23.19
CA PHE B 115 -32.35 -22.69 -22.56
C PHE B 115 -31.51 -22.04 -21.46
N ALA B 116 -31.02 -20.82 -21.72
CA ALA B 116 -30.25 -19.99 -20.79
C ALA B 116 -28.99 -20.77 -20.39
N ASN B 117 -28.75 -21.00 -19.10
CA ASN B 117 -27.54 -21.65 -18.62
C ASN B 117 -27.81 -23.10 -18.22
N GLY B 118 -28.67 -23.79 -18.93
CA GLY B 118 -29.01 -25.15 -18.60
C GLY B 118 -29.99 -25.23 -17.44
N PHE B 119 -30.42 -26.46 -17.14
CA PHE B 119 -31.40 -26.64 -16.09
C PHE B 119 -31.34 -28.06 -15.56
N VAL B 120 -31.98 -28.26 -14.41
CA VAL B 120 -32.01 -29.55 -13.72
C VAL B 120 -33.44 -30.06 -13.70
N VAL B 121 -33.57 -31.39 -13.65
CA VAL B 121 -34.86 -32.07 -13.66
C VAL B 121 -34.81 -33.20 -12.64
N ARG B 122 -35.79 -33.23 -11.74
CA ARG B 122 -35.94 -34.31 -10.77
C ARG B 122 -36.93 -35.33 -11.30
N ILE B 123 -36.54 -36.61 -11.29
CA ILE B 123 -37.28 -37.67 -11.95
C ILE B 123 -37.77 -38.65 -10.89
N GLY B 124 -39.06 -38.97 -10.94
CA GLY B 124 -39.66 -39.95 -10.05
C GLY B 124 -39.76 -39.53 -8.60
N ALA B 125 -40.06 -38.26 -8.34
CA ALA B 125 -40.26 -37.81 -6.97
C ALA B 125 -41.64 -38.16 -6.44
N ALA B 126 -42.55 -38.62 -7.29
CA ALA B 126 -43.90 -38.98 -6.87
C ALA B 126 -44.14 -40.49 -6.90
N ALA B 127 -43.19 -41.27 -7.38
CA ALA B 127 -43.37 -42.71 -7.51
C ALA B 127 -43.36 -43.39 -6.14
N ASN B 128 -43.61 -44.70 -6.17
CA ASN B 128 -43.79 -45.53 -4.96
C ASN B 128 -44.88 -44.96 -4.06
N SER B 129 -45.97 -44.51 -4.68
CA SER B 129 -47.08 -43.92 -3.96
C SER B 129 -48.35 -44.11 -4.79
N THR B 130 -49.49 -43.90 -4.13
CA THR B 130 -50.78 -43.99 -4.78
C THR B 130 -51.29 -42.58 -5.12
N GLY B 131 -51.64 -42.37 -6.38
CA GLY B 131 -52.11 -41.07 -6.83
C GLY B 131 -53.17 -41.23 -7.88
N THR B 132 -53.84 -40.13 -8.17
CA THR B 132 -54.94 -40.15 -9.13
C THR B 132 -54.43 -40.26 -10.56
N VAL B 133 -55.28 -40.80 -11.42
CA VAL B 133 -55.00 -40.83 -12.85
C VAL B 133 -55.47 -39.52 -13.46
N ILE B 134 -54.67 -38.97 -14.37
CA ILE B 134 -55.00 -37.67 -14.95
C ILE B 134 -56.20 -37.77 -15.87
N ILE B 135 -56.26 -38.80 -16.72
CA ILE B 135 -57.38 -38.95 -17.63
C ILE B 135 -58.64 -39.39 -16.88
N SER B 136 -58.48 -40.16 -15.80
CA SER B 136 -59.60 -40.63 -14.99
C SER B 136 -59.40 -40.14 -13.57
N PRO B 137 -59.93 -38.95 -13.23
CA PRO B 137 -59.70 -38.40 -11.88
C PRO B 137 -60.26 -39.23 -10.74
N SER B 138 -61.34 -40.00 -10.99
CA SER B 138 -61.90 -40.84 -9.96
C SER B 138 -61.11 -42.12 -9.73
N THR B 139 -60.13 -42.42 -10.59
CA THR B 139 -59.33 -43.63 -10.48
C THR B 139 -58.02 -43.29 -9.77
N SER B 140 -57.65 -44.11 -8.80
CA SER B 140 -56.39 -43.97 -8.07
C SER B 140 -55.56 -45.23 -8.28
N ALA B 141 -54.32 -45.05 -8.72
CA ALA B 141 -53.43 -46.16 -9.02
C ALA B 141 -52.03 -45.85 -8.50
N THR B 142 -51.16 -46.86 -8.58
CA THR B 142 -49.79 -46.69 -8.14
C THR B 142 -49.03 -45.77 -9.08
N ILE B 143 -48.34 -44.79 -8.52
CA ILE B 143 -47.58 -43.83 -9.32
C ILE B 143 -46.28 -44.48 -9.76
N ARG B 144 -46.04 -44.51 -11.06
CA ARG B 144 -44.85 -45.09 -11.63
C ARG B 144 -44.00 -44.01 -12.28
N LYS B 145 -42.69 -44.09 -12.08
CA LYS B 145 -41.76 -43.12 -12.64
C LYS B 145 -41.71 -43.22 -14.16
N ILE B 146 -41.56 -42.08 -14.81
CA ILE B 146 -41.41 -42.00 -16.25
C ILE B 146 -40.22 -41.10 -16.53
N TYR B 147 -39.62 -41.27 -17.71
CA TYR B 147 -38.50 -40.43 -18.08
C TYR B 147 -38.91 -39.52 -19.24
N PRO B 148 -38.51 -38.25 -19.23
CA PRO B 148 -39.08 -37.28 -20.16
C PRO B 148 -38.34 -37.23 -21.49
N ALA B 149 -38.94 -36.52 -22.43
CA ALA B 149 -38.38 -36.30 -23.75
C ALA B 149 -38.07 -34.82 -23.92
N PHE B 150 -36.87 -34.52 -24.44
CA PHE B 150 -36.35 -33.16 -24.49
C PHE B 150 -36.07 -32.76 -25.92
N MET B 151 -36.35 -31.50 -26.25
CA MET B 151 -36.17 -30.97 -27.60
C MET B 151 -35.49 -29.61 -27.46
N LEU B 152 -34.31 -29.48 -28.04
CA LEU B 152 -33.48 -28.30 -27.85
C LEU B 152 -33.01 -27.78 -29.21
N GLY B 153 -32.98 -26.46 -29.35
CA GLY B 153 -32.56 -25.87 -30.60
C GLY B 153 -32.30 -24.39 -30.45
N SER B 154 -32.23 -23.71 -31.60
CA SER B 154 -31.93 -22.29 -31.63
C SER B 154 -32.85 -21.48 -32.52
N SER B 155 -33.83 -22.10 -33.19
CA SER B 155 -34.78 -21.39 -34.05
C SER B 155 -36.20 -21.75 -33.64
N VAL B 156 -37.07 -20.75 -33.60
CA VAL B 156 -38.46 -20.92 -33.19
C VAL B 156 -39.36 -20.41 -34.31
N GLY B 157 -40.35 -21.20 -34.69
CA GLY B 157 -41.29 -20.81 -35.72
C GLY B 157 -42.61 -21.55 -35.56
N ASN B 158 -43.55 -21.20 -36.43
CA ASN B 158 -44.90 -21.73 -36.40
C ASN B 158 -45.03 -22.96 -37.30
N PHE B 159 -46.04 -23.77 -37.00
CA PHE B 159 -46.33 -24.97 -37.77
C PHE B 159 -47.12 -24.58 -39.03
N SER B 160 -47.69 -25.59 -39.70
CA SER B 160 -48.52 -25.32 -40.88
C SER B 160 -49.82 -24.63 -40.51
N ASP B 161 -50.33 -24.88 -39.31
CA ASP B 161 -51.53 -24.21 -38.83
C ASP B 161 -51.25 -22.96 -38.01
N GLY B 162 -49.98 -22.56 -37.92
CA GLY B 162 -49.60 -21.36 -37.22
C GLY B 162 -49.27 -21.54 -35.75
N LYS B 163 -49.44 -22.74 -35.21
CA LYS B 163 -49.14 -22.99 -33.81
C LYS B 163 -47.64 -23.00 -33.56
N MET B 164 -47.24 -22.51 -32.39
CA MET B 164 -45.83 -22.47 -32.04
C MET B 164 -45.26 -23.88 -31.83
N GLY B 165 -43.98 -24.04 -32.13
CA GLY B 165 -43.31 -25.29 -31.85
C GLY B 165 -42.31 -25.77 -32.88
N ARG B 166 -42.36 -25.22 -34.10
CA ARG B 166 -41.42 -25.63 -35.14
C ARG B 166 -40.02 -25.16 -34.78
N PHE B 167 -39.04 -26.06 -34.88
CA PHE B 167 -37.65 -25.73 -34.67
C PHE B 167 -36.87 -26.06 -35.94
N PHE B 168 -36.29 -25.03 -36.55
CA PHE B 168 -35.58 -25.20 -37.81
C PHE B 168 -34.19 -25.79 -37.55
N ASN B 169 -33.56 -26.24 -38.65
CA ASN B 169 -32.19 -26.74 -38.71
C ASN B 169 -31.97 -27.92 -37.77
N HIS B 170 -30.72 -28.14 -37.36
CA HIS B 170 -30.39 -29.27 -36.50
C HIS B 170 -30.98 -29.08 -35.12
N THR B 171 -31.55 -30.16 -34.57
CA THR B 171 -32.27 -30.13 -33.32
C THR B 171 -31.81 -31.30 -32.46
N LEU B 172 -31.56 -31.03 -31.17
CA LEU B 172 -31.21 -32.07 -30.22
C LEU B 172 -32.47 -32.68 -29.62
N VAL B 173 -32.55 -34.00 -29.66
CA VAL B 173 -33.69 -34.74 -29.15
C VAL B 173 -33.17 -35.80 -28.19
N LEU B 174 -33.73 -35.79 -26.98
CA LEU B 174 -33.53 -36.84 -25.98
C LEU B 174 -34.82 -37.61 -25.83
N LEU B 175 -34.75 -38.94 -25.95
CA LEU B 175 -35.96 -39.75 -25.92
C LEU B 175 -35.67 -41.10 -25.26
N PRO B 176 -36.45 -41.48 -24.27
CA PRO B 176 -36.30 -42.80 -23.66
C PRO B 176 -37.09 -43.86 -24.40
N ASP B 177 -36.59 -45.09 -24.33
CA ASP B 177 -37.17 -46.19 -25.08
C ASP B 177 -36.97 -47.48 -24.30
N GLY B 178 -37.69 -48.52 -24.72
CA GLY B 178 -37.63 -49.81 -24.05
C GLY B 178 -38.13 -49.74 -22.63
N CYS B 179 -39.28 -49.07 -22.44
CA CYS B 179 -39.82 -48.69 -21.13
C CYS B 179 -38.79 -47.89 -20.33
N GLY B 180 -38.06 -47.02 -21.02
CA GLY B 180 -37.08 -46.14 -20.39
C GLY B 180 -35.72 -46.74 -20.13
N THR B 181 -35.50 -48.00 -20.51
CA THR B 181 -34.18 -48.61 -20.31
C THR B 181 -33.11 -47.94 -21.17
N LEU B 182 -33.46 -47.61 -22.41
CA LEU B 182 -32.54 -46.94 -23.33
C LEU B 182 -32.82 -45.45 -23.34
N LEU B 183 -31.76 -44.67 -23.53
CA LEU B 183 -31.83 -43.22 -23.38
C LEU B 183 -31.34 -42.49 -24.63
N ARG B 184 -31.96 -42.80 -25.79
CA ARG B 184 -31.42 -42.39 -27.08
C ARG B 184 -31.35 -40.88 -27.22
N ALA B 185 -30.26 -40.40 -27.81
CA ALA B 185 -30.04 -38.97 -28.00
C ALA B 185 -29.45 -38.72 -29.37
N PHE B 186 -29.90 -37.64 -30.01
CA PHE B 186 -29.39 -37.28 -31.32
C PHE B 186 -29.64 -35.81 -31.64
N TYR B 187 -28.63 -35.15 -32.20
CA TYR B 187 -28.71 -33.77 -32.67
C TYR B 187 -28.74 -33.84 -34.19
N CYS B 188 -29.94 -33.96 -34.74
CA CYS B 188 -30.12 -34.35 -36.13
C CYS B 188 -31.16 -33.45 -36.81
N ILE B 189 -31.38 -33.67 -38.11
CA ILE B 189 -32.35 -32.88 -38.86
C ILE B 189 -33.70 -33.58 -38.81
N LEU B 190 -34.75 -32.84 -38.47
CA LEU B 190 -36.09 -33.38 -38.45
C LEU B 190 -36.93 -32.74 -39.55
N GLU B 191 -37.83 -33.54 -40.11
CA GLU B 191 -38.68 -33.13 -41.23
C GLU B 191 -40.13 -33.46 -40.90
N PRO B 192 -41.05 -32.53 -41.09
CA PRO B 192 -42.47 -32.81 -40.81
C PRO B 192 -43.07 -33.72 -41.87
N ARG B 193 -44.18 -34.35 -41.49
CA ARG B 193 -44.96 -35.18 -42.40
C ARG B 193 -46.23 -34.42 -42.80
N SER B 194 -46.74 -34.74 -43.99
CA SER B 194 -47.88 -34.04 -44.57
C SER B 194 -49.15 -34.86 -44.57
N GLY B 195 -49.25 -35.87 -43.71
CA GLY B 195 -50.40 -36.73 -43.65
C GLY B 195 -51.48 -36.21 -42.71
N ASN B 196 -52.44 -37.08 -42.41
CA ASN B 196 -53.51 -36.74 -41.49
C ASN B 196 -52.96 -36.61 -40.07
N HIS B 197 -53.35 -35.53 -39.38
CA HIS B 197 -52.93 -35.22 -38.02
C HIS B 197 -51.41 -35.09 -37.90
N CYS B 198 -50.74 -34.74 -39.00
CA CYS B 198 -49.31 -34.59 -39.10
C CYS B 198 -48.95 -33.10 -39.19
N PRO B 199 -47.74 -32.71 -38.74
CA PRO B 199 -47.43 -31.28 -38.61
C PRO B 199 -47.52 -30.46 -39.89
N ALA B 200 -47.12 -31.03 -41.03
CA ALA B 200 -47.25 -30.33 -42.30
C ALA B 200 -48.52 -30.72 -43.05
N GLY B 201 -49.38 -31.53 -42.44
CA GLY B 201 -50.60 -31.98 -43.06
C GLY B 201 -51.84 -31.40 -42.41
N ASN B 202 -52.99 -31.88 -42.88
CA ASN B 202 -54.28 -31.40 -42.41
C ASN B 202 -54.64 -32.01 -41.07
N SER B 203 -55.63 -31.39 -40.42
CA SER B 203 -56.18 -31.83 -39.13
C SER B 203 -55.10 -31.92 -38.05
N TYR B 204 -54.17 -30.97 -38.06
CA TYR B 204 -53.04 -30.98 -37.15
C TYR B 204 -53.37 -30.18 -35.90
N THR B 205 -53.13 -30.78 -34.74
CA THR B 205 -53.27 -30.10 -33.46
C THR B 205 -51.95 -30.03 -32.71
N SER B 206 -51.29 -31.16 -32.49
CA SER B 206 -50.00 -31.21 -31.80
C SER B 206 -49.31 -32.51 -32.17
N PHE B 207 -48.09 -32.68 -31.66
CA PHE B 207 -47.32 -33.88 -31.86
C PHE B 207 -46.99 -34.50 -30.51
N ALA B 208 -46.95 -35.84 -30.47
CA ALA B 208 -46.70 -36.55 -29.23
C ALA B 208 -46.13 -37.92 -29.55
N THR B 209 -45.68 -38.61 -28.51
CA THR B 209 -45.12 -39.95 -28.63
C THR B 209 -45.94 -40.93 -27.79
N TYR B 210 -46.38 -42.02 -28.42
CA TYR B 210 -47.26 -42.97 -27.75
C TYR B 210 -46.49 -44.22 -27.32
N HIS B 211 -46.91 -44.77 -26.17
CA HIS B 211 -46.34 -45.98 -25.59
C HIS B 211 -47.47 -46.96 -25.33
N THR B 212 -47.24 -48.24 -25.66
CA THR B 212 -48.27 -49.28 -25.54
C THR B 212 -47.70 -50.43 -24.73
N PRO B 213 -47.81 -50.37 -23.39
CA PRO B 213 -47.11 -51.35 -22.54
C PRO B 213 -47.68 -52.76 -22.57
N ALA B 214 -48.71 -53.03 -23.39
CA ALA B 214 -49.13 -54.40 -23.61
C ALA B 214 -48.03 -55.23 -24.27
N THR B 215 -47.27 -54.60 -25.16
CA THR B 215 -46.16 -55.25 -25.84
C THR B 215 -44.79 -54.63 -25.58
N ASP B 216 -44.74 -53.34 -25.23
CA ASP B 216 -43.44 -52.72 -24.95
C ASP B 216 -42.84 -53.20 -23.64
N CYS B 217 -43.64 -53.24 -22.57
CA CYS B 217 -43.10 -53.51 -21.24
C CYS B 217 -43.17 -54.98 -20.85
N SER B 218 -43.11 -55.89 -21.81
CA SER B 218 -43.06 -57.31 -21.50
C SER B 218 -41.65 -57.72 -21.10
N ASP B 219 -41.48 -59.00 -20.78
CA ASP B 219 -40.18 -59.50 -20.35
C ASP B 219 -39.23 -59.58 -21.53
N GLY B 220 -38.07 -58.94 -21.40
CA GLY B 220 -37.18 -58.78 -22.54
C GLY B 220 -37.85 -57.88 -23.56
N ASN B 221 -37.84 -58.33 -24.82
CA ASN B 221 -38.65 -57.76 -25.90
C ASN B 221 -38.37 -56.28 -26.15
N TYR B 222 -39.16 -55.43 -25.49
CA TYR B 222 -39.21 -53.97 -25.63
C TYR B 222 -39.73 -53.53 -26.99
N ASN B 223 -40.32 -54.45 -27.76
CA ASN B 223 -41.05 -54.18 -29.00
C ASN B 223 -40.17 -53.46 -30.03
N ARG B 224 -38.86 -53.72 -29.94
CA ARG B 224 -37.80 -53.09 -30.73
C ARG B 224 -38.03 -51.56 -30.86
N ASN B 225 -37.63 -50.84 -29.79
CA ASN B 225 -37.51 -49.38 -29.71
C ASN B 225 -38.68 -48.63 -30.34
N ALA B 226 -39.87 -48.95 -29.82
CA ALA B 226 -41.11 -48.50 -30.42
C ALA B 226 -41.45 -47.07 -30.02
N SER B 227 -40.73 -46.50 -29.06
CA SER B 227 -40.87 -45.07 -28.81
C SER B 227 -40.14 -44.26 -29.88
N LEU B 228 -38.99 -44.77 -30.35
CA LEU B 228 -38.36 -44.18 -31.54
C LEU B 228 -39.25 -44.34 -32.75
N ASN B 229 -39.92 -45.50 -32.87
CA ASN B 229 -40.95 -45.69 -33.88
C ASN B 229 -42.08 -44.69 -33.74
N SER B 230 -42.51 -44.41 -32.51
CA SER B 230 -43.62 -43.50 -32.29
C SER B 230 -43.22 -42.07 -32.64
N PHE B 231 -41.98 -41.70 -32.36
CA PHE B 231 -41.49 -40.38 -32.75
C PHE B 231 -41.35 -40.27 -34.26
N LYS B 232 -40.83 -41.32 -34.91
CA LYS B 232 -40.68 -41.32 -36.36
C LYS B 232 -42.01 -41.50 -37.09
N GLU B 233 -43.07 -41.87 -36.37
CA GLU B 233 -44.40 -41.86 -36.95
C GLU B 233 -44.87 -40.46 -37.27
N TYR B 234 -44.33 -39.45 -36.59
CA TYR B 234 -44.66 -38.05 -36.83
C TYR B 234 -43.59 -37.31 -37.62
N PHE B 235 -42.32 -37.63 -37.41
CA PHE B 235 -41.20 -36.88 -37.98
C PHE B 235 -40.35 -37.80 -38.86
N ASN B 236 -39.46 -37.18 -39.61
CA ASN B 236 -38.50 -37.89 -40.46
C ASN B 236 -37.10 -37.41 -40.10
N LEU B 237 -36.13 -38.31 -40.15
CA LEU B 237 -34.76 -38.00 -39.76
C LEU B 237 -33.89 -37.85 -41.00
N ARG B 238 -33.25 -36.69 -41.14
CA ARG B 238 -32.38 -36.37 -42.25
C ARG B 238 -31.05 -35.83 -41.74
N ASN B 239 -29.98 -36.17 -42.47
CA ASN B 239 -28.58 -35.85 -42.20
C ASN B 239 -28.23 -35.96 -40.73
N CYS B 240 -28.48 -37.13 -40.15
CA CYS B 240 -28.39 -37.29 -38.71
C CYS B 240 -26.93 -37.37 -38.31
N THR B 241 -26.56 -36.65 -37.25
CA THR B 241 -25.15 -36.56 -36.88
C THR B 241 -24.69 -37.81 -36.15
N PHE B 242 -25.50 -38.33 -35.23
CA PHE B 242 -25.11 -39.45 -34.39
C PHE B 242 -26.34 -40.13 -33.77
N MET B 243 -26.06 -41.06 -32.85
CA MET B 243 -27.06 -41.89 -32.20
C MET B 243 -26.39 -42.40 -30.91
N TYR B 244 -26.56 -41.69 -29.80
CA TYR B 244 -26.00 -42.17 -28.54
C TYR B 244 -27.06 -42.93 -27.74
N THR B 245 -26.67 -44.12 -27.27
CA THR B 245 -27.52 -44.99 -26.48
C THR B 245 -26.95 -45.12 -25.08
N TYR B 246 -27.81 -45.10 -24.07
CA TYR B 246 -27.40 -45.23 -22.68
C TYR B 246 -28.37 -46.16 -21.96
N ASN B 247 -27.83 -46.97 -21.05
CA ASN B 247 -28.58 -47.99 -20.35
C ASN B 247 -28.83 -47.54 -18.92
N ILE B 248 -30.09 -47.62 -18.48
CA ILE B 248 -30.47 -47.41 -17.09
C ILE B 248 -31.40 -48.54 -16.69
N THR B 249 -31.05 -49.25 -15.62
CA THR B 249 -31.89 -50.33 -15.11
C THR B 249 -33.18 -49.77 -14.52
N GLU B 250 -34.28 -50.45 -14.78
CA GLU B 250 -35.59 -50.00 -14.31
C GLU B 250 -35.74 -50.26 -12.82
N ASP B 251 -36.22 -49.26 -12.09
CA ASP B 251 -36.39 -49.36 -10.65
C ASP B 251 -37.48 -48.39 -10.23
N GLU B 252 -37.60 -48.18 -8.91
CA GLU B 252 -38.56 -47.25 -8.33
C GLU B 252 -37.88 -46.34 -7.32
N ILE B 253 -36.70 -45.84 -7.69
CA ILE B 253 -35.91 -44.96 -6.84
C ILE B 253 -35.82 -43.60 -7.53
N LEU B 254 -36.09 -42.54 -6.77
CA LEU B 254 -36.04 -41.18 -7.31
C LEU B 254 -34.61 -40.84 -7.74
N GLU B 255 -34.51 -40.00 -8.77
CA GLU B 255 -33.20 -39.66 -9.30
C GLU B 255 -33.22 -38.22 -9.80
N TRP B 256 -32.06 -37.79 -10.28
CA TRP B 256 -31.84 -36.41 -10.70
C TRP B 256 -31.16 -36.41 -12.07
N PHE B 257 -31.25 -35.28 -12.75
CA PHE B 257 -30.60 -35.11 -14.04
C PHE B 257 -30.35 -33.63 -14.26
N GLY B 258 -29.29 -33.30 -14.98
CA GLY B 258 -28.98 -31.93 -15.30
C GLY B 258 -28.36 -31.80 -16.67
N ILE B 259 -28.62 -30.66 -17.31
CA ILE B 259 -28.11 -30.39 -18.64
C ILE B 259 -27.56 -28.97 -18.69
N THR B 260 -26.41 -28.81 -19.34
CA THR B 260 -25.80 -27.49 -19.50
C THR B 260 -24.99 -27.49 -20.79
N GLN B 261 -24.46 -26.33 -21.15
CA GLN B 261 -23.63 -26.22 -22.34
C GLN B 261 -22.41 -25.36 -22.06
N THR B 262 -21.28 -25.77 -22.64
CA THR B 262 -20.04 -25.00 -22.66
C THR B 262 -19.50 -25.03 -24.08
N ALA B 263 -18.37 -24.36 -24.27
CA ALA B 263 -17.71 -24.36 -25.58
C ALA B 263 -17.23 -25.75 -25.97
N GLN B 264 -17.00 -26.63 -25.00
CA GLN B 264 -16.72 -28.03 -25.30
C GLN B 264 -17.94 -28.71 -25.93
N GLY B 265 -19.13 -28.40 -25.41
CA GLY B 265 -20.33 -29.08 -25.89
C GLY B 265 -21.39 -29.10 -24.81
N VAL B 266 -22.39 -29.93 -25.01
CA VAL B 266 -23.50 -30.05 -24.07
C VAL B 266 -23.16 -31.14 -23.06
N HIS B 267 -23.11 -30.75 -21.79
CA HIS B 267 -22.76 -31.68 -20.72
C HIS B 267 -24.03 -32.14 -20.02
N LEU B 268 -24.18 -33.46 -19.93
CA LEU B 268 -25.28 -34.09 -19.23
C LEU B 268 -24.76 -34.81 -17.99
N PHE B 269 -25.38 -34.47 -16.86
CA PHE B 269 -25.00 -34.85 -15.52
C PHE B 269 -26.13 -35.72 -14.95
N SER B 270 -25.80 -36.77 -14.20
CA SER B 270 -26.84 -37.56 -13.57
C SER B 270 -26.33 -38.22 -12.31
N SER B 271 -27.28 -38.75 -11.54
CA SER B 271 -26.97 -39.52 -10.33
C SER B 271 -27.12 -41.01 -10.51
N ARG B 272 -27.62 -41.47 -11.67
CA ARG B 272 -27.78 -42.90 -11.89
C ARG B 272 -26.44 -43.60 -12.03
N TYR B 273 -25.41 -42.89 -12.48
CA TYR B 273 -24.12 -43.52 -12.71
C TYR B 273 -23.36 -43.74 -11.40
N VAL B 274 -23.50 -42.84 -10.44
CA VAL B 274 -22.69 -42.91 -9.22
C VAL B 274 -23.57 -43.02 -7.97
N ASP B 275 -24.38 -41.99 -7.71
CA ASP B 275 -25.07 -41.86 -6.43
C ASP B 275 -26.50 -42.37 -6.57
N LEU B 276 -26.66 -43.69 -6.54
CA LEU B 276 -27.97 -44.30 -6.68
C LEU B 276 -28.85 -44.01 -5.48
N TYR B 277 -28.32 -44.22 -4.27
CA TYR B 277 -29.08 -44.02 -3.04
C TYR B 277 -28.96 -42.60 -2.50
N GLY B 278 -28.15 -41.77 -3.14
CA GLY B 278 -27.95 -40.39 -2.73
C GLY B 278 -28.66 -39.42 -3.65
N GLY B 279 -27.93 -38.93 -4.64
CA GLY B 279 -28.43 -37.98 -5.61
C GLY B 279 -27.61 -36.71 -5.69
N ASN B 280 -26.81 -36.63 -6.75
CA ASN B 280 -25.94 -35.51 -7.07
C ASN B 280 -25.63 -35.59 -8.55
N MET B 281 -25.19 -34.46 -9.11
CA MET B 281 -24.78 -34.46 -10.50
C MET B 281 -23.44 -35.16 -10.65
N PHE B 282 -23.30 -35.93 -11.73
CA PHE B 282 -22.03 -36.57 -12.05
C PHE B 282 -21.94 -36.78 -13.54
N GLN B 283 -20.77 -36.49 -14.11
CA GLN B 283 -20.57 -36.39 -15.55
C GLN B 283 -20.71 -37.75 -16.20
N PHE B 284 -21.70 -37.90 -17.10
CA PHE B 284 -21.77 -39.09 -17.92
C PHE B 284 -21.78 -38.80 -19.40
N ALA B 285 -22.29 -37.64 -19.85
CA ALA B 285 -22.38 -37.42 -21.29
C ALA B 285 -21.78 -36.08 -21.69
N THR B 286 -20.96 -36.11 -22.73
CA THR B 286 -20.39 -34.89 -23.33
C THR B 286 -20.76 -34.90 -24.80
N LEU B 287 -21.95 -34.38 -25.10
CA LEU B 287 -22.41 -34.30 -26.47
C LEU B 287 -21.62 -33.25 -27.23
N PRO B 288 -21.00 -33.61 -28.36
CA PRO B 288 -20.22 -32.65 -29.17
C PRO B 288 -21.10 -31.79 -30.07
N VAL B 289 -21.75 -30.81 -29.46
CA VAL B 289 -22.64 -29.93 -30.20
C VAL B 289 -21.81 -28.93 -31.00
N TYR B 290 -22.38 -28.48 -32.12
CA TYR B 290 -21.71 -27.53 -32.98
C TYR B 290 -22.22 -26.09 -32.81
N ASP B 291 -23.41 -25.91 -32.27
CA ASP B 291 -24.02 -24.59 -32.15
C ASP B 291 -24.55 -24.38 -30.74
N THR B 292 -24.67 -23.12 -30.37
CA THR B 292 -25.21 -22.77 -29.06
C THR B 292 -26.72 -22.97 -29.04
N ILE B 293 -27.20 -23.62 -27.99
CA ILE B 293 -28.62 -23.88 -27.82
C ILE B 293 -29.26 -22.69 -27.11
N LYS B 294 -30.33 -22.16 -27.69
CA LYS B 294 -31.01 -21.01 -27.12
C LYS B 294 -32.38 -21.34 -26.53
N TYR B 295 -33.10 -22.31 -27.08
CA TYR B 295 -34.46 -22.60 -26.64
C TYR B 295 -34.65 -24.10 -26.46
N TYR B 296 -35.62 -24.46 -25.62
CA TYR B 296 -35.91 -25.85 -25.31
C TYR B 296 -37.41 -26.02 -25.10
N SER B 297 -37.84 -27.28 -25.19
CA SER B 297 -39.25 -27.64 -25.09
C SER B 297 -39.36 -29.12 -24.74
N ILE B 298 -40.57 -29.52 -24.36
CA ILE B 298 -40.85 -30.86 -23.87
C ILE B 298 -41.80 -31.54 -24.85
N ILE B 299 -41.44 -32.75 -25.28
CA ILE B 299 -42.34 -33.51 -26.16
C ILE B 299 -43.48 -34.09 -25.33
N PRO B 300 -44.73 -33.91 -25.74
CA PRO B 300 -45.83 -34.63 -25.08
C PRO B 300 -45.71 -36.12 -25.30
N HIS B 301 -46.17 -36.89 -24.33
CA HIS B 301 -46.12 -38.35 -24.37
C HIS B 301 -47.41 -38.92 -23.82
N SER B 302 -47.97 -39.88 -24.53
CA SER B 302 -49.20 -40.55 -24.14
C SER B 302 -48.93 -42.04 -24.03
N ILE B 303 -49.79 -42.71 -23.26
CA ILE B 303 -49.67 -44.14 -23.00
C ILE B 303 -50.92 -44.83 -23.51
N ARG B 304 -50.74 -45.81 -24.38
CA ARG B 304 -51.86 -46.56 -24.94
C ARG B 304 -52.22 -47.76 -24.08
N SER B 305 -52.40 -47.51 -22.78
CA SER B 305 -52.80 -48.57 -21.87
C SER B 305 -54.31 -48.78 -21.95
N ILE B 306 -54.73 -50.00 -21.64
CA ILE B 306 -56.16 -50.30 -21.64
C ILE B 306 -56.84 -49.62 -20.46
N GLN B 307 -58.15 -49.42 -20.61
CA GLN B 307 -58.92 -48.67 -19.60
C GLN B 307 -58.99 -49.43 -18.29
N SER B 308 -59.09 -50.76 -18.34
CA SER B 308 -59.17 -51.56 -17.12
C SER B 308 -57.84 -51.66 -16.39
N ASP B 309 -56.73 -51.28 -17.02
CA ASP B 309 -55.41 -51.30 -16.40
C ASP B 309 -54.70 -49.97 -16.62
N ARG B 310 -55.41 -48.88 -16.39
CA ARG B 310 -54.81 -47.56 -16.47
C ARG B 310 -53.94 -47.33 -15.24
N LYS B 311 -52.63 -47.16 -15.45
CA LYS B 311 -51.67 -47.05 -14.36
C LYS B 311 -51.15 -45.62 -14.28
N ALA B 312 -51.02 -45.12 -13.05
CA ALA B 312 -50.62 -43.75 -12.83
C ALA B 312 -49.16 -43.54 -13.18
N TRP B 313 -48.87 -42.39 -13.80
CA TRP B 313 -47.51 -42.03 -14.20
C TRP B 313 -47.05 -40.81 -13.40
N ALA B 314 -45.75 -40.76 -13.12
CA ALA B 314 -45.20 -39.71 -12.28
C ALA B 314 -45.15 -38.38 -13.03
N ALA B 315 -44.97 -37.31 -12.27
CA ALA B 315 -44.82 -35.96 -12.79
C ALA B 315 -43.41 -35.47 -12.45
N PHE B 316 -42.78 -34.81 -13.41
CA PHE B 316 -41.42 -34.32 -13.23
C PHE B 316 -41.41 -32.80 -13.10
N TYR B 317 -40.22 -32.27 -12.82
CA TYR B 317 -40.04 -30.86 -12.52
C TYR B 317 -38.86 -30.33 -13.32
N VAL B 318 -38.84 -29.00 -13.51
CA VAL B 318 -37.76 -28.32 -14.21
C VAL B 318 -37.37 -27.10 -13.40
N TYR B 319 -36.06 -26.94 -13.13
CA TYR B 319 -35.55 -25.79 -12.40
C TYR B 319 -34.36 -25.22 -13.16
N LYS B 320 -34.44 -23.92 -13.49
CA LYS B 320 -33.42 -23.29 -14.31
C LYS B 320 -32.15 -23.01 -13.50
N LEU B 321 -31.03 -22.88 -14.21
CA LEU B 321 -29.73 -22.62 -13.61
C LEU B 321 -29.22 -21.25 -14.03
N GLN B 322 -28.61 -20.54 -13.08
CA GLN B 322 -27.97 -19.26 -13.32
C GLN B 322 -26.72 -19.19 -12.45
N PRO B 323 -25.76 -18.33 -12.78
CA PRO B 323 -24.51 -18.29 -11.99
C PRO B 323 -24.72 -17.72 -10.59
N LEU B 324 -24.28 -18.46 -9.59
CA LEU B 324 -24.24 -18.00 -8.21
C LEU B 324 -22.92 -18.44 -7.58
N THR B 325 -22.81 -18.20 -6.28
CA THR B 325 -21.71 -18.67 -5.44
C THR B 325 -22.31 -19.42 -4.27
N PHE B 326 -22.22 -20.74 -4.29
CA PHE B 326 -22.79 -21.58 -3.26
C PHE B 326 -21.74 -21.90 -2.21
N LEU B 327 -22.21 -22.34 -1.05
CA LEU B 327 -21.32 -22.89 -0.02
C LEU B 327 -21.69 -24.36 0.16
N LEU B 328 -20.70 -25.24 0.02
CA LEU B 328 -20.91 -26.68 -0.03
C LEU B 328 -20.17 -27.34 1.11
N ASP B 329 -20.77 -28.39 1.69
CA ASP B 329 -20.14 -29.19 2.72
C ASP B 329 -19.83 -30.56 2.10
N PHE B 330 -18.57 -30.77 1.72
CA PHE B 330 -18.13 -32.05 1.23
C PHE B 330 -17.83 -32.95 2.43
N SER B 331 -18.52 -34.08 2.49
CA SER B 331 -18.42 -34.99 3.63
C SER B 331 -17.19 -35.88 3.49
N VAL B 332 -17.11 -36.93 4.32
CA VAL B 332 -15.97 -37.83 4.29
C VAL B 332 -15.94 -38.62 2.98
N ASP B 333 -17.10 -38.98 2.43
CA ASP B 333 -17.15 -39.65 1.14
C ASP B 333 -17.10 -38.69 -0.03
N GLY B 334 -17.14 -37.37 0.23
CA GLY B 334 -17.13 -36.38 -0.82
C GLY B 334 -18.48 -36.08 -1.41
N TYR B 335 -19.53 -36.78 -1.01
CA TYR B 335 -20.86 -36.50 -1.52
C TYR B 335 -21.41 -35.21 -0.91
N ILE B 336 -22.21 -34.50 -1.70
CA ILE B 336 -22.84 -33.28 -1.24
C ILE B 336 -24.11 -33.63 -0.48
N ARG B 337 -24.15 -33.27 0.79
CA ARG B 337 -25.34 -33.48 1.61
C ARG B 337 -25.83 -32.20 2.28
N ARG B 338 -24.99 -31.17 2.39
CA ARG B 338 -25.39 -29.91 3.00
C ARG B 338 -24.86 -28.77 2.13
N ALA B 339 -25.74 -27.84 1.79
CA ALA B 339 -25.39 -26.75 0.92
C ALA B 339 -26.26 -25.54 1.24
N ILE B 340 -25.67 -24.35 1.20
CA ILE B 340 -26.38 -23.13 1.52
C ILE B 340 -26.01 -22.09 0.45
N ASP B 341 -26.88 -21.11 0.30
CA ASP B 341 -26.78 -20.17 -0.80
C ASP B 341 -26.08 -18.91 -0.35
N CYS B 342 -26.00 -17.92 -1.23
CA CYS B 342 -25.60 -16.57 -0.87
C CYS B 342 -26.67 -15.54 -1.17
N GLY B 343 -27.72 -15.90 -1.91
CA GLY B 343 -28.69 -14.92 -2.34
C GLY B 343 -30.13 -15.39 -2.33
N PHE B 344 -30.43 -16.46 -1.59
CA PHE B 344 -31.83 -16.81 -1.40
C PHE B 344 -32.50 -15.83 -0.44
N ASN B 345 -31.81 -15.50 0.65
CA ASN B 345 -32.36 -14.61 1.66
C ASN B 345 -31.21 -13.92 2.37
N ASP B 346 -31.52 -13.31 3.52
CA ASP B 346 -30.49 -12.67 4.32
C ASP B 346 -29.50 -13.67 4.89
N LEU B 347 -30.03 -14.77 5.46
CA LEU B 347 -29.18 -15.72 6.19
C LEU B 347 -28.23 -16.45 5.25
N SER B 348 -28.60 -16.61 3.99
CA SER B 348 -27.69 -17.20 3.02
C SER B 348 -26.47 -16.33 2.80
N GLN B 349 -26.68 -15.01 2.65
CA GLN B 349 -25.57 -14.07 2.52
C GLN B 349 -24.74 -14.05 3.80
N LEU B 350 -25.41 -14.16 4.95
CA LEU B 350 -24.69 -14.20 6.22
C LEU B 350 -23.82 -15.45 6.33
N HIS B 351 -24.32 -16.58 5.86
CA HIS B 351 -23.55 -17.82 5.92
C HIS B 351 -22.36 -17.79 4.97
N CYS B 352 -22.56 -17.28 3.75
CA CYS B 352 -21.42 -17.15 2.85
C CYS B 352 -20.49 -16.01 3.24
N SER B 353 -20.89 -15.14 4.15
CA SER B 353 -19.95 -14.15 4.67
C SER B 353 -18.93 -14.75 5.62
N TYR B 354 -19.13 -15.99 6.06
CA TYR B 354 -18.21 -16.65 6.98
C TYR B 354 -17.62 -17.95 6.44
N GLU B 355 -18.11 -18.43 5.29
CA GLU B 355 -17.68 -19.71 4.70
C GLU B 355 -17.88 -20.88 5.65
N SER B 356 -18.97 -20.84 6.41
CA SER B 356 -19.24 -21.89 7.39
C SER B 356 -20.75 -21.96 7.62
N PHE B 357 -21.21 -23.14 8.01
CA PHE B 357 -22.62 -23.33 8.34
C PHE B 357 -22.95 -22.96 9.77
N ASP B 358 -21.94 -22.73 10.60
CA ASP B 358 -22.15 -22.32 11.99
C ASP B 358 -21.60 -20.91 12.17
N VAL B 359 -22.45 -20.01 12.65
CA VAL B 359 -22.05 -18.63 12.88
C VAL B 359 -22.20 -18.34 14.37
N GLU B 360 -21.91 -17.11 14.77
CA GLU B 360 -22.05 -16.69 16.15
C GLU B 360 -23.27 -15.79 16.31
N SER B 361 -23.86 -15.83 17.50
CA SER B 361 -25.00 -14.96 17.78
C SER B 361 -24.54 -13.52 17.92
N GLY B 362 -25.16 -12.63 17.16
CA GLY B 362 -24.78 -11.23 17.18
C GLY B 362 -25.43 -10.41 16.10
N VAL B 363 -25.59 -9.11 16.36
CA VAL B 363 -26.16 -8.20 15.37
C VAL B 363 -25.14 -8.02 14.25
N TYR B 364 -25.58 -8.27 13.01
CA TYR B 364 -24.70 -8.31 11.86
C TYR B 364 -25.18 -7.32 10.82
N SER B 365 -24.29 -6.43 10.38
CA SER B 365 -24.60 -5.56 9.26
C SER B 365 -24.62 -6.36 7.97
N VAL B 366 -25.59 -6.05 7.11
CA VAL B 366 -25.80 -6.80 5.88
C VAL B 366 -26.14 -5.79 4.78
N SER B 367 -26.10 -6.25 3.53
CA SER B 367 -26.29 -5.38 2.39
C SER B 367 -27.69 -4.76 2.38
N SER B 368 -27.72 -3.44 2.28
CA SER B 368 -28.97 -2.69 2.30
C SER B 368 -29.67 -2.80 0.94
N PHE B 369 -30.90 -2.27 0.90
CA PHE B 369 -31.72 -2.35 -0.29
C PHE B 369 -32.02 -0.93 -0.80
N GLU B 370 -32.41 -0.86 -2.07
CA GLU B 370 -32.57 0.40 -2.80
C GLU B 370 -34.03 0.60 -3.16
N ALA B 371 -34.50 1.85 -3.02
CA ALA B 371 -35.85 2.19 -3.45
C ALA B 371 -35.91 2.32 -4.96
N LYS B 372 -36.99 1.81 -5.54
CA LYS B 372 -37.15 1.84 -6.99
C LYS B 372 -37.50 3.26 -7.46
N PRO B 373 -37.04 3.64 -8.66
CA PRO B 373 -37.42 4.96 -9.19
C PRO B 373 -38.91 5.03 -9.52
N SER B 374 -39.46 6.23 -9.34
CA SER B 374 -40.87 6.49 -9.59
C SER B 374 -41.15 7.01 -10.99
N GLY B 375 -40.11 7.24 -11.79
CA GLY B 375 -40.31 7.79 -13.12
C GLY B 375 -39.05 8.50 -13.58
N SER B 376 -39.19 9.23 -14.68
CA SER B 376 -38.08 9.95 -15.28
C SER B 376 -38.53 11.35 -15.66
N VAL B 377 -37.63 12.32 -15.45
CA VAL B 377 -37.86 13.71 -15.88
C VAL B 377 -36.71 14.12 -16.79
N VAL B 378 -37.07 14.70 -17.94
CA VAL B 378 -36.10 15.25 -18.90
C VAL B 378 -36.67 16.60 -19.31
N GLU B 379 -36.11 17.68 -18.76
CA GLU B 379 -36.65 19.00 -19.04
C GLU B 379 -35.58 20.06 -18.80
N GLN B 380 -35.22 20.78 -19.85
CA GLN B 380 -34.41 21.99 -19.79
C GLN B 380 -34.68 22.74 -21.09
N ALA B 381 -33.98 23.86 -21.29
CA ALA B 381 -34.23 24.70 -22.46
C ALA B 381 -33.82 24.01 -23.75
N GLU B 382 -34.66 24.15 -24.77
CA GLU B 382 -34.40 23.58 -26.10
C GLU B 382 -34.60 24.65 -27.16
N GLY B 383 -33.99 24.42 -28.31
CA GLY B 383 -34.12 25.35 -29.42
C GLY B 383 -34.26 24.67 -30.78
N VAL B 384 -33.68 25.30 -31.80
CA VAL B 384 -33.74 24.76 -33.16
C VAL B 384 -32.80 23.57 -33.27
N GLU B 385 -33.06 22.71 -34.26
CA GLU B 385 -32.21 21.56 -34.51
C GLU B 385 -30.83 22.00 -34.99
N CYS B 386 -29.84 21.14 -34.75
CA CYS B 386 -28.48 21.41 -35.21
C CYS B 386 -28.43 21.35 -36.73
N ASP B 387 -27.69 22.27 -37.34
CA ASP B 387 -27.64 22.42 -38.79
C ASP B 387 -26.39 21.73 -39.33
N PHE B 388 -26.59 20.74 -40.20
CA PHE B 388 -25.50 20.02 -40.83
C PHE B 388 -25.43 20.26 -42.33
N SER B 389 -26.11 21.30 -42.82
CA SER B 389 -26.13 21.59 -44.26
C SER B 389 -24.76 21.93 -44.85
N PRO B 390 -23.94 22.85 -44.30
CA PRO B 390 -22.64 23.12 -44.94
C PRO B 390 -21.68 21.94 -44.88
N LEU B 391 -21.89 20.99 -43.97
CA LEU B 391 -21.14 19.74 -44.02
C LEU B 391 -21.48 18.95 -45.28
N LEU B 392 -22.75 18.94 -45.67
CA LEU B 392 -23.22 18.17 -46.80
C LEU B 392 -23.15 18.93 -48.11
N SER B 393 -22.78 20.21 -48.08
CA SER B 393 -22.74 21.04 -49.28
C SER B 393 -21.32 21.53 -49.52
N GLY B 394 -20.96 21.65 -50.80
CA GLY B 394 -19.66 22.14 -51.18
C GLY B 394 -18.59 21.07 -51.17
N THR B 395 -17.41 21.46 -51.65
CA THR B 395 -16.28 20.53 -51.69
C THR B 395 -15.70 20.35 -50.30
N PRO B 396 -15.57 19.12 -49.82
CA PRO B 396 -14.85 18.87 -48.58
C PRO B 396 -13.39 19.25 -48.71
N PRO B 397 -12.83 19.93 -47.73
CA PRO B 397 -11.43 20.38 -47.82
C PRO B 397 -10.47 19.25 -47.44
N GLN B 398 -9.19 19.55 -47.51
CA GLN B 398 -8.16 18.54 -47.29
C GLN B 398 -8.01 18.24 -45.80
N VAL B 399 -7.19 17.23 -45.51
CA VAL B 399 -7.00 16.78 -44.13
C VAL B 399 -6.29 17.83 -43.28
N TYR B 400 -5.36 18.57 -43.86
CA TYR B 400 -4.68 19.62 -43.12
C TYR B 400 -5.48 20.92 -43.08
N ASN B 401 -6.63 20.97 -43.73
CA ASN B 401 -7.51 22.14 -43.76
C ASN B 401 -8.92 21.76 -43.38
N PHE B 402 -9.07 20.92 -42.34
CA PHE B 402 -10.37 20.39 -41.97
C PHE B 402 -11.31 21.49 -41.48
N LYS B 403 -12.57 21.41 -41.89
CA LYS B 403 -13.55 22.44 -41.52
C LYS B 403 -14.30 22.02 -40.27
N ARG B 404 -14.41 22.96 -39.32
CA ARG B 404 -14.92 22.70 -37.99
C ARG B 404 -16.32 23.27 -37.84
N LEU B 405 -17.24 22.47 -37.29
CA LEU B 405 -18.58 22.91 -36.96
C LEU B 405 -18.82 22.66 -35.48
N VAL B 406 -19.29 23.69 -34.79
CA VAL B 406 -19.59 23.63 -33.36
C VAL B 406 -21.10 23.59 -33.19
N PHE B 407 -21.57 22.86 -32.18
CA PHE B 407 -22.99 22.72 -31.90
C PHE B 407 -23.20 22.87 -30.40
N THR B 408 -23.97 23.89 -30.03
CA THR B 408 -24.38 24.13 -28.66
C THR B 408 -25.84 24.59 -28.67
N ASN B 409 -26.61 24.05 -27.72
CA ASN B 409 -28.03 24.35 -27.54
C ASN B 409 -28.85 24.01 -28.80
N CYS B 410 -28.80 22.74 -29.18
CA CYS B 410 -29.56 22.29 -30.34
C CYS B 410 -29.90 20.81 -30.24
N ASN B 411 -30.68 20.36 -31.21
CA ASN B 411 -31.20 19.00 -31.28
C ASN B 411 -30.57 18.31 -32.49
N TYR B 412 -29.92 17.17 -32.24
CA TYR B 412 -29.22 16.43 -33.28
C TYR B 412 -29.73 15.00 -33.29
N ASN B 413 -30.04 14.49 -34.48
CA ASN B 413 -30.48 13.11 -34.66
C ASN B 413 -29.56 12.44 -35.65
N LEU B 414 -28.91 11.35 -35.23
CA LEU B 414 -27.97 10.66 -36.09
C LEU B 414 -28.66 9.92 -37.24
N THR B 415 -29.96 9.62 -37.10
CA THR B 415 -30.70 8.97 -38.17
C THR B 415 -30.97 9.89 -39.35
N LYS B 416 -30.72 11.19 -39.21
CA LYS B 416 -30.95 12.12 -40.30
C LYS B 416 -29.74 12.29 -41.21
N LEU B 417 -28.53 12.08 -40.69
CA LEU B 417 -27.32 12.27 -41.49
C LEU B 417 -26.46 11.03 -41.63
N LEU B 418 -26.41 10.15 -40.61
CA LEU B 418 -25.63 8.93 -40.72
C LEU B 418 -26.29 7.92 -41.63
N SER B 419 -27.61 8.02 -41.84
CA SER B 419 -28.30 7.13 -42.77
C SER B 419 -27.83 7.36 -44.20
N LEU B 420 -27.59 8.62 -44.57
CA LEU B 420 -27.06 8.94 -45.89
C LEU B 420 -25.54 8.81 -45.96
N PHE B 421 -24.89 8.48 -44.86
CA PHE B 421 -23.44 8.33 -44.83
C PHE B 421 -23.07 6.87 -45.13
N SER B 422 -22.40 6.65 -46.27
CA SER B 422 -21.91 5.32 -46.63
C SER B 422 -20.63 5.08 -45.84
N VAL B 423 -20.80 4.70 -44.58
CA VAL B 423 -19.70 4.66 -43.62
C VAL B 423 -18.83 3.44 -43.91
N ASN B 424 -17.62 3.69 -44.42
CA ASN B 424 -16.67 2.60 -44.62
C ASN B 424 -16.07 2.14 -43.30
N ASP B 425 -15.71 3.09 -42.44
CA ASP B 425 -15.05 2.79 -41.17
C ASP B 425 -15.67 3.62 -40.07
N PHE B 426 -15.87 3.00 -38.90
CA PHE B 426 -16.43 3.68 -37.74
C PHE B 426 -15.66 3.23 -36.51
N THR B 427 -14.86 4.13 -35.94
CA THR B 427 -14.13 3.86 -34.72
C THR B 427 -14.44 4.94 -33.70
N CYS B 428 -14.36 4.59 -32.42
CA CYS B 428 -14.60 5.56 -31.35
C CYS B 428 -13.65 5.26 -30.20
N SER B 429 -12.78 6.23 -29.88
CA SER B 429 -11.77 6.08 -28.85
C SER B 429 -12.19 6.81 -27.58
N GLN B 430 -12.06 6.12 -26.45
CA GLN B 430 -12.47 6.55 -25.12
C GLN B 430 -13.95 6.95 -25.06
N ILE B 431 -14.77 6.32 -25.89
CA ILE B 431 -16.22 6.54 -25.91
C ILE B 431 -16.80 5.39 -26.72
N SER B 432 -18.03 5.01 -26.38
CA SER B 432 -18.65 3.95 -27.16
C SER B 432 -19.24 4.54 -28.44
N PRO B 433 -19.27 3.75 -29.53
CA PRO B 433 -19.90 4.24 -30.77
C PRO B 433 -21.37 4.58 -30.65
N ALA B 434 -22.10 3.91 -29.75
CA ALA B 434 -23.51 4.18 -29.57
C ALA B 434 -23.78 5.33 -28.60
N ALA B 435 -22.75 5.86 -27.94
CA ALA B 435 -22.97 6.96 -27.00
C ALA B 435 -23.31 8.26 -27.71
N ILE B 436 -22.79 8.46 -28.92
CA ILE B 436 -23.02 9.70 -29.64
C ILE B 436 -24.46 9.82 -30.13
N ALA B 437 -25.20 8.70 -30.21
CA ALA B 437 -26.56 8.74 -30.69
C ALA B 437 -27.57 9.13 -29.62
N SER B 438 -27.25 8.90 -28.34
CA SER B 438 -28.21 9.12 -27.26
C SER B 438 -27.74 10.12 -26.23
N ASN B 439 -26.45 10.10 -25.87
CA ASN B 439 -25.98 10.90 -24.75
C ASN B 439 -25.85 12.37 -25.14
N CYS B 440 -26.06 13.24 -24.16
CA CYS B 440 -26.05 14.68 -24.35
C CYS B 440 -24.78 15.30 -23.77
N TYR B 441 -24.36 16.41 -24.37
CA TYR B 441 -23.08 17.03 -24.05
C TYR B 441 -23.26 18.53 -23.91
N SER B 442 -22.22 19.19 -23.38
CA SER B 442 -22.22 20.66 -23.37
C SER B 442 -22.00 21.21 -24.76
N SER B 443 -21.08 20.64 -25.52
CA SER B 443 -20.89 21.07 -26.90
C SER B 443 -20.41 19.89 -27.73
N LEU B 444 -20.70 19.96 -29.03
CA LEU B 444 -20.27 18.95 -29.98
C LEU B 444 -19.47 19.63 -31.07
N ILE B 445 -18.20 19.25 -31.22
CA ILE B 445 -17.34 19.80 -32.26
C ILE B 445 -17.06 18.70 -33.27
N LEU B 446 -17.09 19.05 -34.55
CA LEU B 446 -17.04 18.06 -35.62
C LEU B 446 -16.30 18.64 -36.80
N ASP B 447 -15.20 18.00 -37.20
CA ASP B 447 -14.42 18.46 -38.35
C ASP B 447 -14.58 17.49 -39.50
N TYR B 448 -14.86 18.02 -40.68
CA TYR B 448 -14.91 17.21 -41.89
C TYR B 448 -13.77 17.58 -42.82
N PHE B 449 -13.24 16.56 -43.48
CA PHE B 449 -12.09 16.72 -44.36
C PHE B 449 -12.13 15.65 -45.45
N SER B 450 -11.35 15.85 -46.50
CA SER B 450 -11.23 14.84 -47.55
C SER B 450 -10.20 13.80 -47.10
N TYR B 451 -10.65 12.56 -46.94
CA TYR B 451 -9.82 11.50 -46.39
C TYR B 451 -10.14 10.19 -47.11
N PRO B 452 -9.32 9.80 -48.09
CA PRO B 452 -9.52 8.51 -48.74
C PRO B 452 -9.05 7.36 -47.85
N LEU B 453 -9.32 6.15 -48.31
CA LEU B 453 -9.10 4.96 -47.51
C LEU B 453 -7.63 4.57 -47.38
N SER B 454 -6.77 5.10 -48.26
CA SER B 454 -5.39 4.60 -48.37
C SER B 454 -4.57 4.82 -47.10
N MET B 455 -4.72 5.99 -46.47
CA MET B 455 -4.08 6.25 -45.18
C MET B 455 -5.03 6.08 -44.00
N LYS B 456 -6.00 5.15 -44.13
CA LYS B 456 -6.91 4.81 -43.03
C LYS B 456 -6.14 4.32 -41.81
N SER B 457 -5.11 3.48 -42.03
CA SER B 457 -4.29 2.99 -40.93
C SER B 457 -3.49 4.11 -40.26
N ASP B 458 -3.36 5.27 -40.90
CA ASP B 458 -2.74 6.43 -40.27
C ASP B 458 -3.67 7.18 -39.35
N LEU B 459 -4.95 6.78 -39.27
CA LEU B 459 -5.91 7.44 -38.40
C LEU B 459 -5.70 7.16 -36.93
N SER B 460 -4.84 6.20 -36.58
CA SER B 460 -4.58 5.90 -35.18
C SER B 460 -3.83 7.05 -34.51
N VAL B 461 -4.07 7.21 -33.21
CA VAL B 461 -3.45 8.30 -32.46
C VAL B 461 -1.95 8.07 -32.34
N SER B 462 -1.52 6.84 -32.07
CA SER B 462 -0.12 6.52 -31.88
C SER B 462 0.66 6.43 -33.18
N SER B 463 -0.01 6.53 -34.33
CA SER B 463 0.68 6.46 -35.62
C SER B 463 1.57 7.68 -35.82
N ALA B 464 2.73 7.46 -36.44
CA ALA B 464 3.72 8.49 -36.66
C ALA B 464 3.72 9.01 -38.10
N GLY B 465 2.62 8.80 -38.83
CA GLY B 465 2.54 9.22 -40.21
C GLY B 465 2.42 10.73 -40.35
N PRO B 466 2.56 11.23 -41.58
CA PRO B 466 2.47 12.68 -41.81
C PRO B 466 1.12 13.29 -41.46
N ILE B 467 0.04 12.49 -41.52
CA ILE B 467 -1.28 12.97 -41.11
C ILE B 467 -1.28 13.32 -39.62
N SER B 468 -0.70 12.46 -38.79
CA SER B 468 -0.56 12.74 -37.38
C SER B 468 0.63 13.64 -37.06
N GLN B 469 1.53 13.86 -38.04
CA GLN B 469 2.70 14.70 -37.82
C GLN B 469 2.41 16.17 -38.05
N PHE B 470 1.85 16.53 -39.21
CA PHE B 470 1.69 17.92 -39.58
C PHE B 470 0.30 18.29 -40.08
N ASN B 471 -0.63 17.35 -40.18
CA ASN B 471 -1.95 17.63 -40.73
C ASN B 471 -3.01 17.84 -39.65
N TYR B 472 -3.18 16.86 -38.77
CA TYR B 472 -4.25 16.92 -37.77
C TYR B 472 -3.90 15.98 -36.62
N LYS B 473 -4.19 16.42 -35.39
CA LYS B 473 -4.03 15.58 -34.21
C LYS B 473 -5.28 15.65 -33.36
N GLN B 474 -5.65 14.52 -32.78
CA GLN B 474 -6.86 14.39 -31.98
C GLN B 474 -6.63 14.97 -30.58
N SER B 475 -7.70 15.01 -29.80
CA SER B 475 -7.62 15.46 -28.42
C SER B 475 -7.38 14.27 -27.51
N PHE B 476 -6.27 14.29 -26.77
CA PHE B 476 -5.95 13.19 -25.87
C PHE B 476 -6.90 13.13 -24.69
N SER B 477 -7.36 14.29 -24.21
CA SER B 477 -8.17 14.38 -23.00
C SER B 477 -9.67 14.42 -23.28
N ASN B 478 -10.10 14.29 -24.54
CA ASN B 478 -11.51 14.33 -24.86
C ASN B 478 -11.89 13.10 -25.68
N PRO B 479 -13.11 12.58 -25.48
CA PRO B 479 -13.55 11.41 -26.25
C PRO B 479 -13.68 11.72 -27.73
N THR B 480 -13.27 10.76 -28.57
CA THR B 480 -13.17 10.99 -30.00
C THR B 480 -13.87 9.88 -30.78
N CYS B 481 -14.30 10.22 -31.99
CA CYS B 481 -14.84 9.25 -32.94
C CYS B 481 -14.38 9.60 -34.34
N LEU B 482 -14.00 8.59 -35.11
CA LEU B 482 -13.57 8.74 -36.49
C LEU B 482 -14.54 7.99 -37.41
N ILE B 483 -15.01 8.68 -38.44
CA ILE B 483 -15.89 8.11 -39.45
C ILE B 483 -15.23 8.29 -40.81
N LEU B 484 -15.07 7.20 -41.55
CA LEU B 484 -14.61 7.24 -42.94
C LEU B 484 -15.77 6.82 -43.82
N ALA B 485 -16.21 7.73 -44.69
CA ALA B 485 -17.40 7.52 -45.49
C ALA B 485 -17.10 7.80 -46.97
N THR B 486 -18.05 7.46 -47.82
CA THR B 486 -17.93 7.61 -49.26
C THR B 486 -19.19 8.26 -49.80
N VAL B 487 -19.05 9.03 -50.88
CA VAL B 487 -20.16 9.69 -51.55
C VAL B 487 -21.13 8.64 -52.11
N PRO B 488 -22.41 8.68 -51.73
CA PRO B 488 -23.38 7.77 -52.34
C PRO B 488 -23.65 8.16 -53.78
N HIS B 489 -24.02 7.16 -54.58
CA HIS B 489 -24.30 7.40 -56.00
C HIS B 489 -25.57 8.22 -56.18
N ASN B 490 -26.56 8.01 -55.31
CA ASN B 490 -27.79 8.79 -55.35
C ASN B 490 -27.71 9.96 -54.36
N LEU B 491 -26.67 10.77 -54.54
CA LEU B 491 -26.45 11.96 -53.72
C LEU B 491 -25.62 12.94 -54.52
N THR B 492 -26.27 13.96 -55.08
CA THR B 492 -25.62 14.96 -55.91
C THR B 492 -25.46 16.30 -55.21
N THR B 493 -25.72 16.35 -53.90
CA THR B 493 -25.63 17.61 -53.17
C THR B 493 -24.22 17.96 -52.73
N ILE B 494 -23.24 17.08 -52.97
CA ILE B 494 -21.87 17.33 -52.58
C ILE B 494 -21.00 17.18 -53.83
N THR B 495 -19.86 17.87 -53.82
CA THR B 495 -18.88 17.80 -54.89
C THR B 495 -17.61 17.14 -54.36
N LYS B 496 -16.63 17.00 -55.25
CA LYS B 496 -15.36 16.39 -54.92
C LYS B 496 -14.22 17.34 -55.24
N PRO B 497 -13.11 17.26 -54.50
CA PRO B 497 -11.93 18.07 -54.86
C PRO B 497 -11.25 17.54 -56.11
N LEU B 498 -10.28 18.33 -56.58
CA LEU B 498 -9.50 17.93 -57.75
C LEU B 498 -8.67 16.68 -57.44
N LYS B 499 -8.02 16.67 -56.29
CA LYS B 499 -7.22 15.53 -55.85
C LYS B 499 -7.01 15.66 -54.35
N TYR B 500 -6.71 14.54 -53.70
CA TYR B 500 -6.36 14.59 -52.30
C TYR B 500 -4.96 15.17 -52.14
N SER B 501 -4.72 15.85 -51.04
CA SER B 501 -3.40 16.43 -50.80
C SER B 501 -3.15 16.50 -49.30
N TYR B 502 -1.91 16.24 -48.90
CA TYR B 502 -1.54 16.36 -47.50
C TYR B 502 -0.08 16.80 -47.42
N ILE B 503 0.35 17.08 -46.19
CA ILE B 503 1.67 17.65 -45.92
C ILE B 503 2.55 16.59 -45.32
N ASN B 504 3.73 16.39 -45.91
CA ASN B 504 4.66 15.37 -45.42
C ASN B 504 5.88 15.96 -44.71
N LYS B 505 6.06 17.28 -44.74
CA LYS B 505 7.23 17.90 -44.14
C LYS B 505 6.86 19.30 -43.66
N CYS B 506 7.20 19.60 -42.42
CA CYS B 506 6.99 20.93 -41.85
C CYS B 506 8.02 21.16 -40.75
N SER B 507 8.88 22.17 -40.95
CA SER B 507 9.88 22.52 -39.97
C SER B 507 10.26 23.97 -40.17
N ARG B 508 10.88 24.55 -39.13
CA ARG B 508 11.28 25.95 -39.14
C ARG B 508 12.79 26.05 -39.34
N LEU B 509 13.21 26.83 -40.31
CA LEU B 509 14.62 27.15 -40.50
C LEU B 509 14.91 28.49 -39.83
N LEU B 510 15.87 28.49 -38.91
CA LEU B 510 16.26 29.70 -38.22
C LEU B 510 17.15 30.57 -39.11
N SER B 511 17.48 31.76 -38.61
CA SER B 511 18.31 32.69 -39.36
C SER B 511 19.77 32.29 -39.39
N ASP B 512 20.19 31.31 -38.59
CA ASP B 512 21.58 30.89 -38.55
C ASP B 512 21.97 29.95 -39.69
N ASP B 513 20.98 29.47 -40.46
CA ASP B 513 21.17 28.58 -41.62
C ASP B 513 21.82 27.24 -41.23
N ARG B 514 21.76 26.88 -39.95
CA ARG B 514 22.34 25.63 -39.48
C ARG B 514 21.43 24.84 -38.54
N THR B 515 20.42 25.47 -37.94
CA THR B 515 19.55 24.83 -36.97
C THR B 515 18.13 24.78 -37.51
N GLU B 516 17.52 23.59 -37.46
CA GLU B 516 16.16 23.38 -37.92
C GLU B 516 15.31 22.90 -36.74
N VAL B 517 14.20 23.60 -36.49
CA VAL B 517 13.31 23.32 -35.38
C VAL B 517 12.16 22.46 -35.89
N PRO B 518 11.97 21.25 -35.38
CA PRO B 518 10.79 20.47 -35.75
C PRO B 518 9.51 21.08 -35.20
N GLN B 519 8.42 20.84 -35.91
CA GLN B 519 7.10 21.32 -35.52
C GLN B 519 6.19 20.15 -35.21
N LEU B 520 5.31 20.34 -34.23
CA LEU B 520 4.37 19.32 -33.81
C LEU B 520 2.97 19.91 -33.78
N VAL B 521 2.02 19.20 -34.40
CA VAL B 521 0.63 19.64 -34.40
C VAL B 521 0.01 19.34 -33.04
N ASN B 522 -0.76 20.27 -32.52
CA ASN B 522 -1.39 20.14 -31.21
C ASN B 522 -2.83 19.67 -31.37
N ALA B 523 -3.55 19.63 -30.26
CA ALA B 523 -4.94 19.16 -30.26
C ALA B 523 -5.84 20.25 -30.85
N ASN B 524 -6.44 19.94 -32.00
CA ASN B 524 -7.34 20.84 -32.74
C ASN B 524 -6.66 22.17 -33.06
N GLN B 525 -5.38 22.10 -33.43
CA GLN B 525 -4.59 23.28 -33.75
C GLN B 525 -4.02 23.14 -35.16
N TYR B 526 -3.44 24.23 -35.64
CA TYR B 526 -2.93 24.30 -37.01
C TYR B 526 -1.47 24.71 -37.00
N SER B 527 -0.66 23.98 -37.77
CA SER B 527 0.75 24.30 -37.90
C SER B 527 0.93 25.61 -38.67
N PRO B 528 2.03 26.33 -38.43
CA PRO B 528 2.32 27.51 -39.25
C PRO B 528 2.54 27.20 -40.72
N CYS B 529 2.98 25.98 -41.05
CA CYS B 529 3.16 25.57 -42.44
C CYS B 529 1.86 25.56 -43.22
N VAL B 530 0.72 25.47 -42.53
CA VAL B 530 -0.58 25.59 -43.19
C VAL B 530 -0.75 26.97 -43.82
N SER B 531 -0.17 28.00 -43.18
CA SER B 531 -0.27 29.36 -43.72
C SER B 531 0.47 29.55 -45.04
N ILE B 532 1.40 28.66 -45.37
CA ILE B 532 2.14 28.75 -46.63
C ILE B 532 1.77 27.64 -47.61
N VAL B 533 1.05 26.62 -47.18
CA VAL B 533 0.65 25.51 -48.04
C VAL B 533 -0.75 25.80 -48.56
N PRO B 534 -0.98 25.82 -49.88
CA PRO B 534 -2.33 26.03 -50.41
C PRO B 534 -3.22 24.82 -50.14
N SER B 535 -4.52 25.07 -50.25
CA SER B 535 -5.50 24.00 -50.02
C SER B 535 -5.38 22.89 -51.06
N THR B 536 -5.20 23.25 -52.32
CA THR B 536 -5.02 22.28 -53.40
C THR B 536 -3.57 22.31 -53.84
N VAL B 537 -2.87 21.20 -53.66
CA VAL B 537 -1.47 21.07 -54.08
C VAL B 537 -1.46 20.59 -55.53
N TRP B 538 -0.70 21.29 -56.38
CA TRP B 538 -0.72 21.02 -57.81
C TRP B 538 -0.14 19.65 -58.14
N GLU B 539 0.96 19.27 -57.49
CA GLU B 539 1.61 18.02 -57.81
C GLU B 539 2.41 17.55 -56.60
N ASP B 540 2.80 16.27 -56.63
CA ASP B 540 3.61 15.70 -55.57
C ASP B 540 5.00 16.33 -55.57
N GLY B 541 5.57 16.48 -54.37
CA GLY B 541 6.87 17.11 -54.24
C GLY B 541 6.86 18.62 -54.34
N ASP B 542 5.70 19.26 -54.20
CA ASP B 542 5.64 20.71 -54.21
C ASP B 542 6.28 21.27 -52.95
N TYR B 543 7.15 22.26 -53.12
CA TYR B 543 7.90 22.85 -52.02
C TYR B 543 7.48 24.31 -51.86
N TYR B 544 7.09 24.69 -50.65
CA TYR B 544 6.64 26.04 -50.37
C TYR B 544 7.53 26.67 -49.30
N ARG B 545 7.86 27.94 -49.48
CA ARG B 545 8.75 28.65 -48.58
C ARG B 545 8.22 30.06 -48.34
N LYS B 546 8.55 30.61 -47.17
CA LYS B 546 8.18 31.97 -46.83
C LYS B 546 9.17 32.50 -45.80
N GLN B 547 9.21 33.83 -45.70
CA GLN B 547 10.13 34.52 -44.80
C GLN B 547 9.49 34.70 -43.43
N LEU B 548 10.26 34.43 -42.38
CA LEU B 548 9.82 34.57 -41.01
C LEU B 548 10.44 35.81 -40.38
N SER B 549 9.60 36.64 -39.76
CA SER B 549 10.07 37.85 -39.11
C SER B 549 10.86 37.51 -37.85
N PRO B 550 11.83 38.35 -37.47
CA PRO B 550 12.58 38.10 -36.22
C PRO B 550 11.72 38.14 -34.97
N LEU B 551 10.58 38.84 -34.99
CA LEU B 551 9.68 38.82 -33.85
C LEU B 551 9.00 37.46 -33.71
N GLU B 552 8.91 36.70 -34.80
CA GLU B 552 8.36 35.35 -34.80
C GLU B 552 9.45 34.28 -34.85
N GLY B 553 10.69 34.64 -34.46
CA GLY B 553 11.79 33.70 -34.43
C GLY B 553 12.79 33.85 -35.55
N GLY B 554 12.42 34.54 -36.64
CA GLY B 554 13.34 34.77 -37.73
C GLY B 554 13.50 33.57 -38.64
N GLY B 555 14.38 33.73 -39.62
CA GLY B 555 14.65 32.68 -40.58
C GLY B 555 13.56 32.49 -41.60
N TRP B 556 13.31 31.24 -42.00
CA TRP B 556 12.32 30.94 -43.02
C TRP B 556 11.49 29.74 -42.59
N LEU B 557 10.27 29.66 -43.14
CA LEU B 557 9.36 28.54 -42.90
C LEU B 557 9.11 27.85 -44.24
N VAL B 558 9.35 26.54 -44.27
CA VAL B 558 9.18 25.76 -45.49
C VAL B 558 8.27 24.58 -45.19
N ALA B 559 7.73 24.00 -46.26
CA ALA B 559 6.90 22.81 -46.16
C ALA B 559 6.90 22.08 -47.49
N SER B 560 6.56 20.79 -47.43
CA SER B 560 6.47 19.94 -48.60
C SER B 560 5.21 19.10 -48.51
N GLY B 561 4.55 18.89 -49.65
CA GLY B 561 3.29 18.18 -49.69
C GLY B 561 3.31 17.07 -50.72
N SER B 562 2.29 16.21 -50.63
CA SER B 562 2.10 15.10 -51.55
C SER B 562 0.64 15.05 -51.96
N THR B 563 0.40 14.51 -53.15
CA THR B 563 -0.92 14.44 -53.76
C THR B 563 -1.31 13.00 -54.04
N VAL B 564 -2.61 12.74 -53.91
CA VAL B 564 -3.21 11.45 -54.21
C VAL B 564 -4.27 11.68 -55.28
N ALA B 565 -4.23 10.86 -56.34
CA ALA B 565 -5.12 11.02 -57.47
C ALA B 565 -6.57 10.73 -57.09
N MET B 566 -7.48 11.38 -57.81
CA MET B 566 -8.91 11.25 -57.55
C MET B 566 -9.38 9.88 -58.04
N THR B 567 -9.92 9.07 -57.14
CA THR B 567 -10.43 7.75 -57.49
C THR B 567 -11.80 7.88 -58.15
N GLU B 568 -12.50 6.76 -58.28
CA GLU B 568 -13.83 6.77 -58.89
C GLU B 568 -14.85 7.50 -58.03
N GLN B 569 -14.78 7.32 -56.71
CA GLN B 569 -15.71 7.97 -55.80
C GLN B 569 -14.94 8.62 -54.66
N LEU B 570 -15.47 9.75 -54.19
CA LEU B 570 -14.82 10.53 -53.15
C LEU B 570 -15.06 9.91 -51.78
N GLN B 571 -13.99 9.75 -51.01
CA GLN B 571 -14.07 9.30 -49.63
C GLN B 571 -13.63 10.44 -48.71
N MET B 572 -14.37 10.64 -47.63
CA MET B 572 -14.10 11.73 -46.70
C MET B 572 -14.07 11.20 -45.28
N GLY B 573 -13.62 12.06 -44.37
CA GLY B 573 -13.51 11.71 -42.97
C GLY B 573 -14.13 12.75 -42.06
N PHE B 574 -14.83 12.26 -41.05
CA PHE B 574 -15.45 13.09 -40.02
C PHE B 574 -14.82 12.76 -38.67
N GLY B 575 -14.45 13.79 -37.93
CA GLY B 575 -13.97 13.64 -36.56
C GLY B 575 -14.95 14.27 -35.59
N ILE B 576 -15.44 13.47 -34.65
CA ILE B 576 -16.44 13.88 -33.69
C ILE B 576 -15.79 13.95 -32.31
N THR B 577 -15.89 15.10 -31.64
CA THR B 577 -15.39 15.24 -30.30
C THR B 577 -16.44 15.95 -29.46
N VAL B 578 -16.58 15.55 -28.21
CA VAL B 578 -17.64 16.03 -27.34
C VAL B 578 -17.04 16.73 -26.15
N GLN B 579 -17.81 17.65 -25.57
CA GLN B 579 -17.42 18.36 -24.35
C GLN B 579 -18.59 18.32 -23.38
N TYR B 580 -18.32 17.92 -22.15
CA TYR B 580 -19.36 17.63 -21.16
C TYR B 580 -19.62 18.78 -20.20
N GLY B 581 -18.66 19.67 -19.97
CA GLY B 581 -18.85 20.70 -18.98
C GLY B 581 -18.34 22.07 -19.37
N THR B 582 -18.01 22.25 -20.65
CA THR B 582 -17.49 23.54 -21.10
C THR B 582 -18.59 24.60 -21.21
N ASP B 583 -19.85 24.19 -21.24
CA ASP B 583 -20.97 25.11 -21.40
C ASP B 583 -22.18 24.39 -20.78
N THR B 584 -23.38 24.93 -21.00
CA THR B 584 -24.59 24.24 -20.57
C THR B 584 -24.79 22.98 -21.41
N ASN B 585 -25.04 21.86 -20.73
CA ASN B 585 -25.27 20.59 -21.41
C ASN B 585 -26.61 20.67 -22.13
N SER B 586 -26.55 20.96 -23.44
CA SER B 586 -27.76 21.35 -24.15
C SER B 586 -27.91 20.82 -25.56
N VAL B 587 -27.00 20.00 -26.07
CA VAL B 587 -27.20 19.33 -27.35
C VAL B 587 -27.77 17.94 -27.09
N CYS B 588 -28.92 17.65 -27.68
CA CYS B 588 -29.64 16.44 -27.31
C CYS B 588 -30.35 15.85 -28.52
N PRO B 589 -30.63 14.54 -28.48
CA PRO B 589 -31.51 13.96 -29.50
C PRO B 589 -32.97 14.31 -29.26
N LYS B 590 -33.75 14.20 -30.34
CA LYS B 590 -35.17 14.45 -30.27
C LYS B 590 -35.88 13.35 -29.49
N LEU B 591 -36.85 13.75 -28.68
CA LEU B 591 -37.58 12.81 -27.84
C LEU B 591 -39.01 13.30 -27.68
N GLU B 592 -39.95 12.37 -27.68
CA GLU B 592 -41.35 12.69 -27.42
C GLU B 592 -41.50 13.07 -25.94
N PHE B 593 -41.76 14.35 -25.69
CA PHE B 593 -41.84 14.86 -24.32
C PHE B 593 -43.27 14.72 -23.83
N ALA B 594 -43.51 13.72 -22.99
CA ALA B 594 -44.83 13.52 -22.42
C ALA B 594 -45.09 14.54 -21.31
N ASN B 595 -46.35 14.61 -20.88
CA ASN B 595 -46.72 15.56 -19.84
C ASN B 595 -46.18 15.19 -18.48
N ASP B 596 -45.84 13.93 -18.25
CA ASP B 596 -45.28 13.49 -16.98
C ASP B 596 -43.75 13.53 -17.01
N THR B 597 -43.20 14.68 -17.41
CA THR B 597 -41.77 14.92 -17.36
C THR B 597 -41.40 16.20 -16.65
N LYS B 598 -42.36 17.05 -16.31
CA LYS B 598 -42.07 18.27 -15.57
C LYS B 598 -41.74 17.94 -14.12
N ILE B 599 -41.02 18.87 -13.48
CA ILE B 599 -40.61 18.65 -12.10
C ILE B 599 -41.81 18.73 -11.16
N ALA B 600 -42.72 19.68 -11.43
CA ALA B 600 -43.89 19.86 -10.58
C ALA B 600 -44.85 18.68 -10.61
N SER B 601 -44.80 17.87 -11.67
CA SER B 601 -45.65 16.68 -11.72
C SER B 601 -45.16 15.62 -10.75
N GLN B 602 -43.84 15.49 -10.58
CA GLN B 602 -43.27 14.42 -9.78
C GLN B 602 -42.43 14.96 -8.63
N LEU B 603 -42.95 15.96 -7.91
CA LEU B 603 -42.23 16.51 -6.77
C LEU B 603 -42.19 15.52 -5.62
N GLY B 604 -41.06 15.48 -4.93
CA GLY B 604 -40.94 14.64 -3.74
C GLY B 604 -40.88 13.15 -4.02
N ASN B 605 -40.53 12.76 -5.23
CA ASN B 605 -40.48 11.34 -5.60
C ASN B 605 -39.11 11.03 -6.18
N CYS B 606 -38.59 9.85 -5.84
CA CYS B 606 -37.31 9.40 -6.37
C CYS B 606 -37.46 9.11 -7.85
N VAL B 607 -36.84 9.94 -8.68
CA VAL B 607 -36.94 9.81 -10.12
C VAL B 607 -35.53 9.75 -10.71
N GLU B 608 -35.41 9.04 -11.83
CA GLU B 608 -34.16 8.97 -12.57
C GLU B 608 -34.11 10.18 -13.50
N TYR B 609 -33.36 11.20 -13.09
CA TYR B 609 -33.30 12.45 -13.83
C TYR B 609 -32.19 12.39 -14.88
N SER B 610 -32.50 12.91 -16.06
CA SER B 610 -31.53 13.11 -17.14
C SER B 610 -31.66 14.57 -17.55
N LEU B 611 -30.98 15.45 -16.83
CA LEU B 611 -30.98 16.88 -17.12
C LEU B 611 -30.04 17.17 -18.28
N TYR B 612 -30.50 16.76 -19.47
CA TYR B 612 -29.92 17.09 -20.77
C TYR B 612 -28.43 16.77 -20.83
N GLY B 613 -28.07 15.62 -20.25
CA GLY B 613 -26.69 15.20 -20.11
C GLY B 613 -26.26 14.96 -18.68
N VAL B 614 -26.95 15.54 -17.70
CA VAL B 614 -26.62 15.31 -16.30
C VAL B 614 -27.51 14.16 -15.81
N SER B 615 -26.94 12.97 -15.70
CA SER B 615 -27.71 11.77 -15.40
C SER B 615 -27.58 11.40 -13.93
N GLY B 616 -28.64 10.82 -13.38
CA GLY B 616 -28.60 10.28 -12.04
C GLY B 616 -29.98 9.90 -11.57
N ARG B 617 -30.06 9.57 -10.28
CA ARG B 617 -31.34 9.35 -9.62
C ARG B 617 -31.40 10.20 -8.36
N GLY B 618 -32.55 10.81 -8.11
CA GLY B 618 -32.63 11.70 -6.97
C GLY B 618 -34.05 12.14 -6.68
N VAL B 619 -34.17 12.93 -5.62
CA VAL B 619 -35.44 13.47 -5.15
C VAL B 619 -35.41 14.98 -5.31
N PHE B 620 -36.43 15.53 -5.94
CA PHE B 620 -36.62 16.96 -6.09
C PHE B 620 -37.43 17.51 -4.92
N GLN B 621 -37.22 18.79 -4.63
CA GLN B 621 -37.89 19.47 -3.53
C GLN B 621 -37.93 20.95 -3.85
N ASN B 622 -38.82 21.68 -3.18
CA ASN B 622 -38.97 23.10 -3.40
C ASN B 622 -38.14 23.89 -2.40
N CYS B 623 -37.31 24.81 -2.91
CA CYS B 623 -36.45 25.63 -2.06
C CYS B 623 -36.51 27.10 -2.48
N THR B 624 -35.63 27.92 -1.92
CA THR B 624 -35.51 29.33 -2.29
C THR B 624 -34.35 29.51 -3.24
N ALA B 625 -34.40 30.61 -4.01
CA ALA B 625 -33.46 30.87 -5.09
C ALA B 625 -32.07 31.11 -4.54
N VAL B 626 -31.12 30.25 -4.90
CA VAL B 626 -29.75 30.30 -4.40
C VAL B 626 -28.81 30.06 -5.57
N GLY B 627 -27.84 30.95 -5.74
CA GLY B 627 -26.90 30.88 -6.84
C GLY B 627 -27.19 31.91 -7.91
N VAL B 628 -26.74 31.60 -9.13
CA VAL B 628 -26.97 32.45 -10.29
C VAL B 628 -27.85 31.71 -11.28
N ARG B 629 -28.70 32.46 -11.97
CA ARG B 629 -29.69 31.85 -12.86
C ARG B 629 -29.07 31.36 -14.15
N GLN B 630 -28.01 32.03 -14.61
CA GLN B 630 -27.48 31.75 -15.95
C GLN B 630 -26.79 30.40 -16.02
N GLN B 631 -26.14 29.97 -14.94
CA GLN B 631 -25.39 28.73 -14.98
C GLN B 631 -26.28 27.50 -14.90
N ARG B 632 -27.37 27.57 -14.12
CA ARG B 632 -28.43 26.58 -13.97
C ARG B 632 -27.97 25.27 -13.32
N PHE B 633 -26.75 25.19 -12.79
CA PHE B 633 -26.27 23.98 -12.13
C PHE B 633 -25.41 24.38 -10.94
N VAL B 634 -25.68 23.79 -9.78
CA VAL B 634 -24.91 24.08 -8.57
C VAL B 634 -24.40 22.77 -7.98
N TYR B 635 -23.21 22.84 -7.39
CA TYR B 635 -22.55 21.68 -6.81
C TYR B 635 -22.04 22.01 -5.42
N ASP B 636 -21.83 20.98 -4.63
CA ASP B 636 -21.23 21.11 -3.30
C ASP B 636 -19.71 21.07 -3.43
N ALA B 637 -19.02 20.91 -2.29
CA ALA B 637 -17.58 20.75 -2.32
C ALA B 637 -17.15 19.39 -2.84
N TYR B 638 -18.06 18.41 -2.91
CA TYR B 638 -17.73 17.06 -3.32
C TYR B 638 -18.28 16.72 -4.71
N GLN B 639 -18.54 17.75 -5.54
CA GLN B 639 -18.99 17.60 -6.92
C GLN B 639 -20.29 16.80 -7.03
N ASN B 640 -21.21 17.05 -6.12
CA ASN B 640 -22.55 16.46 -6.15
C ASN B 640 -23.55 17.55 -6.49
N LEU B 641 -24.45 17.26 -7.42
CA LEU B 641 -25.45 18.24 -7.84
C LEU B 641 -26.39 18.56 -6.69
N VAL B 642 -26.69 19.84 -6.49
CA VAL B 642 -27.47 20.30 -5.36
C VAL B 642 -28.85 20.79 -5.76
N GLY B 643 -28.94 21.54 -6.86
CA GLY B 643 -30.21 22.11 -7.26
C GLY B 643 -30.22 22.45 -8.73
N TYR B 644 -31.41 22.77 -9.23
CA TYR B 644 -31.60 23.04 -10.65
C TYR B 644 -32.67 24.11 -10.81
N TYR B 645 -32.37 25.08 -11.68
CA TYR B 645 -33.30 26.16 -12.01
C TYR B 645 -34.17 25.71 -13.17
N SER B 646 -35.43 25.39 -12.89
CA SER B 646 -36.33 24.92 -13.93
C SER B 646 -36.73 26.06 -14.85
N ASP B 647 -37.22 25.69 -16.04
CA ASP B 647 -37.55 26.66 -17.08
C ASP B 647 -38.72 27.55 -16.71
N ASP B 648 -39.57 27.12 -15.77
CA ASP B 648 -40.71 27.93 -15.37
C ASP B 648 -40.32 29.10 -14.47
N GLY B 649 -39.08 29.15 -14.01
CA GLY B 649 -38.66 30.14 -13.05
C GLY B 649 -38.61 29.65 -11.61
N ASN B 650 -38.80 28.36 -11.38
CA ASN B 650 -38.79 27.79 -10.05
C ASN B 650 -37.49 27.03 -9.81
N TYR B 651 -36.97 27.15 -8.59
CA TYR B 651 -35.75 26.46 -8.19
C TYR B 651 -36.14 25.18 -7.46
N TYR B 652 -35.52 24.06 -7.84
CA TYR B 652 -35.81 22.78 -7.22
C TYR B 652 -34.51 22.15 -6.74
N CYS B 653 -34.45 21.83 -5.45
CA CYS B 653 -33.31 21.13 -4.90
C CYS B 653 -33.37 19.65 -5.27
N LEU B 654 -32.28 19.16 -5.85
CA LEU B 654 -32.11 17.74 -6.16
C LEU B 654 -31.15 17.20 -5.13
N ARG B 655 -31.61 16.30 -4.25
CA ARG B 655 -30.78 15.91 -3.13
C ARG B 655 -30.25 14.49 -3.24
N ALA B 656 -31.12 13.48 -3.24
CA ALA B 656 -30.72 12.07 -3.26
C ALA B 656 -31.94 11.16 -3.34
N CYS B 657 -31.77 9.97 -3.93
CA CYS B 657 -32.75 8.91 -3.77
C CYS B 657 -32.28 8.06 -2.61
N VAL B 658 -32.65 8.50 -1.40
CA VAL B 658 -32.10 7.91 -0.18
C VAL B 658 -32.68 6.53 0.05
N SER B 659 -31.82 5.59 0.43
CA SER B 659 -32.19 4.22 0.71
C SER B 659 -32.29 4.00 2.22
N VAL B 660 -32.73 2.81 2.58
CA VAL B 660 -32.91 2.42 3.98
C VAL B 660 -31.94 1.30 4.30
N PRO B 661 -31.08 1.44 5.31
CA PRO B 661 -30.21 0.34 5.70
C PRO B 661 -30.99 -0.76 6.40
N VAL B 662 -30.48 -1.98 6.29
CA VAL B 662 -31.11 -3.14 6.93
C VAL B 662 -30.04 -3.90 7.71
N SER B 663 -30.41 -4.35 8.91
CA SER B 663 -29.56 -5.17 9.75
C SER B 663 -30.36 -6.40 10.17
N VAL B 664 -29.65 -7.42 10.63
CA VAL B 664 -30.27 -8.67 11.02
C VAL B 664 -29.78 -9.07 12.41
N ILE B 665 -30.71 -9.57 13.23
CA ILE B 665 -30.38 -10.19 14.50
C ILE B 665 -30.64 -11.68 14.38
N TYR B 666 -29.61 -12.48 14.61
CA TYR B 666 -29.65 -13.92 14.48
C TYR B 666 -29.06 -14.56 15.71
N ASP B 667 -29.67 -15.66 16.16
CA ASP B 667 -29.17 -16.39 17.31
C ASP B 667 -28.76 -17.79 16.92
N LYS B 668 -27.61 -18.23 17.43
CA LYS B 668 -27.20 -19.62 17.29
C LYS B 668 -27.94 -20.46 18.34
N GLU B 669 -28.03 -21.77 18.06
CA GLU B 669 -28.63 -22.86 18.84
C GLU B 669 -30.12 -22.65 19.15
N THR B 670 -30.68 -21.54 18.68
CA THR B 670 -32.13 -21.31 18.59
C THR B 670 -32.33 -20.58 17.28
N LYS B 671 -32.93 -21.26 16.29
CA LYS B 671 -32.98 -20.74 14.93
C LYS B 671 -33.97 -19.57 14.88
N THR B 672 -33.51 -18.43 15.40
CA THR B 672 -34.36 -17.25 15.59
C THR B 672 -33.65 -16.05 14.99
N HIS B 673 -34.34 -15.35 14.09
CA HIS B 673 -33.78 -14.17 13.43
C HIS B 673 -34.88 -13.16 13.17
N ALA B 674 -34.47 -11.90 13.06
CA ALA B 674 -35.39 -10.80 12.76
C ALA B 674 -34.61 -9.72 12.02
N THR B 675 -35.35 -8.85 11.34
CA THR B 675 -34.75 -7.82 10.51
C THR B 675 -35.08 -6.44 11.03
N LEU B 676 -34.21 -5.47 10.71
CA LEU B 676 -34.34 -4.12 11.19
C LEU B 676 -34.03 -3.13 10.06
N PHE B 677 -34.78 -2.04 10.03
CA PHE B 677 -34.50 -0.92 9.15
C PHE B 677 -34.12 0.26 10.03
N GLY B 678 -32.91 0.78 9.83
CA GLY B 678 -32.30 1.67 10.81
C GLY B 678 -32.76 3.11 10.68
N SER B 679 -33.21 3.67 11.81
CA SER B 679 -33.49 5.10 11.97
C SER B 679 -34.52 5.60 10.95
N VAL B 680 -35.59 4.83 10.78
CA VAL B 680 -36.66 5.18 9.87
C VAL B 680 -37.99 4.87 10.55
N ALA B 681 -38.98 5.73 10.31
CA ALA B 681 -40.32 5.45 10.80
C ALA B 681 -40.91 4.25 10.07
N CYS B 682 -41.85 3.58 10.73
CA CYS B 682 -42.48 2.38 10.17
C CYS B 682 -43.44 2.82 9.07
N GLU B 683 -42.89 2.96 7.87
CA GLU B 683 -43.65 3.42 6.73
C GLU B 683 -43.45 2.50 5.53
N HIS B 684 -42.31 1.82 5.48
CA HIS B 684 -41.94 1.03 4.32
C HIS B 684 -42.44 -0.41 4.47
N ILE B 685 -43.11 -0.90 3.43
CA ILE B 685 -43.68 -2.24 3.41
C ILE B 685 -42.95 -2.98 2.28
N SER B 686 -43.31 -4.23 2.02
CA SER B 686 -42.62 -5.14 1.11
C SER B 686 -42.78 -4.78 -0.39
N SER B 687 -43.27 -3.61 -0.80
CA SER B 687 -43.57 -3.37 -2.21
C SER B 687 -42.31 -3.07 -3.03
N THR B 688 -41.62 -1.97 -2.72
CA THR B 688 -40.52 -1.49 -3.56
C THR B 688 -39.23 -2.17 -3.11
N MET B 689 -38.89 -3.27 -3.77
CA MET B 689 -37.77 -4.12 -3.39
C MET B 689 -36.61 -3.99 -4.37
N SER B 690 -35.42 -4.33 -3.86
CA SER B 690 -34.21 -4.45 -4.66
C SER B 690 -33.46 -5.68 -4.15
N GLN B 691 -32.17 -5.76 -4.49
CA GLN B 691 -31.27 -6.91 -4.30
C GLN B 691 -31.95 -8.25 -4.63
N TYR B 692 -31.67 -9.30 -3.87
CA TYR B 692 -32.12 -10.63 -4.28
C TYR B 692 -33.52 -10.97 -3.76
N SER B 693 -33.69 -11.06 -2.44
CA SER B 693 -34.96 -11.45 -1.84
C SER B 693 -34.87 -11.23 -0.33
N ARG B 694 -35.95 -11.60 0.35
CA ARG B 694 -36.02 -11.58 1.81
C ARG B 694 -37.08 -12.59 2.23
N SER B 695 -37.05 -12.97 3.51
CA SER B 695 -38.01 -13.95 4.00
C SER B 695 -38.31 -13.70 5.47
N THR B 696 -39.51 -14.08 5.88
CA THR B 696 -39.97 -14.00 7.25
C THR B 696 -40.68 -15.30 7.59
N ARG B 697 -41.39 -15.29 8.72
CA ARG B 697 -42.16 -16.43 9.18
C ARG B 697 -43.65 -16.17 8.98
N SER B 698 -44.49 -17.09 9.46
CA SER B 698 -45.92 -16.92 9.40
C SER B 698 -46.37 -15.78 10.30
N MET B 699 -47.50 -15.15 9.93
CA MET B 699 -47.97 -13.96 10.64
C MET B 699 -48.67 -14.37 11.93
N TYR B 707 -49.32 -8.17 12.70
CA TYR B 707 -48.93 -6.80 12.36
C TYR B 707 -47.62 -6.84 11.59
N GLY B 708 -46.50 -6.94 12.30
CA GLY B 708 -45.22 -7.22 11.69
C GLY B 708 -44.13 -6.17 11.85
N PRO B 709 -44.43 -4.88 11.63
CA PRO B 709 -43.46 -3.84 11.98
C PRO B 709 -43.45 -3.58 13.48
N LEU B 710 -42.56 -2.67 13.88
CA LEU B 710 -42.51 -2.23 15.28
C LEU B 710 -41.67 -0.96 15.30
N GLN B 711 -42.16 0.08 15.98
CA GLN B 711 -41.45 1.34 16.05
C GLN B 711 -40.51 1.36 17.25
N THR B 712 -39.26 1.69 16.99
CA THR B 712 -38.17 1.69 17.96
C THR B 712 -37.35 2.95 17.76
N PRO B 713 -36.62 3.39 18.79
CA PRO B 713 -35.66 4.49 18.58
C PRO B 713 -34.57 4.18 17.56
N VAL B 714 -34.28 2.90 17.32
CA VAL B 714 -33.38 2.53 16.24
C VAL B 714 -34.06 2.43 14.88
N GLY B 715 -35.39 2.42 14.83
CA GLY B 715 -36.06 2.41 13.54
C GLY B 715 -37.32 1.58 13.45
N CYS B 716 -37.43 0.77 12.41
CA CYS B 716 -38.60 -0.08 12.18
C CYS B 716 -38.17 -1.53 12.13
N VAL B 717 -38.80 -2.37 12.95
CA VAL B 717 -38.32 -3.72 13.19
C VAL B 717 -39.37 -4.72 12.69
N LEU B 718 -38.93 -5.68 11.89
CA LEU B 718 -39.77 -6.79 11.45
C LEU B 718 -39.31 -8.07 12.14
N GLY B 719 -40.27 -8.82 12.68
CA GLY B 719 -39.98 -10.11 13.28
C GLY B 719 -39.85 -10.12 14.78
N LEU B 720 -40.19 -9.03 15.47
CA LEU B 720 -40.10 -8.98 16.92
C LEU B 720 -41.44 -8.58 17.52
N VAL B 721 -41.74 -9.14 18.68
CA VAL B 721 -42.88 -8.72 19.49
C VAL B 721 -42.36 -7.94 20.68
N ASN B 722 -43.00 -6.81 20.96
CA ASN B 722 -42.57 -5.94 22.05
C ASN B 722 -43.27 -6.32 23.35
N SER B 723 -42.54 -6.15 24.45
CA SER B 723 -43.06 -6.48 25.77
C SER B 723 -42.35 -5.62 26.80
N SER B 724 -43.01 -5.43 27.94
CA SER B 724 -42.46 -4.62 29.03
C SER B 724 -41.58 -5.49 29.91
N LEU B 725 -40.44 -5.90 29.34
CA LEU B 725 -39.47 -6.72 30.04
C LEU B 725 -38.18 -5.94 30.22
N PHE B 726 -37.47 -6.25 31.30
CA PHE B 726 -36.22 -5.59 31.62
C PHE B 726 -35.15 -6.63 31.87
N VAL B 727 -34.04 -6.52 31.15
CA VAL B 727 -32.97 -7.51 31.18
C VAL B 727 -31.67 -6.78 31.49
N GLU B 728 -30.97 -7.22 32.54
CA GLU B 728 -29.69 -6.63 32.91
C GLU B 728 -28.49 -7.33 32.28
N ASP B 729 -28.69 -8.47 31.64
CA ASP B 729 -27.60 -9.28 31.13
C ASP B 729 -27.87 -9.67 29.68
N CYS B 730 -28.23 -8.66 28.88
CA CYS B 730 -28.55 -8.89 27.48
C CYS B 730 -27.31 -9.27 26.70
N LYS B 731 -27.41 -10.35 25.93
CA LYS B 731 -26.31 -10.84 25.11
C LYS B 731 -26.48 -10.52 23.63
N LEU B 732 -27.61 -9.95 23.24
CA LEU B 732 -27.88 -9.56 21.86
C LEU B 732 -28.26 -8.09 21.86
N PRO B 733 -27.28 -7.19 22.01
CA PRO B 733 -27.59 -5.76 22.16
C PRO B 733 -27.92 -5.15 20.82
N LEU B 734 -29.18 -4.74 20.64
CA LEU B 734 -29.64 -4.24 19.36
C LEU B 734 -29.14 -2.84 19.05
N GLY B 735 -28.98 -2.00 20.05
CA GLY B 735 -28.70 -0.59 19.87
C GLY B 735 -29.64 0.27 20.72
N GLN B 736 -29.19 1.50 20.95
CA GLN B 736 -29.79 2.40 21.93
C GLN B 736 -29.88 1.72 23.29
N SER B 737 -31.05 1.16 23.63
CA SER B 737 -31.12 0.28 24.79
C SER B 737 -32.07 -0.88 24.55
N LEU B 738 -32.21 -1.31 23.30
CA LEU B 738 -33.13 -2.37 22.94
C LEU B 738 -32.39 -3.69 22.85
N CYS B 739 -33.10 -4.78 23.14
CA CYS B 739 -32.50 -6.11 23.17
C CYS B 739 -33.52 -7.14 22.74
N ALA B 740 -33.02 -8.23 22.16
CA ALA B 740 -33.85 -9.34 21.70
C ALA B 740 -33.65 -10.54 22.62
N LEU B 741 -34.76 -11.16 23.00
CA LEU B 741 -34.74 -12.33 23.88
C LEU B 741 -35.26 -13.54 23.11
N PRO B 742 -34.39 -14.45 22.69
CA PRO B 742 -34.87 -15.68 22.05
C PRO B 742 -35.63 -16.57 23.03
N ASP B 743 -36.55 -17.35 22.49
CA ASP B 743 -37.43 -18.19 23.28
C ASP B 743 -36.83 -19.58 23.42
N THR B 744 -36.79 -20.09 24.65
CA THR B 744 -36.26 -21.41 24.93
C THR B 744 -37.22 -22.22 25.79
N PRO B 757 -40.95 -22.00 20.87
CA PRO B 757 -39.87 -21.14 20.38
C PRO B 757 -40.35 -20.17 19.31
N GLY B 758 -41.02 -19.10 19.72
CA GLY B 758 -41.52 -18.08 18.82
C GLY B 758 -40.48 -17.02 18.54
N GLU B 759 -40.97 -15.89 18.01
CA GLU B 759 -40.09 -14.78 17.72
C GLU B 759 -39.60 -14.12 19.02
N MET B 760 -38.47 -13.44 18.91
CA MET B 760 -37.78 -12.95 20.11
C MET B 760 -38.54 -11.80 20.74
N ARG B 761 -38.58 -11.80 22.07
CA ARG B 761 -39.24 -10.71 22.79
C ARG B 761 -38.35 -9.48 22.80
N LEU B 762 -38.94 -8.32 22.54
CA LEU B 762 -38.21 -7.06 22.55
C LEU B 762 -38.24 -6.48 23.96
N ALA B 763 -37.06 -6.28 24.53
CA ALA B 763 -36.93 -5.74 25.89
C ALA B 763 -36.05 -4.51 25.86
N SER B 764 -36.13 -3.74 26.94
CA SER B 764 -35.30 -2.56 27.13
C SER B 764 -34.17 -2.90 28.08
N ILE B 765 -32.96 -2.48 27.74
CA ILE B 765 -31.80 -2.70 28.61
C ILE B 765 -31.96 -1.81 29.83
N ALA B 766 -32.25 -2.42 30.98
CA ALA B 766 -32.57 -1.67 32.19
C ALA B 766 -31.31 -1.14 32.85
N PHE B 767 -31.51 -0.29 33.86
CA PHE B 767 -30.44 0.27 34.65
C PHE B 767 -30.48 -0.38 36.02
N ASN B 768 -29.39 -1.03 36.41
CA ASN B 768 -29.33 -1.58 37.76
C ASN B 768 -29.19 -0.42 38.73
N HIS B 769 -30.31 -0.04 39.34
CA HIS B 769 -30.27 1.01 40.34
C HIS B 769 -29.50 0.51 41.55
N PRO B 770 -28.43 1.20 41.96
CA PRO B 770 -27.73 0.80 43.19
C PRO B 770 -28.62 1.00 44.40
N ILE B 771 -28.30 0.26 45.46
CA ILE B 771 -29.12 0.24 46.67
C ILE B 771 -29.10 1.63 47.30
N GLN B 772 -30.23 2.31 47.25
CA GLN B 772 -30.31 3.69 47.67
C GLN B 772 -30.20 3.82 49.18
N VAL B 773 -29.45 4.82 49.63
CA VAL B 773 -29.32 5.15 51.04
C VAL B 773 -29.69 6.61 51.23
N ASP B 774 -30.50 6.89 52.25
CA ASP B 774 -30.99 8.23 52.48
C ASP B 774 -29.93 9.10 53.15
N GLN B 775 -29.98 10.40 52.86
CA GLN B 775 -29.11 11.37 53.48
C GLN B 775 -29.89 12.10 54.57
N LEU B 776 -29.40 12.02 55.80
CA LEU B 776 -29.99 12.74 56.92
C LEU B 776 -29.25 14.05 57.12
N ASN B 777 -30.00 15.16 57.15
CA ASN B 777 -29.35 16.43 57.40
C ASN B 777 -29.37 16.74 58.90
N SER B 778 -28.74 15.85 59.68
CA SER B 778 -28.55 16.04 61.11
C SER B 778 -27.16 15.52 61.45
N SER B 779 -26.86 15.44 62.75
CA SER B 779 -25.55 14.95 63.16
C SER B 779 -25.41 13.45 62.98
N TYR B 780 -26.50 12.71 62.96
CA TYR B 780 -26.44 11.26 62.77
C TYR B 780 -26.17 10.92 61.30
N PHE B 781 -26.15 9.63 61.00
CA PHE B 781 -25.95 9.20 59.63
C PHE B 781 -26.61 7.85 59.40
N LYS B 782 -27.07 7.62 58.17
CA LYS B 782 -27.59 6.33 57.74
C LYS B 782 -26.52 5.63 56.91
N LEU B 783 -25.97 4.55 57.46
CA LEU B 783 -24.89 3.80 56.83
C LEU B 783 -25.41 2.50 56.23
N SER B 784 -24.76 2.07 55.15
CA SER B 784 -25.06 0.79 54.51
C SER B 784 -23.90 -0.17 54.72
N ILE B 785 -24.18 -1.35 55.24
CA ILE B 785 -23.11 -2.32 55.46
C ILE B 785 -23.53 -3.70 54.97
N PRO B 786 -22.66 -4.44 54.30
CA PRO B 786 -22.97 -5.83 53.94
C PRO B 786 -23.01 -6.73 55.17
N THR B 787 -23.83 -7.77 55.07
CA THR B 787 -23.92 -8.79 56.10
C THR B 787 -23.44 -10.16 55.67
N ASN B 788 -23.39 -10.43 54.37
CA ASN B 788 -22.99 -11.74 53.89
C ASN B 788 -22.00 -11.53 52.75
N PHE B 789 -21.17 -12.54 52.50
CA PHE B 789 -20.11 -12.35 51.51
C PHE B 789 -19.80 -13.67 50.84
N SER B 790 -19.09 -13.55 49.72
CA SER B 790 -18.64 -14.69 48.94
C SER B 790 -17.28 -14.36 48.35
N PHE B 791 -16.56 -15.42 47.97
CA PHE B 791 -15.32 -15.29 47.23
C PHE B 791 -15.63 -15.50 45.76
N GLY B 792 -15.33 -14.50 44.94
CA GLY B 792 -15.57 -14.58 43.51
C GLY B 792 -14.24 -14.69 42.78
N VAL B 793 -14.19 -15.63 41.84
CA VAL B 793 -13.02 -15.77 40.98
C VAL B 793 -13.23 -14.95 39.72
N THR B 794 -12.26 -14.11 39.42
CA THR B 794 -12.25 -13.32 38.19
C THR B 794 -11.07 -13.78 37.36
N GLN B 795 -11.35 -14.21 36.13
CA GLN B 795 -10.33 -14.79 35.27
C GLN B 795 -9.89 -13.75 34.24
N GLU B 796 -8.58 -13.52 34.17
CA GLU B 796 -8.00 -12.53 33.29
C GLU B 796 -6.94 -13.19 32.44
N TYR B 797 -6.74 -12.66 31.24
CA TYR B 797 -5.71 -13.15 30.34
C TYR B 797 -4.89 -11.97 29.84
N ILE B 798 -3.58 -12.14 29.73
CA ILE B 798 -2.71 -11.12 29.16
C ILE B 798 -1.86 -11.78 28.08
N GLN B 799 -1.97 -11.27 26.86
CA GLN B 799 -1.17 -11.74 25.72
C GLN B 799 0.23 -11.19 25.88
N THR B 800 1.08 -11.93 26.60
CA THR B 800 2.39 -11.38 26.96
C THR B 800 3.37 -11.38 25.78
N THR B 801 3.21 -12.30 24.83
CA THR B 801 4.05 -12.34 23.64
C THR B 801 3.34 -13.16 22.57
N ILE B 802 3.53 -12.77 21.31
CA ILE B 802 2.98 -13.53 20.20
C ILE B 802 3.96 -14.64 19.86
N GLN B 803 3.53 -15.60 19.06
CA GLN B 803 4.38 -16.71 18.67
C GLN B 803 5.51 -16.23 17.77
N LYS B 804 6.74 -16.64 18.09
CA LYS B 804 7.90 -16.22 17.32
C LYS B 804 7.92 -16.97 16.00
N VAL B 805 7.85 -16.24 14.89
CA VAL B 805 7.79 -16.82 13.56
C VAL B 805 8.78 -16.08 12.67
N THR B 806 9.42 -16.82 11.77
CA THR B 806 10.26 -16.21 10.74
C THR B 806 9.95 -16.85 9.40
N VAL B 807 10.31 -16.16 8.33
CA VAL B 807 10.04 -16.63 6.98
C VAL B 807 11.35 -16.61 6.19
N ASP B 808 11.58 -17.67 5.42
CA ASP B 808 12.70 -17.72 4.48
C ASP B 808 12.24 -17.02 3.21
N CYS B 809 12.86 -15.88 2.90
CA CYS B 809 12.35 -15.02 1.83
C CYS B 809 12.44 -15.69 0.46
N LYS B 810 13.62 -16.21 0.12
CA LYS B 810 13.79 -16.80 -1.21
C LYS B 810 13.01 -18.10 -1.33
N GLN B 811 12.92 -18.88 -0.24
CA GLN B 811 12.17 -20.13 -0.29
C GLN B 811 10.67 -19.86 -0.42
N TYR B 812 10.15 -18.90 0.34
CA TYR B 812 8.71 -18.62 0.29
C TYR B 812 8.31 -17.98 -1.03
N VAL B 813 9.04 -16.95 -1.45
CA VAL B 813 8.63 -16.21 -2.63
C VAL B 813 9.04 -16.91 -3.92
N CYS B 814 10.09 -17.73 -3.89
CA CYS B 814 10.68 -18.28 -5.10
C CYS B 814 10.47 -19.78 -5.27
N ASN B 815 10.43 -20.55 -4.17
CA ASN B 815 10.22 -22.00 -4.18
C ASN B 815 11.28 -22.74 -4.99
N GLY B 816 12.53 -22.25 -4.91
CA GLY B 816 13.67 -22.96 -5.44
C GLY B 816 13.72 -23.16 -6.94
N PHE B 817 13.46 -22.12 -7.71
CA PHE B 817 13.57 -22.16 -9.16
C PHE B 817 14.63 -21.16 -9.61
N GLN B 818 15.43 -21.57 -10.60
CA GLN B 818 16.62 -20.80 -10.97
C GLN B 818 16.25 -19.51 -11.68
N LYS B 819 15.34 -19.58 -12.65
CA LYS B 819 14.93 -18.37 -13.38
C LYS B 819 14.16 -17.43 -12.45
N CYS B 820 13.39 -18.01 -11.53
CA CYS B 820 12.80 -17.26 -10.43
C CYS B 820 13.86 -16.55 -9.60
N GLU B 821 14.95 -17.23 -9.28
CA GLU B 821 16.02 -16.63 -8.50
C GLU B 821 16.67 -15.47 -9.24
N GLN B 822 16.91 -15.64 -10.55
CA GLN B 822 17.49 -14.58 -11.35
C GLN B 822 16.56 -13.37 -11.44
N LEU B 823 15.25 -13.61 -11.54
CA LEU B 823 14.30 -12.49 -11.54
C LEU B 823 14.11 -11.90 -10.14
N LEU B 824 14.50 -12.63 -9.09
CA LEU B 824 14.41 -12.07 -7.75
C LEU B 824 15.64 -11.26 -7.35
N ARG B 825 16.81 -11.56 -7.92
CA ARG B 825 18.05 -10.91 -7.47
C ARG B 825 18.10 -9.41 -7.78
N GLU B 826 17.27 -8.90 -8.70
CA GLU B 826 17.29 -7.46 -8.94
C GLU B 826 16.71 -6.69 -7.77
N TYR B 827 15.76 -7.28 -7.05
CA TYR B 827 15.20 -6.62 -5.88
C TYR B 827 16.19 -6.60 -4.72
N GLY B 828 16.87 -7.70 -4.49
CA GLY B 828 18.00 -7.72 -3.57
C GLY B 828 17.65 -7.61 -2.10
N GLN B 829 17.90 -6.44 -1.53
CA GLN B 829 17.85 -6.19 -0.09
C GLN B 829 16.45 -6.25 0.51
N PHE B 830 15.40 -6.48 -0.30
CA PHE B 830 14.05 -6.62 0.25
C PHE B 830 13.95 -7.83 1.17
N CYS B 831 14.56 -8.95 0.75
CA CYS B 831 14.64 -10.11 1.63
C CYS B 831 15.45 -9.80 2.87
N SER B 832 16.56 -9.07 2.71
CA SER B 832 17.35 -8.66 3.86
C SER B 832 16.56 -7.72 4.77
N LYS B 833 15.76 -6.84 4.18
CA LYS B 833 14.95 -5.92 4.96
C LYS B 833 13.91 -6.65 5.80
N ILE B 834 13.19 -7.59 5.19
CA ILE B 834 12.16 -8.30 5.93
C ILE B 834 12.78 -9.25 6.96
N ASN B 835 13.93 -9.85 6.64
CA ASN B 835 14.63 -10.68 7.61
C ASN B 835 15.09 -9.86 8.81
N GLN B 836 15.63 -8.67 8.56
CA GLN B 836 16.07 -7.80 9.64
C GLN B 836 14.90 -7.35 10.50
N ALA B 837 13.76 -7.01 9.88
CA ALA B 837 12.60 -6.59 10.64
C ALA B 837 12.06 -7.71 11.50
N LEU B 838 11.95 -8.92 10.94
CA LEU B 838 11.44 -10.05 11.72
C LEU B 838 12.39 -10.44 12.83
N HIS B 839 13.69 -10.39 12.57
CA HIS B 839 14.66 -10.72 13.60
C HIS B 839 14.68 -9.68 14.71
N GLY B 840 14.50 -8.40 14.37
CA GLY B 840 14.39 -7.38 15.38
C GLY B 840 13.15 -7.54 16.24
N ALA B 841 12.02 -7.88 15.63
CA ALA B 841 10.80 -8.13 16.39
C ALA B 841 10.96 -9.35 17.30
N ASN B 842 11.59 -10.41 16.79
CA ASN B 842 11.80 -11.61 17.60
C ASN B 842 12.74 -11.33 18.76
N LEU B 843 13.80 -10.54 18.53
CA LEU B 843 14.71 -10.20 19.61
C LEU B 843 14.04 -9.28 20.63
N ARG B 844 13.16 -8.39 20.18
CA ARG B 844 12.41 -7.56 21.12
C ARG B 844 11.49 -8.39 22.00
N GLN B 845 10.78 -9.36 21.40
CA GLN B 845 9.93 -10.24 22.18
C GLN B 845 10.74 -11.11 23.13
N ASP B 846 11.91 -11.55 22.69
CA ASP B 846 12.79 -12.36 23.54
C ASP B 846 13.29 -11.55 24.72
N ASP B 847 13.67 -10.29 24.48
CA ASP B 847 14.10 -9.41 25.57
C ASP B 847 12.96 -9.13 26.54
N SER B 848 11.74 -8.95 26.02
CA SER B 848 10.59 -8.74 26.89
C SER B 848 10.31 -9.96 27.75
N VAL B 849 10.41 -11.16 27.16
CA VAL B 849 10.18 -12.40 27.90
C VAL B 849 11.23 -12.57 28.99
N ARG B 850 12.50 -12.31 28.65
CA ARG B 850 13.58 -12.42 29.64
C ARG B 850 13.41 -11.40 30.76
N ASN B 851 13.00 -10.17 30.42
CA ASN B 851 12.81 -9.14 31.42
C ASN B 851 11.67 -9.48 32.36
N LEU B 852 10.54 -9.95 31.83
CA LEU B 852 9.42 -10.29 32.70
C LEU B 852 9.71 -11.53 33.53
N PHE B 853 10.50 -12.48 33.00
CA PHE B 853 10.84 -13.63 33.80
C PHE B 853 11.89 -13.32 34.86
N ALA B 854 12.74 -12.32 34.61
CA ALA B 854 13.58 -11.82 35.68
C ALA B 854 12.77 -11.07 36.73
N SER B 855 11.70 -10.40 36.31
CA SER B 855 10.85 -9.68 37.26
C SER B 855 10.05 -10.65 38.13
N VAL B 856 9.53 -11.73 37.55
CA VAL B 856 8.75 -12.70 38.32
C VAL B 856 9.63 -13.73 39.00
N LYS B 857 10.94 -13.69 38.79
CA LYS B 857 11.86 -14.58 39.48
C LYS B 857 11.88 -14.19 40.96
N SER B 858 11.24 -15.00 41.78
CA SER B 858 11.19 -14.71 43.22
C SER B 858 12.57 -14.88 43.84
N SER B 859 12.91 -13.98 44.76
CA SER B 859 14.19 -14.07 45.46
C SER B 859 14.23 -15.32 46.33
N GLN B 860 13.15 -15.63 47.04
CA GLN B 860 13.09 -16.78 47.92
C GLN B 860 11.70 -17.39 47.87
N SER B 861 11.64 -18.72 47.78
CA SER B 861 10.36 -19.42 47.69
C SER B 861 10.25 -20.52 48.75
N SER B 862 9.20 -21.32 48.67
CA SER B 862 8.90 -22.40 49.58
C SER B 862 8.63 -23.68 48.80
N PRO B 863 8.95 -24.84 49.37
CA PRO B 863 8.65 -26.10 48.69
C PRO B 863 7.15 -26.32 48.56
N ILE B 864 6.77 -27.05 47.52
CA ILE B 864 5.38 -27.42 47.29
C ILE B 864 5.22 -28.88 47.65
N ILE B 865 4.32 -29.15 48.59
CA ILE B 865 4.08 -30.51 49.09
C ILE B 865 2.61 -30.82 48.93
N PRO B 866 2.24 -32.10 48.85
CA PRO B 866 0.82 -32.47 48.91
C PRO B 866 0.21 -32.03 50.24
N GLY B 867 -1.04 -31.60 50.17
CA GLY B 867 -1.67 -30.97 51.32
C GLY B 867 -1.24 -29.55 51.55
N PHE B 868 -0.80 -28.85 50.51
CA PHE B 868 -0.40 -27.45 50.64
C PHE B 868 -1.62 -26.59 50.94
N GLY B 869 -1.47 -25.66 51.89
CA GLY B 869 -2.55 -24.82 52.32
C GLY B 869 -3.44 -25.42 53.38
N GLY B 870 -3.20 -26.66 53.78
CA GLY B 870 -3.96 -27.29 54.84
C GLY B 870 -5.42 -27.54 54.48
N ASP B 871 -6.33 -26.89 55.19
CA ASP B 871 -7.75 -27.04 54.89
C ASP B 871 -8.12 -26.34 53.61
N PHE B 872 -7.37 -25.31 53.22
CA PHE B 872 -7.62 -24.62 51.96
C PHE B 872 -7.20 -25.51 50.81
N ASN B 873 -8.17 -26.01 50.05
CA ASN B 873 -7.89 -26.92 48.95
C ASN B 873 -7.40 -26.10 47.76
N LEU B 874 -6.10 -26.19 47.48
CA LEU B 874 -5.48 -25.50 46.35
C LEU B 874 -4.76 -26.46 45.42
N THR B 875 -5.08 -27.76 45.49
CA THR B 875 -4.37 -28.79 44.74
C THR B 875 -4.58 -28.69 43.23
N LEU B 876 -5.52 -27.86 42.78
CA LEU B 876 -5.60 -27.53 41.36
C LEU B 876 -4.32 -26.85 40.90
N LEU B 877 -3.78 -25.95 41.72
CA LEU B 877 -2.55 -25.25 41.42
C LEU B 877 -1.31 -26.06 41.76
N GLU B 878 -1.47 -27.23 42.37
CA GLU B 878 -0.31 -28.04 42.73
C GLU B 878 0.33 -28.66 41.49
N PRO B 879 1.63 -28.50 41.30
CA PRO B 879 2.30 -29.08 40.12
C PRO B 879 2.53 -30.56 40.29
N VAL B 880 1.82 -31.35 39.49
CA VAL B 880 2.00 -32.81 39.49
C VAL B 880 1.62 -33.37 38.13
N ALA B 889 6.93 -30.89 36.36
CA ALA B 889 5.96 -30.76 35.28
C ALA B 889 4.92 -29.70 35.61
N ARG B 890 3.84 -29.67 34.84
CA ARG B 890 2.80 -28.67 34.98
C ARG B 890 1.90 -29.00 36.17
N SER B 891 0.90 -28.15 36.38
CA SER B 891 -0.12 -28.36 37.39
C SER B 891 -1.41 -28.85 36.75
N ALA B 892 -2.37 -29.20 37.60
CA ALA B 892 -3.64 -29.73 37.11
C ALA B 892 -4.45 -28.68 36.37
N ILE B 893 -4.48 -27.44 36.90
CA ILE B 893 -5.25 -26.39 36.26
C ILE B 893 -4.60 -25.99 34.93
N GLU B 894 -3.28 -26.00 34.87
CA GLU B 894 -2.59 -25.67 33.61
C GLU B 894 -2.83 -26.74 32.57
N ASP B 895 -2.80 -28.02 32.98
CA ASP B 895 -3.07 -29.10 32.04
C ASP B 895 -4.52 -29.06 31.57
N LEU B 896 -5.44 -28.71 32.46
CA LEU B 896 -6.85 -28.57 32.06
C LEU B 896 -7.02 -27.42 31.08
N LEU B 897 -6.32 -26.30 31.30
CA LEU B 897 -6.41 -25.17 30.39
C LEU B 897 -5.81 -25.51 29.03
N PHE B 898 -4.68 -26.21 29.02
CA PHE B 898 -4.06 -26.59 27.74
C PHE B 898 -4.88 -27.65 27.02
N ASP B 899 -5.60 -28.50 27.77
CA ASP B 899 -6.42 -29.51 27.13
C ASP B 899 -7.67 -28.91 26.52
N LYS B 900 -8.32 -27.98 27.22
CA LYS B 900 -9.59 -27.43 26.77
C LYS B 900 -9.44 -26.39 25.65
N VAL B 901 -8.22 -25.95 25.37
CA VAL B 901 -7.96 -25.00 24.30
C VAL B 901 -7.41 -25.77 23.11
N THR B 902 -7.93 -25.49 21.91
CA THR B 902 -7.49 -26.15 20.69
C THR B 902 -6.06 -25.74 20.40
N ILE B 903 -5.11 -26.64 20.68
CA ILE B 903 -3.68 -26.37 20.57
C ILE B 903 -3.05 -27.48 19.75
N ALA B 904 -2.26 -27.09 18.74
CA ALA B 904 -1.51 -28.04 17.93
C ALA B 904 -0.02 -27.92 18.25
N ASP B 905 0.59 -29.04 18.60
CA ASP B 905 2.02 -29.06 18.87
C ASP B 905 2.78 -28.86 17.56
N PRO B 906 3.68 -27.87 17.48
CA PRO B 906 4.32 -27.57 16.19
C PRO B 906 5.50 -28.47 15.85
N GLY B 907 5.40 -29.76 16.17
CA GLY B 907 6.35 -30.76 15.67
C GLY B 907 7.80 -30.52 16.05
N TYR B 908 8.07 -30.13 17.30
CA TYR B 908 9.43 -29.81 17.70
C TYR B 908 10.35 -31.02 17.81
N MET B 909 9.81 -32.23 17.85
CA MET B 909 10.64 -33.44 17.90
C MET B 909 10.74 -34.13 16.54
N GLN B 910 9.59 -34.45 15.93
CA GLN B 910 9.56 -35.16 14.67
C GLN B 910 8.57 -34.52 13.70
N GLY B 911 8.59 -33.18 13.63
CA GLY B 911 7.72 -32.49 12.68
C GLY B 911 8.06 -32.78 11.23
N TYR B 912 9.36 -32.93 10.94
CA TYR B 912 9.77 -33.42 9.62
C TYR B 912 9.24 -34.83 9.39
N ASP B 913 9.33 -35.69 10.41
CA ASP B 913 8.73 -37.01 10.30
C ASP B 913 7.21 -36.95 10.30
N ASP B 914 6.64 -35.95 10.99
CA ASP B 914 5.19 -35.77 10.97
C ASP B 914 4.70 -35.44 9.56
N CYS B 915 5.48 -34.65 8.82
CA CYS B 915 5.16 -34.44 7.41
C CYS B 915 5.60 -35.60 6.53
N MET B 916 6.49 -36.46 7.02
CA MET B 916 6.99 -37.56 6.20
C MET B 916 6.01 -38.73 6.18
N GLN B 917 5.74 -39.35 7.34
CA GLN B 917 4.96 -40.59 7.34
C GLN B 917 3.48 -40.37 7.68
N GLN B 918 3.16 -39.67 8.76
CA GLN B 918 1.76 -39.43 9.12
C GLN B 918 1.54 -38.01 9.64
N LEU B 926 -2.77 -29.58 9.44
CA LEU B 926 -2.64 -28.15 9.20
C LEU B 926 -1.23 -27.69 9.59
N ILE B 927 -0.66 -28.34 10.61
CA ILE B 927 0.67 -28.00 11.06
C ILE B 927 1.76 -28.58 10.16
N CYS B 928 1.41 -29.46 9.23
CA CYS B 928 2.37 -29.88 8.21
C CYS B 928 2.65 -28.77 7.21
N ALA B 929 1.75 -27.79 7.10
CA ALA B 929 1.93 -26.71 6.14
C ALA B 929 2.96 -25.68 6.58
N GLN B 930 3.43 -25.73 7.83
CA GLN B 930 4.38 -24.72 8.28
C GLN B 930 5.79 -25.02 7.78
N TYR B 931 6.03 -26.19 7.21
CA TYR B 931 7.30 -26.53 6.58
C TYR B 931 7.27 -26.38 5.06
N VAL B 932 6.19 -26.83 4.42
CA VAL B 932 6.17 -26.85 2.96
C VAL B 932 5.96 -25.46 2.37
N ALA B 933 5.34 -24.55 3.12
CA ALA B 933 5.01 -23.23 2.62
C ALA B 933 6.19 -22.26 2.69
N GLY B 934 7.29 -22.65 3.31
CA GLY B 934 8.49 -21.84 3.28
C GLY B 934 8.62 -20.82 4.38
N TYR B 935 8.42 -21.24 5.62
CA TYR B 935 8.71 -20.43 6.80
C TYR B 935 8.97 -21.38 7.95
N LYS B 936 9.09 -20.84 9.17
CA LYS B 936 9.19 -21.68 10.35
C LYS B 936 8.75 -20.90 11.58
N VAL B 937 8.42 -21.67 12.62
CA VAL B 937 8.04 -21.12 13.91
C VAL B 937 9.18 -21.41 14.88
N LEU B 938 9.74 -20.35 15.46
CA LEU B 938 10.86 -20.52 16.38
C LEU B 938 10.39 -21.19 17.67
N PRO B 939 11.23 -22.01 18.30
CA PRO B 939 10.90 -22.53 19.62
C PRO B 939 10.90 -21.41 20.64
N PRO B 940 10.10 -21.53 21.70
CA PRO B 940 10.09 -20.50 22.74
C PRO B 940 11.39 -20.49 23.53
N LEU B 941 11.62 -19.35 24.21
CA LEU B 941 12.87 -19.15 24.94
C LEU B 941 12.99 -20.08 26.13
N MET B 942 11.89 -20.59 26.65
CA MET B 942 11.92 -21.44 27.83
C MET B 942 11.34 -22.81 27.49
N ASP B 943 11.68 -23.87 28.18
CA ASP B 943 11.01 -25.10 27.85
C ASP B 943 9.79 -25.05 28.62
N VAL B 944 8.86 -25.88 28.27
CA VAL B 944 7.71 -25.94 29.09
C VAL B 944 8.14 -26.25 30.49
N ASN B 945 9.00 -27.22 30.65
CA ASN B 945 9.38 -27.58 31.98
C ASN B 945 9.86 -26.45 32.80
N MET B 946 10.49 -25.45 32.23
CA MET B 946 10.98 -24.44 33.11
C MET B 946 10.00 -23.39 33.39
N GLU B 947 9.02 -23.25 32.53
CA GLU B 947 8.12 -22.18 32.72
C GLU B 947 7.57 -22.61 33.95
N ALA B 948 7.29 -23.86 34.02
CA ALA B 948 6.65 -24.28 35.18
C ALA B 948 7.32 -23.99 36.44
N ALA B 949 8.60 -24.11 36.47
CA ALA B 949 9.18 -23.96 37.78
C ALA B 949 8.82 -22.61 38.22
N TYR B 950 9.00 -21.75 37.32
CA TYR B 950 8.76 -20.34 37.64
C TYR B 950 7.40 -20.15 38.32
N THR B 951 6.36 -20.80 37.81
CA THR B 951 5.05 -20.70 38.44
C THR B 951 5.02 -21.42 39.78
N SER B 952 5.79 -22.50 39.94
CA SER B 952 5.90 -23.16 41.24
C SER B 952 6.55 -22.24 42.26
N SER B 953 7.60 -21.53 41.85
CA SER B 953 8.24 -20.56 42.74
C SER B 953 7.29 -19.42 43.09
N LEU B 954 6.51 -18.95 42.12
CA LEU B 954 5.55 -17.89 42.40
C LEU B 954 4.46 -18.36 43.36
N LEU B 955 3.98 -19.59 43.19
CA LEU B 955 2.98 -20.14 44.10
C LEU B 955 3.57 -20.36 45.49
N GLY B 956 4.86 -20.70 45.57
CA GLY B 956 5.49 -20.79 46.88
C GLY B 956 5.76 -19.46 47.54
N SER B 957 5.89 -18.39 46.75
CA SER B 957 6.24 -17.09 47.29
C SER B 957 5.05 -16.17 47.55
N ILE B 958 3.89 -16.44 46.95
CA ILE B 958 2.74 -15.56 47.17
C ILE B 958 2.26 -15.63 48.62
N ALA B 959 2.37 -16.80 49.25
CA ALA B 959 1.96 -16.93 50.64
C ALA B 959 2.90 -16.20 51.59
N GLY B 960 4.11 -15.88 51.16
CA GLY B 960 5.09 -15.30 52.05
C GLY B 960 5.40 -13.84 51.85
N VAL B 961 5.47 -13.39 50.59
CA VAL B 961 5.84 -12.00 50.32
C VAL B 961 4.76 -11.05 50.81
N GLY B 962 3.49 -11.41 50.62
CA GLY B 962 2.39 -10.55 51.00
C GLY B 962 2.08 -10.54 52.48
N TRP B 963 3.06 -10.23 53.31
CA TRP B 963 2.84 -10.06 54.75
C TRP B 963 3.36 -8.74 55.28
N THR B 964 4.50 -8.26 54.76
CA THR B 964 5.05 -6.98 55.16
C THR B 964 5.70 -6.36 53.94
N ALA B 965 5.64 -5.02 53.85
CA ALA B 965 6.24 -4.31 52.72
C ALA B 965 7.75 -4.47 52.72
N GLY B 966 8.33 -4.52 51.51
CA GLY B 966 9.74 -4.77 51.37
C GLY B 966 10.02 -6.16 50.85
N LEU B 967 10.70 -6.26 49.71
CA LEU B 967 10.99 -7.54 49.08
C LEU B 967 12.23 -8.22 49.64
N SER B 968 12.91 -7.59 50.60
CA SER B 968 14.19 -8.10 51.08
C SER B 968 14.02 -9.40 51.86
N SER B 969 13.07 -9.44 52.79
CA SER B 969 12.87 -10.61 53.63
C SER B 969 11.89 -11.57 52.98
N PHE B 970 11.83 -12.78 53.52
CA PHE B 970 10.82 -13.75 53.12
C PHE B 970 10.18 -14.37 54.35
N ALA B 971 8.87 -14.51 54.29
CA ALA B 971 8.03 -14.87 55.43
C ALA B 971 7.01 -15.94 55.02
N ALA B 972 7.48 -17.05 54.47
CA ALA B 972 6.59 -18.05 53.88
C ALA B 972 5.72 -18.77 54.91
N ILE B 973 4.73 -18.06 55.44
CA ILE B 973 3.71 -18.57 56.35
C ILE B 973 2.87 -19.59 55.58
N PRO B 974 2.31 -20.62 56.23
CA PRO B 974 1.29 -21.44 55.58
C PRO B 974 0.11 -20.61 55.08
N PHE B 975 -0.53 -21.12 54.03
CA PHE B 975 -1.46 -20.32 53.23
C PHE B 975 -2.67 -19.85 54.02
N ALA B 976 -3.15 -20.66 54.96
CA ALA B 976 -4.37 -20.33 55.70
C ALA B 976 -4.20 -19.07 56.53
N GLN B 977 -3.07 -18.94 57.23
CA GLN B 977 -2.84 -17.73 58.00
C GLN B 977 -2.54 -16.53 57.12
N SER B 978 -1.99 -16.75 55.92
CA SER B 978 -1.85 -15.66 54.97
C SER B 978 -3.21 -15.12 54.53
N ILE B 979 -4.17 -16.03 54.27
CA ILE B 979 -5.53 -15.61 53.94
C ILE B 979 -6.16 -14.88 55.13
N PHE B 980 -5.93 -15.37 56.35
CA PHE B 980 -6.48 -14.73 57.53
C PHE B 980 -5.92 -13.31 57.70
N TYR B 981 -4.62 -13.14 57.50
CA TYR B 981 -4.01 -11.81 57.62
C TYR B 981 -4.50 -10.88 56.51
N ARG B 982 -4.66 -11.38 55.28
CA ARG B 982 -5.17 -10.53 54.22
C ARG B 982 -6.62 -10.12 54.47
N LEU B 983 -7.43 -11.05 54.98
CA LEU B 983 -8.82 -10.72 55.30
C LEU B 983 -8.90 -9.73 56.45
N ASN B 984 -7.98 -9.82 57.41
CA ASN B 984 -7.87 -8.78 58.43
C ASN B 984 -7.49 -7.45 57.81
N GLY B 985 -6.60 -7.46 56.82
CA GLY B 985 -6.12 -6.24 56.21
C GLY B 985 -7.12 -5.55 55.32
N VAL B 986 -8.08 -6.28 54.77
CA VAL B 986 -9.03 -5.67 53.84
C VAL B 986 -10.25 -5.12 54.56
N GLY B 987 -10.20 -5.07 55.88
CA GLY B 987 -11.24 -4.39 56.64
C GLY B 987 -12.28 -5.30 57.26
N ILE B 988 -11.86 -6.47 57.74
CA ILE B 988 -12.72 -7.38 58.47
C ILE B 988 -12.10 -7.59 59.84
N THR B 989 -12.93 -7.56 60.88
CA THR B 989 -12.43 -7.68 62.24
C THR B 989 -11.90 -9.09 62.52
N GLN B 990 -11.01 -9.17 63.51
CA GLN B 990 -10.38 -10.44 63.84
C GLN B 990 -11.31 -11.39 64.58
N GLN B 991 -12.41 -10.88 65.15
CA GLN B 991 -13.33 -11.73 65.90
C GLN B 991 -14.02 -12.74 64.99
N VAL B 992 -14.60 -12.25 63.88
CA VAL B 992 -15.33 -13.13 62.98
C VAL B 992 -14.38 -14.08 62.26
N LEU B 993 -13.15 -13.63 61.99
CA LEU B 993 -12.13 -14.54 61.45
C LEU B 993 -11.76 -15.61 62.46
N SER B 994 -11.69 -15.24 63.74
CA SER B 994 -11.34 -16.19 64.78
C SER B 994 -12.45 -17.19 65.09
N GLU B 995 -13.71 -16.84 64.82
CA GLU B 995 -14.81 -17.74 65.15
C GLU B 995 -15.39 -18.49 63.96
N ASN B 996 -15.08 -18.07 62.73
CA ASN B 996 -15.77 -18.59 61.56
C ASN B 996 -14.78 -19.05 60.49
N GLN B 997 -13.79 -19.84 60.89
CA GLN B 997 -12.81 -20.34 59.93
C GLN B 997 -13.41 -21.40 59.01
N LYS B 998 -14.32 -22.23 59.53
CA LYS B 998 -14.83 -23.36 58.75
C LYS B 998 -15.69 -22.91 57.58
N LEU B 999 -16.58 -21.94 57.81
CA LEU B 999 -17.48 -21.50 56.74
C LEU B 999 -16.72 -20.74 55.66
N ILE B 1000 -15.76 -19.91 56.05
CA ILE B 1000 -14.98 -19.20 55.04
C ILE B 1000 -14.06 -20.16 54.29
N ALA B 1001 -13.59 -21.23 54.97
CA ALA B 1001 -12.81 -22.25 54.28
C ALA B 1001 -13.67 -22.99 53.26
N ASN B 1002 -14.91 -23.32 53.63
CA ASN B 1002 -15.82 -23.97 52.69
C ASN B 1002 -16.16 -23.05 51.53
N LYS B 1003 -16.35 -21.76 51.80
CA LYS B 1003 -16.65 -20.81 50.73
C LYS B 1003 -15.48 -20.66 49.78
N PHE B 1004 -14.25 -20.59 50.30
CA PHE B 1004 -13.06 -20.52 49.45
C PHE B 1004 -12.90 -21.78 48.62
N ASN B 1005 -13.12 -22.95 49.23
CA ASN B 1005 -13.01 -24.20 48.50
C ASN B 1005 -14.06 -24.30 47.40
N GLN B 1006 -15.30 -23.88 47.70
CA GLN B 1006 -16.35 -23.89 46.69
C GLN B 1006 -16.05 -22.92 45.57
N ALA B 1007 -15.50 -21.75 45.90
CA ALA B 1007 -15.14 -20.75 44.89
C ALA B 1007 -14.05 -21.27 43.97
N LEU B 1008 -13.05 -21.96 44.54
CA LEU B 1008 -12.00 -22.54 43.70
C LEU B 1008 -12.53 -23.68 42.85
N GLY B 1009 -13.40 -24.52 43.41
CA GLY B 1009 -13.92 -25.64 42.64
C GLY B 1009 -14.96 -25.27 41.60
N ALA B 1010 -15.58 -24.10 41.74
CA ALA B 1010 -16.61 -23.70 40.78
C ALA B 1010 -16.03 -23.44 39.40
N MET B 1011 -14.86 -22.80 39.33
CA MET B 1011 -14.29 -22.44 38.04
C MET B 1011 -13.59 -23.61 37.35
N GLN B 1012 -13.44 -24.75 38.03
CA GLN B 1012 -12.83 -25.92 37.38
C GLN B 1012 -13.69 -26.45 36.24
N THR B 1013 -15.00 -26.51 36.45
CA THR B 1013 -15.92 -26.94 35.41
C THR B 1013 -16.41 -25.77 34.56
N GLY B 1014 -16.06 -24.54 34.93
CA GLY B 1014 -16.50 -23.37 34.19
C GLY B 1014 -15.69 -23.06 32.95
N PHE B 1015 -14.67 -23.85 32.64
CA PHE B 1015 -13.84 -23.58 31.47
C PHE B 1015 -14.60 -23.91 30.20
N THR B 1016 -15.35 -22.94 29.69
CA THR B 1016 -16.17 -23.11 28.51
C THR B 1016 -16.26 -21.76 27.80
N THR B 1017 -17.23 -21.62 26.89
CA THR B 1017 -17.41 -20.38 26.15
C THR B 1017 -17.85 -19.23 27.06
N THR B 1018 -18.51 -19.55 28.18
CA THR B 1018 -19.03 -18.52 29.07
C THR B 1018 -17.94 -17.73 29.78
N ASN B 1019 -16.73 -18.27 29.89
CA ASN B 1019 -15.64 -17.57 30.53
C ASN B 1019 -15.01 -16.59 29.55
N GLU B 1020 -14.86 -15.33 29.99
CA GLU B 1020 -14.33 -14.30 29.10
C GLU B 1020 -12.84 -14.48 28.86
N ALA B 1021 -12.10 -14.89 29.89
CA ALA B 1021 -10.66 -15.11 29.73
C ALA B 1021 -10.39 -16.31 28.83
N PHE B 1022 -11.21 -17.35 28.93
CA PHE B 1022 -11.09 -18.48 28.02
C PHE B 1022 -11.37 -18.05 26.59
N GLN B 1023 -12.37 -17.19 26.40
CA GLN B 1023 -12.66 -16.65 25.07
C GLN B 1023 -11.50 -15.82 24.55
N LYS B 1024 -10.85 -15.05 25.42
CA LYS B 1024 -9.71 -14.24 25.00
C LYS B 1024 -8.51 -15.12 24.64
N VAL B 1025 -8.32 -16.21 25.38
CA VAL B 1025 -7.24 -17.15 25.06
C VAL B 1025 -7.50 -17.80 23.71
N GLN B 1026 -8.74 -18.22 23.48
CA GLN B 1026 -9.10 -18.80 22.18
C GLN B 1026 -8.97 -17.79 21.06
N ASP B 1027 -9.30 -16.52 21.33
CA ASP B 1027 -9.16 -15.48 20.32
C ASP B 1027 -7.70 -15.22 19.99
N ALA B 1028 -6.81 -15.24 21.00
CA ALA B 1028 -5.39 -15.05 20.73
C ALA B 1028 -4.82 -16.23 19.95
N VAL B 1029 -5.22 -17.45 20.30
CA VAL B 1029 -4.76 -18.63 19.57
C VAL B 1029 -5.26 -18.60 18.13
N ASN B 1030 -6.52 -18.18 17.93
CA ASN B 1030 -7.05 -18.04 16.59
C ASN B 1030 -6.38 -16.90 15.83
N ASN B 1031 -5.95 -15.85 16.54
CA ASN B 1031 -5.19 -14.78 15.88
C ASN B 1031 -3.86 -15.29 15.37
N ASN B 1032 -3.15 -16.07 16.18
CA ASN B 1032 -1.90 -16.67 15.73
C ASN B 1032 -2.14 -17.64 14.59
N ALA B 1033 -3.22 -18.43 14.68
CA ALA B 1033 -3.56 -19.38 13.63
C ALA B 1033 -3.86 -18.67 12.32
N GLN B 1034 -4.58 -17.54 12.39
CA GLN B 1034 -4.88 -16.77 11.18
C GLN B 1034 -3.62 -16.12 10.62
N ALA B 1035 -2.74 -15.65 11.49
CA ALA B 1035 -1.48 -15.04 11.03
C ALA B 1035 -0.61 -16.04 10.29
N LEU B 1036 -0.53 -17.27 10.80
CA LEU B 1036 0.20 -18.31 10.08
C LEU B 1036 -0.57 -18.79 8.84
N SER B 1037 -1.90 -18.81 8.92
CA SER B 1037 -2.71 -19.26 7.80
C SER B 1037 -2.67 -18.30 6.63
N LYS B 1038 -2.37 -17.02 6.86
CA LYS B 1038 -2.05 -16.12 5.75
C LYS B 1038 -0.91 -16.67 4.91
N LEU B 1039 0.25 -16.87 5.53
CA LEU B 1039 1.44 -17.34 4.83
C LEU B 1039 1.22 -18.73 4.25
N ALA B 1040 0.37 -19.54 4.89
CA ALA B 1040 0.05 -20.84 4.33
C ALA B 1040 -1.02 -20.77 3.24
N SER B 1041 -1.74 -19.65 3.12
CA SER B 1041 -2.90 -19.58 2.24
C SER B 1041 -2.65 -18.82 0.95
N GLU B 1042 -2.19 -17.57 0.99
CA GLU B 1042 -2.12 -16.80 -0.24
C GLU B 1042 -0.86 -17.06 -1.06
N LEU B 1043 -0.20 -18.21 -0.86
CA LEU B 1043 0.64 -18.75 -1.92
C LEU B 1043 -0.19 -19.11 -3.14
N SER B 1044 -1.38 -19.65 -2.93
CA SER B 1044 -2.26 -20.01 -4.04
C SER B 1044 -2.84 -18.79 -4.76
N ASN B 1045 -2.76 -17.60 -4.15
CA ASN B 1045 -3.20 -16.40 -4.83
C ASN B 1045 -2.26 -16.07 -5.98
N THR B 1046 -2.83 -15.65 -7.11
CA THR B 1046 -2.05 -15.41 -8.32
C THR B 1046 -1.72 -13.95 -8.55
N PHE B 1047 -2.51 -13.04 -7.99
CA PHE B 1047 -2.31 -11.59 -8.13
C PHE B 1047 -2.30 -11.16 -9.61
N GLY B 1048 -3.17 -11.77 -10.40
CA GLY B 1048 -3.28 -11.47 -11.81
C GLY B 1048 -2.56 -12.44 -12.73
N ALA B 1049 -1.70 -13.28 -12.18
CA ALA B 1049 -1.02 -14.28 -12.99
C ALA B 1049 -1.99 -15.38 -13.41
N ILE B 1050 -1.63 -16.10 -14.48
CA ILE B 1050 -2.49 -17.17 -14.98
C ILE B 1050 -2.27 -18.48 -14.26
N SER B 1051 -1.30 -18.55 -13.36
CA SER B 1051 -1.06 -19.77 -12.58
C SER B 1051 -0.43 -19.38 -11.26
N ALA B 1052 -0.55 -20.28 -10.28
CA ALA B 1052 0.02 -20.07 -8.96
C ALA B 1052 1.29 -20.90 -8.74
N SER B 1053 1.81 -21.53 -9.78
CA SER B 1053 3.01 -22.34 -9.69
C SER B 1053 4.10 -21.74 -10.58
N ILE B 1054 5.28 -21.53 -10.01
CA ILE B 1054 6.40 -20.97 -10.77
C ILE B 1054 6.86 -21.95 -11.83
N GLY B 1055 6.94 -23.24 -11.48
CA GLY B 1055 7.36 -24.25 -12.43
C GLY B 1055 6.41 -24.40 -13.60
N ASP B 1056 5.10 -24.34 -13.35
CA ASP B 1056 4.13 -24.40 -14.43
C ASP B 1056 4.21 -23.15 -15.31
N ILE B 1057 4.51 -22.00 -14.70
CA ILE B 1057 4.63 -20.76 -15.47
C ILE B 1057 5.85 -20.84 -16.40
N ILE B 1058 6.99 -21.29 -15.88
CA ILE B 1058 8.18 -21.38 -16.73
C ILE B 1058 8.09 -22.56 -17.69
N GLN B 1059 7.20 -23.52 -17.42
CA GLN B 1059 7.02 -24.65 -18.33
C GLN B 1059 6.05 -24.31 -19.46
N ARG B 1060 5.13 -23.37 -19.23
CA ARG B 1060 4.05 -23.13 -20.18
C ARG B 1060 4.19 -21.84 -20.97
N LEU B 1061 5.10 -20.93 -20.60
CA LEU B 1061 5.06 -19.57 -21.13
C LEU B 1061 6.37 -19.23 -21.84
N ASP B 1062 6.27 -18.30 -22.80
CA ASP B 1062 7.43 -17.76 -23.45
C ASP B 1062 8.19 -16.84 -22.49
N PRO B 1063 9.51 -16.73 -22.64
CA PRO B 1063 10.30 -15.95 -21.67
C PRO B 1063 9.93 -14.47 -21.62
N PRO B 1064 9.58 -13.79 -22.74
CA PRO B 1064 9.04 -12.43 -22.61
C PRO B 1064 7.81 -12.32 -21.72
N GLU B 1065 6.91 -13.30 -21.76
CA GLU B 1065 5.69 -13.24 -21.00
C GLU B 1065 5.80 -13.96 -19.66
N GLN B 1066 6.64 -14.99 -19.56
CA GLN B 1066 6.89 -15.58 -18.25
C GLN B 1066 7.67 -14.64 -17.36
N ASP B 1067 8.47 -13.74 -17.94
CA ASP B 1067 9.11 -12.70 -17.14
C ASP B 1067 8.08 -11.80 -16.48
N ALA B 1068 7.08 -11.37 -17.24
CA ALA B 1068 6.02 -10.52 -16.69
C ALA B 1068 5.19 -11.25 -15.66
N GLN B 1069 4.87 -12.53 -15.93
CA GLN B 1069 4.09 -13.32 -14.97
C GLN B 1069 4.83 -13.51 -13.65
N ILE B 1070 6.13 -13.82 -13.73
CA ILE B 1070 6.91 -14.00 -12.52
C ILE B 1070 7.09 -12.67 -11.79
N ASP B 1071 7.24 -11.56 -12.53
CA ASP B 1071 7.33 -10.25 -11.89
C ASP B 1071 6.05 -9.92 -11.13
N ARG B 1072 4.88 -10.22 -11.71
CA ARG B 1072 3.62 -10.02 -11.01
C ARG B 1072 3.54 -10.88 -9.75
N LEU B 1073 3.97 -12.14 -9.86
CA LEU B 1073 3.94 -13.04 -8.69
C LEU B 1073 4.87 -12.55 -7.58
N ILE B 1074 6.09 -12.13 -7.95
CA ILE B 1074 7.05 -11.61 -6.99
C ILE B 1074 6.53 -10.36 -6.32
N ASN B 1075 5.93 -9.44 -7.10
CA ASN B 1075 5.41 -8.21 -6.54
C ASN B 1075 4.27 -8.47 -5.57
N GLY B 1076 3.35 -9.38 -5.93
CA GLY B 1076 2.26 -9.71 -5.03
C GLY B 1076 2.73 -10.36 -3.75
N ARG B 1077 3.65 -11.33 -3.86
CA ARG B 1077 4.16 -12.01 -2.67
C ARG B 1077 4.95 -11.06 -1.78
N LEU B 1078 5.73 -10.16 -2.38
CA LEU B 1078 6.51 -9.21 -1.59
C LEU B 1078 5.61 -8.19 -0.90
N THR B 1079 4.55 -7.74 -1.57
CA THR B 1079 3.60 -6.84 -0.93
C THR B 1079 2.91 -7.52 0.24
N THR B 1080 2.52 -8.79 0.06
CA THR B 1080 1.90 -9.55 1.14
C THR B 1080 2.87 -9.74 2.31
N LEU B 1081 4.14 -10.03 2.00
CA LEU B 1081 5.14 -10.21 3.06
C LEU B 1081 5.40 -8.90 3.80
N ASN B 1082 5.41 -7.77 3.10
CA ASN B 1082 5.59 -6.49 3.78
C ASN B 1082 4.40 -6.17 4.67
N ALA B 1083 3.18 -6.49 4.22
CA ALA B 1083 2.00 -6.30 5.07
C ALA B 1083 2.08 -7.20 6.30
N PHE B 1084 2.54 -8.44 6.12
CA PHE B 1084 2.69 -9.36 7.25
C PHE B 1084 3.76 -8.86 8.22
N VAL B 1085 4.83 -8.28 7.71
CA VAL B 1085 5.88 -7.73 8.56
C VAL B 1085 5.34 -6.55 9.37
N ALA B 1086 4.56 -5.68 8.74
CA ALA B 1086 3.96 -4.56 9.47
C ALA B 1086 3.00 -5.05 10.54
N GLN B 1087 2.18 -6.04 10.21
CA GLN B 1087 1.26 -6.61 11.20
C GLN B 1087 2.01 -7.27 12.35
N GLN B 1088 3.12 -7.95 12.03
CA GLN B 1088 3.93 -8.58 13.07
C GLN B 1088 4.56 -7.54 13.98
N LEU B 1089 5.02 -6.42 13.41
CA LEU B 1089 5.59 -5.34 14.23
C LEU B 1089 4.54 -4.73 15.14
N VAL B 1090 3.33 -4.52 14.62
CA VAL B 1090 2.24 -3.97 15.44
C VAL B 1090 1.88 -4.93 16.57
N ARG B 1091 1.76 -6.22 16.25
CA ARG B 1091 1.45 -7.21 17.27
C ARG B 1091 2.57 -7.36 18.28
N SER B 1092 3.83 -7.21 17.85
CA SER B 1092 4.95 -7.29 18.78
C SER B 1092 4.97 -6.10 19.73
N GLU B 1093 4.66 -4.90 19.22
CA GLU B 1093 4.56 -3.74 20.10
C GLU B 1093 3.42 -3.89 21.09
N SER B 1094 2.27 -4.41 20.63
CA SER B 1094 1.15 -4.67 21.54
C SER B 1094 1.53 -5.72 22.58
N ALA B 1095 2.28 -6.75 22.17
CA ALA B 1095 2.73 -7.78 23.09
C ALA B 1095 3.69 -7.22 24.12
N ALA B 1096 4.58 -6.32 23.70
CA ALA B 1096 5.50 -5.69 24.66
C ALA B 1096 4.76 -4.83 25.67
N LEU B 1097 3.77 -4.05 25.21
CA LEU B 1097 2.99 -3.24 26.13
C LEU B 1097 2.19 -4.12 27.09
N SER B 1098 1.60 -5.20 26.58
CA SER B 1098 0.85 -6.12 27.44
C SER B 1098 1.77 -6.85 28.41
N ALA B 1099 3.00 -7.15 28.00
CA ALA B 1099 3.96 -7.79 28.89
C ALA B 1099 4.36 -6.83 30.02
N GLN B 1100 4.53 -5.55 29.70
CA GLN B 1100 4.79 -4.56 30.74
C GLN B 1100 3.62 -4.46 31.70
N LEU B 1101 2.39 -4.50 31.17
CA LEU B 1101 1.20 -4.48 32.01
C LEU B 1101 1.14 -5.72 32.90
N ALA B 1102 1.49 -6.88 32.35
CA ALA B 1102 1.49 -8.12 33.12
C ALA B 1102 2.54 -8.08 34.22
N LYS B 1103 3.72 -7.53 33.91
CA LYS B 1103 4.75 -7.37 34.93
C LYS B 1103 4.29 -6.43 36.04
N ASP B 1104 3.60 -5.35 35.67
CA ASP B 1104 3.04 -4.45 36.67
C ASP B 1104 2.01 -5.14 37.54
N LYS B 1105 1.13 -5.95 36.93
CA LYS B 1105 0.08 -6.63 37.69
C LYS B 1105 0.66 -7.67 38.63
N VAL B 1106 1.64 -8.45 38.15
CA VAL B 1106 2.23 -9.49 38.98
C VAL B 1106 3.15 -8.90 40.04
N ASN B 1107 3.64 -7.68 39.83
CA ASN B 1107 4.43 -7.02 40.85
C ASN B 1107 3.58 -6.30 41.87
N GLU B 1108 2.36 -5.90 41.50
CA GLU B 1108 1.51 -5.15 42.42
C GLU B 1108 0.56 -6.07 43.19
N CYS B 1109 -0.31 -6.80 42.48
CA CYS B 1109 -1.41 -7.50 43.12
C CYS B 1109 -1.28 -9.02 43.02
N VAL B 1110 -0.05 -9.52 42.99
CA VAL B 1110 0.23 -10.95 43.09
C VAL B 1110 1.17 -11.26 44.24
N LYS B 1111 2.32 -10.58 44.27
CA LYS B 1111 3.21 -10.68 45.42
C LYS B 1111 2.73 -9.89 46.61
N ALA B 1112 1.74 -9.00 46.43
CA ALA B 1112 1.18 -8.21 47.50
C ALA B 1112 -0.31 -8.05 47.27
N GLN B 1113 -0.99 -7.46 48.25
CA GLN B 1113 -2.44 -7.22 48.18
C GLN B 1113 -2.65 -5.75 47.82
N SER B 1114 -2.96 -5.49 46.57
CA SER B 1114 -3.15 -4.12 46.11
C SER B 1114 -4.45 -3.54 46.65
N LYS B 1115 -4.40 -2.30 47.11
CA LYS B 1115 -5.58 -1.60 47.60
C LYS B 1115 -6.25 -0.77 46.51
N ARG B 1116 -5.76 -0.83 45.28
CA ARG B 1116 -6.41 -0.12 44.18
C ARG B 1116 -7.77 -0.75 43.88
N SER B 1117 -8.78 0.08 43.72
CA SER B 1117 -10.15 -0.38 43.57
C SER B 1117 -10.33 -1.01 42.19
N GLY B 1118 -10.33 -2.34 42.16
CA GLY B 1118 -10.56 -3.06 40.91
C GLY B 1118 -9.48 -2.91 39.87
N PHE B 1119 -8.21 -2.81 40.29
CA PHE B 1119 -7.13 -2.80 39.32
C PHE B 1119 -6.98 -4.15 38.64
N CYS B 1120 -7.08 -5.23 39.41
CA CYS B 1120 -6.98 -6.57 38.86
C CYS B 1120 -8.02 -7.53 39.41
N GLY B 1121 -8.87 -7.09 40.34
CA GLY B 1121 -9.94 -7.92 40.84
C GLY B 1121 -11.17 -7.11 41.19
N GLN B 1122 -12.32 -7.49 40.65
CA GLN B 1122 -13.56 -6.76 40.91
C GLN B 1122 -13.96 -6.90 42.37
N GLY B 1123 -14.41 -5.80 42.96
CA GLY B 1123 -14.58 -5.76 44.39
C GLY B 1123 -13.25 -5.62 45.08
N THR B 1124 -13.24 -5.90 46.39
CA THR B 1124 -12.01 -5.86 47.16
C THR B 1124 -11.17 -7.09 46.81
N HIS B 1125 -10.00 -6.85 46.24
CA HIS B 1125 -9.13 -7.95 45.81
C HIS B 1125 -8.49 -8.61 47.03
N ILE B 1126 -8.51 -9.93 47.06
CA ILE B 1126 -7.93 -10.65 48.19
C ILE B 1126 -6.60 -11.27 47.78
N VAL B 1127 -6.63 -12.24 46.86
CA VAL B 1127 -5.41 -12.93 46.43
C VAL B 1127 -5.46 -13.16 44.92
N SER B 1128 -4.32 -13.58 44.38
CA SER B 1128 -4.19 -13.85 42.96
C SER B 1128 -3.31 -15.08 42.75
N PHE B 1129 -3.53 -15.74 41.61
CA PHE B 1129 -2.72 -16.87 41.20
C PHE B 1129 -2.38 -16.70 39.72
N VAL B 1130 -1.16 -17.09 39.37
CA VAL B 1130 -0.62 -16.88 38.02
C VAL B 1130 -0.24 -18.23 37.45
N VAL B 1131 -0.76 -18.55 36.26
CA VAL B 1131 -0.39 -19.75 35.52
C VAL B 1131 -0.09 -19.36 34.08
N ASN B 1132 0.46 -20.31 33.35
CA ASN B 1132 0.84 -20.07 31.96
C ASN B 1132 -0.32 -20.37 31.03
N ALA B 1133 -0.29 -19.77 29.84
CA ALA B 1133 -1.28 -19.97 28.80
C ALA B 1133 -0.53 -20.12 27.49
N PRO B 1134 -1.07 -20.90 26.53
CA PRO B 1134 -0.25 -21.32 25.37
C PRO B 1134 0.30 -20.19 24.52
N ASN B 1135 -0.25 -18.99 24.64
CA ASN B 1135 0.36 -17.81 24.07
C ASN B 1135 0.76 -16.77 25.11
N GLY B 1136 0.15 -16.75 26.28
CA GLY B 1136 0.34 -15.66 27.22
C GLY B 1136 0.32 -16.10 28.67
N LEU B 1137 -0.19 -15.22 29.52
CA LEU B 1137 -0.15 -15.43 30.96
C LEU B 1137 -1.55 -15.29 31.51
N TYR B 1138 -1.98 -16.30 32.28
CA TYR B 1138 -3.35 -16.42 32.76
C TYR B 1138 -3.38 -16.07 34.25
N PHE B 1139 -4.25 -15.17 34.63
CA PHE B 1139 -4.41 -14.74 36.00
C PHE B 1139 -5.78 -15.18 36.50
N MET B 1140 -5.83 -15.65 37.74
CA MET B 1140 -7.11 -15.84 38.41
C MET B 1140 -7.07 -15.14 39.75
N HIS B 1141 -8.02 -14.24 39.98
CA HIS B 1141 -8.03 -13.41 41.17
C HIS B 1141 -9.22 -13.81 42.03
N VAL B 1142 -8.94 -14.18 43.29
CA VAL B 1142 -9.99 -14.39 44.27
C VAL B 1142 -10.24 -13.06 44.96
N GLY B 1143 -11.47 -12.56 44.85
CA GLY B 1143 -11.81 -11.27 45.38
C GLY B 1143 -13.08 -11.35 46.22
N TYR B 1144 -13.26 -10.31 47.03
CA TYR B 1144 -14.36 -10.24 47.97
C TYR B 1144 -15.61 -9.75 47.25
N TYR B 1145 -16.76 -10.36 47.56
CA TYR B 1145 -18.03 -9.98 46.95
C TYR B 1145 -19.11 -9.87 48.02
N PRO B 1146 -19.66 -8.68 48.27
CA PRO B 1146 -20.65 -8.54 49.33
C PRO B 1146 -22.06 -8.89 48.84
N SER B 1147 -22.95 -9.08 49.82
CA SER B 1147 -24.33 -9.41 49.57
C SER B 1147 -25.13 -9.18 50.85
N ASN B 1148 -26.43 -8.96 50.66
CA ASN B 1148 -27.41 -8.74 51.73
C ASN B 1148 -27.02 -7.54 52.61
N HIS B 1149 -27.01 -6.36 51.98
CA HIS B 1149 -26.72 -5.13 52.70
C HIS B 1149 -27.87 -4.76 53.64
N ILE B 1150 -27.51 -4.11 54.75
CA ILE B 1150 -28.50 -3.58 55.67
C ILE B 1150 -28.20 -2.12 55.96
N GLU B 1151 -29.22 -1.42 56.43
CA GLU B 1151 -29.18 0.01 56.69
C GLU B 1151 -29.19 0.22 58.20
N VAL B 1152 -28.21 0.98 58.70
CA VAL B 1152 -28.00 1.15 60.13
C VAL B 1152 -27.77 2.64 60.41
N VAL B 1153 -27.66 2.96 61.69
CA VAL B 1153 -27.43 4.33 62.16
C VAL B 1153 -26.00 4.42 62.67
N SER B 1154 -25.24 5.36 62.13
CA SER B 1154 -23.83 5.50 62.44
C SER B 1154 -23.47 6.95 62.71
N ALA B 1155 -22.30 7.12 63.33
CA ALA B 1155 -21.78 8.41 63.75
C ALA B 1155 -20.39 8.64 63.20
N TYR B 1156 -19.72 9.68 63.69
CA TYR B 1156 -18.34 9.96 63.32
C TYR B 1156 -17.34 9.67 64.43
N GLY B 1157 -17.80 9.51 65.66
CA GLY B 1157 -16.93 9.20 66.78
C GLY B 1157 -17.53 9.69 68.08
N LEU B 1158 -16.98 9.18 69.18
CA LEU B 1158 -17.51 9.42 70.52
C LEU B 1158 -16.62 10.41 71.27
N CYS B 1159 -17.26 11.35 71.95
CA CYS B 1159 -16.58 12.33 72.79
C CYS B 1159 -17.26 12.37 74.14
N ASP B 1160 -16.52 12.84 75.15
CA ASP B 1160 -17.07 12.95 76.49
C ASP B 1160 -17.84 14.25 76.64
N ALA B 1161 -19.01 14.17 77.28
CA ALA B 1161 -19.76 15.38 77.59
C ALA B 1161 -19.02 16.24 78.60
N ALA B 1162 -18.43 15.62 79.62
CA ALA B 1162 -17.68 16.37 80.62
C ALA B 1162 -16.33 16.83 80.08
N ASN B 1163 -15.73 16.08 79.16
CA ASN B 1163 -14.44 16.40 78.57
C ASN B 1163 -14.60 16.42 77.05
N PRO B 1164 -15.09 17.52 76.49
CA PRO B 1164 -15.27 17.58 75.03
C PRO B 1164 -13.97 17.59 74.25
N THR B 1165 -12.84 17.88 74.90
CA THR B 1165 -11.55 17.87 74.20
C THR B 1165 -11.17 16.46 73.75
N ASN B 1166 -11.39 15.46 74.59
CA ASN B 1166 -11.03 14.09 74.26
C ASN B 1166 -12.06 13.51 73.31
N CYS B 1167 -11.61 13.06 72.14
CA CYS B 1167 -12.50 12.50 71.14
C CYS B 1167 -11.81 11.35 70.43
N ILE B 1168 -12.56 10.29 70.14
CA ILE B 1168 -12.04 9.12 69.46
C ILE B 1168 -12.78 8.95 68.14
N ALA B 1169 -12.15 8.21 67.24
CA ALA B 1169 -12.62 8.00 65.88
C ALA B 1169 -12.34 6.57 65.48
N PRO B 1170 -13.17 5.97 64.64
CA PRO B 1170 -12.97 4.56 64.30
C PRO B 1170 -11.80 4.36 63.34
N VAL B 1171 -11.16 3.21 63.47
CA VAL B 1171 -10.01 2.85 62.65
C VAL B 1171 -10.40 1.65 61.80
N ASN B 1172 -10.37 1.83 60.47
CA ASN B 1172 -10.72 0.80 59.49
C ASN B 1172 -12.12 0.23 59.76
N GLY B 1173 -13.06 1.10 60.07
CA GLY B 1173 -14.41 0.67 60.37
C GLY B 1173 -15.30 1.85 60.63
N TYR B 1174 -16.42 1.59 61.31
CA TYR B 1174 -17.38 2.62 61.61
C TYR B 1174 -17.96 2.41 63.01
N PHE B 1175 -18.50 3.48 63.57
CA PHE B 1175 -19.20 3.42 64.84
C PHE B 1175 -20.69 3.21 64.59
N ILE B 1176 -21.22 2.08 65.04
CA ILE B 1176 -22.57 1.67 64.73
C ILE B 1176 -23.38 1.58 66.01
N LYS B 1177 -24.61 2.08 65.97
CA LYS B 1177 -25.52 2.01 67.11
C LYS B 1177 -26.25 0.68 67.07
N THR B 1178 -25.91 -0.21 67.99
CA THR B 1178 -26.55 -1.51 68.06
C THR B 1178 -26.74 -1.89 69.52
N ASN B 1179 -27.93 -2.38 69.84
CA ASN B 1179 -28.35 -2.70 71.19
C ASN B 1179 -28.03 -4.16 71.51
N ASN B 1180 -28.59 -4.66 72.61
CA ASN B 1180 -28.52 -6.07 72.93
C ASN B 1180 -29.64 -6.83 72.25
N GLU B 1186 -26.79 2.32 73.02
CA GLU B 1186 -25.35 2.08 73.14
C GLU B 1186 -24.70 2.12 71.77
N TRP B 1187 -23.37 2.22 71.77
CA TRP B 1187 -22.59 2.32 70.54
C TRP B 1187 -21.69 1.10 70.40
N SER B 1188 -21.38 0.77 69.15
CA SER B 1188 -20.57 -0.41 68.85
C SER B 1188 -19.72 -0.14 67.61
N TYR B 1189 -18.74 -1.01 67.41
CA TYR B 1189 -17.84 -0.94 66.27
C TYR B 1189 -18.10 -2.11 65.34
N THR B 1190 -17.89 -1.89 64.04
CA THR B 1190 -18.02 -2.93 63.04
C THR B 1190 -16.92 -2.77 62.01
N GLY B 1191 -16.69 -3.85 61.27
CA GLY B 1191 -15.70 -3.83 60.22
C GLY B 1191 -16.19 -3.08 58.99
N SER B 1192 -15.25 -2.81 58.09
CA SER B 1192 -15.57 -2.08 56.87
C SER B 1192 -16.12 -2.97 55.77
N SER B 1193 -16.19 -4.29 55.99
CA SER B 1193 -16.67 -5.18 54.95
C SER B 1193 -17.59 -6.28 55.48
N PHE B 1194 -18.00 -6.21 56.75
CA PHE B 1194 -18.87 -7.23 57.32
C PHE B 1194 -19.61 -6.62 58.49
N TYR B 1195 -20.89 -6.97 58.62
CA TYR B 1195 -21.70 -6.51 59.74
C TYR B 1195 -21.36 -7.37 60.95
N ALA B 1196 -20.39 -6.91 61.73
CA ALA B 1196 -19.92 -7.63 62.91
C ALA B 1196 -19.92 -6.68 64.10
N PRO B 1197 -21.05 -6.52 64.77
CA PRO B 1197 -21.08 -5.69 65.98
C PRO B 1197 -20.28 -6.32 67.10
N GLU B 1198 -19.51 -5.49 67.79
CA GLU B 1198 -18.62 -5.96 68.86
C GLU B 1198 -18.28 -4.77 69.74
N PRO B 1199 -18.08 -4.98 71.04
CA PRO B 1199 -17.91 -3.85 71.97
C PRO B 1199 -16.64 -3.05 71.70
N ILE B 1200 -16.75 -1.73 71.85
CA ILE B 1200 -15.69 -0.83 71.44
C ILE B 1200 -14.54 -0.85 72.45
N THR B 1201 -13.32 -1.02 71.94
CA THR B 1201 -12.12 -1.05 72.77
C THR B 1201 -11.07 -0.09 72.27
N SER B 1202 -9.86 -0.15 72.84
CA SER B 1202 -8.79 0.77 72.47
C SER B 1202 -7.94 0.27 71.31
N LEU B 1203 -8.12 -0.97 70.88
CA LEU B 1203 -7.29 -1.56 69.83
C LEU B 1203 -7.82 -1.28 68.44
N ASN B 1204 -8.91 -0.52 68.32
CA ASN B 1204 -9.54 -0.28 67.04
C ASN B 1204 -10.00 1.16 66.84
N THR B 1205 -9.51 2.10 67.65
CA THR B 1205 -9.89 3.49 67.54
C THR B 1205 -8.66 4.38 67.73
N LYS B 1206 -8.75 5.61 67.24
CA LYS B 1206 -7.66 6.56 67.38
C LYS B 1206 -8.19 7.88 67.90
N TYR B 1207 -7.34 8.59 68.65
CA TYR B 1207 -7.73 9.88 69.18
C TYR B 1207 -7.67 10.94 68.08
N VAL B 1208 -8.53 11.96 68.20
CA VAL B 1208 -8.71 12.94 67.16
C VAL B 1208 -9.23 14.23 67.79
N ALA B 1209 -8.95 15.36 67.13
CA ALA B 1209 -9.40 16.65 67.62
C ALA B 1209 -10.92 16.75 67.57
N PRO B 1210 -11.53 17.41 68.56
CA PRO B 1210 -12.99 17.52 68.58
C PRO B 1210 -13.52 18.40 67.46
N GLN B 1211 -14.71 18.05 66.99
CA GLN B 1211 -15.44 18.89 66.04
C GLN B 1211 -16.88 19.04 66.54
N VAL B 1212 -17.67 19.78 65.77
CA VAL B 1212 -19.06 20.02 66.16
C VAL B 1212 -19.93 18.80 65.86
N THR B 1213 -19.57 18.00 64.86
CA THR B 1213 -20.46 16.98 64.33
C THR B 1213 -20.39 15.66 65.08
N TYR B 1214 -19.52 15.53 66.08
CA TYR B 1214 -19.37 14.24 66.75
C TYR B 1214 -20.51 14.01 67.75
N GLN B 1215 -20.64 12.76 68.19
CA GLN B 1215 -21.74 12.34 69.06
C GLN B 1215 -21.25 12.06 70.47
N ASN B 1216 -21.41 13.06 71.33
CA ASN B 1216 -21.13 13.10 72.75
C ASN B 1216 -21.97 12.03 73.46
N ILE B 1217 -21.59 11.63 74.69
CA ILE B 1217 -22.38 10.65 75.43
C ILE B 1217 -22.13 10.83 76.93
N SER B 1218 -23.16 10.56 77.75
CA SER B 1218 -23.05 10.81 79.19
C SER B 1218 -23.62 9.70 80.07
N THR B 1219 -23.96 8.54 79.53
CA THR B 1219 -24.51 7.47 80.36
C THR B 1219 -23.73 6.17 80.29
N ASN B 1220 -23.00 5.90 79.22
CA ASN B 1220 -22.15 4.71 79.11
C ASN B 1220 -20.91 5.11 78.33
N LEU B 1221 -19.88 5.52 79.06
CA LEU B 1221 -18.64 5.97 78.44
C LEU B 1221 -17.85 4.76 77.96
N PRO B 1222 -17.43 4.74 76.69
CA PRO B 1222 -16.55 3.65 76.23
C PRO B 1222 -15.21 3.72 76.94
N PRO B 1223 -14.54 2.58 77.11
CA PRO B 1223 -13.25 2.54 77.82
C PRO B 1223 -12.15 3.38 77.16
N PRO B 1224 -12.14 3.59 75.84
CA PRO B 1224 -11.27 4.67 75.32
C PRO B 1224 -11.58 6.04 75.89
N LEU B 1225 -12.85 6.36 76.12
CA LEU B 1225 -13.18 7.67 76.70
C LEU B 1225 -12.87 7.72 78.18
N LEU B 1226 -12.99 6.60 78.88
CA LEU B 1226 -12.73 6.56 80.32
C LEU B 1226 -11.24 6.64 80.60
N VAL C 22 -16.59 35.80 -46.32
CA VAL C 22 -17.59 35.81 -47.38
C VAL C 22 -18.72 36.74 -46.93
N ASP C 23 -18.51 38.04 -47.10
CA ASP C 23 -19.49 39.03 -46.65
C ASP C 23 -19.41 40.25 -47.57
N VAL C 24 -19.99 41.37 -47.12
CA VAL C 24 -20.03 42.62 -47.89
C VAL C 24 -19.56 43.76 -47.00
N GLY C 25 -19.69 44.98 -47.50
CA GLY C 25 -19.33 46.17 -46.76
C GLY C 25 -18.72 47.23 -47.66
N PRO C 26 -19.30 48.43 -47.66
CA PRO C 26 -18.89 49.47 -48.61
C PRO C 26 -17.80 50.36 -48.02
N ASP C 27 -16.85 50.73 -48.87
CA ASP C 27 -15.83 51.69 -48.48
C ASP C 27 -16.45 53.07 -48.26
N SER C 28 -15.89 53.83 -47.32
CA SER C 28 -16.51 55.08 -46.91
C SER C 28 -16.20 56.22 -47.87
N VAL C 29 -14.93 56.59 -47.98
CA VAL C 29 -14.52 57.74 -48.78
C VAL C 29 -13.32 57.39 -49.64
N LYS C 30 -12.77 58.40 -50.32
CA LYS C 30 -11.59 58.23 -51.16
C LYS C 30 -10.37 57.84 -50.32
N SER C 31 -9.41 57.21 -50.98
CA SER C 31 -8.20 56.73 -50.31
C SER C 31 -7.27 57.92 -50.05
N ALA C 32 -7.60 58.67 -49.00
CA ALA C 32 -6.74 59.76 -48.52
C ALA C 32 -6.94 59.85 -47.01
N CYS C 33 -6.09 59.14 -46.27
CA CYS C 33 -6.20 59.11 -44.82
C CYS C 33 -5.76 60.45 -44.22
N ILE C 34 -6.36 60.79 -43.09
CA ILE C 34 -5.97 62.02 -42.40
C ILE C 34 -4.67 61.79 -41.64
N GLU C 35 -3.98 62.89 -41.36
CA GLU C 35 -2.63 62.82 -40.82
C GLU C 35 -2.62 62.34 -39.37
N VAL C 36 -1.63 61.50 -39.05
CA VAL C 36 -1.48 60.90 -37.73
C VAL C 36 -0.12 61.30 -37.18
N ASP C 37 -0.09 61.75 -35.93
CA ASP C 37 1.13 62.13 -35.24
C ASP C 37 1.49 61.08 -34.19
N ILE C 38 2.69 61.22 -33.63
CA ILE C 38 3.15 60.39 -32.53
C ILE C 38 3.62 61.34 -31.43
N GLN C 39 2.93 61.33 -30.30
CA GLN C 39 3.27 62.17 -29.16
C GLN C 39 3.17 61.35 -27.87
N GLN C 40 3.81 60.18 -27.87
CA GLN C 40 3.71 59.25 -26.75
C GLN C 40 4.35 59.80 -25.47
N THR C 41 5.19 60.84 -25.57
CA THR C 41 5.74 61.48 -24.38
C THR C 41 4.63 62.14 -23.57
N PHE C 42 3.65 62.74 -24.24
CA PHE C 42 2.48 63.30 -23.56
C PHE C 42 1.68 62.21 -22.85
N PHE C 43 1.53 61.06 -23.49
CA PHE C 43 0.72 59.97 -22.96
C PHE C 43 1.40 59.25 -21.80
N ASP C 44 2.68 59.50 -21.55
CA ASP C 44 3.41 58.82 -20.49
C ASP C 44 3.02 59.40 -19.14
N LYS C 45 2.27 58.62 -18.36
CA LYS C 45 1.89 59.03 -17.02
C LYS C 45 1.66 57.78 -16.20
N THR C 46 1.66 57.94 -14.87
CA THR C 46 1.53 56.83 -13.94
C THR C 46 0.22 56.95 -13.17
N TRP C 47 -0.66 55.99 -13.36
CA TRP C 47 -1.86 55.82 -12.55
C TRP C 47 -1.89 54.37 -12.10
N PRO C 48 -1.12 54.01 -11.07
CA PRO C 48 -0.98 52.60 -10.68
C PRO C 48 -2.26 52.06 -10.06
N ARG C 49 -2.84 51.06 -10.71
CA ARG C 49 -4.01 50.34 -10.20
C ARG C 49 -3.70 48.84 -10.26
N PRO C 50 -2.90 48.33 -9.32
CA PRO C 50 -2.69 46.88 -9.28
C PRO C 50 -3.97 46.17 -8.84
N ILE C 51 -4.17 44.99 -9.39
CA ILE C 51 -5.38 44.23 -9.09
C ILE C 51 -5.23 43.54 -7.75
N ASP C 52 -6.27 43.65 -6.92
CA ASP C 52 -6.31 43.01 -5.62
C ASP C 52 -7.27 41.83 -5.71
N VAL C 53 -6.71 40.62 -5.64
CA VAL C 53 -7.53 39.42 -5.74
C VAL C 53 -8.44 39.29 -4.53
N SER C 54 -7.99 39.77 -3.37
CA SER C 54 -8.86 39.83 -2.20
C SER C 54 -10.01 40.81 -2.39
N LYS C 55 -9.85 41.82 -3.24
CA LYS C 55 -10.93 42.72 -3.60
C LYS C 55 -11.75 42.23 -4.77
N ALA C 56 -11.46 41.02 -5.27
CA ALA C 56 -12.23 40.34 -6.31
C ALA C 56 -12.31 41.15 -7.60
N ASP C 57 -11.14 41.37 -8.20
CA ASP C 57 -11.02 42.09 -9.47
C ASP C 57 -10.41 41.18 -10.51
N GLY C 58 -11.09 41.02 -11.65
CA GLY C 58 -10.56 40.28 -12.77
C GLY C 58 -10.37 38.79 -12.59
N ILE C 59 -11.36 38.10 -12.02
CA ILE C 59 -11.33 36.66 -11.83
C ILE C 59 -12.31 36.01 -12.80
N ILE C 60 -11.85 35.01 -13.54
CA ILE C 60 -12.70 34.28 -14.48
C ILE C 60 -13.57 33.31 -13.69
N TYR C 61 -14.88 33.42 -13.87
CA TYR C 61 -15.82 32.53 -13.21
C TYR C 61 -15.71 31.13 -13.80
N PRO C 62 -16.12 30.11 -13.03
CA PRO C 62 -16.31 28.78 -13.64
C PRO C 62 -17.32 28.84 -14.76
N GLN C 63 -17.03 28.13 -15.84
CA GLN C 63 -17.72 28.37 -17.11
C GLN C 63 -19.17 27.91 -17.10
N GLY C 64 -19.49 26.82 -16.42
CA GLY C 64 -20.86 26.33 -16.46
C GLY C 64 -21.40 25.75 -15.17
N ARG C 65 -20.59 25.74 -14.11
CA ARG C 65 -20.97 25.09 -12.85
C ARG C 65 -20.70 26.06 -11.71
N THR C 66 -21.71 26.86 -11.36
CA THR C 66 -21.57 27.77 -10.24
C THR C 66 -21.75 27.04 -8.92
N TYR C 67 -21.46 27.74 -7.82
CA TYR C 67 -21.53 27.16 -6.48
C TYR C 67 -22.21 28.16 -5.56
N SER C 68 -22.24 27.87 -4.27
CA SER C 68 -22.84 28.77 -3.29
C SER C 68 -22.29 28.51 -1.90
N ASN C 69 -21.88 29.59 -1.23
CA ASN C 69 -21.52 29.62 0.18
C ASN C 69 -20.43 28.64 0.56
N ILE C 70 -19.48 28.38 -0.34
CA ILE C 70 -18.41 27.43 -0.07
C ILE C 70 -17.08 28.03 -0.48
N THR C 71 -16.01 27.55 0.15
CA THR C 71 -14.65 27.89 -0.23
C THR C 71 -14.07 26.72 -1.01
N ILE C 72 -13.65 26.97 -2.25
CA ILE C 72 -13.24 25.90 -3.14
C ILE C 72 -11.98 26.31 -3.90
N THR C 73 -11.11 25.35 -4.16
CA THR C 73 -9.90 25.57 -4.94
C THR C 73 -10.17 25.24 -6.40
N TYR C 74 -9.88 26.18 -7.28
CA TYR C 74 -10.15 26.03 -8.71
C TYR C 74 -8.87 26.27 -9.50
N GLN C 75 -8.57 25.35 -10.40
CA GLN C 75 -7.39 25.47 -11.26
C GLN C 75 -7.81 26.02 -12.62
N GLY C 76 -7.18 27.09 -13.06
CA GLY C 76 -7.55 27.69 -14.32
C GLY C 76 -6.66 28.83 -14.79
N LEU C 77 -7.21 29.70 -15.64
CA LEU C 77 -6.46 30.82 -16.20
C LEU C 77 -6.78 32.08 -15.39
N PHE C 78 -5.75 32.69 -14.83
CA PHE C 78 -5.92 33.72 -13.81
C PHE C 78 -4.74 34.68 -13.87
N PRO C 79 -4.88 35.91 -13.34
CA PRO C 79 -3.73 36.82 -13.27
C PRO C 79 -3.02 36.80 -11.92
N TYR C 80 -1.80 37.33 -11.87
CA TYR C 80 -1.08 37.46 -10.61
C TYR C 80 -1.66 38.59 -9.78
N GLN C 81 -1.45 38.52 -8.46
CA GLN C 81 -1.90 39.58 -7.57
C GLN C 81 -0.93 40.75 -7.65
N GLY C 82 -1.47 41.95 -7.85
CA GLY C 82 -0.65 43.14 -7.86
C GLY C 82 0.22 43.23 -9.09
N ASP C 83 -0.41 43.27 -10.26
CA ASP C 83 0.29 43.51 -11.52
C ASP C 83 0.00 44.93 -11.98
N HIS C 84 1.06 45.65 -12.34
CA HIS C 84 0.87 46.99 -12.88
C HIS C 84 0.24 46.96 -14.26
N GLY C 85 0.37 45.86 -14.99
CA GLY C 85 -0.33 45.70 -16.23
C GLY C 85 0.23 46.55 -17.37
N ASP C 86 -0.65 46.84 -18.31
CA ASP C 86 -0.34 47.55 -19.55
C ASP C 86 -1.28 48.73 -19.73
N MET C 87 -1.36 49.59 -18.71
CA MET C 87 -2.28 50.73 -18.70
C MET C 87 -2.06 51.62 -19.90
N TYR C 88 -3.14 51.91 -20.61
CA TYR C 88 -3.14 52.78 -21.78
C TYR C 88 -4.21 53.85 -21.61
N VAL C 89 -4.01 54.98 -22.29
CA VAL C 89 -4.90 56.12 -22.17
C VAL C 89 -5.17 56.67 -23.57
N TYR C 90 -6.41 57.10 -23.81
CA TYR C 90 -6.77 57.70 -25.08
C TYR C 90 -6.92 59.21 -24.91
N SER C 91 -6.70 59.95 -25.99
CA SER C 91 -6.76 61.40 -25.95
C SER C 91 -7.45 61.94 -27.19
N ALA C 92 -7.96 63.17 -27.07
CA ALA C 92 -8.59 63.86 -28.17
C ALA C 92 -7.54 64.48 -29.08
N GLY C 93 -7.95 64.73 -30.33
CA GLY C 93 -7.06 65.33 -31.31
C GLY C 93 -6.97 66.84 -31.17
N HIS C 94 -6.17 67.43 -32.06
CA HIS C 94 -6.03 68.89 -32.07
C HIS C 94 -7.29 69.55 -32.58
N ALA C 95 -7.56 70.75 -32.06
CA ALA C 95 -8.69 71.56 -32.48
C ALA C 95 -8.41 73.01 -32.12
N THR C 96 -8.81 73.91 -33.02
CA THR C 96 -8.70 75.35 -32.80
C THR C 96 -10.08 75.95 -32.99
N GLY C 97 -10.76 76.23 -31.88
CA GLY C 97 -12.11 76.74 -31.95
C GLY C 97 -13.13 75.66 -32.24
N THR C 98 -13.67 75.66 -33.46
CA THR C 98 -14.65 74.67 -33.88
C THR C 98 -14.17 73.85 -35.07
N THR C 99 -12.86 73.86 -35.34
CA THR C 99 -12.31 73.15 -36.49
C THR C 99 -11.61 71.88 -36.01
N PRO C 100 -12.13 70.69 -36.31
CA PRO C 100 -11.42 69.46 -35.93
C PRO C 100 -10.14 69.29 -36.73
N GLN C 101 -9.00 69.46 -36.07
CA GLN C 101 -7.70 69.50 -36.72
C GLN C 101 -7.09 68.09 -36.72
N LYS C 102 -5.78 68.01 -36.98
CA LYS C 102 -5.05 66.74 -37.04
C LYS C 102 -5.14 66.00 -35.71
N LEU C 103 -5.03 64.68 -35.77
CA LEU C 103 -5.22 63.81 -34.62
C LEU C 103 -4.12 64.00 -33.58
N PHE C 104 -4.30 63.35 -32.44
CA PHE C 104 -3.34 63.36 -31.34
C PHE C 104 -3.44 61.99 -30.65
N VAL C 105 -2.59 61.06 -31.07
CA VAL C 105 -2.62 59.68 -30.59
C VAL C 105 -1.24 59.32 -30.05
N ALA C 106 -1.20 58.16 -29.40
CA ALA C 106 0.03 57.63 -28.83
C ALA C 106 0.73 56.74 -29.85
N ASN C 107 1.73 55.98 -29.41
CA ASN C 107 2.55 55.14 -30.29
C ASN C 107 2.14 53.66 -30.25
N TYR C 108 0.96 53.35 -29.72
CA TYR C 108 0.60 51.96 -29.45
C TYR C 108 0.37 51.14 -30.70
N SER C 109 0.27 51.78 -31.88
CA SER C 109 0.15 51.02 -33.12
C SER C 109 1.39 50.19 -33.41
N GLN C 110 2.55 50.65 -32.96
CA GLN C 110 3.81 49.93 -33.16
C GLN C 110 4.12 48.95 -32.03
N ASP C 111 3.23 48.83 -31.05
CA ASP C 111 3.44 47.94 -29.91
C ASP C 111 2.66 46.66 -30.11
N VAL C 112 3.32 45.52 -29.92
CA VAL C 112 2.68 44.22 -30.05
C VAL C 112 3.16 43.32 -28.91
N LYS C 113 2.23 42.56 -28.34
CA LYS C 113 2.53 41.61 -27.28
C LYS C 113 1.89 40.27 -27.62
N GLN C 114 2.44 39.21 -27.04
CA GLN C 114 1.90 37.87 -27.24
C GLN C 114 0.56 37.73 -26.55
N PHE C 115 -0.38 37.06 -27.24
CA PHE C 115 -1.70 36.84 -26.67
C PHE C 115 -1.64 35.90 -25.47
N ALA C 116 -0.81 34.85 -25.57
CA ALA C 116 -0.56 33.87 -24.50
C ALA C 116 -1.88 33.20 -24.12
N ASN C 117 -2.29 33.24 -22.85
CA ASN C 117 -3.50 32.57 -22.39
C ASN C 117 -4.64 33.54 -22.17
N GLY C 118 -4.75 34.56 -23.02
CA GLY C 118 -5.80 35.56 -22.86
C GLY C 118 -5.44 36.58 -21.77
N PHE C 119 -6.32 37.57 -21.63
CA PHE C 119 -6.06 38.62 -20.65
C PHE C 119 -7.36 39.32 -20.30
N VAL C 120 -7.30 40.10 -19.21
CA VAL C 120 -8.44 40.82 -18.68
C VAL C 120 -8.17 42.32 -18.79
N VAL C 121 -9.24 43.09 -18.90
CA VAL C 121 -9.20 44.53 -19.07
C VAL C 121 -10.27 45.15 -18.18
N ARG C 122 -9.87 46.10 -17.33
CA ARG C 122 -10.80 46.86 -16.50
C ARG C 122 -11.14 48.16 -17.21
N ILE C 123 -12.44 48.46 -17.31
CA ILE C 123 -12.93 49.56 -18.12
C ILE C 123 -13.63 50.57 -17.22
N GLY C 124 -13.24 51.84 -17.38
CA GLY C 124 -13.86 52.93 -16.64
C GLY C 124 -13.56 52.95 -15.15
N ALA C 125 -12.34 52.62 -14.77
CA ALA C 125 -11.94 52.71 -13.37
C ALA C 125 -11.59 54.13 -12.95
N ALA C 126 -11.46 55.06 -13.90
CA ALA C 126 -11.15 56.45 -13.60
C ALA C 126 -12.31 57.39 -13.80
N ALA C 127 -13.44 56.90 -14.33
CA ALA C 127 -14.57 57.75 -14.63
C ALA C 127 -15.26 58.22 -13.34
N ASN C 128 -16.27 59.08 -13.53
CA ASN C 128 -16.98 59.75 -12.44
C ASN C 128 -16.01 60.53 -11.54
N SER C 129 -15.03 61.18 -12.16
CA SER C 129 -14.02 61.93 -11.44
C SER C 129 -13.48 63.02 -12.34
N THR C 130 -12.79 63.98 -11.73
CA THR C 130 -12.16 65.08 -12.44
C THR C 130 -10.69 64.78 -12.64
N GLY C 131 -10.23 64.85 -13.90
CA GLY C 131 -8.85 64.57 -14.21
C GLY C 131 -8.37 65.46 -15.34
N THR C 132 -7.06 65.47 -15.54
CA THR C 132 -6.46 66.34 -16.54
C THR C 132 -6.70 65.80 -17.94
N VAL C 133 -6.69 66.70 -18.90
CA VAL C 133 -6.74 66.34 -20.32
C VAL C 133 -5.33 66.03 -20.79
N ILE C 134 -5.19 64.98 -21.60
CA ILE C 134 -3.86 64.56 -22.04
C ILE C 134 -3.28 65.56 -23.03
N ILE C 135 -4.08 66.02 -23.99
CA ILE C 135 -3.58 66.98 -24.97
C ILE C 135 -3.38 68.35 -24.33
N SER C 136 -4.20 68.72 -23.34
CA SER C 136 -4.11 70.00 -22.65
C SER C 136 -3.89 69.72 -21.18
N PRO C 137 -2.63 69.64 -20.72
CA PRO C 137 -2.36 69.30 -19.31
C PRO C 137 -2.89 70.32 -18.32
N SER C 138 -2.99 71.59 -18.70
CA SER C 138 -3.51 72.61 -17.81
C SER C 138 -5.03 72.56 -17.68
N THR C 139 -5.72 71.80 -18.52
CA THR C 139 -7.17 71.69 -18.51
C THR C 139 -7.58 70.47 -17.70
N SER C 140 -8.55 70.65 -16.81
CA SER C 140 -9.11 69.57 -16.01
C SER C 140 -10.59 69.45 -16.32
N ALA C 141 -11.03 68.24 -16.67
CA ALA C 141 -12.41 67.99 -17.04
C ALA C 141 -12.88 66.68 -16.43
N THR C 142 -14.17 66.42 -16.57
CA THR C 142 -14.76 65.19 -16.04
C THR C 142 -14.26 63.99 -16.83
N ILE C 143 -13.81 62.97 -16.12
CA ILE C 143 -13.29 61.77 -16.77
C ILE C 143 -14.48 60.91 -17.21
N ARG C 144 -14.52 60.58 -18.49
CA ARG C 144 -15.60 59.77 -19.06
C ARG C 144 -15.04 58.45 -19.54
N LYS C 145 -15.77 57.38 -19.28
CA LYS C 145 -15.35 56.05 -19.67
C LYS C 145 -15.36 55.90 -21.19
N ILE C 146 -14.40 55.12 -21.70
CA ILE C 146 -14.30 54.80 -23.11
C ILE C 146 -14.09 53.30 -23.22
N TYR C 147 -14.45 52.75 -24.38
CA TYR C 147 -14.26 51.34 -24.60
C TYR C 147 -13.19 51.13 -25.67
N PRO C 148 -12.30 50.16 -25.48
CA PRO C 148 -11.10 50.08 -26.32
C PRO C 148 -11.33 49.28 -27.60
N ALA C 149 -10.35 49.36 -28.49
CA ALA C 149 -10.35 48.61 -29.74
C ALA C 149 -9.21 47.60 -29.73
N PHE C 150 -9.51 46.37 -30.13
CA PHE C 150 -8.59 45.25 -30.00
C PHE C 150 -8.28 44.66 -31.37
N MET C 151 -7.03 44.24 -31.55
CA MET C 151 -6.56 43.70 -32.83
C MET C 151 -5.74 42.45 -32.49
N LEU C 152 -6.18 41.30 -33.00
CA LEU C 152 -5.58 40.02 -32.63
C LEU C 152 -5.28 39.22 -33.89
N GLY C 153 -4.14 38.54 -33.88
CA GLY C 153 -3.75 37.75 -35.03
C GLY C 153 -2.61 36.82 -34.70
N SER C 154 -1.97 36.30 -35.76
CA SER C 154 -0.89 35.35 -35.60
C SER C 154 0.34 35.65 -36.45
N SER C 155 0.33 36.73 -37.23
CA SER C 155 1.48 37.11 -38.05
C SER C 155 1.85 38.56 -37.76
N VAL C 156 3.15 38.83 -37.65
CA VAL C 156 3.67 40.15 -37.33
C VAL C 156 4.64 40.56 -38.44
N GLY C 157 4.48 41.78 -38.95
CA GLY C 157 5.35 42.29 -39.98
C GLY C 157 5.38 43.80 -39.97
N ASN C 158 6.20 44.35 -40.86
CA ASN C 158 6.41 45.78 -40.95
C ASN C 158 5.49 46.41 -42.00
N PHE C 159 5.27 47.72 -41.84
CA PHE C 159 4.45 48.48 -42.76
C PHE C 159 5.27 48.84 -44.01
N SER C 160 4.73 49.76 -44.82
CA SER C 160 5.46 50.21 -46.00
C SER C 160 6.68 51.04 -45.62
N ASP C 161 6.64 51.73 -44.49
CA ASP C 161 7.78 52.50 -44.00
C ASP C 161 8.65 51.71 -43.03
N GLY C 162 8.36 50.42 -42.83
CA GLY C 162 9.16 49.58 -41.96
C GLY C 162 8.73 49.54 -40.51
N LYS C 163 7.74 50.34 -40.12
CA LYS C 163 7.27 50.34 -38.74
C LYS C 163 6.49 49.07 -38.43
N MET C 164 6.62 48.61 -37.19
CA MET C 164 5.93 47.40 -36.76
C MET C 164 4.42 47.63 -36.69
N GLY C 165 3.66 46.57 -36.94
CA GLY C 165 2.22 46.63 -36.76
C GLY C 165 1.39 45.91 -37.80
N ARG C 166 1.97 45.54 -38.94
CA ARG C 166 1.23 44.83 -39.96
C ARG C 166 0.91 43.42 -39.48
N PHE C 167 -0.35 43.02 -39.64
CA PHE C 167 -0.78 41.66 -39.32
C PHE C 167 -1.36 41.02 -40.57
N PHE C 168 -0.72 39.95 -41.03
CA PHE C 168 -1.14 39.29 -42.25
C PHE C 168 -2.35 38.40 -42.01
N ASN C 169 -2.97 37.98 -43.11
CA ASN C 169 -4.08 37.03 -43.14
C ASN C 169 -5.29 37.52 -42.34
N HIS C 170 -6.13 36.59 -41.90
CA HIS C 170 -7.33 36.95 -41.16
C HIS C 170 -6.98 37.51 -39.80
N THR C 171 -7.66 38.58 -39.41
CA THR C 171 -7.37 39.32 -38.20
C THR C 171 -8.67 39.59 -37.45
N LEU C 172 -8.65 39.38 -36.13
CA LEU C 172 -9.80 39.66 -35.29
C LEU C 172 -9.74 41.12 -34.84
N VAL C 173 -10.84 41.83 -35.02
CA VAL C 173 -10.95 43.24 -34.68
C VAL C 173 -12.19 43.42 -33.80
N LEU C 174 -11.99 44.02 -32.63
CA LEU C 174 -13.07 44.46 -31.76
C LEU C 174 -13.10 45.98 -31.77
N LEU C 175 -14.27 46.55 -32.03
CA LEU C 175 -14.37 48.00 -32.16
C LEU C 175 -15.73 48.49 -31.66
N PRO C 176 -15.74 49.45 -30.75
CA PRO C 176 -17.00 50.02 -30.28
C PRO C 176 -17.47 51.16 -31.18
N ASP C 177 -18.78 51.34 -31.22
CA ASP C 177 -19.38 52.31 -32.12
C ASP C 177 -20.66 52.84 -31.50
N GLY C 178 -21.17 53.94 -32.07
CA GLY C 178 -22.35 54.58 -31.55
C GLY C 178 -22.14 55.13 -30.16
N CYS C 179 -21.00 55.81 -29.96
CA CYS C 179 -20.51 56.23 -28.64
C CYS C 179 -20.38 55.03 -27.69
N GLY C 180 -19.96 53.90 -28.24
CA GLY C 180 -19.73 52.70 -27.47
C GLY C 180 -20.95 51.83 -27.21
N THR C 181 -22.13 52.22 -27.72
CA THR C 181 -23.33 51.41 -27.52
C THR C 181 -23.21 50.06 -28.24
N LEU C 182 -22.66 50.07 -29.45
CA LEU C 182 -22.47 48.87 -30.24
C LEU C 182 -21.05 48.36 -30.08
N LEU C 183 -20.90 47.04 -30.13
CA LEU C 183 -19.62 46.39 -29.83
C LEU C 183 -19.14 45.50 -30.96
N ARG C 184 -19.02 46.05 -32.17
CA ARG C 184 -18.83 45.26 -33.37
C ARG C 184 -17.55 44.44 -33.33
N ALA C 185 -17.64 43.20 -33.80
CA ALA C 185 -16.50 42.30 -33.82
C ALA C 185 -16.47 41.52 -35.12
N PHE C 186 -15.26 41.31 -35.66
CA PHE C 186 -15.12 40.56 -36.90
C PHE C 186 -13.70 40.02 -37.05
N TYR C 187 -13.60 38.76 -37.47
CA TYR C 187 -12.34 38.10 -37.78
C TYR C 187 -12.27 38.01 -39.31
N CYS C 188 -11.73 39.05 -39.93
CA CYS C 188 -11.87 39.25 -41.37
C CYS C 188 -10.54 39.64 -41.98
N ILE C 189 -10.52 39.80 -43.31
CA ILE C 189 -9.29 40.17 -44.02
C ILE C 189 -9.23 41.68 -44.13
N LEU C 190 -8.10 42.27 -43.75
CA LEU C 190 -7.88 43.70 -43.86
C LEU C 190 -6.83 44.00 -44.93
N GLU C 191 -7.03 45.11 -45.62
CA GLU C 191 -6.17 45.52 -46.72
C GLU C 191 -5.76 46.97 -46.51
N PRO C 192 -4.47 47.30 -46.65
CA PRO C 192 -4.03 48.68 -46.47
C PRO C 192 -4.44 49.54 -47.66
N ARG C 193 -4.46 50.85 -47.42
CA ARG C 193 -4.70 51.85 -48.45
C ARG C 193 -3.40 52.53 -48.83
N SER C 194 -3.33 53.01 -50.07
CA SER C 194 -2.11 53.58 -50.63
C SER C 194 -2.18 55.09 -50.79
N GLY C 195 -3.08 55.76 -50.06
CA GLY C 195 -3.24 57.19 -50.15
C GLY C 195 -2.31 57.95 -49.22
N ASN C 196 -2.61 59.24 -49.08
CA ASN C 196 -1.85 60.10 -48.18
C ASN C 196 -2.12 59.70 -46.73
N HIS C 197 -1.04 59.59 -45.94
CA HIS C 197 -1.08 59.20 -44.53
C HIS C 197 -1.75 57.83 -44.32
N CYS C 198 -1.69 56.98 -45.34
CA CYS C 198 -2.28 55.65 -45.34
C CYS C 198 -1.17 54.60 -45.24
N PRO C 199 -1.46 53.42 -44.68
CA PRO C 199 -0.39 52.45 -44.37
C PRO C 199 0.45 51.99 -45.55
N ALA C 200 -0.15 51.80 -46.73
CA ALA C 200 0.60 51.44 -47.92
C ALA C 200 0.95 52.66 -48.77
N GLY C 201 0.65 53.86 -48.30
CA GLY C 201 0.93 55.07 -49.04
C GLY C 201 2.00 55.93 -48.38
N ASN C 202 2.18 57.11 -48.97
CA ASN C 202 3.21 58.04 -48.52
C ASN C 202 2.76 58.78 -47.27
N SER C 203 3.75 59.41 -46.61
CA SER C 203 3.55 60.23 -45.41
C SER C 203 2.84 59.45 -44.29
N TYR C 204 3.21 58.18 -44.15
CA TYR C 204 2.56 57.30 -43.19
C TYR C 204 3.33 57.31 -41.87
N THR C 205 2.60 57.54 -40.78
CA THR C 205 3.16 57.45 -39.43
C THR C 205 2.52 56.34 -38.61
N SER C 206 1.20 56.35 -38.49
CA SER C 206 0.46 55.34 -37.74
C SER C 206 -0.99 55.34 -38.22
N PHE C 207 -1.78 54.42 -37.68
CA PHE C 207 -3.19 54.32 -37.97
C PHE C 207 -3.99 54.48 -36.69
N ALA C 208 -5.16 55.10 -36.80
CA ALA C 208 -5.99 55.37 -35.63
C ALA C 208 -7.43 55.53 -36.08
N THR C 209 -8.33 55.59 -35.10
CA THR C 209 -9.76 55.74 -35.34
C THR C 209 -10.26 57.01 -34.68
N TYR C 210 -10.94 57.87 -35.45
CA TYR C 210 -11.37 59.17 -34.94
C TYR C 210 -12.85 59.17 -34.61
N HIS C 211 -13.20 59.92 -33.56
CA HIS C 211 -14.57 60.08 -33.09
C HIS C 211 -14.88 61.57 -33.00
N THR C 212 -16.07 61.96 -33.47
CA THR C 212 -16.46 63.38 -33.53
C THR C 212 -17.80 63.54 -32.81
N PRO C 213 -17.79 63.74 -31.49
CA PRO C 213 -19.04 63.70 -30.72
C PRO C 213 -19.98 64.88 -30.95
N ALA C 214 -19.64 65.81 -31.85
CA ALA C 214 -20.61 66.83 -32.24
C ALA C 214 -21.81 66.22 -32.93
N THR C 215 -21.58 65.16 -33.71
CA THR C 215 -22.66 64.46 -34.40
C THR C 215 -22.81 63.00 -33.99
N ASP C 216 -21.75 62.36 -33.49
CA ASP C 216 -21.89 60.96 -33.08
C ASP C 216 -22.70 60.81 -31.81
N CYS C 217 -22.43 61.63 -30.79
CA CYS C 217 -23.01 61.42 -29.48
C CYS C 217 -24.27 62.25 -29.25
N SER C 218 -25.03 62.54 -30.31
CA SER C 218 -26.29 63.24 -30.17
C SER C 218 -27.39 62.26 -29.75
N ASP C 219 -28.60 62.77 -29.56
CA ASP C 219 -29.71 61.94 -29.13
C ASP C 219 -30.17 61.03 -30.26
N GLY C 220 -30.21 59.74 -29.98
CA GLY C 220 -30.43 58.77 -31.06
C GLY C 220 -29.24 58.80 -32.00
N ASN C 221 -29.54 58.89 -33.31
CA ASN C 221 -28.57 59.20 -34.34
C ASN C 221 -27.41 58.20 -34.40
N TYR C 222 -26.32 58.54 -33.71
CA TYR C 222 -25.03 57.85 -33.67
C TYR C 222 -24.30 57.93 -35.00
N ASN C 223 -24.74 58.82 -35.90
CA ASN C 223 -24.05 59.19 -37.14
C ASN C 223 -23.79 57.97 -38.03
N ARG C 224 -24.67 56.97 -37.91
CA ARG C 224 -24.61 55.65 -38.55
C ARG C 224 -23.17 55.10 -38.52
N ASN C 225 -22.82 54.51 -37.37
CA ASN C 225 -21.63 53.69 -37.11
C ASN C 225 -20.35 54.28 -37.71
N ALA C 226 -20.06 55.51 -37.28
CA ALA C 226 -19.01 56.30 -37.89
C ALA C 226 -17.64 55.93 -37.35
N SER C 227 -17.58 55.13 -36.29
CA SER C 227 -16.29 54.57 -35.90
C SER C 227 -15.89 53.43 -36.82
N LEU C 228 -16.86 52.64 -37.29
CA LEU C 228 -16.58 51.68 -38.36
C LEU C 228 -16.19 52.41 -39.64
N ASN C 229 -16.84 53.54 -39.92
CA ASN C 229 -16.41 54.43 -41.00
C ASN C 229 -14.99 54.93 -40.80
N SER C 230 -14.64 55.28 -39.57
CA SER C 230 -13.31 55.82 -39.31
C SER C 230 -12.24 54.74 -39.47
N PHE C 231 -12.57 53.50 -39.09
CA PHE C 231 -11.65 52.40 -39.30
C PHE C 231 -11.51 52.06 -40.78
N LYS C 232 -12.63 52.06 -41.51
CA LYS C 232 -12.59 51.79 -42.95
C LYS C 232 -12.03 52.94 -43.75
N GLU C 233 -11.87 54.12 -43.14
CA GLU C 233 -11.16 55.21 -43.79
C GLU C 233 -9.69 54.89 -43.96
N TYR C 234 -9.14 53.99 -43.14
CA TYR C 234 -7.75 53.56 -43.24
C TYR C 234 -7.59 52.19 -43.89
N PHE C 235 -8.51 51.28 -43.64
CA PHE C 235 -8.39 49.89 -44.07
C PHE C 235 -9.53 49.52 -45.00
N ASN C 236 -9.40 48.36 -45.63
CA ASN C 236 -10.42 47.79 -46.49
C ASN C 236 -10.74 46.39 -46.01
N LEU C 237 -12.00 45.98 -46.12
CA LEU C 237 -12.45 44.69 -45.62
C LEU C 237 -12.66 43.73 -46.79
N ARG C 238 -11.97 42.59 -46.76
CA ARG C 238 -12.05 41.57 -47.79
C ARG C 238 -12.27 40.20 -47.14
N ASN C 239 -13.06 39.37 -47.85
CA ASN C 239 -13.49 38.04 -47.48
C ASN C 239 -13.88 37.94 -46.01
N CYS C 240 -14.79 38.79 -45.59
CA CYS C 240 -15.10 38.94 -44.17
C CYS C 240 -15.92 37.75 -43.70
N THR C 241 -15.57 37.19 -42.55
CA THR C 241 -16.21 35.97 -42.10
C THR C 241 -17.58 36.25 -41.49
N PHE C 242 -17.68 37.31 -40.69
CA PHE C 242 -18.92 37.61 -39.95
C PHE C 242 -18.93 39.06 -39.49
N MET C 243 -19.94 39.38 -38.68
CA MET C 243 -20.20 40.72 -38.16
C MET C 243 -21.08 40.52 -36.92
N TYR C 244 -20.46 40.43 -35.74
CA TYR C 244 -21.24 40.32 -34.51
C TYR C 244 -21.43 41.68 -33.87
N THR C 245 -22.68 41.98 -33.51
CA THR C 245 -23.07 43.23 -32.88
C THR C 245 -23.58 42.94 -31.47
N TYR C 246 -23.18 43.78 -30.51
CA TYR C 246 -23.62 43.64 -29.13
C TYR C 246 -23.98 45.00 -28.57
N ASN C 247 -25.02 45.02 -27.73
CA ASN C 247 -25.59 46.26 -27.19
C ASN C 247 -25.18 46.39 -25.73
N ILE C 248 -24.64 47.56 -25.37
CA ILE C 248 -24.38 47.93 -23.98
C ILE C 248 -24.91 49.34 -23.77
N THR C 249 -25.79 49.49 -22.77
CA THR C 249 -26.33 50.80 -22.44
C THR C 249 -25.24 51.69 -21.86
N GLU C 250 -25.26 52.96 -22.25
CA GLU C 250 -24.25 53.91 -21.80
C GLU C 250 -24.51 54.33 -20.36
N ASP C 251 -23.47 54.33 -19.55
CA ASP C 251 -23.58 54.67 -18.14
C ASP C 251 -22.22 55.19 -17.66
N GLU C 252 -22.07 55.31 -16.34
CA GLU C 252 -20.85 55.75 -15.71
C GLU C 252 -20.47 54.81 -14.57
N ILE C 253 -20.59 53.51 -14.81
CA ILE C 253 -20.29 52.48 -13.83
C ILE C 253 -19.12 51.66 -14.34
N LEU C 254 -18.12 51.45 -13.49
CA LEU C 254 -16.94 50.69 -13.87
C LEU C 254 -17.32 49.24 -14.19
N GLU C 255 -16.58 48.63 -15.10
CA GLU C 255 -16.89 47.27 -15.52
C GLU C 255 -15.60 46.53 -15.84
N TRP C 256 -15.77 45.28 -16.22
CA TRP C 256 -14.67 44.36 -16.46
C TRP C 256 -14.90 43.63 -17.79
N PHE C 257 -13.83 43.09 -18.34
CA PHE C 257 -13.91 42.31 -19.57
C PHE C 257 -12.74 41.34 -19.60
N GLY C 258 -12.95 40.19 -20.22
CA GLY C 258 -11.88 39.21 -20.35
C GLY C 258 -11.99 38.47 -21.67
N ILE C 259 -10.83 38.08 -22.20
CA ILE C 259 -10.76 37.35 -23.46
C ILE C 259 -9.80 36.18 -23.31
N THR C 260 -10.18 35.04 -23.87
CA THR C 260 -9.34 33.84 -23.86
C THR C 260 -9.66 33.02 -25.09
N GLN C 261 -8.89 31.95 -25.28
CA GLN C 261 -9.13 31.05 -26.41
C GLN C 261 -9.02 29.60 -25.96
N THR C 262 -9.88 28.77 -26.53
CA THR C 262 -9.83 27.32 -26.39
C THR C 262 -10.03 26.72 -27.78
N ALA C 263 -10.01 25.38 -27.83
CA ALA C 263 -10.24 24.69 -29.09
C ALA C 263 -11.65 24.92 -29.62
N GLN C 264 -12.60 25.25 -28.74
CA GLN C 264 -13.92 25.67 -29.19
C GLN C 264 -13.85 26.99 -29.95
N GLY C 265 -13.04 27.92 -29.48
CA GLY C 265 -12.98 29.24 -30.08
C GLY C 265 -12.55 30.28 -29.06
N VAL C 266 -12.76 31.54 -29.42
CA VAL C 266 -12.37 32.64 -28.55
C VAL C 266 -13.55 33.00 -27.65
N HIS C 267 -13.34 32.89 -26.35
CA HIS C 267 -14.38 33.15 -25.37
C HIS C 267 -14.21 34.55 -24.80
N LEU C 268 -15.27 35.34 -24.88
CA LEU C 268 -15.32 36.68 -24.31
C LEU C 268 -16.29 36.71 -23.14
N PHE C 269 -15.77 37.19 -22.02
CA PHE C 269 -16.39 37.19 -20.71
C PHE C 269 -16.61 38.65 -20.31
N SER C 270 -17.74 38.95 -19.67
CA SER C 270 -17.95 40.31 -19.19
C SER C 270 -18.86 40.32 -17.97
N SER C 271 -18.91 41.48 -17.33
CA SER C 271 -19.81 41.72 -16.21
C SER C 271 -21.01 42.57 -16.57
N ARG C 272 -21.07 43.10 -17.79
CA ARG C 272 -22.21 43.92 -18.17
C ARG C 272 -23.48 43.10 -18.32
N TYR C 273 -23.35 41.82 -18.64
CA TYR C 273 -24.52 40.98 -18.87
C TYR C 273 -25.18 40.57 -17.56
N VAL C 274 -24.40 40.35 -16.50
CA VAL C 274 -24.96 39.81 -15.26
C VAL C 274 -24.71 40.74 -14.08
N ASP C 275 -23.44 40.96 -13.75
CA ASP C 275 -23.07 41.62 -12.49
C ASP C 275 -22.77 43.10 -12.77
N LEU C 276 -23.85 43.88 -12.90
CA LEU C 276 -23.70 45.31 -13.18
C LEU C 276 -23.10 46.05 -12.00
N TYR C 277 -23.64 45.83 -10.80
CA TYR C 277 -23.18 46.50 -9.60
C TYR C 277 -22.05 45.76 -8.89
N GLY C 278 -21.69 44.58 -9.39
CA GLY C 278 -20.63 43.77 -8.81
C GLY C 278 -19.37 43.82 -9.65
N GLY C 279 -19.25 42.85 -10.55
CA GLY C 279 -18.10 42.71 -11.41
C GLY C 279 -17.41 41.36 -11.30
N ASN C 280 -17.66 40.53 -12.31
CA ASN C 280 -17.11 39.19 -12.44
C ASN C 280 -17.22 38.80 -13.91
N MET C 281 -16.42 37.82 -14.32
CA MET C 281 -16.52 37.31 -15.67
C MET C 281 -17.79 36.49 -15.83
N PHE C 282 -18.45 36.64 -16.98
CA PHE C 282 -19.62 35.82 -17.30
C PHE C 282 -19.73 35.69 -18.81
N GLN C 283 -20.02 34.47 -19.27
CA GLN C 283 -19.93 34.11 -20.68
C GLN C 283 -20.99 34.84 -21.50
N PHE C 284 -20.56 35.67 -22.45
CA PHE C 284 -21.49 36.23 -23.40
C PHE C 284 -21.11 35.95 -24.85
N ALA C 285 -19.84 35.77 -25.18
CA ALA C 285 -19.49 35.60 -26.59
C ALA C 285 -18.61 34.38 -26.79
N THR C 286 -18.96 33.57 -27.79
CA THR C 286 -18.16 32.41 -28.21
C THR C 286 -17.86 32.59 -29.70
N LEU C 287 -16.80 33.33 -30.00
CA LEU C 287 -16.39 33.55 -31.37
C LEU C 287 -15.84 32.27 -31.97
N PRO C 288 -16.37 31.80 -33.09
CA PRO C 288 -15.88 30.56 -33.75
C PRO C 288 -14.63 30.82 -34.58
N VAL C 289 -13.51 30.95 -33.89
CA VAL C 289 -12.25 31.22 -34.57
C VAL C 289 -11.74 29.93 -35.22
N TYR C 290 -10.98 30.08 -36.30
CA TYR C 290 -10.43 28.95 -37.01
C TYR C 290 -8.96 28.69 -36.71
N ASP C 291 -8.22 29.69 -36.21
CA ASP C 291 -6.80 29.57 -35.97
C ASP C 291 -6.46 30.07 -34.57
N THR C 292 -5.33 29.60 -34.06
CA THR C 292 -4.85 30.03 -32.75
C THR C 292 -4.29 31.44 -32.84
N ILE C 293 -4.68 32.28 -31.90
CA ILE C 293 -4.20 33.66 -31.84
C ILE C 293 -2.92 33.70 -31.03
N LYS C 294 -1.87 34.30 -31.60
CA LYS C 294 -0.59 34.38 -30.95
C LYS C 294 -0.22 35.78 -30.46
N TYR C 295 -0.66 36.83 -31.16
CA TYR C 295 -0.27 38.19 -30.82
C TYR C 295 -1.48 39.11 -30.83
N TYR C 296 -1.36 40.21 -30.08
CA TYR C 296 -2.44 41.18 -29.96
C TYR C 296 -1.86 42.58 -29.83
N SER C 297 -2.72 43.57 -30.10
CA SER C 297 -2.33 44.97 -30.12
C SER C 297 -3.58 45.82 -29.95
N ILE C 298 -3.35 47.11 -29.67
CA ILE C 298 -4.41 48.07 -29.37
C ILE C 298 -4.45 49.13 -30.46
N ILE C 299 -5.63 49.37 -31.00
CA ILE C 299 -5.78 50.41 -32.01
C ILE C 299 -5.77 51.77 -31.32
N PRO C 300 -4.96 52.73 -31.76
CA PRO C 300 -5.08 54.10 -31.25
C PRO C 300 -6.41 54.72 -31.65
N HIS C 301 -6.91 55.59 -30.78
CA HIS C 301 -8.18 56.25 -30.99
C HIS C 301 -8.08 57.70 -30.57
N SER C 302 -8.58 58.59 -31.42
CA SER C 302 -8.57 60.02 -31.17
C SER C 302 -10.00 60.55 -31.22
N ILE C 303 -10.21 61.68 -30.57
CA ILE C 303 -11.52 62.31 -30.49
C ILE C 303 -11.45 63.68 -31.14
N ARG C 304 -12.32 63.91 -32.10
CA ARG C 304 -12.37 65.19 -32.81
C ARG C 304 -13.28 66.19 -32.10
N SER C 305 -13.08 66.36 -30.80
CA SER C 305 -13.85 67.31 -30.03
C SER C 305 -13.28 68.72 -30.22
N ILE C 306 -14.15 69.71 -30.07
CA ILE C 306 -13.69 71.10 -30.19
C ILE C 306 -12.85 71.48 -28.98
N GLN C 307 -12.00 72.50 -29.16
CA GLN C 307 -11.06 72.89 -28.12
C GLN C 307 -11.77 73.46 -26.90
N SER C 308 -12.86 74.19 -27.12
CA SER C 308 -13.60 74.78 -26.00
C SER C 308 -14.41 73.75 -25.22
N ASP C 309 -14.59 72.55 -25.75
CA ASP C 309 -15.31 71.48 -25.06
C ASP C 309 -14.50 70.19 -25.09
N ARG C 310 -13.22 70.29 -24.77
CA ARG C 310 -12.38 69.10 -24.67
C ARG C 310 -12.71 68.37 -23.37
N LYS C 311 -13.20 67.14 -23.50
CA LYS C 311 -13.66 66.37 -22.35
C LYS C 311 -12.69 65.22 -22.08
N ALA C 312 -12.42 64.99 -20.80
CA ALA C 312 -11.45 63.99 -20.40
C ALA C 312 -11.97 62.58 -20.65
N TRP C 313 -11.09 61.70 -21.11
CA TRP C 313 -11.42 60.31 -21.39
C TRP C 313 -10.66 59.40 -20.44
N ALA C 314 -11.28 58.28 -20.10
CA ALA C 314 -10.71 57.37 -19.11
C ALA C 314 -9.54 56.60 -19.70
N ALA C 315 -8.75 56.00 -18.80
CA ALA C 315 -7.64 55.14 -19.16
C ALA C 315 -7.94 53.73 -18.70
N PHE C 316 -7.61 52.75 -19.54
CA PHE C 316 -7.89 51.35 -19.23
C PHE C 316 -6.59 50.61 -18.94
N TYR C 317 -6.75 49.35 -18.52
CA TYR C 317 -5.64 48.53 -18.06
C TYR C 317 -5.71 47.17 -18.73
N VAL C 318 -4.57 46.48 -18.77
CA VAL C 318 -4.46 45.14 -19.33
C VAL C 318 -3.66 44.27 -18.36
N TYR C 319 -4.21 43.11 -18.01
CA TYR C 319 -3.53 42.16 -17.12
C TYR C 319 -3.56 40.78 -17.75
N LYS C 320 -2.40 40.18 -17.93
CA LYS C 320 -2.29 38.90 -18.61
C LYS C 320 -2.74 37.74 -17.71
N LEU C 321 -3.13 36.65 -18.34
CA LEU C 321 -3.61 35.45 -17.66
C LEU C 321 -2.65 34.29 -17.89
N GLN C 322 -2.41 33.51 -16.84
CA GLN C 322 -1.61 32.30 -16.89
C GLN C 322 -2.23 31.29 -15.94
N PRO C 323 -1.96 29.99 -16.13
CA PRO C 323 -2.61 28.98 -15.28
C PRO C 323 -2.10 29.02 -13.84
N LEU C 324 -3.05 29.11 -12.90
CA LEU C 324 -2.77 28.98 -11.48
C LEU C 324 -3.85 28.13 -10.83
N THR C 325 -3.79 28.05 -9.51
CA THR C 325 -4.81 27.41 -8.68
C THR C 325 -5.25 28.41 -7.63
N PHE C 326 -6.43 28.98 -7.80
CA PHE C 326 -6.95 30.00 -6.91
C PHE C 326 -7.82 29.36 -5.85
N LEU C 327 -8.07 30.09 -4.77
CA LEU C 327 -9.05 29.71 -3.76
C LEU C 327 -10.14 30.77 -3.77
N LEU C 328 -11.38 30.34 -3.95
CA LEU C 328 -12.52 31.22 -4.19
C LEU C 328 -13.54 31.02 -3.09
N ASP C 329 -14.19 32.11 -2.68
CA ASP C 329 -15.28 32.07 -1.71
C ASP C 329 -16.56 32.41 -2.45
N PHE C 330 -17.35 31.39 -2.79
CA PHE C 330 -18.64 31.59 -3.41
C PHE C 330 -19.66 31.89 -2.31
N SER C 331 -20.29 33.06 -2.41
CA SER C 331 -21.20 33.53 -1.37
C SER C 331 -22.58 32.89 -1.57
N VAL C 332 -23.58 33.42 -0.85
CA VAL C 332 -24.93 32.88 -0.93
C VAL C 332 -25.53 33.10 -2.31
N ASP C 333 -25.21 34.22 -2.95
CA ASP C 333 -25.68 34.47 -4.32
C ASP C 333 -24.79 33.83 -5.37
N GLY C 334 -23.66 33.25 -4.96
CA GLY C 334 -22.74 32.65 -5.89
C GLY C 334 -21.73 33.60 -6.51
N TYR C 335 -21.85 34.90 -6.24
CA TYR C 335 -20.90 35.86 -6.78
C TYR C 335 -19.57 35.76 -6.07
N ILE C 336 -18.50 36.03 -6.81
CA ILE C 336 -17.15 36.01 -6.25
C ILE C 336 -16.89 37.36 -5.60
N ARG C 337 -16.65 37.35 -4.30
CA ARG C 337 -16.29 38.56 -3.57
C ARG C 337 -15.00 38.42 -2.79
N ARG C 338 -14.53 37.21 -2.52
CA ARG C 338 -13.30 36.99 -1.79
C ARG C 338 -12.52 35.89 -2.49
N ALA C 339 -11.24 36.16 -2.77
CA ALA C 339 -10.40 35.21 -3.49
C ALA C 339 -8.96 35.42 -3.07
N ILE C 340 -8.23 34.31 -2.95
CA ILE C 340 -6.83 34.36 -2.52
C ILE C 340 -6.05 33.42 -3.44
N ASP C 341 -4.76 33.67 -3.54
CA ASP C 341 -3.92 33.01 -4.52
C ASP C 341 -3.22 31.82 -3.88
N CYS C 342 -2.33 31.18 -4.65
CA CYS C 342 -1.40 30.21 -4.10
C CYS C 342 0.06 30.60 -4.34
N GLY C 343 0.33 31.60 -5.17
CA GLY C 343 1.69 31.91 -5.54
C GLY C 343 2.00 33.39 -5.65
N PHE C 344 1.18 34.25 -5.06
CA PHE C 344 1.56 35.65 -4.99
C PHE C 344 2.67 35.85 -3.95
N ASN C 345 2.54 35.21 -2.80
CA ASN C 345 3.50 35.35 -1.72
C ASN C 345 3.46 34.09 -0.87
N ASP C 346 4.05 34.17 0.31
CA ASP C 346 4.04 33.05 1.25
C ASP C 346 2.63 32.75 1.74
N LEU C 347 1.91 33.79 2.16
CA LEU C 347 0.62 33.61 2.81
C LEU C 347 -0.42 33.06 1.85
N SER C 348 -0.27 33.32 0.56
CA SER C 348 -1.18 32.73 -0.43
C SER C 348 -1.01 31.21 -0.49
N GLN C 349 0.24 30.75 -0.49
CA GLN C 349 0.50 29.31 -0.45
C GLN C 349 0.02 28.71 0.86
N LEU C 350 0.17 29.45 1.96
CA LEU C 350 -0.32 28.98 3.25
C LEU C 350 -1.84 28.85 3.27
N HIS C 351 -2.53 29.80 2.64
CA HIS C 351 -4.00 29.75 2.59
C HIS C 351 -4.49 28.62 1.72
N CYS C 352 -3.86 28.41 0.56
CA CYS C 352 -4.26 27.27 -0.26
C CYS C 352 -3.76 25.94 0.30
N SER C 353 -2.89 25.95 1.29
CA SER C 353 -2.53 24.70 1.97
C SER C 353 -3.64 24.20 2.89
N TYR C 354 -4.64 25.04 3.18
CA TYR C 354 -5.74 24.66 4.06
C TYR C 354 -7.11 24.75 3.42
N GLU C 355 -7.20 25.28 2.20
CA GLU C 355 -8.46 25.49 1.47
C GLU C 355 -9.45 26.33 2.28
N SER C 356 -8.93 27.33 2.98
CA SER C 356 -9.75 28.18 3.81
C SER C 356 -9.09 29.54 3.95
N PHE C 357 -9.91 30.57 4.19
CA PHE C 357 -9.38 31.91 4.41
C PHE C 357 -9.01 32.16 5.86
N ASP C 358 -9.37 31.25 6.76
CA ASP C 358 -9.03 31.38 8.17
C ASP C 358 -8.10 30.23 8.54
N VAL C 359 -6.93 30.57 9.07
CA VAL C 359 -5.95 29.57 9.49
C VAL C 359 -5.74 29.71 10.99
N GLU C 360 -4.84 28.89 11.54
CA GLU C 360 -4.53 28.95 12.96
C GLU C 360 -3.15 29.58 13.15
N SER C 361 -2.98 30.23 14.29
CA SER C 361 -1.68 30.81 14.61
C SER C 361 -0.68 29.72 14.94
N GLY C 362 0.46 29.74 14.26
CA GLY C 362 1.47 28.72 14.47
C GLY C 362 2.60 28.77 13.46
N VAL C 363 3.77 28.29 13.85
CA VAL C 363 4.91 28.24 12.94
C VAL C 363 4.64 27.16 11.89
N TYR C 364 4.73 27.54 10.62
CA TYR C 364 4.35 26.67 9.52
C TYR C 364 5.52 26.49 8.57
N SER C 365 5.87 25.24 8.29
CA SER C 365 6.87 24.96 7.26
C SER C 365 6.28 25.24 5.90
N VAL C 366 7.09 25.84 5.03
CA VAL C 366 6.65 26.28 3.71
C VAL C 366 7.76 25.95 2.72
N SER C 367 7.44 26.02 1.43
CA SER C 367 8.37 25.64 0.38
C SER C 367 9.61 26.54 0.37
N SER C 368 10.77 25.90 0.41
CA SER C 368 12.04 26.61 0.45
C SER C 368 12.40 27.14 -0.93
N PHE C 369 13.46 27.93 -0.98
CA PHE C 369 13.90 28.56 -2.21
C PHE C 369 15.30 28.08 -2.57
N GLU C 370 15.65 28.24 -3.84
CA GLU C 370 16.87 27.69 -4.43
C GLU C 370 17.82 28.81 -4.84
N ALA C 371 19.11 28.62 -4.59
CA ALA C 371 20.11 29.57 -5.03
C ALA C 371 20.37 29.40 -6.53
N LYS C 372 20.51 30.53 -7.23
CA LYS C 372 20.72 30.50 -8.67
C LYS C 372 22.15 30.06 -8.99
N PRO C 373 22.35 29.36 -10.11
CA PRO C 373 23.71 28.98 -10.51
C PRO C 373 24.54 30.20 -10.90
N SER C 374 25.84 30.10 -10.61
CA SER C 374 26.78 31.17 -10.90
C SER C 374 27.48 31.00 -12.25
N GLY C 375 27.22 29.92 -12.96
CA GLY C 375 27.88 29.67 -14.22
C GLY C 375 27.90 28.19 -14.54
N SER C 376 28.68 27.84 -15.55
CA SER C 376 28.79 26.46 -16.00
C SER C 376 30.25 26.12 -16.25
N VAL C 377 30.63 24.89 -15.89
CA VAL C 377 31.96 24.37 -16.16
C VAL C 377 31.82 23.07 -16.96
N VAL C 378 32.57 22.98 -18.04
CA VAL C 378 32.64 21.78 -18.87
C VAL C 378 34.12 21.56 -19.16
N GLU C 379 34.74 20.61 -18.46
CA GLU C 379 36.17 20.39 -18.62
C GLU C 379 36.53 18.97 -18.20
N GLN C 380 37.04 18.20 -19.15
CA GLN C 380 37.67 16.90 -18.91
C GLN C 380 38.56 16.63 -20.12
N ALA C 381 39.19 15.46 -20.16
CA ALA C 381 40.13 15.14 -21.22
C ALA C 381 39.42 14.99 -22.57
N GLU C 382 40.03 15.55 -23.61
CA GLU C 382 39.51 15.47 -24.97
C GLU C 382 40.62 15.01 -25.91
N GLY C 383 40.20 14.47 -27.06
CA GLY C 383 41.14 14.01 -28.06
C GLY C 383 40.72 14.32 -29.48
N VAL C 384 41.05 13.41 -30.39
CA VAL C 384 40.73 13.60 -31.80
C VAL C 384 39.23 13.36 -32.01
N GLU C 385 38.69 13.90 -33.10
CA GLU C 385 37.29 13.70 -33.44
C GLU C 385 37.02 12.25 -33.80
N CYS C 386 35.76 11.83 -33.60
CA CYS C 386 35.35 10.48 -33.96
C CYS C 386 35.38 10.32 -35.47
N ASP C 387 35.85 9.16 -35.93
CA ASP C 387 36.07 8.90 -37.35
C ASP C 387 34.89 8.10 -37.90
N PHE C 388 34.19 8.67 -38.88
CA PHE C 388 33.06 8.01 -39.53
C PHE C 388 33.35 7.67 -40.99
N SER C 389 34.63 7.70 -41.39
CA SER C 389 34.99 7.43 -42.78
C SER C 389 34.65 6.03 -43.27
N PRO C 390 35.00 4.92 -42.57
CA PRO C 390 34.61 3.60 -43.11
C PRO C 390 33.11 3.35 -43.13
N LEU C 391 32.33 4.09 -42.35
CA LEU C 391 30.88 4.05 -42.50
C LEU C 391 30.46 4.61 -43.85
N LEU C 392 31.13 5.67 -44.31
CA LEU C 392 30.77 6.34 -45.55
C LEU C 392 31.50 5.78 -46.77
N SER C 393 32.40 4.81 -46.57
CA SER C 393 33.20 4.26 -47.65
C SER C 393 32.92 2.76 -47.76
N GLY C 394 32.94 2.26 -49.00
CA GLY C 394 32.75 0.86 -49.25
C GLY C 394 31.29 0.46 -49.31
N THR C 395 31.07 -0.79 -49.67
CA THR C 395 29.71 -1.31 -49.78
C THR C 395 29.16 -1.59 -48.39
N PRO C 396 27.99 -1.05 -48.04
CA PRO C 396 27.32 -1.42 -46.79
C PRO C 396 26.92 -2.89 -46.81
N PRO C 397 27.16 -3.61 -45.73
CA PRO C 397 26.86 -5.04 -45.69
C PRO C 397 25.38 -5.27 -45.40
N GLN C 398 25.00 -6.54 -45.37
CA GLN C 398 23.60 -6.90 -45.21
C GLN C 398 23.16 -6.73 -43.75
N VAL C 399 21.86 -6.93 -43.53
CA VAL C 399 21.27 -6.71 -42.21
C VAL C 399 21.75 -7.76 -41.21
N TYR C 400 21.97 -8.99 -41.66
CA TYR C 400 22.49 -10.03 -40.76
C TYR C 400 24.00 -9.96 -40.61
N ASN C 401 24.67 -9.06 -41.32
CA ASN C 401 26.12 -8.88 -41.25
C ASN C 401 26.46 -7.43 -40.99
N PHE C 402 25.75 -6.79 -40.07
CA PHE C 402 25.91 -5.36 -39.83
C PHE C 402 27.30 -5.05 -39.27
N LYS C 403 27.89 -3.95 -39.74
CA LYS C 403 29.23 -3.58 -39.32
C LYS C 403 29.17 -2.60 -38.16
N ARG C 404 29.95 -2.87 -37.12
CA ARG C 404 29.88 -2.16 -35.86
C ARG C 404 31.07 -1.21 -35.72
N LEU C 405 30.79 0.02 -35.31
CA LEU C 405 31.82 1.02 -35.00
C LEU C 405 31.61 1.49 -33.57
N VAL C 406 32.69 1.46 -32.79
CA VAL C 406 32.68 1.90 -31.40
C VAL C 406 33.39 3.24 -31.31
N PHE C 407 32.92 4.11 -30.43
CA PHE C 407 33.49 5.43 -30.24
C PHE C 407 33.61 5.70 -28.74
N THR C 408 34.85 5.90 -28.30
CA THR C 408 35.17 6.27 -26.93
C THR C 408 36.28 7.31 -26.96
N ASN C 409 36.14 8.34 -26.12
CA ASN C 409 37.11 9.44 -25.99
C ASN C 409 37.30 10.18 -27.32
N CYS C 410 36.21 10.73 -27.84
CA CYS C 410 36.29 11.48 -29.08
C CYS C 410 35.18 12.53 -29.17
N ASN C 411 35.25 13.32 -30.23
CA ASN C 411 34.34 14.43 -30.47
C ASN C 411 33.51 14.09 -31.72
N TYR C 412 32.20 14.11 -31.57
CA TYR C 412 31.28 13.78 -32.65
C TYR C 412 30.29 14.91 -32.85
N ASN C 413 30.10 15.32 -34.10
CA ASN C 413 29.15 16.36 -34.46
C ASN C 413 28.18 15.79 -35.48
N LEU C 414 26.89 15.80 -35.15
CA LEU C 414 25.88 15.24 -36.04
C LEU C 414 25.68 16.08 -37.30
N THR C 415 26.05 17.37 -37.26
CA THR C 415 25.95 18.23 -38.43
C THR C 415 26.96 17.88 -39.51
N LYS C 416 27.94 17.05 -39.22
CA LYS C 416 28.95 16.67 -40.21
C LYS C 416 28.56 15.44 -41.02
N LEU C 417 27.73 14.56 -40.47
CA LEU C 417 27.34 13.34 -41.17
C LEU C 417 25.85 13.19 -41.41
N LEU C 418 25.01 13.68 -40.50
CA LEU C 418 23.56 13.59 -40.70
C LEU C 418 23.08 14.57 -41.76
N SER C 419 23.84 15.64 -42.02
CA SER C 419 23.50 16.57 -43.08
C SER C 419 23.56 15.91 -44.45
N LEU C 420 24.55 15.05 -44.67
CA LEU C 420 24.66 14.29 -45.91
C LEU C 420 23.80 13.04 -45.92
N PHE C 421 23.10 12.75 -44.82
CA PHE C 421 22.24 11.57 -44.74
C PHE C 421 20.83 11.95 -45.19
N SER C 422 20.39 11.37 -46.29
CA SER C 422 19.02 11.55 -46.79
C SER C 422 18.11 10.64 -45.97
N VAL C 423 17.78 11.11 -44.76
CA VAL C 423 17.12 10.27 -43.76
C VAL C 423 15.66 10.09 -44.15
N ASN C 424 15.30 8.88 -44.56
CA ASN C 424 13.90 8.57 -44.84
C ASN C 424 13.12 8.41 -43.54
N ASP C 425 13.69 7.73 -42.57
CA ASP C 425 13.00 7.43 -41.32
C ASP C 425 13.94 7.67 -40.14
N PHE C 426 13.42 8.26 -39.08
CA PHE C 426 14.21 8.53 -37.87
C PHE C 426 13.35 8.21 -36.66
N THR C 427 13.69 7.14 -35.96
CA THR C 427 12.98 6.76 -34.73
C THR C 427 14.00 6.61 -33.61
N CYS C 428 13.57 6.85 -32.38
CA CYS C 428 14.44 6.68 -31.22
C CYS C 428 13.62 6.13 -30.07
N SER C 429 14.00 4.94 -29.60
CA SER C 429 13.30 4.24 -28.53
C SER C 429 14.05 4.37 -27.21
N GLN C 430 13.30 4.71 -26.17
CA GLN C 430 13.79 5.00 -24.81
C GLN C 430 14.85 6.08 -24.78
N ILE C 431 14.78 7.01 -25.72
CA ILE C 431 15.70 8.15 -25.81
C ILE C 431 15.05 9.15 -26.76
N SER C 432 15.31 10.44 -26.53
CA SER C 432 14.78 11.40 -27.46
C SER C 432 15.67 11.50 -28.70
N PRO C 433 15.09 11.81 -29.87
CA PRO C 433 15.91 11.97 -31.08
C PRO C 433 16.93 13.09 -30.98
N ALA C 434 16.65 14.14 -30.22
CA ALA C 434 17.59 15.25 -30.08
C ALA C 434 18.64 15.02 -29.00
N ALA C 435 18.52 13.93 -28.23
CA ALA C 435 19.51 13.67 -27.19
C ALA C 435 20.86 13.25 -27.76
N ILE C 436 20.86 12.58 -28.91
CA ILE C 436 22.11 12.10 -29.49
C ILE C 436 22.97 13.24 -30.04
N ALA C 437 22.37 14.41 -30.28
CA ALA C 437 23.12 15.52 -30.83
C ALA C 437 23.89 16.31 -29.77
N SER C 438 23.44 16.27 -28.51
CA SER C 438 24.02 17.11 -27.48
C SER C 438 24.57 16.31 -26.30
N ASN C 439 23.89 15.25 -25.89
CA ASN C 439 24.26 14.57 -24.65
C ASN C 439 25.49 13.69 -24.86
N CYS C 440 26.27 13.55 -23.80
CA CYS C 440 27.52 12.81 -23.83
C CYS C 440 27.37 11.47 -23.11
N TYR C 441 28.18 10.49 -23.55
CA TYR C 441 28.05 9.12 -23.11
C TYR C 441 29.42 8.55 -22.80
N SER C 442 29.43 7.37 -22.15
CA SER C 442 30.70 6.66 -21.96
C SER C 442 31.17 6.05 -23.27
N SER C 443 30.26 5.46 -24.04
CA SER C 443 30.64 4.94 -25.35
C SER C 443 29.46 5.02 -26.29
N LEU C 444 29.76 5.10 -27.58
CA LEU C 444 28.74 5.13 -28.62
C LEU C 444 29.01 3.99 -29.59
N ILE C 445 28.06 3.07 -29.71
CA ILE C 445 28.18 1.95 -30.63
C ILE C 445 27.15 2.15 -31.74
N LEU C 446 27.57 1.87 -32.97
CA LEU C 446 26.77 2.20 -34.14
C LEU C 446 26.98 1.15 -35.21
N ASP C 447 25.91 0.48 -35.62
CA ASP C 447 26.01 -0.53 -36.67
C ASP C 447 25.34 -0.04 -37.93
N TYR C 448 26.02 -0.19 -39.06
CA TYR C 448 25.43 0.14 -40.35
C TYR C 448 25.25 -1.14 -41.17
N PHE C 449 24.15 -1.15 -41.93
CA PHE C 449 23.77 -2.32 -42.71
C PHE C 449 22.95 -1.86 -43.91
N SER C 450 22.81 -2.74 -44.89
CA SER C 450 21.96 -2.47 -46.05
C SER C 450 20.52 -2.79 -45.68
N TYR C 451 19.67 -1.78 -45.68
CA TYR C 451 18.29 -1.91 -45.22
C TYR C 451 17.37 -1.08 -46.09
N PRO C 452 16.70 -1.68 -47.06
CA PRO C 452 15.73 -0.94 -47.87
C PRO C 452 14.44 -0.70 -47.09
N LEU C 453 13.57 0.09 -47.70
CA LEU C 453 12.36 0.57 -47.03
C LEU C 453 11.29 -0.50 -46.87
N SER C 454 11.38 -1.60 -47.63
CA SER C 454 10.27 -2.55 -47.74
C SER C 454 9.96 -3.23 -46.41
N MET C 455 10.98 -3.62 -45.65
CA MET C 455 10.80 -4.18 -44.32
C MET C 455 11.03 -3.14 -43.21
N LYS C 456 10.74 -1.87 -43.50
CA LYS C 456 10.81 -0.81 -42.50
C LYS C 456 9.92 -1.10 -41.30
N SER C 457 8.69 -1.59 -41.56
CA SER C 457 7.79 -1.96 -40.48
C SER C 457 8.29 -3.12 -39.64
N ASP C 458 9.27 -3.88 -40.14
CA ASP C 458 9.92 -4.93 -39.36
C ASP C 458 10.97 -4.38 -38.40
N LEU C 459 11.25 -3.07 -38.43
CA LEU C 459 12.24 -2.47 -37.55
C LEU C 459 11.79 -2.37 -36.10
N SER C 460 10.50 -2.60 -35.82
CA SER C 460 10.01 -2.55 -34.46
C SER C 460 10.58 -3.69 -33.63
N VAL C 461 10.74 -3.43 -32.33
CA VAL C 461 11.32 -4.42 -31.42
C VAL C 461 10.36 -5.60 -31.24
N SER C 462 9.06 -5.32 -31.10
CA SER C 462 8.08 -6.36 -30.88
C SER C 462 7.70 -7.13 -32.14
N SER C 463 8.21 -6.72 -33.30
CA SER C 463 7.90 -7.40 -34.55
C SER C 463 8.53 -8.80 -34.56
N ALA C 464 7.80 -9.76 -35.14
CA ALA C 464 8.22 -11.14 -35.20
C ALA C 464 8.75 -11.54 -36.56
N GLY C 465 9.19 -10.58 -37.37
CA GLY C 465 9.70 -10.85 -38.69
C GLY C 465 11.06 -11.50 -38.66
N PRO C 466 11.51 -11.98 -39.83
CA PRO C 466 12.83 -12.66 -39.89
C PRO C 466 13.99 -11.74 -39.54
N ILE C 467 13.85 -10.43 -39.74
CA ILE C 467 14.89 -9.48 -39.35
C ILE C 467 15.09 -9.50 -37.84
N SER C 468 13.99 -9.49 -37.08
CA SER C 468 14.07 -9.61 -35.64
C SER C 468 14.22 -11.05 -35.16
N GLN C 469 14.03 -12.02 -36.06
CA GLN C 469 14.16 -13.43 -35.68
C GLN C 469 15.59 -13.93 -35.76
N PHE C 470 16.26 -13.74 -36.90
CA PHE C 470 17.57 -14.34 -37.11
C PHE C 470 18.62 -13.37 -37.64
N ASN C 471 18.28 -12.10 -37.89
CA ASN C 471 19.23 -11.16 -38.48
C ASN C 471 19.86 -10.24 -37.43
N TYR C 472 19.04 -9.51 -36.68
CA TYR C 472 19.54 -8.52 -35.74
C TYR C 472 18.48 -8.23 -34.69
N LYS C 473 18.91 -8.07 -33.44
CA LYS C 473 18.02 -7.68 -32.36
C LYS C 473 18.66 -6.55 -31.57
N GLN C 474 17.80 -5.62 -31.13
CA GLN C 474 18.24 -4.42 -30.44
C GLN C 474 18.53 -4.76 -28.96
N SER C 475 19.04 -3.77 -28.23
CA SER C 475 19.29 -3.92 -26.80
C SER C 475 18.07 -3.44 -26.03
N PHE C 476 17.48 -4.34 -25.23
CA PHE C 476 16.31 -3.99 -24.45
C PHE C 476 16.65 -3.01 -23.34
N SER C 477 17.84 -3.14 -22.76
CA SER C 477 18.22 -2.36 -21.59
C SER C 477 19.04 -1.10 -21.94
N ASN C 478 19.22 -0.81 -23.22
CA ASN C 478 19.99 0.36 -23.62
C ASN C 478 19.18 1.21 -24.58
N PRO C 479 19.33 2.54 -24.52
CA PRO C 479 18.60 3.42 -25.44
C PRO C 479 19.04 3.23 -26.87
N THR C 480 18.07 3.26 -27.79
CA THR C 480 18.32 2.91 -29.18
C THR C 480 17.77 3.98 -30.12
N CYS C 481 18.38 4.07 -31.31
CA CYS C 481 17.87 4.91 -32.39
C CYS C 481 18.05 4.20 -33.72
N LEU C 482 17.03 4.28 -34.57
CA LEU C 482 17.05 3.70 -35.90
C LEU C 482 16.97 4.81 -36.94
N ILE C 483 17.87 4.77 -37.91
CA ILE C 483 17.88 5.71 -39.03
C ILE C 483 17.82 4.91 -40.33
N LEU C 484 16.85 5.23 -41.17
CA LEU C 484 16.75 4.67 -42.51
C LEU C 484 17.04 5.79 -43.51
N ALA C 485 18.10 5.64 -44.29
CA ALA C 485 18.58 6.69 -45.18
C ALA C 485 18.77 6.14 -46.59
N THR C 486 19.03 7.05 -47.52
CA THR C 486 19.20 6.72 -48.93
C THR C 486 20.43 7.43 -49.46
N VAL C 487 21.10 6.81 -50.43
CA VAL C 487 22.28 7.39 -51.08
C VAL C 487 21.90 8.68 -51.79
N PRO C 488 22.53 9.81 -51.48
CA PRO C 488 22.30 11.03 -52.24
C PRO C 488 22.87 10.93 -53.66
N HIS C 489 22.25 11.66 -54.58
CA HIS C 489 22.69 11.63 -55.96
C HIS C 489 24.05 12.31 -56.11
N ASN C 490 24.30 13.37 -55.34
CA ASN C 490 25.60 14.03 -55.35
C ASN C 490 26.50 13.48 -54.23
N LEU C 491 26.69 12.17 -54.26
CA LEU C 491 27.54 11.49 -53.28
C LEU C 491 28.03 10.19 -53.94
N THR C 492 29.28 10.21 -54.40
CA THR C 492 29.87 9.05 -55.08
C THR C 492 30.90 8.34 -54.23
N THR C 493 30.98 8.67 -52.94
CA THR C 493 31.97 8.05 -52.05
C THR C 493 31.53 6.70 -51.51
N ILE C 494 30.30 6.26 -51.79
CA ILE C 494 29.80 4.99 -51.31
C ILE C 494 29.33 4.18 -52.51
N THR C 495 29.36 2.86 -52.37
CA THR C 495 28.88 1.95 -53.39
C THR C 495 27.63 1.22 -52.88
N LYS C 496 27.08 0.35 -53.72
CA LYS C 496 25.90 -0.41 -53.40
C LYS C 496 26.18 -1.90 -53.55
N PRO C 497 25.51 -2.74 -52.77
CA PRO C 497 25.65 -4.19 -52.96
C PRO C 497 24.93 -4.65 -54.23
N LEU C 498 25.16 -5.92 -54.55
CA LEU C 498 24.52 -6.53 -55.72
C LEU C 498 23.01 -6.59 -55.51
N LYS C 499 22.57 -7.04 -54.34
CA LYS C 499 21.16 -7.12 -53.99
C LYS C 499 21.07 -7.21 -52.48
N TYR C 500 19.89 -6.85 -51.96
CA TYR C 500 19.66 -7.03 -50.53
C TYR C 500 19.44 -8.52 -50.24
N SER C 501 19.84 -8.95 -49.05
CA SER C 501 19.65 -10.34 -48.68
C SER C 501 19.49 -10.44 -47.18
N TYR C 502 18.60 -11.34 -46.74
CA TYR C 502 18.43 -11.58 -45.32
C TYR C 502 18.08 -13.05 -45.10
N ILE C 503 17.99 -13.44 -43.83
CA ILE C 503 17.83 -14.84 -43.44
C ILE C 503 16.41 -15.01 -42.90
N ASN C 504 15.69 -15.99 -43.46
CA ASN C 504 14.32 -16.24 -43.04
C ASN C 504 14.16 -17.51 -42.21
N LYS C 505 15.21 -18.33 -42.08
CA LYS C 505 15.12 -19.57 -41.35
C LYS C 505 16.47 -19.89 -40.74
N CYS C 506 16.47 -20.22 -39.44
CA CYS C 506 17.69 -20.63 -38.74
C CYS C 506 17.30 -21.51 -37.57
N SER C 507 17.74 -22.77 -37.61
CA SER C 507 17.46 -23.72 -36.54
C SER C 507 18.55 -24.79 -36.55
N ARG C 508 18.67 -25.49 -35.42
CA ARG C 508 19.67 -26.52 -35.25
C ARG C 508 19.02 -27.89 -35.36
N LEU C 509 19.56 -28.75 -36.22
CA LEU C 509 19.15 -30.14 -36.28
C LEU C 509 20.10 -30.98 -35.46
N LEU C 510 19.55 -31.72 -34.49
CA LEU C 510 20.36 -32.58 -33.64
C LEU C 510 20.72 -33.86 -34.38
N SER C 511 21.55 -34.69 -33.72
CA SER C 511 21.99 -35.94 -34.33
C SER C 511 20.91 -37.01 -34.33
N ASP C 512 19.80 -36.81 -33.62
CA ASP C 512 18.73 -37.80 -33.56
C ASP C 512 17.82 -37.78 -34.78
N ASP C 513 17.96 -36.78 -35.65
CA ASP C 513 17.18 -36.62 -36.89
C ASP C 513 15.68 -36.48 -36.63
N ARG C 514 15.30 -36.13 -35.40
CA ARG C 514 13.89 -35.96 -35.05
C ARG C 514 13.60 -34.69 -34.26
N THR C 515 14.61 -34.06 -33.64
CA THR C 515 14.41 -32.90 -32.80
C THR C 515 15.12 -31.70 -33.41
N GLU C 516 14.39 -30.58 -33.54
CA GLU C 516 14.93 -29.34 -34.07
C GLU C 516 14.85 -28.26 -33.01
N VAL C 517 15.98 -27.63 -32.75
CA VAL C 517 16.11 -26.60 -31.71
C VAL C 517 15.98 -25.24 -32.38
N PRO C 518 15.00 -24.42 -32.01
CA PRO C 518 14.93 -23.05 -32.55
C PRO C 518 16.06 -22.19 -32.00
N GLN C 519 16.46 -21.21 -32.79
CA GLN C 519 17.51 -20.26 -32.42
C GLN C 519 16.93 -18.86 -32.29
N LEU C 520 17.46 -18.10 -31.34
CA LEU C 520 17.01 -16.73 -31.09
C LEU C 520 18.22 -15.81 -31.07
N VAL C 521 18.13 -14.71 -31.81
CA VAL C 521 19.21 -13.72 -31.83
C VAL C 521 19.15 -12.90 -30.55
N ASN C 522 20.32 -12.64 -29.97
CA ASN C 522 20.41 -11.90 -28.73
C ASN C 522 20.74 -10.43 -29.01
N ALA C 523 20.98 -9.68 -27.94
CA ALA C 523 21.28 -8.26 -28.07
C ALA C 523 22.71 -8.07 -28.58
N ASN C 524 22.82 -7.51 -29.79
CA ASN C 524 24.11 -7.25 -30.45
C ASN C 524 24.93 -8.54 -30.59
N GLN C 525 24.26 -9.65 -30.90
CA GLN C 525 24.90 -10.94 -31.04
C GLN C 525 24.61 -11.51 -32.43
N TYR C 526 25.29 -12.59 -32.75
CA TYR C 526 25.20 -13.21 -34.07
C TYR C 526 24.81 -14.68 -33.94
N SER C 527 23.84 -15.10 -34.74
CA SER C 527 23.42 -16.49 -34.76
C SER C 527 24.52 -17.36 -35.36
N PRO C 528 24.58 -18.64 -34.98
CA PRO C 528 25.51 -19.56 -35.66
C PRO C 528 25.24 -19.73 -37.14
N CYS C 529 23.99 -19.55 -37.57
CA CYS C 529 23.65 -19.66 -38.99
C CYS C 529 24.34 -18.60 -39.84
N VAL C 530 24.79 -17.50 -39.23
CA VAL C 530 25.59 -16.51 -39.94
C VAL C 530 26.91 -17.12 -40.41
N SER C 531 27.46 -18.06 -39.63
CA SER C 531 28.72 -18.68 -40.00
C SER C 531 28.62 -19.55 -41.25
N ILE C 532 27.41 -19.96 -41.64
CA ILE C 532 27.21 -20.77 -42.84
C ILE C 532 26.51 -20.01 -43.96
N VAL C 533 25.96 -18.84 -43.69
CA VAL C 533 25.26 -18.03 -44.69
C VAL C 533 26.26 -17.01 -45.25
N PRO C 534 26.48 -16.97 -46.56
CA PRO C 534 27.37 -15.96 -47.12
C PRO C 534 26.76 -14.56 -47.06
N SER C 535 27.63 -13.57 -47.21
CA SER C 535 27.19 -12.18 -47.15
C SER C 535 26.24 -11.84 -48.29
N THR C 536 26.56 -12.31 -49.50
CA THR C 536 25.70 -12.09 -50.66
C THR C 536 25.04 -13.41 -51.03
N VAL C 537 23.72 -13.45 -50.94
CA VAL C 537 22.95 -14.63 -51.30
C VAL C 537 22.62 -14.55 -52.79
N TRP C 538 22.90 -15.64 -53.51
CA TRP C 538 22.80 -15.64 -54.97
C TRP C 538 21.35 -15.50 -55.43
N GLU C 539 20.43 -16.20 -54.76
CA GLU C 539 19.03 -16.18 -55.19
C GLU C 539 18.15 -16.51 -54.00
N ASP C 540 16.85 -16.23 -54.16
CA ASP C 540 15.88 -16.55 -53.13
C ASP C 540 15.73 -18.05 -52.99
N GLY C 541 15.48 -18.49 -51.75
CA GLY C 541 15.36 -19.91 -51.48
C GLY C 541 16.68 -20.65 -51.40
N ASP C 542 17.80 -19.96 -51.25
CA ASP C 542 19.08 -20.62 -51.10
C ASP C 542 19.16 -21.31 -49.75
N TYR C 543 19.58 -22.58 -49.75
CA TYR C 543 19.64 -23.40 -48.56
C TYR C 543 21.09 -23.73 -48.26
N TYR C 544 21.53 -23.46 -47.03
CA TYR C 544 22.90 -23.71 -46.61
C TYR C 544 22.91 -24.68 -45.45
N ARG C 545 23.87 -25.61 -45.47
CA ARG C 545 23.97 -26.64 -44.44
C ARG C 545 25.43 -26.84 -44.07
N LYS C 546 25.65 -27.27 -42.83
CA LYS C 546 26.98 -27.59 -42.35
C LYS C 546 26.88 -28.61 -41.22
N GLN C 547 27.99 -29.29 -40.96
CA GLN C 547 28.06 -30.33 -39.94
C GLN C 547 28.43 -29.72 -38.59
N LEU C 548 27.74 -30.15 -37.55
CA LEU C 548 27.98 -29.69 -36.19
C LEU C 548 28.70 -30.78 -35.39
N SER C 549 29.78 -30.39 -34.72
CA SER C 549 30.54 -31.33 -33.92
C SER C 549 29.76 -31.72 -32.66
N PRO C 550 29.98 -32.93 -32.14
CA PRO C 550 29.30 -33.32 -30.88
C PRO C 550 29.66 -32.48 -29.69
N LEU C 551 30.84 -31.84 -29.69
CA LEU C 551 31.19 -30.93 -28.60
C LEU C 551 30.35 -29.66 -28.67
N GLU C 552 29.82 -29.32 -29.84
CA GLU C 552 28.93 -28.19 -30.01
C GLU C 552 27.47 -28.61 -30.13
N GLY C 553 27.12 -29.80 -29.65
CA GLY C 553 25.76 -30.29 -29.65
C GLY C 553 25.47 -31.35 -30.71
N GLY C 554 26.33 -31.48 -31.72
CA GLY C 554 26.15 -32.51 -32.73
C GLY C 554 25.09 -32.15 -33.75
N GLY C 555 24.88 -33.08 -34.67
CA GLY C 555 23.90 -32.90 -35.72
C GLY C 555 24.37 -31.96 -36.82
N TRP C 556 23.44 -31.17 -37.37
CA TRP C 556 23.74 -30.27 -38.47
C TRP C 556 23.09 -28.92 -38.23
N LEU C 557 23.68 -27.89 -38.83
CA LEU C 557 23.15 -26.53 -38.79
C LEU C 557 22.77 -26.11 -40.19
N VAL C 558 21.52 -25.68 -40.37
CA VAL C 558 21.03 -25.26 -41.68
C VAL C 558 20.44 -23.87 -41.57
N ALA C 559 20.29 -23.22 -42.72
CA ALA C 559 19.68 -21.92 -42.80
C ALA C 559 19.14 -21.69 -44.21
N SER C 560 18.19 -20.76 -44.31
CA SER C 560 17.59 -20.38 -45.58
C SER C 560 17.48 -18.86 -45.65
N GLY C 561 17.72 -18.31 -46.84
CA GLY C 561 17.74 -16.88 -47.02
C GLY C 561 16.86 -16.45 -48.18
N SER C 562 16.61 -15.15 -48.24
CA SER C 562 15.83 -14.53 -49.29
C SER C 562 16.54 -13.28 -49.78
N THR C 563 16.27 -12.93 -51.04
CA THR C 563 16.92 -11.82 -51.71
C THR C 563 15.89 -10.79 -52.18
N VAL C 564 16.30 -9.53 -52.15
CA VAL C 564 15.51 -8.41 -52.62
C VAL C 564 16.32 -7.72 -53.72
N ALA C 565 15.67 -7.45 -54.85
CA ALA C 565 16.34 -6.89 -56.01
C ALA C 565 16.80 -5.46 -55.74
N MET C 566 17.86 -5.06 -56.43
CA MET C 566 18.44 -3.72 -56.25
C MET C 566 17.53 -2.70 -56.92
N THR C 567 17.04 -1.74 -56.16
CA THR C 567 16.18 -0.69 -56.68
C THR C 567 17.02 0.37 -57.38
N GLU C 568 16.41 1.52 -57.69
CA GLU C 568 17.13 2.59 -58.36
C GLU C 568 18.21 3.20 -57.48
N GLN C 569 17.92 3.37 -56.19
CA GLN C 569 18.88 3.95 -55.26
C GLN C 569 18.98 3.09 -54.02
N LEU C 570 20.18 3.03 -53.44
CA LEU C 570 20.44 2.19 -52.29
C LEU C 570 19.93 2.85 -51.01
N GLN C 571 19.20 2.08 -50.21
CA GLN C 571 18.75 2.50 -48.89
C GLN C 571 19.45 1.66 -47.83
N MET C 572 19.92 2.32 -46.77
CA MET C 572 20.65 1.64 -45.72
C MET C 572 20.08 2.02 -44.36
N GLY C 573 20.52 1.31 -43.34
CA GLY C 573 20.05 1.52 -41.98
C GLY C 573 21.20 1.64 -41.00
N PHE C 574 21.07 2.59 -40.08
CA PHE C 574 22.01 2.81 -39.00
C PHE C 574 21.31 2.58 -37.67
N GLY C 575 21.96 1.82 -36.79
CA GLY C 575 21.48 1.64 -35.43
C GLY C 575 22.45 2.27 -34.45
N ILE C 576 21.94 3.18 -33.63
CA ILE C 576 22.73 3.95 -32.68
C ILE C 576 22.34 3.48 -31.27
N THR C 577 23.34 3.08 -30.49
CA THR C 577 23.12 2.71 -29.10
C THR C 577 24.20 3.35 -28.25
N VAL C 578 23.82 3.81 -27.06
CA VAL C 578 24.71 4.58 -26.21
C VAL C 578 24.93 3.82 -24.90
N GLN C 579 26.06 4.10 -24.26
CA GLN C 579 26.39 3.54 -22.96
C GLN C 579 26.87 4.67 -22.06
N TYR C 580 26.29 4.76 -20.87
CA TYR C 580 26.49 5.89 -19.98
C TYR C 580 27.54 5.67 -18.90
N GLY C 581 27.81 4.41 -18.53
CA GLY C 581 28.73 4.17 -17.43
C GLY C 581 29.69 3.02 -17.63
N THR C 582 29.77 2.51 -18.86
CA THR C 582 30.66 1.39 -19.13
C THR C 582 32.12 1.80 -19.18
N ASP C 583 32.41 3.09 -19.33
CA ASP C 583 33.77 3.59 -19.43
C ASP C 583 33.71 5.04 -18.97
N THR C 584 34.79 5.80 -19.19
CA THR C 584 34.77 7.23 -18.91
C THR C 584 33.84 7.93 -19.89
N ASN C 585 32.95 8.77 -19.36
CA ASN C 585 32.02 9.53 -20.19
C ASN C 585 32.80 10.56 -20.97
N SER C 586 33.13 10.25 -22.23
CA SER C 586 34.13 11.04 -22.95
C SER C 586 33.85 11.27 -24.42
N VAL C 587 32.72 10.83 -24.98
CA VAL C 587 32.34 11.21 -26.33
C VAL C 587 31.41 12.41 -26.25
N CYS C 588 31.77 13.48 -26.94
CA CYS C 588 31.06 14.74 -26.76
C CYS C 588 30.99 15.52 -28.06
N PRO C 589 30.00 16.41 -28.18
CA PRO C 589 30.01 17.35 -29.30
C PRO C 589 31.03 18.46 -29.11
N LYS C 590 31.41 19.08 -30.24
CA LYS C 590 32.34 20.20 -30.20
C LYS C 590 31.68 21.43 -29.59
N LEU C 591 32.45 22.16 -28.79
CA LEU C 591 31.94 23.34 -28.11
C LEU C 591 33.07 24.35 -27.97
N GLU C 592 32.73 25.63 -28.12
CA GLU C 592 33.69 26.70 -27.90
C GLU C 592 33.98 26.80 -26.41
N PHE C 593 35.20 26.41 -26.01
CA PHE C 593 35.57 26.37 -24.60
C PHE C 593 36.14 27.72 -24.21
N ALA C 594 35.33 28.52 -23.51
CA ALA C 594 35.78 29.82 -23.03
C ALA C 594 36.70 29.65 -21.82
N ASN C 595 37.36 30.75 -21.46
CA ASN C 595 38.30 30.71 -20.34
C ASN C 595 37.60 30.55 -19.00
N ASP C 596 36.32 30.91 -18.90
CA ASP C 596 35.57 30.77 -17.66
C ASP C 596 34.85 29.43 -17.60
N THR C 597 35.59 28.35 -17.85
CA THR C 597 35.07 26.99 -17.69
C THR C 597 35.95 26.12 -16.82
N LYS C 598 37.14 26.57 -16.43
CA LYS C 598 37.99 25.79 -15.55
C LYS C 598 37.44 25.82 -14.13
N ILE C 599 37.83 24.81 -13.35
CA ILE C 599 37.34 24.69 -11.99
C ILE C 599 37.94 25.79 -11.11
N ALA C 600 39.22 26.09 -11.31
CA ALA C 600 39.91 27.09 -10.50
C ALA C 600 39.37 28.50 -10.73
N SER C 601 38.73 28.75 -11.87
CA SER C 601 38.12 30.06 -12.10
C SER C 601 36.89 30.26 -11.23
N GLN C 602 36.10 29.21 -11.01
CA GLN C 602 34.84 29.33 -10.30
C GLN C 602 34.81 28.45 -9.06
N LEU C 603 35.87 28.48 -8.26
CA LEU C 603 35.90 27.70 -7.03
C LEU C 603 34.94 28.28 -6.00
N GLY C 604 34.29 27.38 -5.25
CA GLY C 604 33.42 27.80 -4.18
C GLY C 604 32.13 28.47 -4.61
N ASN C 605 31.69 28.23 -5.84
CA ASN C 605 30.48 28.84 -6.37
C ASN C 605 29.56 27.77 -6.91
N CYS C 606 28.27 27.93 -6.68
CA CYS C 606 27.27 26.99 -7.19
C CYS C 606 27.21 27.10 -8.70
N VAL C 607 27.68 26.08 -9.39
CA VAL C 607 27.72 26.08 -10.85
C VAL C 607 27.01 24.84 -11.36
N GLU C 608 26.43 24.96 -12.55
CA GLU C 608 25.79 23.84 -13.23
C GLU C 608 26.88 23.11 -14.01
N TYR C 609 27.35 22.00 -13.44
CA TYR C 609 28.45 21.25 -14.03
C TYR C 609 27.93 20.22 -15.02
N SER C 610 28.61 20.11 -16.15
CA SER C 610 28.39 19.05 -17.14
C SER C 610 29.74 18.42 -17.40
N LEU C 611 30.10 17.46 -16.54
CA LEU C 611 31.36 16.73 -16.66
C LEU C 611 31.22 15.66 -17.74
N TYR C 612 31.19 16.14 -18.99
CA TYR C 612 31.28 15.33 -20.20
C TYR C 612 30.25 14.20 -20.22
N GLY C 613 29.05 14.52 -19.77
CA GLY C 613 27.98 13.54 -19.60
C GLY C 613 27.45 13.44 -18.18
N VAL C 614 28.22 13.85 -17.19
CA VAL C 614 27.76 13.82 -15.79
C VAL C 614 27.19 15.20 -15.49
N SER C 615 25.87 15.30 -15.49
CA SER C 615 25.19 16.59 -15.37
C SER C 615 24.69 16.82 -13.95
N GLY C 616 24.68 18.07 -13.53
CA GLY C 616 24.11 18.43 -12.26
C GLY C 616 24.43 19.87 -11.91
N ARG C 617 24.10 20.23 -10.67
CA ARG C 617 24.49 21.52 -10.11
C ARG C 617 25.15 21.28 -8.76
N GLY C 618 26.24 22.00 -8.51
CA GLY C 618 26.96 21.75 -7.28
C GLY C 618 28.04 22.79 -7.02
N VAL C 619 28.70 22.61 -5.88
CA VAL C 619 29.76 23.49 -5.41
C VAL C 619 31.07 22.71 -5.40
N PHE C 620 32.09 23.26 -6.02
CA PHE C 620 33.44 22.70 -6.00
C PHE C 620 34.23 23.25 -4.82
N GLN C 621 35.20 22.46 -4.38
CA GLN C 621 36.05 22.83 -3.25
C GLN C 621 37.37 22.10 -3.40
N ASN C 622 38.39 22.58 -2.68
CA ASN C 622 39.71 21.98 -2.76
C ASN C 622 39.90 20.97 -1.62
N CYS C 623 40.32 19.76 -1.98
CA CYS C 623 40.54 18.70 -1.01
C CYS C 623 41.86 17.99 -1.26
N THR C 624 42.10 16.88 -0.56
CA THR C 624 43.27 16.04 -0.75
C THR C 624 42.92 14.84 -1.62
N ALA C 625 43.95 14.29 -2.25
CA ALA C 625 43.78 13.23 -3.25
C ALA C 625 43.26 11.95 -2.60
N VAL C 626 42.07 11.53 -3.01
CA VAL C 626 41.38 10.37 -2.44
C VAL C 626 40.80 9.55 -3.59
N GLY C 627 41.09 8.26 -3.60
CA GLY C 627 40.64 7.37 -4.64
C GLY C 627 41.76 7.01 -5.60
N VAL C 628 41.36 6.64 -6.82
CA VAL C 628 42.29 6.29 -7.88
C VAL C 628 42.15 7.32 -9.00
N ARG C 629 43.28 7.63 -9.65
CA ARG C 629 43.31 8.69 -10.65
C ARG C 629 42.68 8.26 -11.95
N GLN C 630 42.75 6.96 -12.28
CA GLN C 630 42.36 6.51 -13.61
C GLN C 630 40.84 6.58 -13.80
N GLN C 631 40.08 6.32 -12.74
CA GLN C 631 38.63 6.28 -12.89
C GLN C 631 38.01 7.68 -12.99
N ARG C 632 38.56 8.65 -12.27
CA ARG C 632 38.22 10.07 -12.29
C ARG C 632 36.82 10.39 -11.77
N PHE C 633 36.10 9.42 -11.19
CA PHE C 633 34.76 9.67 -10.65
C PHE C 633 34.58 8.86 -9.38
N VAL C 634 34.13 9.50 -8.31
CA VAL C 634 33.90 8.82 -7.04
C VAL C 634 32.48 9.08 -6.57
N TYR C 635 31.89 8.08 -5.91
CA TYR C 635 30.53 8.14 -5.45
C TYR C 635 30.46 7.68 -3.99
N ASP C 636 29.40 8.09 -3.31
CA ASP C 636 29.13 7.65 -1.96
C ASP C 636 28.34 6.33 -2.00
N ALA C 637 27.77 5.94 -0.86
CA ALA C 637 26.91 4.76 -0.83
C ALA C 637 25.56 5.00 -1.48
N TYR C 638 25.18 6.27 -1.72
CA TYR C 638 23.87 6.60 -2.26
C TYR C 638 23.96 7.10 -3.70
N GLN C 639 25.03 6.74 -4.42
CA GLN C 639 25.23 7.06 -5.83
C GLN C 639 25.20 8.57 -6.10
N ASN C 640 25.81 9.34 -5.22
CA ASN C 640 25.97 10.77 -5.39
C ASN C 640 27.44 11.07 -5.65
N LEU C 641 27.71 11.89 -6.66
CA LEU C 641 29.09 12.23 -7.01
C LEU C 641 29.74 13.01 -5.88
N VAL C 642 30.99 12.66 -5.56
CA VAL C 642 31.68 13.22 -4.41
C VAL C 642 32.82 14.13 -4.84
N GLY C 643 33.61 13.72 -5.84
CA GLY C 643 34.77 14.50 -6.24
C GLY C 643 35.16 14.19 -7.67
N TYR C 644 36.07 15.01 -8.18
CA TYR C 644 36.51 14.90 -9.57
C TYR C 644 37.98 15.28 -9.66
N TYR C 645 38.73 14.46 -10.39
CA TYR C 645 40.15 14.70 -10.65
C TYR C 645 40.28 15.55 -11.91
N SER C 646 40.61 16.83 -11.71
CA SER C 646 40.73 17.73 -12.85
C SER C 646 41.98 17.42 -13.66
N ASP C 647 42.00 17.90 -14.90
CA ASP C 647 43.08 17.59 -15.84
C ASP C 647 44.41 18.22 -15.43
N ASP C 648 44.39 19.26 -14.60
CA ASP C 648 45.64 19.88 -14.17
C ASP C 648 46.39 19.07 -13.12
N GLY C 649 45.77 18.01 -12.59
CA GLY C 649 46.34 17.26 -11.50
C GLY C 649 45.80 17.61 -10.13
N ASN C 650 44.75 18.43 -10.06
CA ASN C 650 44.16 18.84 -8.80
C ASN C 650 42.84 18.10 -8.59
N TYR C 651 42.59 17.73 -7.35
CA TYR C 651 41.36 17.06 -6.95
C TYR C 651 40.39 18.10 -6.39
N TYR C 652 39.15 18.07 -6.87
CA TYR C 652 38.14 19.02 -6.41
C TYR C 652 36.91 18.25 -5.95
N CYS C 653 36.50 18.49 -4.70
CA CYS C 653 35.29 17.90 -4.17
C CYS C 653 34.07 18.64 -4.71
N LEU C 654 33.15 17.90 -5.28
CA LEU C 654 31.86 18.40 -5.75
C LEU C 654 30.82 17.95 -4.73
N ARG C 655 30.23 18.88 -4.00
CA ARG C 655 29.39 18.48 -2.89
C ARG C 655 27.90 18.70 -3.13
N ALA C 656 27.47 19.95 -3.30
CA ALA C 656 26.05 20.29 -3.45
C ALA C 656 25.89 21.78 -3.70
N CYS C 657 24.82 22.17 -4.41
CA CYS C 657 24.38 23.56 -4.43
C CYS C 657 23.32 23.68 -3.34
N VAL C 658 23.80 23.90 -2.12
CA VAL C 658 22.94 23.84 -0.95
C VAL C 658 22.02 25.06 -0.90
N SER C 659 20.75 24.81 -0.58
CA SER C 659 19.73 25.83 -0.49
C SER C 659 19.47 26.18 0.97
N VAL C 660 18.64 27.19 1.17
CA VAL C 660 18.30 27.68 2.51
C VAL C 660 16.81 27.43 2.75
N PRO C 661 16.44 26.71 3.80
CA PRO C 661 15.02 26.55 4.12
C PRO C 661 14.42 27.83 4.64
N VAL C 662 13.11 27.98 4.43
CA VAL C 662 12.38 29.16 4.88
C VAL C 662 11.13 28.70 5.64
N SER C 663 10.85 29.36 6.75
CA SER C 663 9.65 29.12 7.53
C SER C 663 8.96 30.45 7.76
N VAL C 664 7.69 30.39 8.15
CA VAL C 664 6.88 31.58 8.36
C VAL C 664 6.19 31.50 9.71
N ILE C 665 6.17 32.62 10.41
CA ILE C 665 5.38 32.77 11.63
C ILE C 665 4.23 33.73 11.31
N TYR C 666 3.01 33.24 11.52
CA TYR C 666 1.79 33.99 11.22
C TYR C 666 0.85 33.92 12.40
N ASP C 667 0.17 35.02 12.68
CA ASP C 667 -0.78 35.07 13.77
C ASP C 667 -2.18 35.36 13.23
N LYS C 668 -3.17 34.64 13.76
CA LYS C 668 -4.56 34.97 13.48
C LYS C 668 -4.99 36.12 14.39
N GLU C 669 -6.05 36.81 13.96
CA GLU C 669 -6.75 37.95 14.56
C GLU C 669 -5.86 39.17 14.81
N THR C 670 -4.58 39.06 14.45
CA THR C 670 -3.65 40.18 14.31
C THR C 670 -2.82 39.86 13.08
N LYS C 671 -3.03 40.61 12.00
CA LYS C 671 -2.46 40.27 10.70
C LYS C 671 -0.95 40.54 10.74
N THR C 672 -0.24 39.64 11.41
CA THR C 672 1.19 39.81 11.69
C THR C 672 1.92 38.54 11.27
N HIS C 673 2.93 38.69 10.41
CA HIS C 673 3.71 37.57 9.93
C HIS C 673 5.15 38.00 9.73
N ALA C 674 6.05 37.02 9.79
CA ALA C 674 7.47 37.23 9.57
C ALA C 674 8.08 35.95 9.00
N THR C 675 9.25 36.09 8.39
CA THR C 675 9.90 34.97 7.71
C THR C 675 11.22 34.64 8.37
N LEU C 676 11.63 33.39 8.21
CA LEU C 676 12.85 32.87 8.84
C LEU C 676 13.61 32.01 7.84
N PHE C 677 14.94 32.11 7.89
CA PHE C 677 15.83 31.23 7.17
C PHE C 677 16.60 30.41 8.20
N GLY C 678 16.45 29.09 8.12
CA GLY C 678 16.84 28.23 9.23
C GLY C 678 18.32 27.91 9.24
N SER C 679 18.95 28.14 10.40
CA SER C 679 20.31 27.68 10.71
C SER C 679 21.33 28.23 9.70
N VAL C 680 21.21 29.51 9.39
CA VAL C 680 22.11 30.18 8.46
C VAL C 680 22.46 31.53 9.05
N ALA C 681 23.71 31.95 8.85
CA ALA C 681 24.11 33.30 9.23
C ALA C 681 23.42 34.32 8.34
N CYS C 682 23.26 35.53 8.87
CA CYS C 682 22.59 36.61 8.15
C CYS C 682 23.53 37.12 7.05
N GLU C 683 23.46 36.44 5.91
CA GLU C 683 24.33 36.76 4.78
C GLU C 683 23.51 36.92 3.51
N HIS C 684 22.36 36.26 3.44
CA HIS C 684 21.59 36.21 2.20
C HIS C 684 20.59 37.36 2.17
N ILE C 685 20.56 38.07 1.05
CA ILE C 685 19.69 39.23 0.84
C ILE C 685 18.77 38.84 -0.32
N SER C 686 17.89 39.74 -0.75
CA SER C 686 16.83 39.50 -1.73
C SER C 686 17.34 39.31 -3.17
N SER C 687 18.62 39.11 -3.47
CA SER C 687 19.08 39.11 -4.86
C SER C 687 18.77 37.79 -5.57
N THR C 688 19.36 36.68 -5.10
CA THR C 688 19.29 35.40 -5.82
C THR C 688 18.02 34.67 -5.39
N MET C 689 16.94 34.85 -6.15
CA MET C 689 15.63 34.34 -5.82
C MET C 689 15.22 33.17 -6.70
N SER C 690 14.29 32.37 -6.18
CA SER C 690 13.65 31.30 -6.93
C SER C 690 12.19 31.31 -6.52
N GLN C 691 11.49 30.20 -6.80
CA GLN C 691 10.03 30.01 -6.70
C GLN C 691 9.25 31.22 -7.21
N TYR C 692 8.14 31.58 -6.56
CA TYR C 692 7.24 32.58 -7.14
C TYR C 692 7.61 34.00 -6.75
N SER C 693 7.51 34.33 -5.46
CA SER C 693 7.78 35.68 -4.97
C SER C 693 7.82 35.65 -3.45
N ARG C 694 7.99 36.84 -2.86
CA ARG C 694 7.92 37.04 -1.43
C ARG C 694 7.56 38.50 -1.17
N SER C 695 7.12 38.79 0.05
CA SER C 695 6.71 40.14 0.38
C SER C 695 6.98 40.42 1.85
N THR C 696 7.21 41.71 2.14
CA THR C 696 7.41 42.19 3.50
C THR C 696 6.62 43.50 3.65
N ARG C 697 6.91 44.21 4.74
CA ARG C 697 6.27 45.49 5.01
C ARG C 697 7.26 46.63 4.77
N SER C 698 6.84 47.85 5.10
CA SER C 698 7.72 49.01 4.97
C SER C 698 8.86 48.93 5.98
N MET C 699 9.98 49.55 5.63
CA MET C 699 11.20 49.44 6.44
C MET C 699 11.10 50.38 7.64
N TYR C 707 16.73 47.97 9.09
CA TYR C 707 17.73 46.93 8.92
C TYR C 707 17.10 45.72 8.22
N GLY C 708 16.40 44.88 8.98
CA GLY C 708 15.57 43.85 8.41
C GLY C 708 15.91 42.41 8.75
N PRO C 709 17.19 42.01 8.64
CA PRO C 709 17.58 40.70 9.17
C PRO C 709 17.68 40.72 10.69
N LEU C 710 17.99 39.54 11.24
CA LEU C 710 18.26 39.43 12.67
C LEU C 710 18.92 38.08 12.89
N GLN C 711 20.01 38.06 13.66
CA GLN C 711 20.75 36.84 13.90
C GLN C 711 20.20 36.14 15.14
N THR C 712 19.88 34.86 14.99
CA THR C 712 19.27 34.02 16.01
C THR C 712 19.96 32.67 16.01
N PRO C 713 19.89 31.93 17.11
CA PRO C 713 20.38 30.54 17.09
C PRO C 713 19.65 29.65 16.10
N VAL C 714 18.41 30.01 15.72
CA VAL C 714 17.71 29.29 14.65
C VAL C 714 18.08 29.79 13.27
N GLY C 715 18.74 30.93 13.14
CA GLY C 715 19.16 31.39 11.82
C GLY C 715 19.08 32.88 11.57
N CYS C 716 18.51 33.27 10.44
CA CYS C 716 18.38 34.67 10.06
C CYS C 716 16.92 35.00 9.86
N VAL C 717 16.44 36.04 10.54
CA VAL C 717 15.01 36.33 10.65
C VAL C 717 14.72 37.67 9.99
N LEU C 718 13.73 37.68 9.10
CA LEU C 718 13.22 38.91 8.50
C LEU C 718 11.84 39.21 9.06
N GLY C 719 11.63 40.46 9.46
CA GLY C 719 10.33 40.91 9.92
C GLY C 719 10.14 40.97 11.42
N LEU C 720 11.21 40.80 12.21
CA LEU C 720 11.10 40.84 13.66
C LEU C 720 12.08 41.86 14.22
N VAL C 721 11.65 42.52 15.30
CA VAL C 721 12.52 43.38 16.09
C VAL C 721 12.85 42.65 17.39
N ASN C 722 14.13 42.68 17.77
CA ASN C 722 14.58 42.00 18.96
C ASN C 722 14.50 42.92 20.18
N SER C 723 14.21 42.32 21.32
CA SER C 723 14.09 43.07 22.56
C SER C 723 14.40 42.14 23.73
N SER C 724 14.81 42.73 24.85
CA SER C 724 15.15 41.97 26.04
C SER C 724 13.89 41.73 26.87
N LEU C 725 13.02 40.89 26.32
CA LEU C 725 11.77 40.53 26.96
C LEU C 725 11.79 39.04 27.30
N PHE C 726 11.09 38.69 28.38
CA PHE C 726 11.01 37.31 28.84
C PHE C 726 9.55 36.93 29.01
N VAL C 727 9.14 35.85 28.37
CA VAL C 727 7.75 35.41 28.35
C VAL C 727 7.71 33.96 28.81
N GLU C 728 6.91 33.67 29.83
CA GLU C 728 6.75 32.32 30.33
C GLU C 728 5.59 31.57 29.70
N ASP C 729 4.75 32.23 28.91
CA ASP C 729 3.55 31.63 28.37
C ASP C 729 3.45 31.91 26.88
N CYS C 730 4.55 31.65 26.18
CA CYS C 730 4.62 31.90 24.74
C CYS C 730 3.73 30.93 23.99
N LYS C 731 2.90 31.46 23.10
CA LYS C 731 2.00 30.67 22.29
C LYS C 731 2.46 30.51 20.85
N LEU C 732 3.56 31.16 20.47
CA LEU C 732 4.12 31.06 19.13
C LEU C 732 5.58 30.66 19.29
N PRO C 733 5.87 29.40 19.58
CA PRO C 733 7.23 28.98 19.88
C PRO C 733 8.04 28.81 18.59
N LEU C 734 9.02 29.68 18.41
CA LEU C 734 9.77 29.71 17.17
C LEU C 734 10.76 28.56 17.05
N GLY C 735 11.33 28.11 18.14
CA GLY C 735 12.43 27.16 18.15
C GLY C 735 13.56 27.64 19.04
N GLN C 736 14.39 26.66 19.43
CA GLN C 736 15.40 26.83 20.47
C GLN C 736 14.76 27.39 21.74
N SER C 737 14.83 28.70 21.96
CA SER C 737 14.01 29.32 22.99
C SER C 737 13.51 30.68 22.57
N LEU C 738 13.30 30.89 21.28
CA LEU C 738 12.87 32.18 20.76
C LEU C 738 11.37 32.18 20.55
N CYS C 739 10.76 33.36 20.68
CA CYS C 739 9.31 33.49 20.59
C CYS C 739 8.96 34.84 19.99
N ALA C 740 7.82 34.88 19.31
CA ALA C 740 7.32 36.10 18.68
C ALA C 740 6.11 36.61 19.47
N LEU C 741 6.10 37.92 19.73
CA LEU C 741 5.01 38.56 20.45
C LEU C 741 4.30 39.52 19.54
N PRO C 742 3.10 39.19 19.05
CA PRO C 742 2.33 40.14 18.25
C PRO C 742 1.87 41.33 19.08
N ASP C 743 1.69 42.46 18.40
CA ASP C 743 1.34 43.72 19.04
C ASP C 743 -0.17 43.89 19.06
N THR C 744 -0.71 44.23 20.23
CA THR C 744 -2.14 44.46 20.37
C THR C 744 -2.43 45.77 21.08
N PRO C 757 0.00 48.39 16.03
CA PRO C 757 0.24 46.98 15.70
C PRO C 757 1.39 46.80 14.73
N GLY C 758 2.62 46.90 15.22
CA GLY C 758 3.81 46.74 14.42
C GLY C 758 4.24 45.29 14.32
N GLU C 759 5.49 45.10 13.90
CA GLU C 759 6.04 43.76 13.79
C GLU C 759 6.26 43.16 15.17
N MET C 760 6.29 41.82 15.21
CA MET C 760 6.28 41.11 16.48
C MET C 760 7.61 41.26 17.21
N ARG C 761 7.53 41.44 18.52
CA ARG C 761 8.73 41.54 19.33
C ARG C 761 9.36 40.17 19.52
N LEU C 762 10.68 40.08 19.37
CA LEU C 762 11.39 38.84 19.56
C LEU C 762 11.80 38.72 21.02
N ALA C 763 11.35 37.66 21.68
CA ALA C 763 11.65 37.43 23.09
C ALA C 763 12.27 36.06 23.26
N SER C 764 12.90 35.86 24.41
CA SER C 764 13.49 34.58 24.77
C SER C 764 12.56 33.86 25.75
N ILE C 765 12.34 32.58 25.52
CA ILE C 765 11.50 31.77 26.41
C ILE C 765 12.26 31.60 27.72
N ALA C 766 11.80 32.26 28.78
CA ALA C 766 12.52 32.30 30.03
C ALA C 766 12.30 31.00 30.82
N PHE C 767 13.05 30.88 31.90
CA PHE C 767 12.95 29.74 32.82
C PHE C 767 12.31 30.25 34.10
N ASN C 768 11.18 29.67 34.46
CA ASN C 768 10.57 30.02 35.74
C ASN C 768 11.43 29.43 36.84
N HIS C 769 12.27 30.26 37.44
CA HIS C 769 13.08 29.82 38.56
C HIS C 769 12.18 29.52 39.74
N PRO C 770 12.21 28.31 40.28
CA PRO C 770 11.42 28.03 41.48
C PRO C 770 11.95 28.81 42.67
N ILE C 771 11.07 29.02 43.64
CA ILE C 771 11.38 29.86 44.80
C ILE C 771 12.52 29.22 45.58
N GLN C 772 13.67 29.86 45.57
CA GLN C 772 14.89 29.29 46.13
C GLN C 772 14.82 29.29 47.65
N VAL C 773 15.27 28.19 48.24
CA VAL C 773 15.39 28.07 49.70
C VAL C 773 16.83 27.69 50.03
N ASP C 774 17.39 28.35 51.03
CA ASP C 774 18.78 28.14 51.39
C ASP C 774 18.95 26.87 52.21
N GLN C 775 20.11 26.24 52.06
CA GLN C 775 20.48 25.06 52.84
C GLN C 775 21.41 25.49 53.96
N LEU C 776 21.01 25.24 55.19
CA LEU C 776 21.84 25.51 56.35
C LEU C 776 22.60 24.24 56.74
N ASN C 777 23.91 24.35 56.87
CA ASN C 777 24.68 23.20 57.30
C ASN C 777 24.84 23.21 58.82
N SER C 778 23.70 23.18 59.52
CA SER C 778 23.66 23.07 60.97
C SER C 778 22.50 22.16 61.32
N SER C 779 22.18 22.08 62.62
CA SER C 779 21.07 21.23 63.05
C SER C 779 19.72 21.82 62.69
N TYR C 780 19.62 23.13 62.53
CA TYR C 780 18.37 23.77 62.18
C TYR C 780 18.04 23.55 60.70
N PHE C 781 16.94 24.15 60.25
CA PHE C 781 16.57 24.04 58.85
C PHE C 781 15.75 25.25 58.44
N LYS C 782 15.88 25.63 57.17
CA LYS C 782 15.06 26.67 56.56
C LYS C 782 13.97 26.00 55.71
N LEU C 783 12.72 26.12 56.16
CA LEU C 783 11.59 25.49 55.51
C LEU C 783 10.77 26.52 54.73
N SER C 784 10.15 26.07 53.66
CA SER C 784 9.25 26.89 52.86
C SER C 784 7.83 26.37 53.02
N ILE C 785 6.91 27.25 53.38
CA ILE C 785 5.51 26.82 53.54
C ILE C 785 4.57 27.82 52.88
N PRO C 786 3.54 27.35 52.17
CA PRO C 786 2.54 28.27 51.64
C PRO C 786 1.69 28.88 52.75
N THR C 787 1.20 30.09 52.49
CA THR C 787 0.29 30.78 53.39
C THR C 787 -1.10 30.99 52.84
N ASN C 788 -1.27 30.94 51.52
CA ASN C 788 -2.56 31.19 50.91
C ASN C 788 -2.80 30.13 49.85
N PHE C 789 -4.05 29.87 49.53
CA PHE C 789 -4.35 28.77 48.63
C PHE C 789 -5.60 29.07 47.82
N SER C 790 -5.77 28.28 46.77
CA SER C 790 -6.92 28.38 45.89
C SER C 790 -7.27 26.98 45.41
N PHE C 791 -8.51 26.85 44.96
CA PHE C 791 -8.96 25.63 44.30
C PHE C 791 -8.89 25.85 42.80
N GLY C 792 -8.11 25.03 42.11
CA GLY C 792 -7.96 25.11 40.67
C GLY C 792 -8.66 23.95 40.00
N VAL C 793 -9.42 24.27 38.97
CA VAL C 793 -10.07 23.24 38.16
C VAL C 793 -9.16 22.88 37.00
N THR C 794 -8.91 21.60 36.84
CA THR C 794 -8.13 21.07 35.72
C THR C 794 -9.07 20.20 34.91
N GLN C 795 -9.20 20.52 33.63
CA GLN C 795 -10.15 19.84 32.76
C GLN C 795 -9.40 18.85 31.88
N GLU C 796 -9.86 17.60 31.89
CA GLU C 796 -9.21 16.52 31.16
C GLU C 796 -10.25 15.83 30.30
N TYR C 797 -9.81 15.28 29.18
CA TYR C 797 -10.67 14.54 28.29
C TYR C 797 -10.03 13.20 27.98
N ILE C 798 -10.84 12.14 27.91
CA ILE C 798 -10.34 10.84 27.51
C ILE C 798 -11.25 10.30 26.41
N GLN C 799 -10.67 10.03 25.25
CA GLN C 799 -11.39 9.46 24.11
C GLN C 799 -11.63 7.98 24.41
N THR C 800 -12.74 7.67 25.07
CA THR C 800 -12.95 6.32 25.56
C THR C 800 -13.37 5.35 24.45
N THR C 801 -14.01 5.85 23.39
CA THR C 801 -14.37 5.02 22.25
C THR C 801 -14.64 5.91 21.06
N ILE C 802 -14.31 5.43 19.86
CA ILE C 802 -14.61 6.16 18.64
C ILE C 802 -16.03 5.84 18.24
N GLN C 803 -16.58 6.60 17.29
CA GLN C 803 -17.94 6.37 16.84
C GLN C 803 -18.03 5.06 16.05
N LYS C 804 -19.01 4.23 16.39
CA LYS C 804 -19.18 2.95 15.73
C LYS C 804 -19.74 3.16 14.33
N VAL C 805 -18.99 2.75 13.33
CA VAL C 805 -19.35 2.96 11.93
C VAL C 805 -19.16 1.65 11.18
N THR C 806 -20.04 1.35 10.23
CA THR C 806 -19.87 0.23 9.33
C THR C 806 -20.17 0.68 7.91
N VAL C 807 -19.67 -0.09 6.95
CA VAL C 807 -19.84 0.23 5.54
C VAL C 807 -20.42 -0.99 4.84
N ASP C 808 -21.39 -0.75 3.96
CA ASP C 808 -21.93 -1.78 3.08
C ASP C 808 -21.00 -1.86 1.87
N CYS C 809 -20.31 -2.99 1.72
CA CYS C 809 -19.23 -3.08 0.74
C CYS C 809 -19.76 -2.97 -0.68
N LYS C 810 -20.77 -3.78 -1.03
CA LYS C 810 -21.26 -3.77 -2.41
C LYS C 810 -21.99 -2.46 -2.72
N GLN C 811 -22.69 -1.89 -1.73
CA GLN C 811 -23.38 -0.63 -1.96
C GLN C 811 -22.40 0.52 -2.14
N TYR C 812 -21.36 0.59 -1.30
CA TYR C 812 -20.40 1.68 -1.39
C TYR C 812 -19.56 1.57 -2.64
N VAL C 813 -18.99 0.39 -2.91
CA VAL C 813 -18.06 0.26 -4.02
C VAL C 813 -18.78 0.13 -5.35
N CYS C 814 -20.01 -0.38 -5.36
CA CYS C 814 -20.70 -0.74 -6.59
C CYS C 814 -21.87 0.16 -6.95
N ASN C 815 -22.59 0.69 -5.95
CA ASN C 815 -23.74 1.58 -6.14
C ASN C 815 -24.85 0.94 -6.97
N GLY C 816 -25.06 -0.36 -6.77
CA GLY C 816 -26.21 -1.06 -7.32
C GLY C 816 -26.30 -1.16 -8.83
N PHE C 817 -25.21 -1.53 -9.49
CA PHE C 817 -25.19 -1.76 -10.92
C PHE C 817 -24.82 -3.21 -11.21
N GLN C 818 -25.52 -3.80 -12.18
CA GLN C 818 -25.41 -5.24 -12.40
C GLN C 818 -24.05 -5.63 -12.97
N LYS C 819 -23.59 -4.91 -14.00
CA LYS C 819 -22.30 -5.22 -14.60
C LYS C 819 -21.17 -4.93 -13.61
N CYS C 820 -21.34 -3.87 -12.81
CA CYS C 820 -20.48 -3.63 -11.66
C CYS C 820 -20.45 -4.81 -10.70
N GLU C 821 -21.63 -5.38 -10.41
CA GLU C 821 -21.68 -6.52 -9.49
C GLU C 821 -20.96 -7.73 -10.07
N GLN C 822 -21.13 -7.98 -11.38
CA GLN C 822 -20.44 -9.10 -12.01
C GLN C 822 -18.93 -8.89 -12.01
N LEU C 823 -18.48 -7.65 -12.22
CA LEU C 823 -17.04 -7.39 -12.12
C LEU C 823 -16.54 -7.36 -10.69
N LEU C 824 -17.44 -7.24 -9.70
CA LEU C 824 -17.01 -7.30 -8.31
C LEU C 824 -16.95 -8.71 -7.76
N ARG C 825 -17.76 -9.64 -8.30
CA ARG C 825 -17.85 -10.98 -7.72
C ARG C 825 -16.56 -11.80 -7.85
N GLU C 826 -15.63 -11.43 -8.74
CA GLU C 826 -14.38 -12.17 -8.82
C GLU C 826 -13.52 -11.94 -7.60
N TYR C 827 -13.61 -10.75 -7.01
CA TYR C 827 -12.83 -10.47 -5.80
C TYR C 827 -13.39 -11.22 -4.59
N GLY C 828 -14.71 -11.23 -4.45
CA GLY C 828 -15.35 -12.11 -3.49
C GLY C 828 -15.19 -11.71 -2.03
N GLN C 829 -14.35 -12.45 -1.31
CA GLN C 829 -14.21 -12.38 0.14
C GLN C 829 -13.61 -11.07 0.65
N PHE C 830 -13.23 -10.14 -0.23
CA PHE C 830 -12.71 -8.85 0.22
C PHE C 830 -13.78 -8.07 0.99
N CYS C 831 -15.01 -8.09 0.48
CA CYS C 831 -16.13 -7.49 1.21
C CYS C 831 -16.36 -8.22 2.53
N SER C 832 -16.26 -9.55 2.52
CA SER C 832 -16.39 -10.33 3.74
C SER C 832 -15.26 -10.01 4.71
N LYS C 833 -14.05 -9.80 4.18
CA LYS C 833 -12.91 -9.49 5.04
C LYS C 833 -13.08 -8.14 5.72
N ILE C 834 -13.48 -7.11 4.96
CA ILE C 834 -13.63 -5.79 5.57
C ILE C 834 -14.84 -5.77 6.51
N ASN C 835 -15.91 -6.50 6.19
CA ASN C 835 -17.05 -6.59 7.10
C ASN C 835 -16.66 -7.27 8.39
N GLN C 836 -15.87 -8.34 8.32
CA GLN C 836 -15.43 -9.04 9.51
C GLN C 836 -14.52 -8.17 10.36
N ALA C 837 -13.61 -7.42 9.72
CA ALA C 837 -12.72 -6.54 10.46
C ALA C 837 -13.48 -5.43 11.16
N LEU C 838 -14.43 -4.80 10.45
CA LEU C 838 -15.21 -3.72 11.06
C LEU C 838 -16.11 -4.24 12.18
N HIS C 839 -16.69 -5.43 11.99
CA HIS C 839 -17.54 -5.99 13.04
C HIS C 839 -16.73 -6.39 14.25
N GLY C 840 -15.51 -6.91 14.05
CA GLY C 840 -14.65 -7.21 15.17
C GLY C 840 -14.24 -5.98 15.94
N ALA C 841 -13.91 -4.89 15.23
CA ALA C 841 -13.58 -3.64 15.89
C ALA C 841 -14.77 -3.08 16.66
N ASN C 842 -15.97 -3.15 16.07
CA ASN C 842 -17.17 -2.67 16.74
C ASN C 842 -17.48 -3.50 17.98
N LEU C 843 -17.31 -4.83 17.90
CA LEU C 843 -17.56 -5.67 19.06
C LEU C 843 -16.52 -5.44 20.14
N ARG C 844 -15.26 -5.16 19.75
CA ARG C 844 -14.24 -4.82 20.74
C ARG C 844 -14.57 -3.53 21.46
N GLN C 845 -14.99 -2.51 20.72
CA GLN C 845 -15.39 -1.25 21.35
C GLN C 845 -16.61 -1.43 22.24
N ASP C 846 -17.55 -2.27 21.80
CA ASP C 846 -18.74 -2.54 22.60
C ASP C 846 -18.39 -3.25 23.90
N ASP C 847 -17.48 -4.22 23.83
CA ASP C 847 -17.01 -4.92 25.03
C ASP C 847 -16.28 -3.97 25.95
N SER C 848 -15.47 -3.06 25.40
CA SER C 848 -14.77 -2.07 26.23
C SER C 848 -15.75 -1.15 26.93
N VAL C 849 -16.78 -0.69 26.20
CA VAL C 849 -17.79 0.18 26.80
C VAL C 849 -18.55 -0.54 27.91
N ARG C 850 -18.94 -1.79 27.66
CA ARG C 850 -19.64 -2.57 28.69
C ARG C 850 -18.76 -2.81 29.90
N ASN C 851 -17.47 -3.10 29.68
CA ASN C 851 -16.56 -3.34 30.80
C ASN C 851 -16.36 -2.08 31.63
N LEU C 852 -16.15 -0.93 30.99
CA LEU C 852 -15.95 0.30 31.75
C LEU C 852 -17.22 0.73 32.45
N PHE C 853 -18.40 0.46 31.86
CA PHE C 853 -19.63 0.83 32.54
C PHE C 853 -19.96 -0.13 33.67
N ALA C 854 -19.51 -1.38 33.60
CA ALA C 854 -19.57 -2.25 34.75
C ALA C 854 -18.59 -1.81 35.84
N SER C 855 -17.45 -1.26 35.44
CA SER C 855 -16.48 -0.78 36.42
C SER C 855 -16.98 0.48 37.14
N VAL C 856 -17.60 1.40 36.39
CA VAL C 856 -18.12 2.63 37.01
C VAL C 856 -19.49 2.45 37.63
N LYS C 857 -20.10 1.28 37.48
CA LYS C 857 -21.38 0.99 38.12
C LYS C 857 -21.16 0.92 39.62
N SER C 858 -21.59 1.97 40.33
CA SER C 858 -21.43 2.02 41.77
C SER C 858 -22.31 0.98 42.44
N SER C 859 -21.76 0.33 43.47
CA SER C 859 -22.55 -0.65 44.22
C SER C 859 -23.71 0.01 44.95
N GLN C 860 -23.48 1.17 45.55
CA GLN C 860 -24.51 1.88 46.29
C GLN C 860 -24.33 3.37 46.10
N SER C 861 -25.45 4.07 45.86
CA SER C 861 -25.41 5.51 45.63
C SER C 861 -26.37 6.25 46.54
N SER C 862 -26.53 7.55 46.31
CA SER C 862 -27.39 8.43 47.09
C SER C 862 -28.29 9.21 46.15
N PRO C 863 -29.50 9.57 46.60
CA PRO C 863 -30.38 10.38 45.76
C PRO C 863 -29.82 11.77 45.53
N ILE C 864 -30.19 12.35 44.39
CA ILE C 864 -29.79 13.71 44.04
C ILE C 864 -31.00 14.61 44.23
N ILE C 865 -30.85 15.62 45.08
CA ILE C 865 -31.94 16.53 45.41
C ILE C 865 -31.45 17.95 45.14
N PRO C 866 -32.38 18.88 44.89
CA PRO C 866 -31.98 20.30 44.83
C PRO C 866 -31.40 20.75 46.17
N GLY C 867 -30.39 21.62 46.08
CA GLY C 867 -29.62 21.97 47.27
C GLY C 867 -28.63 20.91 47.68
N PHE C 868 -28.17 20.08 46.75
CA PHE C 868 -27.17 19.07 47.06
C PHE C 868 -25.83 19.73 47.39
N GLY C 869 -25.18 19.24 48.45
CA GLY C 869 -23.95 19.81 48.91
C GLY C 869 -24.10 20.98 49.85
N GLY C 870 -25.32 21.43 50.13
CA GLY C 870 -25.57 22.51 51.06
C GLY C 870 -25.03 23.85 50.60
N ASP C 871 -24.05 24.39 51.34
CA ASP C 871 -23.45 25.66 50.95
C ASP C 871 -22.56 25.51 49.72
N PHE C 872 -22.03 24.31 49.49
CA PHE C 872 -21.21 24.05 48.32
C PHE C 872 -22.10 24.00 47.09
N ASN C 873 -22.00 25.02 46.24
CA ASN C 873 -22.84 25.11 45.05
C ASN C 873 -22.29 24.16 43.99
N LEU C 874 -23.00 23.05 43.76
CA LEU C 874 -22.63 22.06 42.76
C LEU C 874 -23.76 21.81 41.77
N THR C 875 -24.72 22.73 41.67
CA THR C 875 -25.91 22.55 40.84
C THR C 875 -25.60 22.53 39.35
N LEU C 876 -24.38 22.89 38.94
CA LEU C 876 -23.96 22.65 37.57
C LEU C 876 -23.96 21.16 37.26
N LEU C 877 -23.52 20.34 38.21
CA LEU C 877 -23.51 18.90 38.05
C LEU C 877 -24.86 18.26 38.36
N GLU C 878 -25.84 19.03 38.82
CA GLU C 878 -27.15 18.47 39.15
C GLU C 878 -27.90 18.10 37.88
N PRO C 879 -28.39 16.87 37.78
CA PRO C 879 -29.14 16.45 36.58
C PRO C 879 -30.56 17.01 36.59
N VAL C 880 -30.83 17.92 35.67
CA VAL C 880 -32.17 18.49 35.51
C VAL C 880 -32.36 18.96 34.07
N ALA C 889 -32.76 12.96 32.89
CA ALA C 889 -32.07 13.62 31.78
C ALA C 889 -30.66 14.03 32.17
N ARG C 890 -30.05 14.87 31.35
CA ARG C 890 -28.67 15.30 31.55
C ARG C 890 -28.59 16.35 32.66
N SER C 891 -27.37 16.82 32.91
CA SER C 891 -27.12 17.91 33.83
C SER C 891 -26.85 19.20 33.07
N ALA C 892 -26.74 20.30 33.82
CA ALA C 892 -26.52 21.61 33.22
C ALA C 892 -25.15 21.70 32.56
N ILE C 893 -24.11 21.18 33.22
CA ILE C 893 -22.77 21.27 32.66
C ILE C 893 -22.64 20.38 31.43
N GLU C 894 -23.31 19.22 31.43
CA GLU C 894 -23.29 18.34 30.27
C GLU C 894 -24.02 18.96 29.09
N ASP C 895 -25.16 19.61 29.35
CA ASP C 895 -25.89 20.28 28.28
C ASP C 895 -25.10 21.47 27.74
N LEU C 896 -24.40 22.19 28.62
CA LEU C 896 -23.54 23.28 28.17
C LEU C 896 -22.39 22.77 27.31
N LEU C 897 -21.80 21.64 27.70
CA LEU C 897 -20.71 21.06 26.93
C LEU C 897 -21.20 20.57 25.57
N PHE C 898 -22.37 19.94 25.53
CA PHE C 898 -22.90 19.46 24.26
C PHE C 898 -23.36 20.61 23.38
N ASP C 899 -23.78 21.72 23.98
CA ASP C 899 -24.21 22.88 23.19
C ASP C 899 -23.01 23.60 22.59
N LYS C 900 -21.95 23.78 23.35
CA LYS C 900 -20.80 24.55 22.90
C LYS C 900 -19.90 23.80 21.92
N VAL C 901 -20.10 22.49 21.76
CA VAL C 901 -19.34 21.69 20.81
C VAL C 901 -20.19 21.48 19.58
N THR C 902 -19.60 21.67 18.40
CA THR C 902 -20.30 21.49 17.13
C THR C 902 -20.64 20.01 16.97
N ILE C 903 -21.91 19.67 17.19
CA ILE C 903 -22.38 18.30 17.19
C ILE C 903 -23.60 18.20 16.28
N ALA C 904 -23.59 17.23 15.36
CA ALA C 904 -24.71 16.96 14.48
C ALA C 904 -25.38 15.65 14.91
N ASP C 905 -26.68 15.71 15.15
CA ASP C 905 -27.43 14.50 15.49
C ASP C 905 -27.54 13.61 14.26
N PRO C 906 -27.14 12.35 14.33
CA PRO C 906 -27.11 11.51 13.12
C PRO C 906 -28.44 10.90 12.75
N GLY C 907 -29.53 11.66 12.90
CA GLY C 907 -30.83 11.26 12.35
C GLY C 907 -31.37 9.94 12.82
N TYR C 908 -31.27 9.65 14.13
CA TYR C 908 -31.70 8.35 14.63
C TYR C 908 -33.20 8.16 14.66
N MET C 909 -33.99 9.23 14.52
CA MET C 909 -35.45 9.11 14.47
C MET C 909 -35.98 9.22 13.06
N GLN C 910 -35.64 10.31 12.36
CA GLN C 910 -36.17 10.55 11.01
C GLN C 910 -35.04 11.00 10.09
N GLY C 911 -33.89 10.32 10.15
CA GLY C 911 -32.79 10.64 9.25
C GLY C 911 -33.10 10.33 7.80
N TYR C 912 -33.85 9.26 7.55
CA TYR C 912 -34.39 9.01 6.22
C TYR C 912 -35.32 10.14 5.80
N ASP C 913 -36.19 10.58 6.71
CA ASP C 913 -37.02 11.74 6.42
C ASP C 913 -36.20 13.02 6.35
N ASP C 914 -35.11 13.10 7.13
CA ASP C 914 -34.22 14.26 7.05
C ASP C 914 -33.59 14.37 5.67
N CYS C 915 -33.24 13.24 5.05
CA CYS C 915 -32.80 13.26 3.67
C CYS C 915 -33.96 13.36 2.68
N MET C 916 -35.18 13.07 3.13
CA MET C 916 -36.32 13.10 2.21
C MET C 916 -36.84 14.51 2.00
N GLN C 917 -37.32 15.17 3.06
CA GLN C 917 -38.01 16.46 2.88
C GLN C 917 -37.11 17.66 3.16
N GLN C 918 -36.41 17.70 4.30
CA GLN C 918 -35.53 18.83 4.61
C GLN C 918 -34.24 18.38 5.27
N LEU C 926 -24.79 17.94 5.82
CA LEU C 926 -23.61 17.09 5.75
C LEU C 926 -23.94 15.69 6.26
N ILE C 927 -24.86 15.63 7.23
CA ILE C 927 -25.28 14.34 7.80
C ILE C 927 -26.25 13.60 6.90
N CYS C 928 -26.77 14.25 5.85
CA CYS C 928 -27.53 13.52 4.84
C CYS C 928 -26.63 12.63 3.99
N ALA C 929 -25.33 12.91 3.94
CA ALA C 929 -24.42 12.12 3.13
C ALA C 929 -24.08 10.77 3.74
N GLN C 930 -24.45 10.52 5.00
CA GLN C 930 -24.10 9.24 5.60
C GLN C 930 -25.01 8.12 5.16
N TYR C 931 -26.10 8.44 4.47
CA TYR C 931 -26.98 7.44 3.86
C TYR C 931 -26.72 7.23 2.38
N VAL C 932 -26.52 8.32 1.62
CA VAL C 932 -26.43 8.21 0.17
C VAL C 932 -25.07 7.64 -0.25
N ALA C 933 -24.04 7.81 0.56
CA ALA C 933 -22.71 7.38 0.19
C ALA C 933 -22.46 5.90 0.44
N GLY C 934 -23.40 5.20 1.06
CA GLY C 934 -23.29 3.75 1.18
C GLY C 934 -22.55 3.25 2.41
N TYR C 935 -22.91 3.77 3.58
CA TYR C 935 -22.44 3.23 4.86
C TYR C 935 -23.48 3.60 5.91
N LYS C 936 -23.16 3.36 7.18
CA LYS C 936 -24.03 3.80 8.25
C LYS C 936 -23.23 3.92 9.54
N VAL C 937 -23.79 4.69 10.48
CA VAL C 937 -23.23 4.89 11.80
C VAL C 937 -24.11 4.15 12.79
N LEU C 938 -23.53 3.20 13.51
CA LEU C 938 -24.30 2.42 14.47
C LEU C 938 -24.73 3.28 15.65
N PRO C 939 -25.91 3.01 16.21
CA PRO C 939 -26.29 3.69 17.44
C PRO C 939 -25.40 3.25 18.59
N PRO C 940 -25.18 4.12 19.58
CA PRO C 940 -24.37 3.71 20.73
C PRO C 940 -25.06 2.67 21.58
N LEU C 941 -24.25 1.99 22.40
CA LEU C 941 -24.75 0.88 23.21
C LEU C 941 -25.71 1.35 24.30
N MET C 942 -25.63 2.61 24.70
CA MET C 942 -26.47 3.13 25.77
C MET C 942 -27.33 4.27 25.24
N ASP C 943 -28.46 4.56 25.83
CA ASP C 943 -29.17 5.72 25.33
C ASP C 943 -28.57 6.81 26.02
N VAL C 944 -28.80 7.99 25.54
CA VAL C 944 -28.34 9.11 26.28
C VAL C 944 -28.93 9.02 27.66
N ASN C 945 -30.20 8.77 27.76
CA ASN C 945 -30.79 8.76 29.05
C ASN C 945 -30.12 7.87 30.02
N MET C 946 -29.53 6.78 29.60
CA MET C 946 -28.97 5.95 30.63
C MET C 946 -27.59 6.31 30.96
N GLU C 947 -26.92 7.01 30.08
CA GLU C 947 -25.57 7.28 30.34
C GLU C 947 -25.75 8.08 31.48
N ALA C 948 -26.69 8.95 31.39
CA ALA C 948 -26.81 9.83 32.45
C ALA C 948 -27.00 9.23 33.77
N ALA C 949 -27.75 8.19 33.87
CA ALA C 949 -28.00 7.75 35.21
C ALA C 949 -26.70 7.44 35.78
N TYR C 950 -25.97 6.77 35.00
CA TYR C 950 -24.65 6.32 35.46
C TYR C 950 -23.86 7.46 36.09
N THR C 951 -23.86 8.64 35.46
CA THR C 951 -23.17 9.79 36.02
C THR C 951 -23.88 10.30 37.27
N SER C 952 -25.21 10.19 37.33
CA SER C 952 -25.92 10.55 38.55
C SER C 952 -25.53 9.64 39.70
N SER C 953 -25.41 8.34 39.44
CA SER C 953 -24.96 7.40 40.47
C SER C 953 -23.53 7.70 40.90
N LEU C 954 -22.66 8.04 39.95
CA LEU C 954 -21.29 8.38 40.30
C LEU C 954 -21.22 9.64 41.14
N LEU C 955 -22.03 10.64 40.80
CA LEU C 955 -22.08 11.87 41.59
C LEU C 955 -22.66 11.62 42.98
N GLY C 956 -23.59 10.68 43.09
CA GLY C 956 -24.10 10.31 44.40
C GLY C 956 -23.12 9.49 45.23
N SER C 957 -22.20 8.77 44.57
CA SER C 957 -21.30 7.88 45.27
C SER C 957 -19.93 8.48 45.59
N ILE C 958 -19.53 9.57 44.89
CA ILE C 958 -18.22 10.15 45.16
C ILE C 958 -18.15 10.74 46.56
N ALA C 959 -19.26 11.29 47.06
CA ALA C 959 -19.27 11.85 48.40
C ALA C 959 -19.18 10.78 49.47
N GLY C 960 -19.48 9.53 49.14
CA GLY C 960 -19.54 8.49 50.14
C GLY C 960 -18.41 7.48 50.14
N VAL C 961 -17.97 7.08 48.94
CA VAL C 961 -16.93 6.04 48.85
C VAL C 961 -15.61 6.56 49.39
N GLY C 962 -15.27 7.80 49.08
CA GLY C 962 -14.01 8.38 49.51
C GLY C 962 -13.95 8.80 50.96
N TRP C 963 -14.23 7.87 51.87
CA TRP C 963 -14.09 8.13 53.30
C TRP C 963 -13.25 7.09 54.01
N THR C 964 -13.36 5.82 53.61
CA THR C 964 -12.56 4.74 54.18
C THR C 964 -12.26 3.74 53.07
N ALA C 965 -11.08 3.14 53.14
CA ALA C 965 -10.68 2.16 52.14
C ALA C 965 -11.57 0.92 52.19
N GLY C 966 -11.81 0.33 51.03
CA GLY C 966 -12.72 -0.80 50.92
C GLY C 966 -14.02 -0.40 50.26
N LEU C 967 -14.37 -1.05 49.16
CA LEU C 967 -15.57 -0.73 48.40
C LEU C 967 -16.81 -1.41 48.95
N SER C 968 -16.68 -2.22 50.01
CA SER C 968 -17.80 -3.02 50.48
C SER C 968 -18.89 -2.15 51.11
N SER C 969 -18.51 -1.22 51.97
CA SER C 969 -19.48 -0.39 52.65
C SER C 969 -19.78 0.87 51.85
N PHE C 970 -20.83 1.57 52.24
CA PHE C 970 -21.14 2.87 51.68
C PHE C 970 -21.44 3.86 52.79
N ALA C 971 -20.91 5.07 52.65
CA ALA C 971 -20.89 6.08 53.70
C ALA C 971 -21.26 7.45 53.13
N ALA C 972 -22.42 7.53 52.47
CA ALA C 972 -22.78 8.73 51.72
C ALA C 972 -23.06 9.94 52.61
N ILE C 973 -21.98 10.50 53.17
CA ILE C 973 -21.98 11.73 53.96
C ILE C 973 -22.38 12.87 53.04
N PRO C 974 -23.03 13.93 53.54
CA PRO C 974 -23.19 15.15 52.75
C PRO C 974 -21.85 15.71 52.28
N PHE C 975 -21.89 16.41 51.15
CA PHE C 975 -20.68 16.73 50.39
C PHE C 975 -19.72 17.63 51.17
N ALA C 976 -20.26 18.55 51.99
CA ALA C 976 -19.42 19.51 52.70
C ALA C 976 -18.48 18.82 53.67
N GLN C 977 -18.97 17.86 54.43
CA GLN C 977 -18.10 17.16 55.35
C GLN C 977 -17.16 16.21 54.63
N SER C 978 -17.52 15.72 53.44
CA SER C 978 -16.58 14.96 52.63
C SER C 978 -15.42 15.84 52.20
N ILE C 979 -15.70 17.07 51.77
CA ILE C 979 -14.63 18.02 51.43
C ILE C 979 -13.77 18.32 52.65
N PHE C 980 -14.41 18.48 53.82
CA PHE C 980 -13.65 18.77 55.04
C PHE C 980 -12.72 17.61 55.40
N TYR C 981 -13.21 16.37 55.29
CA TYR C 981 -12.39 15.21 55.58
C TYR C 981 -11.25 15.06 54.58
N ARG C 982 -11.51 15.32 53.29
CA ARG C 982 -10.45 15.22 52.30
C ARG C 982 -9.39 16.31 52.52
N LEU C 983 -9.82 17.52 52.88
CA LEU C 983 -8.87 18.59 53.16
C LEU C 983 -8.06 18.29 54.42
N ASN C 984 -8.66 17.64 55.41
CA ASN C 984 -7.90 17.14 56.54
C ASN C 984 -6.88 16.08 56.11
N GLY C 985 -7.29 15.22 55.17
CA GLY C 985 -6.42 14.14 54.73
C GLY C 985 -5.26 14.58 53.87
N VAL C 986 -5.37 15.72 53.18
CA VAL C 986 -4.29 16.12 52.28
C VAL C 986 -3.26 16.99 53.00
N GLY C 987 -3.33 17.05 54.32
CA GLY C 987 -2.29 17.70 55.10
C GLY C 987 -2.60 19.12 55.55
N ILE C 988 -3.85 19.37 55.91
CA ILE C 988 -4.26 20.64 56.49
C ILE C 988 -4.86 20.36 57.86
N THR C 989 -4.50 21.16 58.85
CA THR C 989 -4.95 20.92 60.21
C THR C 989 -6.45 21.19 60.36
N GLN C 990 -7.04 20.57 61.37
CA GLN C 990 -8.48 20.67 61.60
C GLN C 990 -8.88 22.03 62.17
N GLN C 991 -7.93 22.78 62.73
CA GLN C 991 -8.27 24.07 63.33
C GLN C 991 -8.71 25.07 62.28
N VAL C 992 -7.93 25.22 61.21
CA VAL C 992 -8.25 26.19 60.17
C VAL C 992 -9.50 25.76 59.40
N LEU C 993 -9.71 24.45 59.24
CA LEU C 993 -10.95 23.96 58.65
C LEU C 993 -12.14 24.29 59.56
N SER C 994 -11.96 24.17 60.87
CA SER C 994 -13.02 24.43 61.82
C SER C 994 -13.34 25.92 61.95
N GLU C 995 -12.40 26.80 61.66
CA GLU C 995 -12.65 28.23 61.82
C GLU C 995 -12.91 28.97 60.52
N ASN C 996 -12.63 28.37 59.37
CA ASN C 996 -12.64 29.11 58.11
C ASN C 996 -13.45 28.37 57.05
N GLN C 997 -14.66 27.95 57.41
CA GLN C 997 -15.52 27.26 56.45
C GLN C 997 -16.06 28.20 55.38
N LYS C 998 -16.35 29.45 55.75
CA LYS C 998 -17.02 30.36 54.82
C LYS C 998 -16.12 30.76 53.67
N LEU C 999 -14.85 31.09 53.96
CA LEU C 999 -13.95 31.54 52.90
C LEU C 999 -13.58 30.39 51.97
N ILE C 1000 -13.38 29.19 52.50
CA ILE C 1000 -13.09 28.07 51.61
C ILE C 1000 -14.32 27.66 50.81
N ALA C 1001 -15.52 27.85 51.38
CA ALA C 1001 -16.74 27.61 50.62
C ALA C 1001 -16.88 28.61 49.48
N ASN C 1002 -16.57 29.89 49.75
CA ASN C 1002 -16.61 30.89 48.69
C ASN C 1002 -15.56 30.62 47.62
N LYS C 1003 -14.37 30.17 48.04
CA LYS C 1003 -13.32 29.85 47.07
C LYS C 1003 -13.70 28.66 46.19
N PHE C 1004 -14.30 27.63 46.80
CA PHE C 1004 -14.77 26.48 46.02
C PHE C 1004 -15.88 26.88 45.06
N ASN C 1005 -16.82 27.71 45.51
CA ASN C 1005 -17.90 28.15 44.65
C ASN C 1005 -17.38 28.99 43.49
N GLN C 1006 -16.43 29.89 43.77
CA GLN C 1006 -15.83 30.70 42.71
C GLN C 1006 -15.05 29.84 41.73
N ALA C 1007 -14.34 28.83 42.23
CA ALA C 1007 -13.60 27.94 41.35
C ALA C 1007 -14.53 27.14 40.44
N LEU C 1008 -15.65 26.67 40.97
CA LEU C 1008 -16.62 25.97 40.13
C LEU C 1008 -17.27 26.89 39.13
N GLY C 1009 -17.61 28.12 39.54
CA GLY C 1009 -18.25 29.04 38.63
C GLY C 1009 -17.35 29.65 37.59
N ALA C 1010 -16.03 29.63 37.82
CA ALA C 1010 -15.10 30.22 36.87
C ALA C 1010 -15.07 29.45 35.55
N MET C 1011 -15.09 28.12 35.62
CA MET C 1011 -14.98 27.31 34.41
C MET C 1011 -16.28 27.23 33.63
N GLN C 1012 -17.39 27.72 34.18
CA GLN C 1012 -18.66 27.69 33.45
C GLN C 1012 -18.59 28.58 32.20
N THR C 1013 -18.03 29.77 32.33
CA THR C 1013 -17.84 30.67 31.20
C THR C 1013 -16.53 30.44 30.48
N GLY C 1014 -15.67 29.56 30.99
CA GLY C 1014 -14.40 29.29 30.37
C GLY C 1014 -14.43 28.31 29.22
N PHE C 1015 -15.61 27.79 28.87
CA PHE C 1015 -15.70 26.82 27.80
C PHE C 1015 -15.51 27.50 26.44
N THR C 1016 -14.26 27.62 26.02
CA THR C 1016 -13.92 28.29 24.77
C THR C 1016 -12.65 27.63 24.23
N THR C 1017 -11.98 28.31 23.29
CA THR C 1017 -10.76 27.77 22.70
C THR C 1017 -9.62 27.68 23.70
N THR C 1018 -9.64 28.53 24.74
CA THR C 1018 -8.56 28.56 25.71
C THR C 1018 -8.48 27.30 26.56
N ASN C 1019 -9.56 26.54 26.67
CA ASN C 1019 -9.55 25.31 27.45
C ASN C 1019 -8.93 24.18 26.63
N GLU C 1020 -7.96 23.48 27.22
CA GLU C 1020 -7.27 22.43 26.49
C GLU C 1020 -8.15 21.20 26.31
N ALA C 1021 -8.96 20.87 27.31
CA ALA C 1021 -9.85 19.72 27.20
C ALA C 1021 -10.95 19.98 26.19
N PHE C 1022 -11.45 21.21 26.12
CA PHE C 1022 -12.42 21.57 25.10
C PHE C 1022 -11.80 21.45 23.71
N GLN C 1023 -10.54 21.88 23.57
CA GLN C 1023 -9.84 21.73 22.30
C GLN C 1023 -9.66 20.26 21.93
N LYS C 1024 -9.39 19.41 22.93
CA LYS C 1024 -9.23 17.99 22.65
C LYS C 1024 -10.56 17.34 22.26
N VAL C 1025 -11.66 17.79 22.88
CA VAL C 1025 -12.98 17.29 22.52
C VAL C 1025 -13.31 17.69 21.08
N GLN C 1026 -13.04 18.95 20.73
CA GLN C 1026 -13.26 19.41 19.38
C GLN C 1026 -12.38 18.68 18.38
N ASP C 1027 -11.13 18.38 18.77
CA ASP C 1027 -10.23 17.64 17.90
C ASP C 1027 -10.71 16.21 17.68
N ALA C 1028 -11.24 15.56 18.73
CA ALA C 1028 -11.77 14.21 18.56
C ALA C 1028 -13.02 14.21 17.68
N VAL C 1029 -13.89 15.20 17.86
CA VAL C 1029 -15.09 15.31 17.03
C VAL C 1029 -14.70 15.58 15.58
N ASN C 1030 -13.71 16.44 15.37
CA ASN C 1030 -13.22 16.70 14.02
C ASN C 1030 -12.51 15.47 13.43
N ASN C 1031 -11.88 14.65 14.27
CA ASN C 1031 -11.28 13.40 13.79
C ASN C 1031 -12.35 12.44 13.29
N ASN C 1032 -13.44 12.30 14.04
CA ASN C 1032 -14.55 11.47 13.60
C ASN C 1032 -15.19 12.04 12.33
N ALA C 1033 -15.33 13.37 12.28
CA ALA C 1033 -15.90 14.02 11.11
C ALA C 1033 -15.04 13.81 9.87
N GLN C 1034 -13.71 13.88 10.04
CA GLN C 1034 -12.81 13.63 8.91
C GLN C 1034 -12.83 12.17 8.49
N ALA C 1035 -12.93 11.25 9.46
CA ALA C 1035 -13.00 9.83 9.14
C ALA C 1035 -14.25 9.50 8.34
N LEU C 1036 -15.39 10.10 8.71
CA LEU C 1036 -16.60 9.89 7.90
C LEU C 1036 -16.54 10.66 6.59
N SER C 1037 -15.89 11.83 6.59
CA SER C 1037 -15.79 12.65 5.39
C SER C 1037 -14.90 12.02 4.34
N LYS C 1038 -13.97 11.14 4.73
CA LYS C 1038 -13.26 10.32 3.75
C LYS C 1038 -14.25 9.52 2.91
N LEU C 1039 -15.04 8.67 3.57
CA LEU C 1039 -15.99 7.80 2.87
C LEU C 1039 -17.04 8.61 2.13
N ALA C 1040 -17.36 9.81 2.63
CA ALA C 1040 -18.29 10.68 1.91
C ALA C 1040 -17.61 11.45 0.78
N SER C 1041 -16.28 11.52 0.75
CA SER C 1041 -15.57 12.38 -0.17
C SER C 1041 -14.94 11.67 -1.35
N GLU C 1042 -14.09 10.66 -1.14
CA GLU C 1042 -13.37 10.09 -2.28
C GLU C 1042 -14.18 9.04 -3.05
N LEU C 1043 -15.51 9.07 -2.95
CA LEU C 1043 -16.31 8.50 -4.03
C LEU C 1043 -16.12 9.26 -5.32
N SER C 1044 -16.01 10.59 -5.24
CA SER C 1044 -15.79 11.41 -6.42
C SER C 1044 -14.40 11.23 -7.02
N ASN C 1045 -13.47 10.65 -6.29
CA ASN C 1045 -12.15 10.36 -6.84
C ASN C 1045 -12.26 9.26 -7.90
N THR C 1046 -11.52 9.44 -9.00
CA THR C 1046 -11.62 8.53 -10.13
C THR C 1046 -10.51 7.49 -10.17
N PHE C 1047 -9.36 7.78 -9.55
CA PHE C 1047 -8.19 6.88 -9.52
C PHE C 1047 -7.73 6.51 -10.93
N GLY C 1048 -7.76 7.48 -11.84
CA GLY C 1048 -7.34 7.28 -13.20
C GLY C 1048 -8.48 7.05 -14.19
N ALA C 1049 -9.68 6.77 -13.69
CA ALA C 1049 -10.82 6.59 -14.58
C ALA C 1049 -11.24 7.93 -15.17
N ILE C 1050 -11.97 7.87 -16.30
CA ILE C 1050 -12.43 9.08 -16.96
C ILE C 1050 -13.73 9.61 -16.38
N SER C 1051 -14.34 8.90 -15.44
CA SER C 1051 -15.55 9.37 -14.80
C SER C 1051 -15.65 8.77 -13.41
N ALA C 1052 -16.42 9.42 -12.55
CA ALA C 1052 -16.64 8.95 -11.18
C ALA C 1052 -17.99 8.29 -11.00
N SER C 1053 -18.72 8.04 -12.08
CA SER C 1053 -20.03 7.41 -12.02
C SER C 1053 -19.98 6.09 -12.78
N ILE C 1054 -20.43 5.02 -12.12
CA ILE C 1054 -20.46 3.70 -12.76
C ILE C 1054 -21.47 3.67 -13.90
N GLY C 1055 -22.64 4.28 -13.69
CA GLY C 1055 -23.65 4.31 -14.74
C GLY C 1055 -23.22 5.08 -15.97
N ASP C 1056 -22.54 6.21 -15.76
CA ASP C 1056 -22.02 6.97 -16.90
C ASP C 1056 -20.91 6.20 -17.62
N ILE C 1057 -20.11 5.44 -16.88
CA ILE C 1057 -19.05 4.63 -17.49
C ILE C 1057 -19.66 3.53 -18.36
N ILE C 1058 -20.65 2.82 -17.83
CA ILE C 1058 -21.26 1.75 -18.62
C ILE C 1058 -22.17 2.31 -19.71
N GLN C 1059 -22.58 3.58 -19.60
CA GLN C 1059 -23.38 4.19 -20.66
C GLN C 1059 -22.52 4.76 -21.77
N ARG C 1060 -21.28 5.12 -21.49
CA ARG C 1060 -20.45 5.83 -22.46
C ARG C 1060 -19.34 4.99 -23.09
N LEU C 1061 -19.05 3.81 -22.57
CA LEU C 1061 -17.83 3.11 -22.94
C LEU C 1061 -18.12 1.73 -23.53
N ASP C 1062 -17.21 1.27 -24.38
CA ASP C 1062 -17.27 -0.09 -24.92
C ASP C 1062 -16.93 -1.08 -23.81
N PRO C 1063 -17.48 -2.30 -23.89
CA PRO C 1063 -17.28 -3.27 -22.79
C PRO C 1063 -15.82 -3.68 -22.58
N PRO C 1064 -14.98 -3.81 -23.65
CA PRO C 1064 -13.54 -4.00 -23.38
C PRO C 1064 -12.89 -2.90 -22.55
N GLU C 1065 -13.28 -1.65 -22.76
CA GLU C 1065 -12.67 -0.54 -22.05
C GLU C 1065 -13.46 -0.15 -20.80
N GLN C 1066 -14.78 -0.36 -20.78
CA GLN C 1066 -15.51 -0.14 -19.53
C GLN C 1066 -15.14 -1.19 -18.50
N ASP C 1067 -14.72 -2.39 -18.93
CA ASP C 1067 -14.22 -3.37 -17.98
C ASP C 1067 -12.96 -2.85 -17.28
N ALA C 1068 -12.04 -2.28 -18.04
CA ALA C 1068 -10.81 -1.74 -17.45
C ALA C 1068 -11.11 -0.54 -16.55
N GLN C 1069 -12.03 0.34 -16.98
CA GLN C 1069 -12.39 1.50 -16.17
C GLN C 1069 -13.02 1.07 -14.85
N ILE C 1070 -13.94 0.11 -14.88
CA ILE C 1070 -14.57 -0.36 -13.66
C ILE C 1070 -13.56 -1.09 -12.78
N ASP C 1071 -12.63 -1.84 -13.38
CA ASP C 1071 -11.59 -2.49 -12.58
C ASP C 1071 -10.71 -1.47 -11.86
N ARG C 1072 -10.37 -0.38 -12.53
CA ARG C 1072 -9.61 0.68 -11.87
C ARG C 1072 -10.40 1.31 -10.74
N LEU C 1073 -11.70 1.56 -10.95
CA LEU C 1073 -12.54 2.13 -9.91
C LEU C 1073 -12.66 1.20 -8.71
N ILE C 1074 -12.88 -0.10 -8.96
CA ILE C 1074 -12.99 -1.09 -7.89
C ILE C 1074 -11.69 -1.18 -7.12
N ASN C 1075 -10.56 -1.20 -7.82
CA ASN C 1075 -9.26 -1.29 -7.15
C ASN C 1075 -8.99 -0.07 -6.28
N GLY C 1076 -9.29 1.12 -6.78
CA GLY C 1076 -9.10 2.32 -5.98
C GLY C 1076 -9.99 2.37 -4.75
N ARG C 1077 -11.27 2.05 -4.93
CA ARG C 1077 -12.20 2.06 -3.80
C ARG C 1077 -11.85 0.99 -2.77
N LEU C 1078 -11.40 -0.18 -3.22
CA LEU C 1078 -11.04 -1.24 -2.28
C LEU C 1078 -9.76 -0.90 -1.54
N THR C 1079 -8.80 -0.27 -2.21
CA THR C 1079 -7.59 0.18 -1.51
C THR C 1079 -7.93 1.24 -0.47
N THR C 1080 -8.81 2.17 -0.82
CA THR C 1080 -9.24 3.18 0.13
C THR C 1080 -9.97 2.57 1.32
N LEU C 1081 -10.83 1.57 1.05
CA LEU C 1081 -11.55 0.91 2.13
C LEU C 1081 -10.62 0.13 3.04
N ASN C 1082 -9.59 -0.52 2.48
CA ASN C 1082 -8.63 -1.23 3.30
C ASN C 1082 -7.83 -0.27 4.16
N ALA C 1083 -7.45 0.89 3.61
CA ALA C 1083 -6.78 1.90 4.40
C ALA C 1083 -7.67 2.41 5.54
N PHE C 1084 -8.96 2.60 5.24
CA PHE C 1084 -9.91 3.03 6.26
C PHE C 1084 -10.08 1.98 7.34
N VAL C 1085 -10.09 0.70 6.95
CA VAL C 1085 -10.19 -0.39 7.91
C VAL C 1085 -8.98 -0.42 8.83
N ALA C 1086 -7.78 -0.24 8.25
CA ALA C 1086 -6.57 -0.20 9.07
C ALA C 1086 -6.58 0.99 10.04
N GLN C 1087 -7.02 2.16 9.56
CA GLN C 1087 -7.11 3.33 10.42
C GLN C 1087 -8.15 3.12 11.52
N GLN C 1088 -9.26 2.47 11.19
CA GLN C 1088 -10.29 2.18 12.19
C GLN C 1088 -9.78 1.21 13.24
N LEU C 1089 -8.99 0.21 12.82
CA LEU C 1089 -8.41 -0.72 13.79
C LEU C 1089 -7.42 -0.02 14.72
N VAL C 1090 -6.59 0.86 14.16
CA VAL C 1090 -5.64 1.61 14.98
C VAL C 1090 -6.37 2.51 15.97
N ARG C 1091 -7.40 3.22 15.50
CA ARG C 1091 -8.17 4.08 16.39
C ARG C 1091 -8.94 3.28 17.42
N SER C 1092 -9.41 2.09 17.09
CA SER C 1092 -10.11 1.25 18.06
C SER C 1092 -9.16 0.74 19.13
N GLU C 1093 -7.93 0.37 18.76
CA GLU C 1093 -6.94 -0.03 19.75
C GLU C 1093 -6.57 1.14 20.66
N SER C 1094 -6.41 2.34 20.09
CA SER C 1094 -6.15 3.52 20.89
C SER C 1094 -7.32 3.83 21.82
N ALA C 1095 -8.54 3.64 21.33
CA ALA C 1095 -9.73 3.85 22.15
C ALA C 1095 -9.81 2.85 23.30
N ALA C 1096 -9.44 1.60 23.04
CA ALA C 1096 -9.44 0.59 24.09
C ALA C 1096 -8.40 0.92 25.16
N LEU C 1097 -7.20 1.34 24.75
CA LEU C 1097 -6.17 1.71 25.71
C LEU C 1097 -6.60 2.93 26.52
N SER C 1098 -7.20 3.93 25.85
CA SER C 1098 -7.68 5.10 26.57
C SER C 1098 -8.85 4.77 27.48
N ALA C 1099 -9.68 3.81 27.11
CA ALA C 1099 -10.78 3.39 27.98
C ALA C 1099 -10.25 2.69 29.22
N GLN C 1100 -9.20 1.88 29.06
CA GLN C 1100 -8.55 1.27 30.22
C GLN C 1100 -7.94 2.34 31.13
N LEU C 1101 -7.32 3.36 30.52
CA LEU C 1101 -6.78 4.47 31.31
C LEU C 1101 -7.88 5.23 32.04
N ALA C 1102 -9.03 5.44 31.38
CA ALA C 1102 -10.16 6.11 32.00
C ALA C 1102 -10.72 5.31 33.15
N LYS C 1103 -10.81 3.99 32.98
CA LYS C 1103 -11.26 3.11 34.06
C LYS C 1103 -10.31 3.17 35.24
N ASP C 1104 -9.00 3.20 34.97
CA ASP C 1104 -8.01 3.33 36.03
C ASP C 1104 -8.16 4.66 36.76
N LYS C 1105 -8.36 5.75 36.02
CA LYS C 1105 -8.49 7.08 36.63
C LYS C 1105 -9.75 7.18 37.47
N VAL C 1106 -10.87 6.68 36.97
CA VAL C 1106 -12.13 6.77 37.70
C VAL C 1106 -12.17 5.78 38.86
N ASN C 1107 -11.34 4.73 38.82
CA ASN C 1107 -11.24 3.82 39.95
C ASN C 1107 -10.26 4.31 41.00
N GLU C 1108 -9.28 5.13 40.62
CA GLU C 1108 -8.29 5.60 41.58
C GLU C 1108 -8.65 6.95 42.18
N CYS C 1109 -8.79 7.99 41.35
CA CYS C 1109 -8.89 9.35 41.84
C CYS C 1109 -10.27 9.97 41.59
N VAL C 1110 -11.31 9.16 41.55
CA VAL C 1110 -12.69 9.63 41.50
C VAL C 1110 -13.50 9.08 42.66
N LYS C 1111 -13.50 7.76 42.83
CA LYS C 1111 -14.12 7.15 43.99
C LYS C 1111 -13.27 7.31 45.25
N ALA C 1112 -12.01 7.70 45.12
CA ALA C 1112 -11.13 7.90 46.24
C ALA C 1112 -10.22 9.10 45.95
N GLN C 1113 -9.44 9.50 46.95
CA GLN C 1113 -8.51 10.62 46.83
C GLN C 1113 -7.12 10.05 46.64
N SER C 1114 -6.63 10.06 45.40
CA SER C 1114 -5.32 9.49 45.11
C SER C 1114 -4.21 10.39 45.64
N LYS C 1115 -3.20 9.78 46.24
CA LYS C 1115 -2.05 10.50 46.75
C LYS C 1115 -0.91 10.57 45.73
N ARG C 1116 -1.12 10.05 44.52
CA ARG C 1116 -0.10 10.15 43.49
C ARG C 1116 0.04 11.61 43.04
N SER C 1117 1.29 12.05 42.92
CA SER C 1117 1.59 13.45 42.65
C SER C 1117 1.23 13.78 41.21
N GLY C 1118 0.09 14.43 41.01
CA GLY C 1118 -0.32 14.85 39.69
C GLY C 1118 -0.67 13.73 38.73
N PHE C 1119 -1.23 12.63 39.22
CA PHE C 1119 -1.70 11.59 38.32
C PHE C 1119 -2.89 12.06 37.49
N CYS C 1120 -3.83 12.75 38.13
CA CYS C 1120 -4.99 13.27 37.43
C CYS C 1120 -5.34 14.71 37.82
N GLY C 1121 -4.60 15.31 38.74
CA GLY C 1121 -4.82 16.70 39.09
C GLY C 1121 -3.54 17.40 39.47
N GLN C 1122 -3.25 18.53 38.83
CA GLN C 1122 -2.02 19.26 39.10
C GLN C 1122 -2.05 19.83 40.51
N GLY C 1123 -0.92 19.74 41.20
CA GLY C 1123 -0.90 20.02 42.61
C GLY C 1123 -1.51 18.86 43.39
N THR C 1124 -1.85 19.12 44.65
CA THR C 1124 -2.48 18.12 45.49
C THR C 1124 -3.93 17.96 45.04
N HIS C 1125 -4.27 16.77 44.55
CA HIS C 1125 -5.61 16.52 44.06
C HIS C 1125 -6.60 16.41 45.22
N ILE C 1126 -7.74 17.09 45.11
CA ILE C 1126 -8.73 17.05 46.17
C ILE C 1126 -9.90 16.17 45.76
N VAL C 1127 -10.66 16.57 44.73
CA VAL C 1127 -11.82 15.81 44.29
C VAL C 1127 -11.89 15.82 42.77
N SER C 1128 -12.79 14.98 42.24
CA SER C 1128 -12.97 14.85 40.81
C SER C 1128 -14.46 14.68 40.50
N PHE C 1129 -14.84 15.09 39.29
CA PHE C 1129 -16.18 14.90 38.78
C PHE C 1129 -16.10 14.37 37.36
N VAL C 1130 -17.02 13.47 37.03
CA VAL C 1130 -17.01 12.76 35.76
C VAL C 1130 -18.33 13.04 35.04
N VAL C 1131 -18.25 13.52 33.81
CA VAL C 1131 -19.41 13.72 32.95
C VAL C 1131 -19.12 13.12 31.58
N ASN C 1132 -20.16 13.03 30.77
CA ASN C 1132 -20.05 12.44 29.44
C ASN C 1132 -19.66 13.51 28.42
N ALA C 1133 -19.07 13.06 27.32
CA ALA C 1133 -18.67 13.90 26.22
C ALA C 1133 -19.07 13.19 24.93
N PRO C 1134 -19.41 13.94 23.86
CA PRO C 1134 -20.10 13.33 22.71
C PRO C 1134 -19.33 12.21 22.02
N ASN C 1135 -18.02 12.11 22.26
CA ASN C 1135 -17.28 10.94 21.86
C ASN C 1135 -16.65 10.19 23.02
N GLY C 1136 -16.42 10.83 24.15
CA GLY C 1136 -15.64 10.23 25.22
C GLY C 1136 -16.11 10.60 26.60
N LEU C 1137 -15.17 10.69 27.53
CA LEU C 1137 -15.47 10.91 28.94
C LEU C 1137 -14.70 12.12 29.43
N TYR C 1138 -15.40 13.06 30.05
CA TYR C 1138 -14.86 14.35 30.44
C TYR C 1138 -14.66 14.36 31.94
N PHE C 1139 -13.46 14.72 32.39
CA PHE C 1139 -13.10 14.78 33.79
C PHE C 1139 -12.86 16.23 34.17
N MET C 1140 -13.32 16.63 35.34
CA MET C 1140 -12.90 17.90 35.91
C MET C 1140 -12.41 17.65 37.33
N HIS C 1141 -11.18 18.06 37.60
CA HIS C 1141 -10.55 17.78 38.89
C HIS C 1141 -10.36 19.09 39.64
N VAL C 1142 -10.90 19.16 40.85
CA VAL C 1142 -10.63 20.28 41.74
C VAL C 1142 -9.42 19.91 42.57
N GLY C 1143 -8.35 20.71 42.44
CA GLY C 1143 -7.12 20.44 43.10
C GLY C 1143 -6.61 21.65 43.86
N TYR C 1144 -5.69 21.37 44.78
CA TYR C 1144 -5.14 22.39 45.65
C TYR C 1144 -4.03 23.16 44.94
N TYR C 1145 -4.01 24.48 45.12
CA TYR C 1145 -3.00 25.33 44.49
C TYR C 1145 -2.45 26.32 45.51
N PRO C 1146 -1.17 26.23 45.86
CA PRO C 1146 -0.62 27.14 46.87
C PRO C 1146 -0.20 28.47 46.28
N SER C 1147 0.01 29.43 47.18
CA SER C 1147 0.44 30.77 46.82
C SER C 1147 0.94 31.49 48.07
N ASN C 1148 1.81 32.48 47.84
CA ASN C 1148 2.40 33.32 48.88
C ASN C 1148 3.17 32.48 49.91
N HIS C 1149 4.23 31.84 49.43
CA HIS C 1149 5.09 31.05 50.30
C HIS C 1149 5.92 31.95 51.20
N ILE C 1150 6.23 31.44 52.40
CA ILE C 1150 7.10 32.12 53.33
C ILE C 1150 8.19 31.18 53.80
N GLU C 1151 9.27 31.76 54.29
CA GLU C 1151 10.47 31.05 54.71
C GLU C 1151 10.54 31.11 56.23
N VAL C 1152 10.68 29.95 56.87
CA VAL C 1152 10.62 29.82 58.31
C VAL C 1152 11.76 28.92 58.78
N VAL C 1153 11.89 28.80 60.10
CA VAL C 1153 12.92 27.98 60.73
C VAL C 1153 12.25 26.75 61.32
N SER C 1154 12.73 25.57 60.93
CA SER C 1154 12.11 24.32 61.33
C SER C 1154 13.16 23.32 61.79
N ALA C 1155 12.67 22.30 62.48
CA ALA C 1155 13.50 21.25 63.07
C ALA C 1155 13.04 19.87 62.63
N TYR C 1156 13.57 18.83 63.27
CA TYR C 1156 13.15 17.47 63.01
C TYR C 1156 12.32 16.86 64.13
N GLY C 1157 12.32 17.46 65.30
CA GLY C 1157 11.54 16.97 66.42
C GLY C 1157 12.16 17.39 67.74
N LEU C 1158 11.37 17.28 68.79
CA LEU C 1158 11.74 17.75 70.12
C LEU C 1158 12.09 16.57 71.02
N CYS C 1159 13.18 16.73 71.77
CA CYS C 1159 13.62 15.75 72.76
C CYS C 1159 13.90 16.45 74.07
N ASP C 1160 13.85 15.68 75.16
CA ASP C 1160 14.12 16.25 76.48
C ASP C 1160 15.63 16.28 76.73
N ALA C 1161 16.09 17.39 77.30
CA ALA C 1161 17.49 17.48 77.70
C ALA C 1161 17.79 16.53 78.86
N ALA C 1162 16.87 16.43 79.82
CA ALA C 1162 17.08 15.51 80.93
C ALA C 1162 16.84 14.06 80.52
N ASN C 1163 15.96 13.83 79.55
CA ASN C 1163 15.65 12.48 79.07
C ASN C 1163 15.84 12.46 77.56
N PRO C 1164 17.08 12.29 77.10
CA PRO C 1164 17.33 12.26 75.65
C PRO C 1164 16.74 11.05 74.94
N THR C 1165 16.38 10.00 75.68
CA THR C 1165 15.77 8.82 75.06
C THR C 1165 14.41 9.14 74.47
N ASN C 1166 13.59 9.90 75.18
CA ASN C 1166 12.25 10.23 74.71
C ASN C 1166 12.33 11.32 73.64
N CYS C 1167 11.81 11.03 72.46
CA CYS C 1167 11.85 11.97 71.36
C CYS C 1167 10.55 11.86 70.55
N ILE C 1168 10.05 13.01 70.12
CA ILE C 1168 8.82 13.07 69.32
C ILE C 1168 9.14 13.66 67.96
N ALA C 1169 8.26 13.38 67.01
CA ALA C 1169 8.41 13.75 65.61
C ALA C 1169 7.06 14.17 65.07
N PRO C 1170 7.02 15.10 64.12
CA PRO C 1170 5.73 15.59 63.62
C PRO C 1170 5.05 14.58 62.72
N VAL C 1171 3.72 14.59 62.75
CA VAL C 1171 2.90 13.69 61.95
C VAL C 1171 2.12 14.53 60.95
N ASN C 1172 2.36 14.28 59.66
CA ASN C 1172 1.72 14.99 58.55
C ASN C 1172 1.90 16.51 58.67
N GLY C 1173 3.10 16.92 59.04
CA GLY C 1173 3.38 18.34 59.21
C GLY C 1173 4.83 18.55 59.56
N TYR C 1174 5.11 19.71 60.15
CA TYR C 1174 6.47 20.08 60.52
C TYR C 1174 6.47 20.83 61.84
N PHE C 1175 7.62 20.82 62.49
CA PHE C 1175 7.83 21.59 63.71
C PHE C 1175 8.41 22.95 63.36
N ILE C 1176 7.66 24.00 63.65
CA ILE C 1176 8.01 25.35 63.22
C ILE C 1176 8.24 26.22 64.44
N LYS C 1177 9.29 27.04 64.39
CA LYS C 1177 9.61 27.97 65.47
C LYS C 1177 8.83 29.26 65.24
N THR C 1178 7.82 29.49 66.07
CA THR C 1178 7.00 30.69 65.96
C THR C 1178 6.67 31.20 67.35
N ASN C 1179 6.82 32.50 67.55
CA ASN C 1179 6.64 33.16 68.83
C ASN C 1179 5.20 33.63 68.99
N ASN C 1180 4.98 34.47 70.00
CA ASN C 1180 3.69 35.14 70.16
C ASN C 1180 3.66 36.42 69.34
N GLU C 1186 10.06 29.53 71.31
CA GLU C 1186 9.15 28.41 71.47
C GLU C 1186 8.95 27.68 70.15
N TRP C 1187 8.37 26.49 70.23
CA TRP C 1187 8.15 25.65 69.06
C TRP C 1187 6.66 25.44 68.83
N SER C 1188 6.31 25.21 67.56
CA SER C 1188 4.91 25.07 67.18
C SER C 1188 4.81 24.08 66.03
N TYR C 1189 3.58 23.63 65.77
CA TYR C 1189 3.28 22.70 64.71
C TYR C 1189 2.46 23.41 63.63
N THR C 1190 2.66 22.98 62.39
CA THR C 1190 1.89 23.51 61.27
C THR C 1190 1.55 22.37 60.32
N GLY C 1191 0.55 22.62 59.47
CA GLY C 1191 0.16 21.65 58.48
C GLY C 1191 1.13 21.58 57.31
N SER C 1192 0.97 20.54 56.51
CA SER C 1192 1.84 20.34 55.36
C SER C 1192 1.43 21.14 54.14
N SER C 1193 0.32 21.87 54.21
CA SER C 1193 -0.14 22.62 53.05
C SER C 1193 -0.66 24.01 53.40
N PHE C 1194 -0.50 24.46 54.64
CA PHE C 1194 -0.97 25.77 55.04
C PHE C 1194 -0.18 26.23 56.24
N TYR C 1195 0.15 27.52 56.26
CA TYR C 1195 0.88 28.11 57.38
C TYR C 1195 -0.11 28.36 58.51
N ALA C 1196 -0.27 27.37 59.38
CA ALA C 1196 -1.21 27.44 60.49
C ALA C 1196 -0.47 27.10 61.78
N PRO C 1197 0.18 28.07 62.40
CA PRO C 1197 0.82 27.82 63.70
C PRO C 1197 -0.21 27.54 64.78
N GLU C 1198 0.07 26.53 65.60
CA GLU C 1198 -0.85 26.12 66.65
C GLU C 1198 -0.06 25.32 67.68
N PRO C 1199 -0.45 25.39 68.96
CA PRO C 1199 0.39 24.77 70.01
C PRO C 1199 0.46 23.26 69.90
N ILE C 1200 1.64 22.72 70.21
CA ILE C 1200 1.92 21.31 69.96
C ILE C 1200 1.25 20.45 71.01
N THR C 1201 0.54 19.42 70.55
CA THR C 1201 -0.16 18.48 71.44
C THR C 1201 0.18 17.03 71.10
N SER C 1202 -0.51 16.09 71.73
CA SER C 1202 -0.23 14.67 71.53
C SER C 1202 -1.00 14.07 70.36
N LEU C 1203 -1.95 14.79 69.78
CA LEU C 1203 -2.78 14.25 68.72
C LEU C 1203 -2.18 14.43 67.34
N ASN C 1204 -0.98 14.99 67.25
CA ASN C 1204 -0.36 15.29 65.97
C ASN C 1204 1.14 14.95 65.93
N THR C 1205 1.63 14.14 66.85
CA THR C 1205 3.03 13.78 66.89
C THR C 1205 3.16 12.30 67.24
N LYS C 1206 4.31 11.72 66.89
CA LYS C 1206 4.58 10.32 67.19
C LYS C 1206 5.94 10.18 67.84
N TYR C 1207 6.07 9.18 68.70
CA TYR C 1207 7.35 8.94 69.36
C TYR C 1207 8.32 8.24 68.39
N VAL C 1208 9.61 8.50 68.59
CA VAL C 1208 10.63 8.06 67.65
C VAL C 1208 11.95 7.95 68.41
N ALA C 1209 12.83 7.08 67.90
CA ALA C 1209 14.14 6.88 68.50
C ALA C 1209 15.00 8.15 68.39
N PRO C 1210 15.79 8.46 69.41
CA PRO C 1210 16.62 9.66 69.37
C PRO C 1210 17.72 9.57 68.34
N GLN C 1211 18.05 10.72 67.76
CA GLN C 1211 19.20 10.86 66.88
C GLN C 1211 20.02 12.06 67.32
N VAL C 1212 21.10 12.31 66.60
CA VAL C 1212 21.98 13.42 66.94
C VAL C 1212 21.38 14.75 66.46
N THR C 1213 20.59 14.72 65.38
CA THR C 1213 20.20 15.96 64.71
C THR C 1213 18.96 16.62 65.30
N TYR C 1214 18.33 16.03 66.32
CA TYR C 1214 17.11 16.60 66.84
C TYR C 1214 17.40 17.80 67.74
N GLN C 1215 16.35 18.58 68.03
CA GLN C 1215 16.48 19.81 68.79
C GLN C 1215 15.90 19.67 70.18
N ASN C 1216 16.77 19.42 71.14
CA ASN C 1216 16.56 19.30 72.57
C ASN C 1216 16.00 20.62 73.11
N ILE C 1217 15.38 20.61 74.30
CA ILE C 1217 14.87 21.86 74.88
C ILE C 1217 14.79 21.71 76.40
N SER C 1218 15.02 22.82 77.14
CA SER C 1218 15.08 22.75 78.60
C SER C 1218 14.33 23.87 79.31
N THR C 1219 13.54 24.68 78.62
CA THR C 1219 12.84 25.77 79.30
C THR C 1219 11.32 25.74 79.13
N ASN C 1220 10.81 25.12 78.06
CA ASN C 1220 9.36 24.97 77.86
C ASN C 1220 9.15 23.61 77.20
N LEU C 1221 8.92 22.60 78.03
CA LEU C 1221 8.74 21.25 77.52
C LEU C 1221 7.34 21.10 76.95
N PRO C 1222 7.20 20.61 75.71
CA PRO C 1222 5.87 20.35 75.18
C PRO C 1222 5.20 19.22 75.96
N PRO C 1223 3.86 19.23 76.03
CA PRO C 1223 3.13 18.20 76.80
C PRO C 1223 3.36 16.78 76.31
N PRO C 1224 3.64 16.53 75.01
CA PRO C 1224 4.17 15.19 74.67
C PRO C 1224 5.46 14.84 75.38
N LEU C 1225 6.36 15.81 75.57
CA LEU C 1225 7.60 15.51 76.28
C LEU C 1225 7.38 15.36 77.78
N LEU C 1226 6.43 16.09 78.33
CA LEU C 1226 6.16 16.03 79.77
C LEU C 1226 5.47 14.73 80.14
C1 NAG D . 36.96 5.62 6.93
C2 NAG D . 37.39 6.90 7.64
C3 NAG D . 37.85 6.58 9.07
C4 NAG D . 36.82 5.73 9.82
C5 NAG D . 36.33 4.55 8.96
C6 NAG D . 35.15 3.82 9.56
C7 NAG D . 38.22 8.53 6.01
C8 NAG D . 39.44 9.10 5.35
N2 NAG D . 38.45 7.57 6.91
O3 NAG D . 38.07 7.79 9.78
O4 NAG D . 37.46 5.21 10.97
O5 NAG D . 35.92 5.00 7.66
O6 NAG D . 34.26 4.71 10.21
O7 NAG D . 37.09 8.90 5.73
C1 NAG D . 36.82 5.48 12.24
C2 NAG D . 37.31 4.42 13.22
C3 NAG D . 36.69 4.63 14.59
C4 NAG D . 36.93 6.05 15.08
C5 NAG D . 36.45 7.06 14.03
C6 NAG D . 36.78 8.49 14.40
C7 NAG D . 37.92 2.36 12.04
C8 NAG D . 37.46 0.99 11.60
N2 NAG D . 37.03 3.08 12.72
O3 NAG D . 37.25 3.70 15.51
O4 NAG D . 36.24 6.27 16.29
O5 NAG D . 37.09 6.80 12.77
O6 NAG D . 37.33 8.59 15.70
O7 NAG D . 39.05 2.77 11.78
C1 NAG E . 58.06 -8.59 -35.59
C2 NAG E . 57.67 -9.09 -37.00
C3 NAG E . 58.15 -8.09 -38.05
C4 NAG E . 57.58 -6.72 -37.71
C5 NAG E . 58.07 -6.30 -36.33
C6 NAG E . 57.60 -4.93 -35.87
C7 NAG E . 57.81 -11.19 -38.32
C8 NAG E . 58.51 -12.49 -38.48
N2 NAG E . 58.22 -10.42 -37.29
O3 NAG E . 57.78 -8.45 -39.37
O4 NAG E . 57.80 -5.77 -38.75
O5 NAG E . 57.55 -7.24 -35.40
O6 NAG E . 56.34 -5.03 -35.22
O7 NAG E . 56.92 -10.83 -39.09
C1 NAG E . 56.40 -5.52 -39.14
C2 NAG E . 56.32 -4.50 -40.26
C3 NAG E . 55.15 -4.83 -41.19
C4 NAG E . 53.95 -5.44 -40.45
C5 NAG E . 54.36 -6.61 -39.56
C6 NAG E . 53.80 -7.95 -40.03
C7 NAG E . 57.21 -2.44 -39.23
C8 NAG E . 56.87 -1.07 -38.72
N2 NAG E . 56.18 -3.15 -39.72
O3 NAG E . 55.59 -5.73 -42.21
O4 NAG E . 53.33 -4.47 -39.62
O5 NAG E . 55.78 -6.75 -39.56
O6 NAG E . 54.30 -9.01 -39.23
O7 NAG E . 58.35 -2.89 -39.21
C1 BMA E . 52.01 -4.46 -40.19
C2 BMA E . 50.96 -4.83 -39.11
C3 BMA E . 49.57 -4.76 -39.78
C4 BMA E . 49.36 -3.46 -40.64
C5 BMA E . 50.61 -3.19 -41.53
C6 BMA E . 50.59 -1.87 -42.27
O2 BMA E . 50.96 -3.90 -38.05
O3 BMA E . 48.54 -4.89 -38.81
O4 BMA E . 48.23 -3.62 -41.46
O5 BMA E . 51.74 -3.17 -40.69
O6 BMA E . 51.95 -1.46 -42.45
C1 MAN E . 52.40 -1.81 -43.78
C2 MAN E . 53.70 -2.65 -43.64
C3 MAN E . 54.89 -1.77 -43.24
C4 MAN E . 55.01 -0.54 -44.12
C5 MAN E . 53.68 0.23 -44.10
C6 MAN E . 53.68 1.42 -45.01
O2 MAN E . 54.07 -3.27 -44.88
O3 MAN E . 56.12 -2.48 -43.25
O4 MAN E . 56.05 0.30 -43.64
O5 MAN E . 52.62 -0.66 -44.56
O6 MAN E . 52.32 1.79 -45.25
C1 NAG F . 24.55 -34.55 24.21
C2 NAG F . 23.95 -35.92 24.00
C3 NAG F . 24.41 -36.86 25.10
C4 NAG F . 24.11 -36.32 26.49
C5 NAG F . 24.37 -34.81 26.67
C6 NAG F . 25.77 -34.50 27.17
C7 NAG F . 21.75 -36.75 23.31
C8 NAG F . 20.27 -36.53 23.37
N2 NAG F . 22.50 -35.86 23.96
O3 NAG F . 25.81 -37.08 24.97
O4 NAG F . 22.78 -36.65 26.90
O5 NAG F . 24.15 -34.03 25.49
O6 NAG F . 26.02 -35.00 28.47
O7 NAG F . 22.24 -37.68 22.70
C1 NAG F . 22.94 -37.86 27.67
C2 NAG F . 22.49 -37.62 29.11
C3 NAG F . 22.65 -38.91 29.93
C4 NAG F . 21.92 -40.06 29.24
C5 NAG F . 22.36 -40.20 27.78
C6 NAG F . 21.57 -41.23 27.02
C7 NAG F . 22.71 -35.68 30.61
C8 NAG F . 23.63 -34.62 31.14
N2 NAG F . 23.25 -36.54 29.73
O3 NAG F . 22.12 -38.70 31.23
O4 NAG F . 22.20 -41.28 29.93
O5 NAG F . 22.18 -38.94 27.10
O6 NAG F . 20.18 -40.96 27.07
O7 NAG F . 21.53 -35.75 30.95
C1 FUC F . 27.13 -35.94 28.37
C2 FUC F . 28.47 -35.22 28.65
C3 FUC F . 29.68 -36.21 28.64
C4 FUC F . 29.28 -37.72 28.46
C5 FUC F . 27.96 -38.09 29.20
C6 FUC F . 27.23 -39.27 28.58
O2 FUC F . 28.43 -34.47 29.85
O3 FUC F . 30.58 -35.86 27.58
O4 FUC F . 29.21 -38.07 27.07
O5 FUC F . 26.99 -37.01 29.30
C1 NAG G . 33.57 11.89 43.19
C2 NAG G . 34.89 12.52 43.62
C3 NAG G . 35.57 13.16 42.41
C4 NAG G . 35.71 12.16 41.28
C5 NAG G . 34.37 11.51 40.96
C6 NAG G . 34.46 10.39 39.95
C7 NAG G . 34.82 13.21 45.97
C8 NAG G . 34.57 14.34 46.92
N2 NAG G . 34.69 13.50 44.68
O3 NAG G . 36.84 13.67 42.79
O4 NAG G . 36.21 12.82 40.11
O5 NAG G . 33.80 10.94 42.15
O6 NAG G . 35.23 9.30 40.45
O7 NAG G . 35.12 12.09 46.35
C1 NAG G . 37.55 12.36 39.84
C2 NAG G . 37.83 12.49 38.35
C3 NAG G . 39.25 12.07 38.03
C4 NAG G . 40.25 12.81 38.91
C5 NAG G . 39.88 12.67 40.38
C6 NAG G . 40.75 13.50 41.29
C7 NAG G . 35.88 12.30 36.87
C8 NAG G . 34.99 11.35 36.12
N2 NAG G . 36.87 11.73 37.57
O3 NAG G . 39.52 12.31 36.65
O4 NAG G . 41.56 12.30 38.70
O5 NAG G . 38.52 13.11 40.59
O6 NAG G . 40.65 14.88 40.97
O7 NAG G . 35.72 13.51 36.83
C1 NAG H . -0.08 -19.70 75.19
C2 NAG H . -0.20 -21.06 74.48
C3 NAG H . -1.22 -21.94 75.18
C4 NAG H . -2.50 -21.15 75.45
C5 NAG H . -2.17 -19.90 76.26
C6 NAG H . -2.77 -19.93 77.64
C7 NAG H . 0.32 -21.15 72.07
C8 NAG H . 1.70 -21.60 72.46
N2 NAG H . -0.54 -20.89 73.08
O3 NAG H . -0.66 -22.40 76.40
O4 NAG H . -2.99 -20.78 74.17
O5 NAG H . -0.75 -19.77 76.43
O6 NAG H . -2.06 -20.83 78.49
O7 NAG H . 0.00 -21.00 70.89
C1 NAG H . -4.42 -20.77 74.09
C2 NAG H . -4.70 -19.66 73.09
C3 NAG H . -6.19 -19.52 72.86
C4 NAG H . -6.76 -20.86 72.39
C5 NAG H . -6.42 -21.96 73.39
C6 NAG H . -6.83 -23.33 72.90
C7 NAG H . -2.95 -17.95 73.11
C8 NAG H . -2.50 -16.64 73.68
N2 NAG H . -4.12 -18.40 73.54
O3 NAG H . -6.41 -18.52 71.87
O4 NAG H . -8.18 -20.75 72.25
O5 NAG H . -5.01 -22.00 73.63
O6 NAG H . -7.06 -23.32 71.49
O7 NAG H . -2.27 -18.57 72.29
C1 NAG I . -14.15 -34.04 9.51
C2 NAG I . -13.32 -34.96 10.38
C3 NAG I . -13.93 -35.05 11.78
C4 NAG I . -14.20 -33.68 12.37
C5 NAG I . -14.91 -32.76 11.37
C6 NAG I . -14.99 -31.32 11.80
C7 NAG I . -12.21 -36.65 8.99
C8 NAG I . -12.28 -38.06 8.47
N2 NAG I . -13.22 -36.29 9.79
O3 NAG I . -13.05 -35.77 12.63
O4 NAG I . -15.05 -33.85 13.50
O5 NAG I . -14.22 -32.76 10.10
O6 NAG I . -13.82 -30.92 12.50
O7 NAG I . -11.30 -35.89 8.69
C1 NAG I . -14.58 -33.30 14.75
C2 NAG I . -15.81 -33.10 15.62
C3 NAG I . -15.42 -32.51 16.97
C4 NAG I . -14.36 -33.37 17.63
C5 NAG I . -13.17 -33.57 16.68
C6 NAG I . -12.12 -34.52 17.23
C7 NAG I . -17.82 -32.74 14.25
C8 NAG I . -18.73 -31.71 13.63
N2 NAG I . -16.80 -32.24 14.96
O3 NAG I . -16.57 -32.44 17.81
O4 NAG I . -13.90 -32.76 18.83
O5 NAG I . -13.63 -34.12 15.43
O6 NAG I . -12.41 -34.90 18.57
O7 NAG I . -18.00 -33.94 14.11
C1 NAG J . -43.85 -1.73 21.36
C2 NAG J . -44.71 -0.55 20.97
C3 NAG J . -45.83 -0.38 21.98
C4 NAG J . -45.30 -0.23 23.40
C5 NAG J . -44.16 -1.18 23.77
C6 NAG J . -44.62 -2.50 24.38
C7 NAG J . -44.27 1.69 20.06
C8 NAG J . -43.35 2.87 20.07
N2 NAG J . -43.93 0.67 20.86
O3 NAG J . -46.71 -1.49 21.89
O4 NAG J . -44.96 1.12 23.69
O5 NAG J . -43.28 -1.51 22.68
O6 NAG J . -45.29 -2.33 25.62
O7 NAG J . -45.28 1.66 19.37
C1 NAG J . -46.14 1.66 24.33
C2 NAG J . -45.81 2.07 25.76
C3 NAG J . -47.05 2.67 26.43
C4 NAG J . -47.64 3.79 25.59
C5 NAG J . -47.87 3.32 24.14
C6 NAG J . -48.32 4.43 23.23
C7 NAG J . -44.36 1.08 27.48
C8 NAG J . -43.94 -0.17 28.17
N2 NAG J . -45.30 0.95 26.54
O3 NAG J . -46.72 3.15 27.72
O4 NAG J . -48.88 4.21 26.14
O5 NAG J . -46.65 2.79 23.60
O6 NAG J . -47.39 5.50 23.23
O7 NAG J . -43.86 2.17 27.75
C1 FUC J . -46.63 -2.83 25.47
C2 FUC J . -46.70 -4.32 25.90
C3 FUC J . -48.16 -4.88 25.85
C4 FUC J . -49.25 -3.82 25.47
C5 FUC J . -48.96 -2.41 26.10
C6 FUC J . -49.57 -1.26 25.31
O2 FUC J . -46.12 -4.53 27.18
O3 FUC J . -48.24 -5.94 24.89
O4 FUC J . -49.41 -3.72 24.05
O5 FUC J . -47.55 -2.09 26.26
C1 NAG K . -9.66 -30.41 46.00
C2 NAG K . -9.80 -31.81 46.56
C3 NAG K . -9.50 -32.85 45.49
C4 NAG K . -10.37 -32.60 44.25
C5 NAG K . -10.23 -31.14 43.79
C6 NAG K . -11.17 -30.78 42.66
C7 NAG K . -9.35 -31.85 48.98
C8 NAG K . -8.31 -32.09 50.04
N2 NAG K . -8.93 -32.01 47.72
O3 NAG K . -9.73 -34.16 45.99
O4 NAG K . -9.96 -33.46 43.20
O5 NAG K . -10.53 -30.25 44.87
O6 NAG K . -12.52 -30.86 43.08
O7 NAG K . -10.50 -31.52 49.25
C1 NAG K . -11.01 -34.43 42.96
C2 NAG K . -10.92 -34.89 41.51
C3 NAG K . -11.98 -35.94 41.21
C4 NAG K . -11.90 -37.09 42.22
C5 NAG K . -11.94 -36.54 43.64
C6 NAG K . -11.72 -37.61 44.70
C7 NAG K . -10.01 -33.27 39.90
C8 NAG K . -10.32 -32.11 39.00
N2 NAG K . -11.05 -33.77 40.59
O3 NAG K . -11.81 -36.44 39.90
O4 NAG K . -12.98 -37.99 42.03
O5 NAG K . -10.91 -35.56 43.83
O6 NAG K . -10.45 -38.23 44.54
O7 NAG K . -8.87 -33.73 40.00
C1 NAG L . -22.37 17.57 72.28
C2 NAG L . -23.44 18.26 71.42
C3 NAG L . -23.74 19.65 71.96
C4 NAG L . -22.44 20.39 72.24
C5 NAG L . -21.58 19.58 73.21
C6 NAG L . -21.40 20.25 74.55
C7 NAG L . -23.59 17.61 69.05
C8 NAG L . -24.70 16.69 69.46
N2 NAG L . -23.02 18.33 70.02
O3 NAG L . -24.50 19.52 73.16
O4 NAG L . -21.76 20.51 71.00
O5 NAG L . -22.19 18.30 73.47
O6 NAG L . -22.59 20.18 75.32
O7 NAG L . -23.23 17.70 67.88
C1 NAG L . -21.04 21.73 70.83
C2 NAG L . -19.88 21.32 69.96
C3 NAG L . -18.99 22.52 69.67
C4 NAG L . -19.82 23.62 69.02
C5 NAG L . -21.02 23.97 69.90
C6 NAG L . -21.96 24.94 69.23
C7 NAG L . -19.27 18.97 70.26
C8 NAG L . -18.41 17.99 71.00
N2 NAG L . -19.11 20.25 70.58
O3 NAG L . -17.95 22.10 68.79
O4 NAG L . -19.01 24.77 68.81
O5 NAG L . -21.78 22.80 70.20
O6 NAG L . -21.74 24.99 67.82
O7 NAG L . -20.09 18.60 69.42
C1 NAG M . -33.92 -49.71 -33.15
C2 NAG M . -34.05 -49.27 -34.64
C3 NAG M . -33.34 -50.29 -35.52
C4 NAG M . -31.90 -50.44 -35.06
C5 NAG M . -31.88 -50.93 -33.62
C6 NAG M . -30.51 -51.15 -33.03
C7 NAG M . -35.83 -48.51 -36.16
C8 NAG M . -37.30 -48.49 -36.43
N2 NAG M . -35.44 -49.13 -35.04
O3 NAG M . -33.37 -49.93 -36.90
O4 NAG M . -31.11 -51.20 -35.97
O5 NAG M . -32.51 -49.92 -32.83
O6 NAG M . -30.00 -49.94 -32.48
O7 NAG M . -35.02 -47.99 -36.94
C1 NAG M . -30.18 -50.17 -36.40
C2 NAG M . -29.17 -50.71 -37.41
C3 NAG M . -28.82 -49.63 -38.44
C4 NAG M . -28.79 -48.23 -37.83
C5 NAG M . -30.08 -47.90 -37.07
C6 NAG M . -30.91 -46.82 -37.71
C7 NAG M . -27.92 -52.38 -36.11
C8 NAG M . -26.61 -52.72 -35.46
N2 NAG M . -27.98 -51.20 -36.73
O3 NAG M . -29.73 -49.68 -39.52
O4 NAG M . -27.70 -48.08 -36.94
O5 NAG M . -30.90 -49.07 -37.00
O6 NAG M . -32.13 -46.64 -37.01
O7 NAG M . -28.88 -53.14 -36.08
C1 BMA M . -26.99 -47.01 -37.56
C2 BMA M . -26.85 -45.80 -36.61
C3 BMA M . -26.06 -44.71 -37.32
C4 BMA M . -24.77 -45.26 -38.05
C5 BMA M . -25.10 -46.56 -38.83
C6 BMA M . -23.89 -47.26 -39.42
O2 BMA M . -26.14 -46.15 -35.43
O3 BMA M . -25.72 -43.64 -36.44
O4 BMA M . -24.28 -44.29 -38.94
O5 BMA M . -25.71 -47.46 -37.93
O6 BMA M . -24.20 -48.67 -39.47
C1 MAN M . -24.64 -49.01 -40.81
C2 MAN M . -26.03 -49.72 -40.70
C3 MAN M . -25.88 -51.14 -40.12
C4 MAN M . -24.83 -51.93 -40.86
C5 MAN M . -23.50 -51.16 -40.82
C6 MAN M . -22.40 -51.84 -41.59
O2 MAN M . -26.65 -49.86 -41.98
O3 MAN M . -27.12 -51.85 -40.15
O4 MAN M . -24.65 -53.19 -40.23
O5 MAN M . -23.69 -49.86 -41.42
O6 MAN M . -21.40 -50.88 -41.85
C1 NAG N . 21.07 18.12 72.56
C2 NAG N . 22.26 18.62 71.72
C3 NAG N . 23.58 18.24 72.40
C4 NAG N . 23.55 16.78 72.84
C5 NAG N . 22.34 16.54 73.75
C6 NAG N . 22.74 16.19 75.16
C7 NAG N . 21.96 18.83 69.28
C8 NAG N . 21.68 20.28 69.54
N2 NAG N . 22.22 18.09 70.37
O3 NAG N . 23.76 19.09 73.53
O4 NAG N . 23.41 16.03 71.65
O5 NAG N . 21.53 17.73 73.83
O6 NAG N . 23.22 17.35 75.85
O7 NAG N . 21.93 18.35 68.16
C1 NAG N . 24.10 14.78 71.66
C2 NAG N . 23.23 13.88 70.81
C3 NAG N . 23.85 12.51 70.70
C4 NAG N . 25.26 12.60 70.15
C5 NAG N . 26.10 13.55 70.99
C6 NAG N . 27.46 13.83 70.39
C7 NAG N . 20.88 14.56 70.88
C8 NAG N . 19.55 14.36 71.54
N2 NAG N . 21.88 13.81 71.34
O3 NAG N . 23.03 11.71 69.84
O4 NAG N . 25.87 11.32 70.11
O5 NAG N . 25.44 14.83 71.12
O6 NAG N . 27.49 13.47 69.01
O7 NAG N . 21.03 15.36 69.96
C1 NAG O . -23.46 50.39 -40.37
C2 NAG O . -22.89 50.15 -41.79
C3 NAG O . -24.07 49.95 -42.76
C4 NAG O . -24.96 48.81 -42.24
C5 NAG O . -25.49 49.20 -40.87
C6 NAG O . -26.41 48.17 -40.24
C7 NAG O . -21.24 51.14 -43.32
C8 NAG O . -20.46 52.38 -43.66
N2 NAG O . -22.05 51.23 -42.26
O3 NAG O . -23.64 49.65 -44.09
O4 NAG O . -25.94 48.42 -43.19
O5 NAG O . -24.35 49.32 -40.00
O6 NAG O . -25.66 47.20 -39.52
O7 NAG O . -21.14 50.12 -43.98
C1 NAG O . -25.48 47.05 -43.45
C2 NAG O . -26.38 46.36 -44.46
C3 NAG O . -25.55 45.40 -45.34
C4 NAG O . -24.39 44.76 -44.57
C5 NAG O . -23.52 45.78 -43.85
C6 NAG O . -22.13 45.90 -44.40
C7 NAG O . -28.54 46.22 -43.30
C8 NAG O . -29.53 45.32 -42.62
N2 NAG O . -27.44 45.63 -43.78
O3 NAG O . -25.06 46.11 -46.47
O4 NAG O . -24.87 43.83 -43.61
O5 NAG O . -24.13 47.08 -43.95
O6 NAG O . -21.42 46.95 -43.76
O7 NAG O . -28.73 47.43 -43.40
C1 BMA O . -24.26 42.62 -44.07
C2 BMA O . -23.35 42.02 -42.97
C3 BMA O . -22.75 40.71 -43.52
C4 BMA O . -23.82 39.80 -44.24
C5 BMA O . -24.73 40.63 -45.18
C6 BMA O . -25.90 39.89 -45.78
O2 BMA O . -24.10 41.69 -41.82
O3 BMA O . -22.08 39.99 -42.51
O4 BMA O . -23.17 38.80 -44.99
O5 BMA O . -25.27 41.70 -44.42
O6 BMA O . -26.94 40.83 -46.02
C1 MAN O . -26.93 41.25 -47.40
C2 MAN O . -26.85 42.81 -47.44
C3 MAN O . -28.19 43.44 -47.03
C4 MAN O . -29.36 42.84 -47.79
C5 MAN O . -29.34 41.32 -47.60
C6 MAN O . -30.43 40.63 -48.38
O2 MAN O . -26.56 43.28 -48.76
O3 MAN O . -28.18 44.86 -47.20
O4 MAN O . -30.57 43.38 -47.31
O5 MAN O . -28.09 40.78 -48.07
O6 MAN O . -30.08 39.25 -48.48
C1 NAG P . -24.74 28.05 41.64
C2 NAG P . -25.94 28.93 42.03
C3 NAG P . -26.90 29.06 40.85
C4 NAG P . -26.16 29.55 39.61
C5 NAG P . -24.94 28.68 39.33
C6 NAG P . -24.07 29.20 38.21
C7 NAG P . -26.37 28.79 44.44
C8 NAG P . -27.17 28.14 45.52
N2 NAG P . -26.63 28.40 43.19
O3 NAG P . -27.94 29.96 41.19
O4 NAG P . -27.03 29.53 38.49
O5 NAG P . -24.10 28.61 40.49
O6 NAG P . -23.50 30.45 38.54
O7 NAG P . -25.53 29.66 44.69
C1 NAG P . -27.32 30.88 38.08
C2 NAG P . -27.66 30.88 36.60
C3 NAG P . -28.02 32.29 36.13
C4 NAG P . -29.12 32.89 37.00
C5 NAG P . -28.72 32.80 38.48
C6 NAG P . -29.83 33.24 39.40
C7 NAG P . -26.59 29.14 35.24
C8 NAG P . -25.37 28.75 34.46
N2 NAG P . -26.56 30.34 35.81
O3 NAG P . -28.43 32.25 34.78
O4 NAG P . -29.34 34.25 36.65
O5 NAG P . -28.42 31.44 38.83
O6 NAG P . -31.00 32.44 39.25
O7 NAG P . -27.56 28.39 35.34
C1 NAG Q . -22.96 29.97 4.78
C2 NAG Q . -24.23 29.80 5.59
C3 NAG Q . -24.11 30.51 6.93
C4 NAG Q . -22.82 30.13 7.67
C5 NAG Q . -21.61 30.20 6.73
C6 NAG Q . -20.35 29.60 7.32
C7 NAG Q . -26.14 29.54 4.07
C8 NAG Q . -27.29 30.22 3.39
N2 NAG Q . -25.38 30.30 4.85
O3 NAG Q . -25.23 30.19 7.75
O4 NAG Q . -22.64 31.07 8.71
O5 NAG Q . -21.86 29.47 5.51
O6 NAG Q . -20.65 28.47 8.13
O7 NAG Q . -25.92 28.34 3.92
C1 NAG Q . -22.49 30.52 10.04
C2 NAG Q . -21.76 31.58 10.87
C3 NAG Q . -21.55 31.09 12.30
C4 NAG Q . -22.87 30.66 12.91
C5 NAG Q . -23.56 29.64 12.01
C6 NAG Q . -24.95 29.25 12.49
C7 NAG Q . -20.34 32.99 9.45
C8 NAG Q . -18.95 33.22 8.91
N2 NAG Q . -20.49 31.94 10.26
O3 NAG Q . -20.97 32.14 13.08
O4 NAG Q . -22.65 30.09 14.19
O5 NAG Q . -23.72 30.17 10.69
O6 NAG Q . -25.23 29.83 13.76
O7 NAG Q . -21.28 33.73 9.15
C1 NAG R . 18.90 40.97 18.70
C2 NAG R . 20.38 41.09 18.40
C3 NAG R . 21.02 42.07 19.36
C4 NAG R . 20.77 41.70 20.82
C5 NAG R . 19.35 41.21 21.14
C6 NAG R . 18.40 42.32 21.56
C7 NAG R . 22.16 39.51 17.78
C8 NAG R . 22.71 38.14 17.97
N2 NAG R . 21.05 39.80 18.47
O3 NAG R . 20.50 43.37 19.10
O4 NAG R . 21.75 40.76 21.28
O5 NAG R . 18.72 40.49 20.06
O6 NAG R . 18.79 42.94 22.78
O7 NAG R . 22.69 40.33 17.04
C1 NAG R . 22.75 41.58 21.91
C2 NAG R . 22.85 41.24 23.41
C3 NAG R . 23.93 42.09 24.06
C4 NAG R . 25.25 41.96 23.32
C5 NAG R . 25.06 42.24 21.83
C6 NAG R . 26.31 41.98 21.03
C7 NAG R . 21.14 40.64 25.06
C8 NAG R . 19.79 40.98 25.63
N2 NAG R . 21.57 41.42 24.07
O3 NAG R . 24.09 41.69 25.42
O4 NAG R . 26.19 42.88 23.85
O5 NAG R . 24.04 41.39 21.29
O6 NAG R . 26.78 40.65 21.20
O7 NAG R . 21.81 39.71 25.48
C1 FUC R . 19.04 44.33 22.50
C2 FUC R . 17.76 45.16 22.76
C3 FUC R . 18.01 46.70 22.56
C4 FUC R . 19.51 47.09 22.26
C5 FUC R . 20.52 46.20 23.05
C6 FUC R . 21.88 46.08 22.37
O2 FUC R . 17.20 44.90 24.03
O3 FUC R . 17.21 47.18 21.48
O4 FUC R . 19.78 47.03 20.85
O5 FUC R . 20.08 44.84 23.33
C1 NAG S . 44.96 -34.14 -20.75
C2 NAG S . 43.80 -35.11 -20.87
C3 NAG S . 42.82 -34.90 -19.72
C4 NAG S . 43.54 -34.97 -18.38
C5 NAG S . 44.73 -34.02 -18.37
C6 NAG S . 45.58 -34.14 -17.11
C7 NAG S . 43.34 -35.78 -23.18
C8 NAG S . 42.56 -35.50 -24.43
N2 NAG S . 43.12 -34.96 -22.15
O3 NAG S . 41.79 -35.88 -19.78
O4 NAG S . 42.65 -34.62 -17.33
O5 NAG S . 45.61 -34.30 -19.47
O6 NAG S . 45.03 -35.09 -16.20
O7 NAG S . 44.13 -36.73 -23.12
C1 NAG T . 33.87 -21.05 -40.89
C2 NAG T . 33.19 -20.49 -42.14
C3 NAG T . 32.34 -21.57 -42.81
C4 NAG T . 33.18 -22.80 -43.10
C5 NAG T . 33.84 -23.30 -41.82
C6 NAG T . 34.79 -24.46 -42.06
C7 NAG T . 32.83 -18.08 -41.85
C8 NAG T . 31.85 -17.00 -41.47
N2 NAG T . 32.37 -19.33 -41.80
O3 NAG T . 31.80 -21.04 -44.02
O4 NAG T . 32.36 -23.83 -43.63
O5 NAG T . 34.62 -22.24 -41.25
O6 NAG T . 36.07 -24.00 -42.46
O7 NAG T . 33.98 -17.82 -42.18
C1 NAG U . 40.19 -13.46 -47.25
C2 NAG U . 39.05 -14.43 -47.49
C3 NAG U . 38.87 -14.69 -48.98
C4 NAG U . 38.71 -13.38 -49.73
C5 NAG U . 39.85 -12.41 -49.40
C6 NAG U . 39.66 -11.04 -50.00
C7 NAG U . 38.73 -15.93 -45.57
C8 NAG U . 39.06 -17.26 -44.97
N2 NAG U . 39.27 -15.68 -46.77
O3 NAG U . 37.74 -15.52 -49.19
O4 NAG U . 38.70 -13.62 -51.14
O5 NAG U . 39.93 -12.24 -47.97
O6 NAG U . 38.30 -10.80 -50.33
O7 NAG U . 38.02 -15.11 -44.99
C1 NAG V . 57.51 -0.73 -26.08
C2 NAG V . 56.85 0.21 -27.10
C3 NAG V . 57.73 0.33 -28.34
C4 NAG V . 59.14 0.75 -27.97
C5 NAG V . 59.71 -0.18 -26.91
C6 NAG V . 61.06 0.27 -26.39
C7 NAG V . 54.41 0.20 -26.86
C8 NAG V . 53.12 -0.40 -27.35
N2 NAG V . 55.52 -0.26 -27.45
O3 NAG V . 57.14 1.27 -29.24
O4 NAG V . 59.97 0.74 -29.12
O5 NAG V . 58.83 -0.24 -25.77
O6 NAG V . 61.31 1.63 -26.72
O7 NAG V . 54.44 1.05 -25.98
C1 NAG W . -2.75 -49.72 1.72
C2 NAG W . -2.38 -51.17 2.01
C3 NAG W . -3.43 -52.12 1.43
C4 NAG W . -4.82 -51.74 1.92
C5 NAG W . -5.11 -50.27 1.64
C6 NAG W . -6.41 -49.80 2.22
C7 NAG W . 0.06 -51.40 2.21
C8 NAG W . 1.33 -51.76 1.51
N2 NAG W . -1.06 -51.49 1.49
O3 NAG W . -3.12 -53.45 1.81
O4 NAG W . -5.80 -52.54 1.27
O5 NAG W . -4.08 -49.45 2.22
O6 NAG W . -6.21 -48.84 3.26
O7 NAG W . 0.04 -51.04 3.39
C1 NAG X . 3.44 -31.64 61.44
C2 NAG X . 4.53 -31.70 62.52
C3 NAG X . 4.85 -33.15 62.86
C4 NAG X . 3.59 -33.92 63.23
C5 NAG X . 2.55 -33.79 62.11
C6 NAG X . 1.24 -34.44 62.44
C7 NAG X . 6.20 -29.92 62.72
C8 NAG X . 7.45 -29.32 62.14
N2 NAG X . 5.73 -31.00 62.10
O3 NAG X . 5.77 -33.19 63.94
O4 NAG X . 3.89 -35.30 63.43
O5 NAG X . 2.29 -32.41 61.86
O6 NAG X . 0.44 -33.60 63.28
O7 NAG X . 5.64 -29.44 63.70
C1 NAG Y . 29.10 -7.40 52.03
C2 NAG Y . 30.23 -7.59 53.05
C3 NAG Y . 31.55 -7.02 52.50
C4 NAG Y . 31.86 -7.61 51.13
C5 NAG Y . 30.68 -7.38 50.19
C6 NAG Y . 30.87 -8.02 48.84
C7 NAG Y . 29.45 -7.61 55.38
C8 NAG Y . 29.17 -6.79 56.60
N2 NAG Y . 29.91 -6.94 54.31
O3 NAG Y . 32.60 -7.32 53.41
O4 NAG Y . 33.03 -7.00 50.59
O5 NAG Y . 29.50 -7.95 50.76
O6 NAG Y . 29.77 -8.86 48.51
O7 NAG Y . 29.29 -8.82 55.36
C1 NAG Z . 22.26 -18.77 70.18
C2 NAG Z . 22.48 -20.28 70.16
C3 NAG Z . 23.40 -20.66 69.00
C4 NAG Z . 22.85 -20.10 67.68
C5 NAG Z . 22.55 -18.60 67.81
C6 NAG Z . 21.85 -18.04 66.59
C7 NAG Z . 22.45 -21.64 72.20
C8 NAG Z . 23.17 -22.00 73.46
N2 NAG Z . 23.05 -20.74 71.42
O3 NAG Z . 23.52 -22.07 68.91
O4 NAG Z . 23.80 -20.29 66.64
O5 NAG Z . 21.69 -18.36 68.93
O6 NAG Z . 20.74 -18.85 66.21
O7 NAG Z . 21.37 -22.14 71.91
C1 NAG AA . -32.40 -2.71 68.64
C2 NAG AA . -33.80 -2.17 68.46
C3 NAG AA . -34.50 -2.90 67.32
C4 NAG AA . -33.66 -2.83 66.04
C5 NAG AA . -32.22 -3.29 66.32
C6 NAG AA . -31.30 -3.10 65.15
C7 NAG AA . -35.11 -1.26 70.33
C8 NAG AA . -35.86 -1.56 71.58
N2 NAG AA . -34.58 -2.30 69.69
O3 NAG AA . -35.77 -2.31 67.07
O4 NAG AA . -34.23 -3.66 65.04
O5 NAG AA . -31.66 -2.55 67.42
O6 NAG AA . -31.41 -1.78 64.61
O7 NAG AA . -34.97 -0.11 69.92
C1 NAG BA . -41.64 26.99 -4.18
C2 NAG BA . -43.10 27.41 -4.03
C3 NAG BA . -43.35 28.72 -4.78
C4 NAG BA . -42.37 29.79 -4.32
C5 NAG BA . -40.94 29.28 -4.44
C6 NAG BA . -39.91 30.24 -3.88
C7 NAG BA . -44.53 25.43 -3.73
C8 NAG BA . -45.43 24.45 -4.39
N2 NAG BA . -43.99 26.37 -4.52
O3 NAG BA . -44.69 29.15 -4.54
O4 NAG BA . -42.52 30.96 -5.12
O5 NAG BA . -40.78 28.05 -3.72
O6 NAG BA . -39.27 29.70 -2.74
O7 NAG BA . -44.30 25.39 -2.52
C1 NAG CA . -33.44 18.97 57.47
C2 NAG CA . -34.12 18.17 58.60
C3 NAG CA . -35.56 18.65 58.79
C4 NAG CA . -35.62 20.15 58.99
C5 NAG CA . -34.91 20.87 57.84
C6 NAG CA . -34.83 22.35 58.02
C7 NAG CA . -33.43 15.88 59.08
C8 NAG CA . -33.50 14.44 58.66
N2 NAG CA . -34.08 16.75 58.32
O3 NAG CA . -36.14 17.98 59.91
O4 NAG CA . -36.97 20.60 59.05
O5 NAG CA . -33.56 20.39 57.73
O6 NAG CA . -33.77 22.71 58.91
O7 NAG CA . -32.80 16.22 60.08
C1 NAG DA . -28.32 -33.10 -46.25
C2 NAG DA . -28.57 -31.65 -46.66
C3 NAG DA . -28.61 -31.54 -48.18
C4 NAG DA . -27.33 -32.11 -48.78
C5 NAG DA . -27.10 -33.53 -48.28
C6 NAG DA . -25.78 -34.12 -48.73
C7 NAG DA . -29.85 -30.44 -44.94
C8 NAG DA . -31.20 -30.01 -44.48
N2 NAG DA . -29.81 -31.15 -46.08
O3 NAG DA . -28.74 -30.16 -48.54
O4 NAG DA . -27.44 -32.13 -50.20
O5 NAG DA . -27.09 -33.56 -46.84
O6 NAG DA . -24.86 -33.10 -49.10
O7 NAG DA . -28.83 -30.17 -44.31
C1 NAG EA . -24.70 -16.13 52.32
C2 NAG EA . -25.49 -16.91 53.37
C3 NAG EA . -25.63 -18.38 52.97
C4 NAG EA . -26.20 -18.49 51.56
C5 NAG EA . -25.35 -17.69 50.58
C6 NAG EA . -25.89 -17.68 49.17
C7 NAG EA . -25.30 -15.98 55.63
C8 NAG EA . -24.53 -16.00 56.92
N2 NAG EA . -24.87 -16.80 54.68
O3 NAG EA . -26.48 -19.05 53.89
O4 NAG EA . -26.22 -19.86 51.14
O5 NAG EA . -25.29 -16.33 51.01
O6 NAG EA . -26.03 -16.35 48.70
O7 NAG EA . -26.26 -15.23 55.47
C1 NAG FA . -32.17 -23.22 -41.16
C2 NAG FA . -31.26 -23.04 -42.37
C3 NAG FA . -31.71 -21.86 -43.21
C4 NAG FA . -33.18 -22.00 -43.59
C5 NAG FA . -34.03 -22.20 -42.34
C6 NAG FA . -35.48 -22.46 -42.65
C7 NAG FA . -29.01 -23.90 -41.83
C8 NAG FA . -27.63 -23.55 -41.38
N2 NAG FA . -29.87 -22.88 -41.95
O3 NAG FA . -30.90 -21.77 -44.37
O4 NAG FA . -33.61 -20.83 -44.28
O5 NAG FA . -33.54 -23.34 -41.60
O6 NAG FA . -35.71 -23.84 -42.93
O7 NAG FA . -29.35 -25.06 -42.06
C1 NAG GA . -27.54 -52.13 -22.85
C2 NAG GA . -26.33 -52.11 -23.78
C3 NAG GA . -26.57 -53.05 -24.96
C4 NAG GA . -26.94 -54.45 -24.46
C5 NAG GA . -28.10 -54.38 -23.48
C6 NAG GA . -28.43 -55.70 -22.84
C7 NAG GA . -25.13 -49.97 -23.69
C8 NAG GA . -24.96 -48.62 -24.30
N2 NAG GA . -26.04 -50.77 -24.26
O3 NAG GA . -25.40 -53.11 -25.77
O4 NAG GA . -27.29 -55.29 -25.55
O5 NAG GA . -27.80 -53.47 -22.41
O6 NAG GA . -27.36 -56.63 -23.00
O7 NAG GA . -24.48 -50.33 -22.71
C1 NAG HA . -50.46 -24.27 -22.07
C2 NAG HA . -50.71 -22.79 -22.37
C3 NAG HA . -50.11 -21.93 -21.25
C4 NAG HA . -50.64 -22.37 -19.89
C5 NAG HA . -50.42 -23.88 -19.70
C6 NAG HA . -51.04 -24.41 -18.43
C7 NAG HA . -50.90 -22.30 -24.76
C8 NAG HA . -50.17 -21.90 -26.01
N2 NAG HA . -50.15 -22.40 -23.66
O3 NAG HA . -50.45 -20.56 -21.48
O4 NAG HA . -49.96 -21.68 -18.86
O5 NAG HA . -51.02 -24.60 -20.79
O6 NAG HA . -51.64 -23.38 -17.66
O7 NAG HA . -52.11 -22.52 -24.75
C1 NAG IA . -10.96 36.04 -51.17
C2 NAG IA . -9.55 35.50 -51.41
C3 NAG IA . -9.32 35.32 -52.91
C4 NAG IA . -10.42 34.44 -53.52
C5 NAG IA . -11.79 34.99 -53.15
C6 NAG IA . -12.92 34.08 -53.60
C7 NAG IA . -7.99 36.18 -49.64
C8 NAG IA . -6.97 37.20 -49.20
N2 NAG IA . -8.54 36.39 -50.85
O3 NAG IA . -8.05 34.71 -53.12
O4 NAG IA . -10.28 34.40 -54.93
O5 NAG IA . -11.92 35.14 -51.73
O6 NAG IA . -12.47 32.76 -53.81
O7 NAG IA . -8.32 35.24 -48.94
C1 NAG JA . 5.96 53.31 -27.32
C2 NAG JA . 7.38 52.77 -27.45
C3 NAG JA . 7.74 51.95 -26.22
C4 NAG JA . 7.52 52.77 -24.96
C5 NAG JA . 6.10 53.33 -24.93
C6 NAG JA . 5.86 54.26 -23.75
C7 NAG JA . 8.07 52.45 -29.78
C8 NAG JA . 8.14 51.49 -30.94
N2 NAG JA . 7.52 51.98 -28.66
O3 NAG JA . 9.10 51.54 -26.31
O4 NAG JA . 7.72 51.94 -23.80
O5 NAG JA . 5.85 54.09 -26.12
O6 NAG JA . 6.99 54.35 -22.91
O7 NAG JA . 8.48 53.61 -29.87
C1 NAG KA . 8.85 36.39 66.09
C2 NAG KA . 10.04 37.34 65.90
C3 NAG KA . 9.85 38.17 64.64
C4 NAG KA . 9.57 37.28 63.43
C5 NAG KA . 8.43 36.30 63.72
C6 NAG KA . 8.23 35.27 62.63
C7 NAG KA . 11.34 38.20 67.79
C8 NAG KA . 11.36 39.14 68.95
N2 NAG KA . 10.22 38.19 67.06
O3 NAG KA . 11.01 38.97 64.41
O4 NAG KA . 9.21 38.08 62.31
O5 NAG KA . 8.71 35.57 64.93
O6 NAG KA . 9.46 34.68 62.25
O7 NAG KA . 12.30 37.48 67.52
C1 NAG LA . -0.87 35.04 -45.17
C2 NAG LA . -1.10 34.03 -46.31
C3 NAG LA . 0.22 33.75 -47.03
C4 NAG LA . 0.85 35.04 -47.50
C5 NAG LA . 1.01 36.01 -46.32
C6 NAG LA . 1.53 37.37 -46.75
C7 NAG LA . -2.99 32.57 -45.75
C8 NAG LA . -3.41 31.24 -45.20
N2 NAG LA . -1.68 32.79 -45.80
O3 NAG LA . -0.02 32.89 -48.13
O4 NAG LA . 2.13 34.78 -48.07
O5 NAG LA . -0.26 36.22 -45.70
O6 NAG LA . 0.49 38.21 -47.20
O7 NAG LA . -3.81 33.39 -46.14
C1 NAG MA . 44.46 22.30 -3.22
C2 NAG MA . 45.55 23.37 -3.10
C3 NAG MA . 46.85 22.87 -3.71
C4 NAG MA . 47.25 21.53 -3.08
C5 NAG MA . 46.10 20.53 -3.18
C6 NAG MA . 46.38 19.23 -2.47
C7 NAG MA . 44.53 25.61 -3.10
C8 NAG MA . 44.18 26.81 -3.92
N2 NAG MA . 45.13 24.60 -3.76
O3 NAG MA . 47.88 23.82 -3.49
O4 NAG MA . 48.39 21.01 -3.74
O5 NAG MA . 44.92 21.08 -2.60
O6 NAG MA . 45.50 19.05 -1.36
O7 NAG MA . 44.30 25.55 -1.90
C1 NAG NA . -5.37 34.68 48.75
C2 NAG NA . -5.73 35.85 49.67
C3 NAG NA . -6.89 36.66 49.09
C4 NAG NA . -6.61 37.06 47.65
C5 NAG NA . -6.27 35.82 46.83
C6 NAG NA . -5.88 36.15 45.40
C7 NAG NA . -5.18 35.46 52.03
C8 NAG NA . -5.69 34.94 53.34
N2 NAG NA . -6.04 35.40 51.01
O3 NAG NA . -7.12 37.81 49.89
O4 NAG NA . -7.74 37.71 47.09
O5 NAG NA . -5.16 35.14 47.42
O6 NAG NA . -4.64 35.56 45.06
O7 NAG NA . -4.05 35.91 51.90
C1 NAG OA . 28.91 25.48 57.44
C2 NAG OA . 28.47 26.58 58.44
C3 NAG OA . 29.59 27.61 58.60
C4 NAG OA . 30.90 26.94 58.98
C5 NAG OA . 31.24 25.86 57.94
C6 NAG OA . 32.48 25.07 58.31
C7 NAG OA . 26.10 27.16 58.69
C8 NAG OA . 24.94 27.89 58.10
N2 NAG OA . 27.24 27.22 58.00
O3 NAG OA . 29.22 28.55 59.60
O4 NAG OA . 31.95 27.90 59.01
O5 NAG OA . 30.16 24.91 57.86
O6 NAG OA . 32.19 24.07 59.27
O7 NAG OA . 26.02 26.56 59.75
C1 NAG PA . -29.48 47.12 -30.09
C2 NAG PA . -30.01 45.98 -30.96
C3 NAG PA . -30.61 46.53 -32.25
C4 NAG PA . -31.68 47.58 -31.93
C5 NAG PA . -31.10 48.66 -31.01
C6 NAG PA . -32.14 49.66 -30.55
C7 NAG PA . -28.77 43.90 -30.55
C8 NAG PA . -27.64 43.02 -31.00
N2 NAG PA . -28.96 45.03 -31.25
O3 NAG PA . -31.20 45.47 -33.00
O4 NAG PA . -32.14 48.19 -33.13
O5 NAG PA . -30.55 48.06 -29.83
O6 NAG PA . -33.45 49.17 -30.75
O7 NAG PA . -29.48 43.62 -29.59
#